data_9M84
#
_entry.id   9M84
#
_cell.length_a   1.00
_cell.length_b   1.00
_cell.length_c   1.00
_cell.angle_alpha   90.00
_cell.angle_beta   90.00
_cell.angle_gamma   90.00
#
_symmetry.space_group_name_H-M   'P 1'
#
loop_
_entity.id
_entity.type
_entity.pdbx_description
1 polymer 'DNA-directed RNA polymerase subunit alpha'
2 polymer 'DNA-directed RNA polymerase subunit beta'
3 polymer "DNA-directed RNA polymerase subunit beta'"
4 polymer 'ECF sigma factor'
5 polymer 'DNA (27-MER)'
6 polymer 'DNA (31-MER)'
7 non-polymer 'MAGNESIUM ION'
8 non-polymer 'ZINC ION'
#
loop_
_entity_poly.entity_id
_entity_poly.type
_entity_poly.pdbx_seq_one_letter_code
_entity_poly.pdbx_strand_id
1 'polypeptide(L)'
;MLIAQRPSLTEEVVDEFRSRFVIEPLEPGFGYTLGNSLRRTLLSSIPGAAVTSIRIDGVLHEFTTVPGVKEDVTDLILNI
KQLVVSSEHDEPVVMYLRKQGPGLVTAADIAPPAGVEVHNPDLVLATLNGKGKLEMELTVERGRGYVSAVQNKQVGQEIG
RIPVDSIYSPVLKVTYKVEATRVEQRTDFDKLIVDVETKQAMRPRDAMASAGKTLVELFGLARELNIDAEGIDMGPSPTD
AALAADLALPIEELELTVRSYNCLKREGIHSVGELVARSEADLLDIRNFGAKSIDEVKAKLAGMGLALKDSPPGFDPTAA
ADAFGADDDADAGFVETEQY
;
A,B
2 'polypeptide(L)'
;MAASRNASTANTNNAASTAPLRISFAKIKEPLEVPNLLALQTESFDWLLGNDAWKARVESALESGQDVPTKSGLEEIFEE
ISPIEDFSGSMSLTFRDHRFEPPKNSIDECKDRDFTYAAPLFVTAEFTNNETGEIKSQTVFMGDFPLMTNKGTFVINGTE
RVVVSQLVRSPGVYFDSSIDKTSDKDIFSAKIIPSRGAWLEMEIDKRDMVGVRIDRKRKQSVTVLLKALGWTTEQILEEF
GEYESMRATLEKDHTQGQDDALLDIYRKLRPGEPPTREAAQTLLENLYFNPKRYDLAKVGRYKVNKKLGADEPLDAGVLT
TDDVIATIKYLVKLHAGETETVGESGREIVVETDDIDHFGNRRIRNVGELIQNQVRTGLARMERVVRERMTTQDVEAITP
QTLINIRPVVASIKEFFGTSQLSQFMDQNNPLSGLTHKRRLNALGPGGLSRERAGFEVRDVHPSHYGRMCPIETPEGPNI
GLIGSLASYGRINPFGFIETPYRKVVEGQVTDDVDYLTADEEDRFVIAQANAALGDDMRFAEARVLVRRRGGEVDYVPGD
DVDYMDVSPRQMVSVATAMIPFLEHDDANRALMGANMMRQAVPLIKSESPLVGTGMEYRSAADAGDVVKAEKAGVVQEVS
ADYITTTNDDGTYITYRLAKFSRSNQGTSVNQKVIVAEGDRIIEGQVLADGPATENGEMALGKNLLVAFMPWEGHNYEDA
IILSQRLVQDDVLSSIHIEEHEVDARDTKLGPEEITRDIPNVSEEVLADLDERGIIRIGAEVVAGDILVGKVTPKGETEL
TPEERLLRAIFGEKAREVRDTSLKVPHGEIGKVIGVRVFDREEGDELPPGVNQLVRVYVAQKRKITDGDKLAGRHGNKGV
ISKINPIEDMPFLEDGTPVDIILNPLAVPSRMNPGQVLEIHLGWLASRGWDVSGLAEEWAQRLQVIGADKVEPGTNVATP
VFDGAREDELAGLLQHTIPNRDGERMVLPSGKARLFDGRSGEPFPEPISVGYMYILKLHHLVDDKLHARSTGPYSMITQQ
PLGGKAQFGGQRFGEMEVWALEAYGAAYALQELLTIKSDDVTGRVKVYEAIVKGENIPEPGIPESFKVLIKEMQSLCLNV
EVLSSDGMSIEMRDTDEDVFRAAEELGIDLSRREPSSVEEV
;
C
3 'polypeptide(L)'
;MLDVNFFDELRIGLATADDIRQWSHGEVKKPETINYRTLKPEKDGLFCEKIFGPTRDWECYCGKYKRVRFKGIICERCGV
EVTRAKVRRERMGHIELAAPVTHIWYFKGVPSRLGYLLDLAPKDLEKVIYFAAYMITFVDEERRTRDLPSLEAHVSVERQ
QIEQRRDSDLEARAKKLETDLAELEAEGAKADVRRKVREGAEREMKQLRDRAQREIDRLDEVWNRFKNLKVQDLEGDELL
YRELRDRFGTYFDGSMGAAALQKRLESFDLDEEAERLREIIRTGKGQKKTRALKRLKVVSAFLQTSNSPKGMVLDCVPVI
PPDLRPMVQLDGGRFATSDLNDLYRRVINRNNRLKRLLDLGAPEIIVNNEKRMLQEAVDALFDNGRRGRPVTGPGNRPLK
SLSDMLKGKQGRFRQNLLGKRVDYSARSVIVVGPQLKLHQCGLPKAMALELFKPFVMKRLVDLNHAQNIKSAKRMVERGR
TVVYDVLEEVIAEHPVLLNRAPTLHRLGIQAFEPQLVEGKAIQIHPLVCTAFNADFDGDQMAVHLPLSAEAQAEARILML
SSNNILKPADGRPVTMPTQDMVLGLFFLTTDSEGRSPKGEGRAFGSSAEAIMAFDAGDLTLQAKIDIRFPVGTIPPRGFE
PPAREEGEPEWQQGDTFTLKTTLGRALFNELLPEDYPFVDYEVGKKQLSEIVNDLAERYPKVIVAATLDNLKAAGFFWAT
RSGVTVAISDIVVPDAKKEIVKGYEGQDEKVQKQYERGLITKEERTQELIAIWTKATNEVAEAMNDNFPKTNPVSMMVNS
GARGNMMQMRQIAGMRGLVSNAKNETIPRPIKASFREGLSVLEYFISTHGARKGLADTALRTADSGYLTRRLVDVSQDVI
IREEDCGTERGLKLPIATRDADGTLRKAEDVETSVYARMLAEDVVIDGKVIAPANVDLGDVLIDALVAHGVEEVKTRSIL
TCESQVGTCAMCYGRSLATGKLVDIGEAVGIIAAQSIGEPGTQLTMRTFHTGGVAGDDITQGLPRVVELFEARTPKGVAP
ISEASGRVRIEETEKTKKIVVTPDDGSDETAFPISKRARLLVGEGDHVEVGQKLTVGATNPHDVLRILGQRAVQVHLVGE
VQKVYNSQGVSIHDKHIEIIIRQMLRRVTIIESGDAELLPGELVERTKFETENRRVVQEGGHPASGRPQLMGITKASLAT
ESWLSAASFQETTRVLTDAAINAKSDSLIGLKENVIIGKLIPAGTGLSRYRNIRVEPTEEAKAAMYSAVGYDDIDYSPFG
TGSGQAVPLEDYDYGPYNQ
;
D
4 'polypeptide(L)'
;MRDDDAPPDQGTVGGLVHRAVDGDEQATHDLLAHVHPLALRYCRTRLSRLPGDARHFVEDLAQEVCVAVLLALPRYKDTG
RPFEAFVFAIAAHKVADLQRAAMRHPGSTAVPSDEMPERPDDSLGPEERALLNSDAAWAKKLLANLPENQRELLLLRIAV
GLTAEETGQMLGMSPGAVRVAQHRALSRLRALAEQ
;
F
5 'polydeoxyribonucleotide'
;(DC)(DG)(DA)(DG)(DG)(DA)(DA)(DC)(DT)(DC)(DC)(DA)(DC)(DT)(DG)(DG)(DA)(DG)(DT)(DA)
(DG)(DG)(DA)(DT)(DG)(DC)(DG)(DT)(DC)(DA)(DT)
;
G
6 'polydeoxyribonucleotide'
;(DA)(DT)(DG)(DA)(DC)(DG)(DC)(DA)(DT)(DC)(DC)(DT)(DT)(DG)(DA)(DG)(DG)(DT)(DG)(DT)
(DG)(DG)(DA)(DG)(DT)(DT)(DC)(DC)(DT)(DC)(DG)
;
H
#
loop_
_chem_comp.id
_chem_comp.type
_chem_comp.name
_chem_comp.formula
DA DNA linking 2'-DEOXYADENOSINE-5'-MONOPHOSPHATE 'C10 H14 N5 O6 P'
DC DNA linking 2'-DEOXYCYTIDINE-5'-MONOPHOSPHATE 'C9 H14 N3 O7 P'
DG DNA linking 2'-DEOXYGUANOSINE-5'-MONOPHOSPHATE 'C10 H14 N5 O7 P'
DT DNA linking THYMIDINE-5'-MONOPHOSPHATE 'C10 H15 N2 O8 P'
MG non-polymer 'MAGNESIUM ION' 'Mg 2'
ZN non-polymer 'ZINC ION' 'Zn 2'
#
# COMPACT_ATOMS: atom_id res chain seq x y z
N LEU A 2 -23.80 29.90 -59.46
CA LEU A 2 -23.31 31.11 -60.18
C LEU A 2 -22.13 30.77 -61.08
N ILE A 3 -21.10 30.17 -60.49
CA ILE A 3 -19.89 29.79 -61.20
C ILE A 3 -20.06 28.37 -61.73
N ALA A 4 -19.90 28.20 -63.03
CA ALA A 4 -20.04 26.91 -63.69
C ALA A 4 -18.70 26.23 -63.95
N GLN A 5 -17.61 26.75 -63.39
CA GLN A 5 -16.30 26.16 -63.57
C GLN A 5 -16.19 24.84 -62.81
N ARG A 6 -16.47 23.74 -63.48
CA ARG A 6 -16.42 22.44 -62.81
C ARG A 6 -14.97 22.11 -62.45
N PRO A 7 -14.77 21.23 -61.46
CA PRO A 7 -13.40 20.87 -61.10
C PRO A 7 -12.69 20.16 -62.24
N SER A 8 -11.36 20.18 -62.20
CA SER A 8 -10.53 19.55 -63.23
C SER A 8 -9.27 19.02 -62.58
N LEU A 9 -8.91 17.77 -62.88
CA LEU A 9 -7.77 17.11 -62.28
C LEU A 9 -6.55 17.17 -63.19
N THR A 10 -5.37 17.11 -62.59
CA THR A 10 -4.11 17.05 -63.31
C THR A 10 -3.21 16.04 -62.59
N GLU A 11 -1.92 16.05 -62.93
CA GLU A 11 -0.97 15.12 -62.30
C GLU A 11 0.44 15.71 -62.47
N GLU A 12 1.04 16.11 -61.36
CA GLU A 12 2.41 16.58 -61.35
C GLU A 12 3.34 15.48 -60.83
N VAL A 13 4.59 15.52 -61.29
CA VAL A 13 5.58 14.50 -60.96
C VAL A 13 6.87 15.19 -60.52
N VAL A 14 7.49 14.69 -59.45
CA VAL A 14 8.76 15.21 -58.98
C VAL A 14 9.80 14.11 -58.87
N ASP A 15 9.36 12.87 -58.65
CA ASP A 15 10.27 11.73 -58.54
C ASP A 15 9.55 10.43 -58.91
N GLU A 16 10.17 9.28 -58.60
CA GLU A 16 9.68 8.01 -59.11
C GLU A 16 8.28 7.70 -58.61
N PHE A 17 7.99 7.95 -57.32
CA PHE A 17 6.72 7.54 -56.72
C PHE A 17 6.00 8.68 -56.03
N ARG A 18 6.72 9.62 -55.44
CA ARG A 18 6.06 10.72 -54.72
C ARG A 18 5.44 11.64 -55.75
N SER A 19 4.13 11.51 -55.95
CA SER A 19 3.39 12.26 -56.95
C SER A 19 2.24 13.01 -56.31
N ARG A 20 2.04 14.26 -56.72
CA ARG A 20 0.97 15.10 -56.19
C ARG A 20 0.00 15.44 -57.31
N PHE A 21 -1.28 15.17 -57.07
CA PHE A 21 -2.34 15.40 -58.04
C PHE A 21 -3.17 16.60 -57.60
N VAL A 22 -3.45 17.50 -58.54
CA VAL A 22 -4.01 18.81 -58.22
C VAL A 22 -5.41 18.94 -58.78
N ILE A 23 -6.33 19.50 -57.97
CA ILE A 23 -7.66 19.87 -58.38
C ILE A 23 -7.83 21.36 -58.05
N GLU A 24 -7.90 22.19 -59.09
CA GLU A 24 -7.88 23.65 -58.92
C GLU A 24 -9.25 24.24 -58.59
N PRO A 25 -10.32 23.90 -59.34
CA PRO A 25 -11.62 24.58 -59.09
C PRO A 25 -12.41 23.97 -57.93
N LEU A 26 -12.09 24.42 -56.71
CA LEU A 26 -12.69 23.91 -55.49
C LEU A 26 -13.31 25.03 -54.69
N GLU A 27 -14.43 24.73 -54.03
CA GLU A 27 -15.15 25.74 -53.26
C GLU A 27 -14.33 26.16 -52.04
N PRO A 28 -14.50 27.40 -51.56
CA PRO A 28 -13.72 27.83 -50.40
C PRO A 28 -14.05 27.00 -49.17
N GLY A 29 -13.02 26.69 -48.38
CA GLY A 29 -13.19 25.89 -47.18
C GLY A 29 -13.81 24.54 -47.47
N PHE A 30 -13.34 23.89 -48.53
CA PHE A 30 -13.92 22.63 -48.96
C PHE A 30 -12.88 21.57 -49.34
N GLY A 31 -11.59 21.88 -49.30
CA GLY A 31 -10.57 20.93 -49.68
C GLY A 31 -10.11 20.02 -48.56
N TYR A 32 -10.19 20.50 -47.31
CA TYR A 32 -9.59 19.78 -46.20
C TYR A 32 -10.32 18.46 -45.94
N THR A 33 -11.65 18.49 -45.89
CA THR A 33 -12.40 17.26 -45.63
C THR A 33 -12.17 16.23 -46.73
N LEU A 34 -12.13 16.67 -47.99
CA LEU A 34 -11.92 15.74 -49.09
C LEU A 34 -10.50 15.18 -49.07
N GLY A 35 -9.52 16.01 -48.75
CA GLY A 35 -8.17 15.50 -48.59
C GLY A 35 -8.07 14.48 -47.47
N ASN A 36 -8.78 14.72 -46.37
CA ASN A 36 -8.82 13.73 -45.31
C ASN A 36 -9.45 12.43 -45.78
N SER A 37 -10.53 12.53 -46.56
CA SER A 37 -11.15 11.33 -47.12
C SER A 37 -10.15 10.54 -47.97
N LEU A 38 -9.44 11.24 -48.85
CA LEU A 38 -8.46 10.57 -49.70
C LEU A 38 -7.36 9.93 -48.87
N ARG A 39 -6.85 10.64 -47.86
CA ARG A 39 -5.80 10.06 -47.04
C ARG A 39 -6.28 8.82 -46.32
N ARG A 40 -7.49 8.85 -45.77
CA ARG A 40 -7.97 7.71 -45.02
C ARG A 40 -8.09 6.49 -45.93
N THR A 41 -8.70 6.67 -47.10
CA THR A 41 -8.83 5.52 -48.00
C THR A 41 -7.48 5.07 -48.54
N LEU A 42 -6.52 5.97 -48.68
CA LEU A 42 -5.21 5.57 -49.18
C LEU A 42 -4.40 4.84 -48.11
N LEU A 43 -4.55 5.23 -46.85
CA LEU A 43 -3.81 4.60 -45.77
C LEU A 43 -4.40 3.26 -45.36
N SER A 44 -5.70 3.00 -45.58
CA SER A 44 -6.21 1.69 -45.20
C SER A 44 -7.24 1.07 -46.15
N SER A 45 -7.20 1.39 -47.44
CA SER A 45 -8.16 0.76 -48.36
C SER A 45 -7.59 0.49 -49.75
N ILE A 46 -6.29 0.20 -49.86
CA ILE A 46 -5.69 -0.09 -51.15
C ILE A 46 -4.99 -1.45 -51.09
N PRO A 47 -5.62 -2.53 -51.56
CA PRO A 47 -5.05 -3.87 -51.34
C PRO A 47 -3.69 -4.05 -51.99
N GLY A 48 -3.00 -5.09 -51.53
CA GLY A 48 -1.72 -5.52 -52.06
C GLY A 48 -1.46 -6.95 -51.67
N ALA A 49 -0.21 -7.31 -51.38
CA ALA A 49 0.11 -8.67 -50.97
C ALA A 49 1.35 -8.67 -50.10
N ALA A 50 1.57 -9.78 -49.41
CA ALA A 50 2.72 -9.92 -48.53
C ALA A 50 2.87 -11.38 -48.12
N VAL A 51 3.86 -11.62 -47.27
CA VAL A 51 4.26 -12.96 -46.84
C VAL A 51 3.53 -13.29 -45.55
N THR A 52 2.99 -14.51 -45.46
CA THR A 52 2.07 -14.90 -44.40
C THR A 52 2.73 -15.78 -43.34
N SER A 53 3.59 -16.72 -43.73
CA SER A 53 4.19 -17.65 -42.78
C SER A 53 5.50 -18.19 -43.34
N ILE A 54 6.32 -18.74 -42.44
CA ILE A 54 7.60 -19.34 -42.80
C ILE A 54 7.53 -20.83 -42.48
N ARG A 55 8.34 -21.61 -43.21
CA ARG A 55 8.48 -23.05 -42.93
C ARG A 55 9.95 -23.43 -43.14
N ILE A 56 10.73 -23.37 -42.07
CA ILE A 56 12.12 -23.82 -42.07
C ILE A 56 12.16 -25.26 -41.61
N ASP A 57 13.07 -26.04 -42.20
CA ASP A 57 13.28 -27.42 -41.83
C ASP A 57 14.39 -27.51 -40.79
N GLY A 58 14.18 -28.35 -39.78
CA GLY A 58 15.11 -28.47 -38.67
C GLY A 58 14.85 -27.53 -37.52
N VAL A 59 13.85 -26.65 -37.63
CA VAL A 59 13.49 -25.72 -36.57
C VAL A 59 11.98 -25.83 -36.38
N LEU A 60 11.56 -26.38 -35.24
CA LEU A 60 10.14 -26.56 -34.96
C LEU A 60 9.51 -25.32 -34.32
N HIS A 61 10.25 -24.60 -33.48
CA HIS A 61 9.77 -23.40 -32.82
C HIS A 61 10.73 -22.26 -33.12
N GLU A 62 10.22 -21.04 -32.99
CA GLU A 62 10.97 -19.86 -33.38
C GLU A 62 11.89 -19.35 -32.28
N PHE A 63 12.04 -20.10 -31.19
CA PHE A 63 12.89 -19.74 -30.08
C PHE A 63 14.21 -20.49 -30.06
N THR A 64 14.48 -21.34 -31.04
CA THR A 64 15.78 -21.94 -31.23
C THR A 64 16.50 -21.19 -32.35
N THR A 65 17.63 -21.71 -32.79
CA THR A 65 18.36 -21.14 -33.91
C THR A 65 18.59 -22.23 -34.95
N VAL A 66 18.43 -21.85 -36.21
CA VAL A 66 18.76 -22.77 -37.29
C VAL A 66 20.25 -23.10 -37.21
N PRO A 67 20.66 -24.37 -37.36
CA PRO A 67 22.08 -24.71 -37.16
C PRO A 67 23.02 -23.87 -38.01
N GLY A 68 24.04 -23.30 -37.39
CA GLY A 68 24.99 -22.49 -38.15
C GLY A 68 24.38 -21.31 -38.83
N VAL A 69 23.49 -20.59 -38.14
CA VAL A 69 22.84 -19.40 -38.67
C VAL A 69 23.00 -18.28 -37.65
N LYS A 70 23.54 -17.14 -38.09
CA LYS A 70 23.87 -16.08 -37.15
C LYS A 70 22.62 -15.52 -36.48
N GLU A 71 21.62 -15.14 -37.26
CA GLU A 71 20.42 -14.57 -36.70
C GLU A 71 19.50 -15.66 -36.17
N ASP A 72 18.70 -15.30 -35.18
CA ASP A 72 17.81 -16.26 -34.53
C ASP A 72 16.66 -16.57 -35.47
N VAL A 73 15.71 -17.39 -35.01
CA VAL A 73 14.51 -17.63 -35.79
C VAL A 73 13.50 -16.51 -35.60
N THR A 74 13.37 -15.99 -34.37
CA THR A 74 12.48 -14.86 -34.14
C THR A 74 12.96 -13.62 -34.91
N ASP A 75 14.27 -13.37 -34.92
CA ASP A 75 14.79 -12.26 -35.71
C ASP A 75 14.56 -12.49 -37.20
N LEU A 76 14.71 -13.73 -37.67
CA LEU A 76 14.39 -14.03 -39.07
C LEU A 76 12.93 -13.71 -39.36
N ILE A 77 12.05 -14.09 -38.45
CA ILE A 77 10.63 -13.78 -38.61
C ILE A 77 10.41 -12.27 -38.70
N LEU A 78 10.98 -11.51 -37.77
CA LEU A 78 10.75 -10.08 -37.71
C LEU A 78 11.47 -9.31 -38.81
N ASN A 79 12.42 -9.93 -39.52
CA ASN A 79 13.07 -9.32 -40.66
C ASN A 79 12.57 -9.84 -42.00
N ILE A 80 11.75 -10.88 -42.00
CA ILE A 80 11.14 -11.38 -43.23
C ILE A 80 9.71 -10.85 -43.36
N LYS A 81 9.05 -10.62 -42.21
CA LYS A 81 7.67 -10.15 -42.26
C LYS A 81 7.54 -8.78 -42.92
N GLN A 82 8.63 -8.03 -43.02
CA GLN A 82 8.63 -6.69 -43.62
C GLN A 82 9.20 -6.71 -45.03
N LEU A 83 8.92 -7.78 -45.78
CA LEU A 83 9.37 -7.87 -47.16
C LEU A 83 8.56 -6.93 -48.06
N VAL A 84 9.02 -6.78 -49.30
CA VAL A 84 8.34 -5.98 -50.31
C VAL A 84 8.12 -6.89 -51.51
N VAL A 85 6.85 -7.22 -51.78
CA VAL A 85 6.52 -8.21 -52.81
C VAL A 85 5.38 -7.70 -53.68
N SER A 86 4.92 -8.55 -54.60
CA SER A 86 3.71 -8.26 -55.36
C SER A 86 3.21 -9.58 -55.94
N SER A 87 2.02 -9.99 -55.52
CA SER A 87 1.39 -11.23 -55.96
C SER A 87 0.07 -10.92 -56.67
N GLU A 88 -0.45 -11.89 -57.41
CA GLU A 88 -1.69 -11.71 -58.15
C GLU A 88 -2.67 -12.86 -57.95
N HIS A 89 -2.16 -14.04 -57.57
CA HIS A 89 -3.03 -15.19 -57.42
C HIS A 89 -3.86 -15.08 -56.15
N ASP A 90 -5.11 -15.53 -56.23
CA ASP A 90 -5.95 -15.56 -55.04
C ASP A 90 -5.47 -16.60 -54.04
N GLU A 91 -5.16 -17.81 -54.51
CA GLU A 91 -4.60 -18.82 -53.62
C GLU A 91 -3.16 -18.45 -53.29
N PRO A 92 -2.68 -18.78 -52.09
CA PRO A 92 -1.32 -18.37 -51.72
C PRO A 92 -0.28 -19.26 -52.40
N VAL A 93 0.85 -18.65 -52.77
CA VAL A 93 1.90 -19.37 -53.49
C VAL A 93 3.06 -19.64 -52.55
N VAL A 94 3.71 -20.79 -52.74
CA VAL A 94 4.85 -21.21 -51.92
C VAL A 94 6.13 -20.85 -52.66
N MET A 95 6.90 -19.92 -52.09
CA MET A 95 8.16 -19.47 -52.66
C MET A 95 9.30 -20.09 -51.86
N TYR A 96 10.41 -20.37 -52.55
CA TYR A 96 11.52 -21.12 -51.99
C TYR A 96 12.76 -20.25 -51.86
N LEU A 97 13.65 -20.67 -50.98
CA LEU A 97 14.98 -20.07 -50.87
C LEU A 97 15.92 -21.12 -50.31
N ARG A 98 17.12 -21.21 -50.90
CA ARG A 98 18.11 -22.18 -50.46
C ARG A 98 19.48 -21.53 -50.52
N LYS A 99 20.35 -21.89 -49.60
CA LYS A 99 21.69 -21.32 -49.56
C LYS A 99 22.60 -22.23 -48.74
N GLN A 100 23.89 -22.18 -49.07
CA GLN A 100 24.90 -22.96 -48.36
C GLN A 100 26.23 -22.24 -48.50
N GLY A 101 27.07 -22.36 -47.47
CA GLY A 101 28.37 -21.73 -47.48
C GLY A 101 28.30 -20.28 -47.09
N PRO A 102 29.45 -19.65 -46.89
CA PRO A 102 29.46 -18.27 -46.41
C PRO A 102 28.99 -17.28 -47.47
N GLY A 103 27.78 -16.77 -47.29
CA GLY A 103 27.23 -15.77 -48.19
C GLY A 103 25.94 -15.18 -47.66
N LEU A 104 25.86 -13.85 -47.66
CA LEU A 104 24.67 -13.17 -47.17
C LEU A 104 23.47 -13.58 -48.03
N VAL A 105 22.41 -14.06 -47.38
CA VAL A 105 21.25 -14.51 -48.13
C VAL A 105 20.39 -13.30 -48.46
N THR A 106 20.75 -12.62 -49.55
CA THR A 106 20.00 -11.45 -49.98
C THR A 106 18.70 -11.88 -50.66
N ALA A 107 17.71 -11.00 -50.61
CA ALA A 107 16.39 -11.33 -51.14
C ALA A 107 16.43 -11.75 -52.60
N ALA A 108 17.43 -11.29 -53.36
CA ALA A 108 17.58 -11.74 -54.74
C ALA A 108 17.72 -13.25 -54.81
N ASP A 109 18.42 -13.84 -53.83
CA ASP A 109 18.58 -15.29 -53.82
C ASP A 109 17.26 -16.02 -53.70
N ILE A 110 16.21 -15.35 -53.25
CA ILE A 110 14.90 -15.98 -53.15
C ILE A 110 14.35 -16.22 -54.55
N ALA A 111 13.65 -17.33 -54.72
CA ALA A 111 13.18 -17.75 -56.04
C ALA A 111 11.71 -17.40 -56.21
N PRO A 112 11.35 -16.39 -56.98
CA PRO A 112 9.93 -16.10 -57.19
C PRO A 112 9.30 -17.11 -58.14
N PRO A 113 8.17 -17.72 -57.77
CA PRO A 113 7.44 -18.56 -58.74
C PRO A 113 6.81 -17.73 -59.84
N ALA A 114 6.09 -18.39 -60.74
CA ALA A 114 5.45 -17.72 -61.87
C ALA A 114 4.25 -16.92 -61.38
N GLY A 115 4.17 -15.66 -61.80
CA GLY A 115 3.05 -14.80 -61.46
C GLY A 115 3.23 -13.98 -60.20
N VAL A 116 4.32 -14.18 -59.45
CA VAL A 116 4.60 -13.44 -58.24
C VAL A 116 6.01 -12.88 -58.35
N GLU A 117 6.22 -11.68 -57.82
CA GLU A 117 7.51 -11.01 -57.93
C GLU A 117 7.91 -10.42 -56.58
N VAL A 118 9.21 -10.25 -56.40
CA VAL A 118 9.79 -9.52 -55.27
C VAL A 118 10.46 -8.29 -55.84
N HIS A 119 10.00 -7.12 -55.42
CA HIS A 119 10.41 -5.86 -56.04
C HIS A 119 11.63 -5.23 -55.38
N ASN A 120 12.14 -5.81 -54.29
CA ASN A 120 13.31 -5.27 -53.60
C ASN A 120 14.30 -6.40 -53.32
N PRO A 121 15.40 -6.48 -54.06
CA PRO A 121 16.47 -7.40 -53.69
C PRO A 121 17.55 -6.79 -52.81
N ASP A 122 17.36 -5.57 -52.32
CA ASP A 122 18.34 -4.91 -51.45
C ASP A 122 17.95 -5.06 -49.98
N LEU A 123 17.96 -6.30 -49.51
CA LEU A 123 17.60 -6.62 -48.13
C LEU A 123 18.64 -7.56 -47.56
N VAL A 124 19.19 -7.20 -46.40
CA VAL A 124 20.19 -8.03 -45.72
C VAL A 124 19.49 -8.96 -44.73
N LEU A 125 19.01 -10.11 -45.22
CA LEU A 125 18.23 -11.00 -44.38
C LEU A 125 19.11 -11.66 -43.32
N ALA A 126 20.21 -12.29 -43.73
CA ALA A 126 21.07 -13.00 -42.82
C ALA A 126 22.46 -13.12 -43.41
N THR A 127 23.44 -13.43 -42.55
CA THR A 127 24.83 -13.63 -42.95
C THR A 127 25.27 -14.99 -42.38
N LEU A 128 25.31 -16.00 -43.26
CA LEU A 128 25.63 -17.35 -42.83
C LEU A 128 27.12 -17.49 -42.57
N ASN A 129 27.48 -18.60 -41.93
CA ASN A 129 28.86 -18.96 -41.66
C ASN A 129 29.26 -20.16 -42.52
N GLY A 130 30.49 -20.63 -42.31
CA GLY A 130 31.07 -21.63 -43.20
C GLY A 130 30.27 -22.93 -43.30
N LYS A 131 29.43 -23.23 -42.31
CA LYS A 131 28.65 -24.46 -42.29
C LYS A 131 27.16 -24.21 -42.49
N GLY A 132 26.80 -23.07 -43.07
CA GLY A 132 25.41 -22.78 -43.35
C GLY A 132 24.76 -23.81 -44.26
N LYS A 133 23.58 -24.28 -43.89
CA LYS A 133 22.82 -25.26 -44.66
C LYS A 133 21.38 -24.79 -44.76
N LEU A 134 21.21 -23.52 -45.15
CA LEU A 134 19.99 -22.77 -44.91
C LEU A 134 18.94 -23.06 -45.97
N GLU A 135 17.72 -23.34 -45.52
CA GLU A 135 16.56 -23.52 -46.38
C GLU A 135 15.42 -22.69 -45.82
N MET A 136 14.58 -22.16 -46.69
CA MET A 136 13.48 -21.30 -46.27
C MET A 136 12.31 -21.43 -47.24
N GLU A 137 11.10 -21.32 -46.70
CA GLU A 137 9.87 -21.29 -47.48
C GLU A 137 9.04 -20.09 -47.05
N LEU A 138 8.40 -19.44 -48.02
CA LEU A 138 7.63 -18.24 -47.78
C LEU A 138 6.27 -18.36 -48.49
N THR A 139 5.20 -18.40 -47.72
CA THR A 139 3.86 -18.36 -48.29
C THR A 139 3.50 -16.91 -48.58
N VAL A 140 2.94 -16.65 -49.77
CA VAL A 140 2.57 -15.30 -50.18
C VAL A 140 1.09 -15.25 -50.49
N GLU A 141 0.43 -14.19 -50.05
CA GLU A 141 -1.01 -14.01 -50.24
C GLU A 141 -1.35 -12.53 -50.33
N ARG A 142 -2.47 -12.24 -51.00
CA ARG A 142 -2.96 -10.89 -51.16
C ARG A 142 -3.85 -10.49 -49.98
N GLY A 143 -4.27 -9.24 -49.96
CA GLY A 143 -5.16 -8.74 -48.93
C GLY A 143 -5.16 -7.22 -48.91
N ARG A 144 -5.53 -6.66 -47.75
CA ARG A 144 -5.49 -5.22 -47.54
C ARG A 144 -5.55 -4.93 -46.05
N GLY A 145 -4.74 -3.97 -45.61
CA GLY A 145 -4.76 -3.51 -44.23
C GLY A 145 -3.60 -4.01 -43.38
N TYR A 146 -3.91 -4.76 -42.33
CA TYR A 146 -2.91 -5.35 -41.45
C TYR A 146 -3.56 -6.45 -40.65
N VAL A 147 -2.79 -7.50 -40.36
CA VAL A 147 -3.26 -8.65 -39.60
C VAL A 147 -2.23 -8.97 -38.53
N SER A 148 -2.71 -9.37 -37.35
CA SER A 148 -1.82 -9.78 -36.27
C SER A 148 -1.34 -11.22 -36.50
N ALA A 149 -0.23 -11.55 -35.86
CA ALA A 149 0.46 -12.81 -36.14
C ALA A 149 -0.40 -14.02 -35.78
N VAL A 150 -1.11 -13.95 -34.65
CA VAL A 150 -1.69 -15.16 -34.07
C VAL A 150 -2.76 -15.75 -34.98
N GLN A 151 -3.69 -14.93 -35.46
CA GLN A 151 -4.81 -15.45 -36.24
C GLN A 151 -4.37 -16.05 -37.58
N ASN A 152 -3.17 -15.72 -38.05
CA ASN A 152 -2.71 -16.28 -39.31
C ASN A 152 -2.51 -17.79 -39.23
N LYS A 153 -2.28 -18.34 -38.04
CA LYS A 153 -2.12 -19.77 -37.91
C LYS A 153 -3.45 -20.48 -38.15
N GLN A 154 -3.41 -21.53 -38.97
CA GLN A 154 -4.62 -22.25 -39.37
C GLN A 154 -4.52 -23.76 -39.25
N VAL A 155 -3.33 -24.36 -39.33
CA VAL A 155 -3.18 -25.81 -39.45
C VAL A 155 -2.20 -26.29 -38.37
N GLY A 156 -2.55 -27.41 -37.75
CA GLY A 156 -1.69 -28.03 -36.74
C GLY A 156 -1.11 -29.35 -37.20
N GLN A 157 -1.59 -29.88 -38.32
CA GLN A 157 -1.06 -31.15 -38.83
C GLN A 157 0.39 -31.02 -39.26
N GLU A 158 0.80 -29.83 -39.73
CA GLU A 158 2.20 -29.51 -39.98
C GLU A 158 2.70 -28.71 -38.79
N ILE A 159 3.58 -29.33 -37.99
CA ILE A 159 3.90 -28.75 -36.68
C ILE A 159 5.08 -27.79 -36.81
N GLY A 160 6.07 -28.14 -37.63
CA GLY A 160 7.28 -27.32 -37.71
C GLY A 160 7.07 -25.95 -38.34
N ARG A 161 5.96 -25.73 -39.03
CA ARG A 161 5.74 -24.46 -39.71
C ARG A 161 5.51 -23.34 -38.70
N ILE A 162 6.13 -22.19 -38.97
CA ILE A 162 6.01 -21.01 -38.10
C ILE A 162 4.98 -20.06 -38.74
N PRO A 163 3.86 -19.77 -38.07
CA PRO A 163 2.96 -18.73 -38.57
C PRO A 163 3.40 -17.36 -38.10
N VAL A 164 3.26 -16.35 -38.96
CA VAL A 164 3.64 -14.99 -38.60
C VAL A 164 2.61 -14.01 -39.17
N ASP A 165 2.83 -12.72 -38.94
CA ASP A 165 1.91 -11.66 -39.30
C ASP A 165 2.06 -11.28 -40.78
N SER A 166 1.34 -10.24 -41.20
CA SER A 166 1.35 -9.79 -42.58
C SER A 166 1.00 -8.31 -42.61
N ILE A 167 1.51 -7.61 -43.62
CA ILE A 167 1.26 -6.18 -43.79
C ILE A 167 0.80 -5.93 -45.22
N TYR A 168 -0.51 -5.98 -45.46
CA TYR A 168 -1.06 -5.67 -46.77
C TYR A 168 -1.20 -4.17 -46.95
N SER A 169 -0.09 -3.48 -47.18
CA SER A 169 -0.13 -2.03 -47.30
C SER A 169 0.97 -1.52 -48.24
N PRO A 170 0.68 -1.35 -49.54
CA PRO A 170 1.69 -0.81 -50.45
C PRO A 170 1.64 0.71 -50.55
N VAL A 171 1.95 1.42 -49.45
CA VAL A 171 1.79 2.86 -49.39
C VAL A 171 2.61 3.43 -48.24
N LEU A 172 2.92 4.71 -48.33
CA LEU A 172 3.72 5.41 -47.34
C LEU A 172 3.06 6.77 -47.11
N LYS A 173 3.77 7.72 -46.50
CA LYS A 173 3.19 9.00 -46.09
C LYS A 173 2.37 9.64 -47.21
N VAL A 174 1.16 10.08 -46.85
CA VAL A 174 0.23 10.71 -47.79
C VAL A 174 -0.22 12.06 -47.22
N THR A 175 0.49 13.12 -47.56
CA THR A 175 0.12 14.45 -47.08
C THR A 175 -0.72 15.18 -48.12
N TYR A 176 -1.03 16.45 -47.86
CA TYR A 176 -1.64 17.30 -48.87
C TYR A 176 -1.59 18.75 -48.36
N LYS A 177 -2.07 19.66 -49.20
CA LYS A 177 -2.01 21.09 -48.92
C LYS A 177 -3.19 21.75 -49.60
N VAL A 178 -3.54 22.95 -49.13
CA VAL A 178 -4.63 23.73 -49.71
C VAL A 178 -4.09 25.13 -49.98
N GLU A 179 -4.22 25.59 -51.23
CA GLU A 179 -3.75 26.89 -51.65
C GLU A 179 -4.92 27.76 -52.08
N ALA A 180 -4.65 29.05 -52.27
CA ALA A 180 -5.67 30.03 -52.59
C ALA A 180 -5.68 30.27 -54.10
N THR A 181 -6.83 30.03 -54.74
CA THR A 181 -6.97 30.32 -56.15
C THR A 181 -7.12 31.81 -56.37
N ARG A 182 -6.57 32.29 -57.49
CA ARG A 182 -6.57 33.71 -57.82
C ARG A 182 -7.64 34.09 -58.84
N VAL A 183 -8.60 33.20 -59.09
CA VAL A 183 -9.69 33.51 -60.00
C VAL A 183 -10.47 34.70 -59.47
N GLU A 184 -10.85 35.61 -60.37
CA GLU A 184 -11.52 36.85 -59.99
C GLU A 184 -12.98 36.55 -59.62
N GLN A 185 -13.15 35.88 -58.48
CA GLN A 185 -14.45 35.63 -57.89
C GLN A 185 -14.37 36.01 -56.42
N ARG A 186 -15.43 36.66 -55.92
CA ARG A 186 -15.39 37.20 -54.58
C ARG A 186 -15.34 36.11 -53.51
N THR A 187 -15.72 34.88 -53.86
CA THR A 187 -15.60 33.78 -52.91
C THR A 187 -14.15 33.31 -52.77
N ASP A 188 -13.27 33.72 -53.68
CA ASP A 188 -11.84 33.42 -53.55
C ASP A 188 -11.60 31.92 -53.49
N PHE A 189 -11.87 31.23 -54.60
CA PHE A 189 -11.83 29.78 -54.65
C PHE A 189 -10.46 29.26 -54.19
N ASP A 190 -10.38 27.94 -53.95
CA ASP A 190 -9.17 27.33 -53.41
C ASP A 190 -8.80 26.11 -54.25
N LYS A 191 -7.60 25.58 -53.98
CA LYS A 191 -6.98 24.54 -54.78
C LYS A 191 -6.43 23.45 -53.87
N LEU A 192 -6.63 22.19 -54.27
CA LEU A 192 -6.23 21.03 -53.49
C LEU A 192 -5.09 20.31 -54.19
N ILE A 193 -4.04 19.97 -53.44
CA ILE A 193 -2.88 19.24 -53.95
C ILE A 193 -2.69 18.02 -53.07
N VAL A 194 -3.04 16.84 -53.59
CA VAL A 194 -3.01 15.60 -52.82
C VAL A 194 -1.73 14.86 -53.15
N ASP A 195 -0.84 14.75 -52.17
CA ASP A 195 0.38 13.98 -52.33
C ASP A 195 0.12 12.51 -52.10
N VAL A 196 0.93 11.67 -52.72
CA VAL A 196 0.90 10.23 -52.50
C VAL A 196 2.31 9.68 -52.70
N GLU A 197 2.65 8.64 -51.91
CA GLU A 197 3.90 7.92 -52.04
C GLU A 197 3.65 6.43 -51.79
N THR A 198 4.32 5.59 -52.58
CA THR A 198 4.22 4.15 -52.43
C THR A 198 5.61 3.55 -52.54
N LYS A 199 5.85 2.47 -51.79
CA LYS A 199 7.21 1.99 -51.64
C LYS A 199 7.80 1.52 -52.96
N GLN A 200 7.40 0.33 -53.45
CA GLN A 200 7.82 -0.13 -54.77
C GLN A 200 6.79 -1.02 -55.45
N ALA A 201 5.61 -1.21 -54.87
CA ALA A 201 4.67 -2.23 -55.35
C ALA A 201 3.77 -1.70 -56.46
N MET A 202 2.98 -0.67 -56.16
CA MET A 202 2.10 -0.03 -57.12
C MET A 202 2.66 1.36 -57.46
N ARG A 203 1.91 2.09 -58.28
CA ARG A 203 2.27 3.46 -58.63
C ARG A 203 1.22 4.42 -58.11
N PRO A 204 1.59 5.68 -57.83
CA PRO A 204 0.61 6.62 -57.28
C PRO A 204 -0.61 6.79 -58.15
N ARG A 205 -0.45 6.73 -59.48
CA ARG A 205 -1.61 6.80 -60.36
C ARG A 205 -2.60 5.68 -60.05
N ASP A 206 -2.12 4.43 -60.00
CA ASP A 206 -3.01 3.31 -59.73
C ASP A 206 -3.48 3.31 -58.29
N ALA A 207 -2.65 3.77 -57.35
CA ALA A 207 -3.07 3.85 -55.97
C ALA A 207 -4.26 4.79 -55.82
N MET A 208 -4.14 6.00 -56.36
CA MET A 208 -5.27 6.92 -56.34
C MET A 208 -6.43 6.41 -57.18
N ALA A 209 -6.16 5.62 -58.22
CA ALA A 209 -7.26 5.01 -58.96
C ALA A 209 -8.09 4.11 -58.06
N SER A 210 -7.42 3.26 -57.27
CA SER A 210 -8.14 2.40 -56.34
C SER A 210 -8.87 3.23 -55.28
N ALA A 211 -8.21 4.28 -54.77
CA ALA A 211 -8.86 5.13 -53.77
C ALA A 211 -10.12 5.76 -54.33
N GLY A 212 -10.03 6.32 -55.53
CA GLY A 212 -11.19 6.91 -56.17
C GLY A 212 -12.28 5.89 -56.42
N LYS A 213 -11.89 4.67 -56.81
CA LYS A 213 -12.88 3.62 -57.03
C LYS A 213 -13.67 3.36 -55.75
N THR A 214 -12.96 3.18 -54.64
CA THR A 214 -13.64 2.89 -53.37
C THR A 214 -14.54 4.04 -52.96
N LEU A 215 -14.01 5.26 -52.98
CA LEU A 215 -14.81 6.41 -52.54
C LEU A 215 -15.99 6.67 -53.47
N VAL A 216 -15.81 6.46 -54.78
CA VAL A 216 -16.91 6.62 -55.73
C VAL A 216 -17.99 5.60 -55.44
N GLU A 217 -17.62 4.35 -55.16
CA GLU A 217 -18.62 3.36 -54.79
C GLU A 217 -19.37 3.80 -53.54
N LEU A 218 -18.64 4.25 -52.51
CA LEU A 218 -19.27 4.62 -51.25
C LEU A 218 -20.26 5.77 -51.44
N PHE A 219 -19.81 6.86 -52.07
CA PHE A 219 -20.67 8.02 -52.21
C PHE A 219 -21.72 7.84 -53.29
N GLY A 220 -21.52 6.94 -54.26
CA GLY A 220 -22.61 6.59 -55.14
C GLY A 220 -23.71 5.84 -54.42
N LEU A 221 -23.32 4.92 -53.52
CA LEU A 221 -24.30 4.29 -52.66
C LEU A 221 -25.07 5.34 -51.86
N ALA A 222 -24.33 6.23 -51.19
CA ALA A 222 -24.96 7.27 -50.38
C ALA A 222 -25.86 8.17 -51.23
N ARG A 223 -25.46 8.39 -52.49
CA ARG A 223 -26.16 9.32 -53.37
C ARG A 223 -27.46 8.73 -53.92
N GLU A 224 -27.45 7.45 -54.28
CA GLU A 224 -28.57 6.83 -54.96
C GLU A 224 -29.51 6.07 -54.03
N LEU A 225 -29.01 5.49 -52.94
CA LEU A 225 -29.87 4.63 -52.14
C LEU A 225 -30.99 5.37 -51.44
N ASN A 226 -30.96 6.70 -51.40
CA ASN A 226 -32.11 7.45 -50.92
C ASN A 226 -33.34 7.10 -51.75
N ILE A 227 -34.42 6.74 -51.06
CA ILE A 227 -35.59 6.16 -51.71
C ILE A 227 -35.22 4.87 -52.43
N ALA B 4 -17.86 -8.57 -45.70
CA ALA B 4 -18.85 -7.96 -44.76
C ALA B 4 -20.23 -7.91 -45.44
N GLN B 5 -21.05 -6.94 -45.05
CA GLN B 5 -22.39 -6.76 -45.61
C GLN B 5 -22.50 -5.37 -46.23
N ARG B 6 -23.26 -5.26 -47.30
CA ARG B 6 -23.40 -3.99 -48.00
C ARG B 6 -24.13 -2.99 -47.12
N PRO B 7 -23.58 -1.80 -46.86
CA PRO B 7 -24.31 -0.80 -46.07
C PRO B 7 -25.39 -0.13 -46.90
N SER B 8 -26.26 0.58 -46.19
CA SER B 8 -27.34 1.33 -46.81
C SER B 8 -27.64 2.57 -45.96
N LEU B 9 -28.74 3.24 -46.27
CA LEU B 9 -29.15 4.47 -45.61
C LEU B 9 -30.58 4.32 -45.12
N THR B 10 -30.87 4.93 -43.97
CA THR B 10 -32.24 5.02 -43.49
C THR B 10 -32.52 6.43 -42.99
N GLU B 11 -33.77 6.84 -43.11
CA GLU B 11 -34.21 8.18 -42.74
C GLU B 11 -35.33 8.09 -41.71
N GLU B 12 -35.25 8.94 -40.69
CA GLU B 12 -36.29 9.08 -39.69
C GLU B 12 -36.84 10.50 -39.75
N VAL B 13 -38.17 10.60 -39.82
CA VAL B 13 -38.87 11.87 -39.92
C VAL B 13 -39.33 12.28 -38.53
N VAL B 14 -39.11 13.53 -38.18
CA VAL B 14 -39.54 14.10 -36.91
C VAL B 14 -40.52 15.25 -37.12
N ASP B 15 -40.25 16.11 -38.09
CA ASP B 15 -41.16 17.17 -38.49
C ASP B 15 -41.00 17.37 -39.99
N GLU B 16 -41.55 18.46 -40.51
CA GLU B 16 -41.45 18.79 -41.93
C GLU B 16 -40.25 19.67 -42.24
N PHE B 17 -39.39 19.95 -41.25
CA PHE B 17 -38.26 20.85 -41.42
C PHE B 17 -36.92 20.27 -41.01
N ARG B 18 -36.88 19.25 -40.15
CA ARG B 18 -35.63 18.63 -39.74
C ARG B 18 -35.83 17.12 -39.74
N SER B 19 -34.74 16.40 -40.01
CA SER B 19 -34.83 14.94 -40.13
C SER B 19 -33.50 14.32 -39.74
N ARG B 20 -33.53 13.00 -39.53
CA ARG B 20 -32.38 12.23 -39.08
C ARG B 20 -32.03 11.20 -40.15
N PHE B 21 -30.73 11.04 -40.41
CA PHE B 21 -30.21 10.08 -41.37
C PHE B 21 -29.23 9.18 -40.65
N VAL B 22 -29.31 7.88 -40.92
CA VAL B 22 -28.39 6.90 -40.36
C VAL B 22 -27.75 6.14 -41.51
N ILE B 23 -26.41 6.15 -41.54
CA ILE B 23 -25.61 5.36 -42.47
C ILE B 23 -25.11 4.13 -41.73
N GLU B 24 -25.40 2.95 -42.30
CA GLU B 24 -25.33 1.68 -41.61
C GLU B 24 -23.93 1.42 -41.03
N PRO B 25 -23.80 0.38 -40.18
CA PRO B 25 -22.48 0.04 -39.63
C PRO B 25 -21.38 0.00 -40.68
N LEU B 26 -20.43 0.91 -40.54
CA LEU B 26 -19.36 1.10 -41.52
C LEU B 26 -18.07 0.49 -41.00
N GLU B 27 -17.12 0.33 -41.93
CA GLU B 27 -15.81 -0.15 -41.54
C GLU B 27 -15.09 0.91 -40.71
N PRO B 28 -14.16 0.50 -39.83
CA PRO B 28 -13.56 1.47 -38.92
C PRO B 28 -12.82 2.57 -39.65
N GLY B 29 -12.95 3.79 -39.13
CA GLY B 29 -12.27 4.94 -39.66
C GLY B 29 -13.01 5.67 -40.76
N PHE B 30 -13.76 4.94 -41.60
CA PHE B 30 -14.43 5.53 -42.75
C PHE B 30 -15.66 6.34 -42.36
N GLY B 31 -16.15 6.20 -41.12
CA GLY B 31 -17.20 7.08 -40.68
C GLY B 31 -16.81 8.54 -40.79
N TYR B 32 -15.55 8.84 -40.51
CA TYR B 32 -15.03 10.18 -40.72
C TYR B 32 -14.81 10.49 -42.19
N THR B 33 -14.49 9.47 -43.00
CA THR B 33 -14.39 9.67 -44.44
C THR B 33 -15.72 10.17 -44.99
N LEU B 34 -16.83 9.71 -44.42
CA LEU B 34 -18.14 10.18 -44.86
C LEU B 34 -18.52 11.50 -44.21
N GLY B 35 -18.63 11.52 -42.89
CA GLY B 35 -19.32 12.56 -42.15
C GLY B 35 -18.97 14.00 -42.45
N ASN B 36 -17.73 14.41 -42.19
CA ASN B 36 -17.37 15.82 -42.32
C ASN B 36 -17.52 16.29 -43.76
N SER B 37 -17.12 15.46 -44.72
CA SER B 37 -17.29 15.84 -46.11
C SER B 37 -18.76 15.97 -46.47
N LEU B 38 -19.61 15.07 -45.99
CA LEU B 38 -21.04 15.22 -46.24
C LEU B 38 -21.56 16.54 -45.67
N ARG B 39 -21.12 16.87 -44.46
CA ARG B 39 -21.55 18.12 -43.83
C ARG B 39 -21.15 19.32 -44.70
N ARG B 40 -19.87 19.41 -45.05
CA ARG B 40 -19.42 20.59 -45.77
C ARG B 40 -19.99 20.65 -47.18
N THR B 41 -20.23 19.50 -47.81
CA THR B 41 -20.83 19.50 -49.14
C THR B 41 -22.28 19.94 -49.08
N LEU B 42 -23.04 19.45 -48.10
CA LEU B 42 -24.40 19.95 -47.92
C LEU B 42 -24.38 21.45 -47.65
N LEU B 43 -23.37 21.94 -46.95
CA LEU B 43 -23.31 23.34 -46.58
C LEU B 43 -23.01 24.24 -47.77
N SER B 44 -21.85 24.05 -48.41
CA SER B 44 -21.32 25.01 -49.38
C SER B 44 -21.28 24.44 -50.80
N SER B 45 -22.30 23.67 -51.20
CA SER B 45 -22.34 23.15 -52.57
C SER B 45 -23.66 23.44 -53.28
N ILE B 46 -24.78 23.30 -52.58
CA ILE B 46 -26.08 23.40 -53.23
C ILE B 46 -26.42 24.88 -53.43
N PRO B 47 -26.82 25.31 -54.65
CA PRO B 47 -27.15 26.73 -54.84
C PRO B 47 -28.62 27.06 -54.66
N GLY B 48 -28.94 28.35 -54.71
CA GLY B 48 -30.31 28.80 -54.57
C GLY B 48 -30.37 30.31 -54.72
N ALA B 49 -31.59 30.83 -54.66
CA ALA B 49 -31.85 32.25 -54.85
C ALA B 49 -32.10 32.93 -53.51
N ALA B 50 -31.71 34.19 -53.35
CA ALA B 50 -31.87 34.90 -52.06
C ALA B 50 -31.87 36.41 -52.28
N VAL B 51 -32.13 37.20 -51.24
CA VAL B 51 -32.02 38.68 -51.35
C VAL B 51 -30.53 38.98 -51.46
N THR B 52 -30.15 40.23 -51.69
CA THR B 52 -28.72 40.62 -51.74
C THR B 52 -28.56 42.13 -51.53
N SER B 53 -29.57 42.93 -51.88
CA SER B 53 -29.48 44.39 -51.73
C SER B 53 -30.88 44.99 -51.83
N ILE B 54 -31.13 46.04 -51.07
CA ILE B 54 -32.43 46.69 -51.06
C ILE B 54 -32.27 48.21 -51.03
N ARG B 55 -33.34 48.90 -51.41
CA ARG B 55 -33.40 50.36 -51.48
C ARG B 55 -34.58 50.86 -50.66
N ILE B 56 -34.36 51.09 -49.36
CA ILE B 56 -35.38 51.74 -48.57
C ILE B 56 -35.50 53.19 -49.03
N ASP B 57 -36.72 53.62 -49.32
CA ASP B 57 -36.95 54.91 -49.93
C ASP B 57 -36.88 56.04 -48.91
N GLY B 58 -36.26 57.15 -49.31
CA GLY B 58 -36.26 58.35 -48.50
C GLY B 58 -35.56 58.21 -47.17
N VAL B 59 -34.35 57.63 -47.14
CA VAL B 59 -33.59 57.48 -45.92
C VAL B 59 -32.13 57.77 -46.20
N LEU B 60 -31.36 57.89 -45.12
CA LEU B 60 -29.93 58.15 -45.16
C LEU B 60 -29.26 57.26 -44.12
N HIS B 61 -27.98 56.92 -44.36
CA HIS B 61 -27.31 56.01 -43.43
C HIS B 61 -27.10 56.66 -42.07
N GLU B 62 -26.91 57.98 -42.03
CA GLU B 62 -26.75 58.69 -40.77
C GLU B 62 -28.05 58.78 -39.97
N PHE B 63 -29.18 58.35 -40.55
CA PHE B 63 -30.46 58.39 -39.88
C PHE B 63 -30.81 56.98 -39.41
N THR B 64 -31.13 56.86 -38.11
CA THR B 64 -31.17 55.55 -37.47
C THR B 64 -32.47 54.80 -37.81
N THR B 65 -33.61 55.35 -37.41
CA THR B 65 -34.89 54.69 -37.64
C THR B 65 -35.47 55.15 -38.98
N VAL B 66 -36.75 54.88 -39.21
CA VAL B 66 -37.45 55.36 -40.40
C VAL B 66 -38.82 55.89 -39.97
N PRO B 67 -39.28 57.04 -40.48
CA PRO B 67 -40.60 57.54 -40.09
C PRO B 67 -41.71 56.62 -40.55
N GLY B 68 -42.80 56.61 -39.78
CA GLY B 68 -43.95 55.78 -40.05
C GLY B 68 -43.83 54.38 -39.49
N VAL B 69 -42.61 53.90 -39.25
CA VAL B 69 -42.36 52.56 -38.76
C VAL B 69 -41.42 52.67 -37.56
N LYS B 70 -41.89 52.21 -36.41
CA LYS B 70 -41.06 52.21 -35.20
C LYS B 70 -39.89 51.25 -35.31
N GLU B 71 -40.05 50.17 -36.09
CA GLU B 71 -38.98 49.22 -36.30
C GLU B 71 -37.74 49.91 -36.85
N ASP B 72 -36.60 49.65 -36.22
CA ASP B 72 -35.35 50.30 -36.60
C ASP B 72 -34.67 49.52 -37.74
N VAL B 73 -33.67 50.17 -38.35
CA VAL B 73 -33.06 49.65 -39.58
C VAL B 73 -32.56 48.22 -39.37
N THR B 74 -31.81 47.99 -38.29
CA THR B 74 -31.16 46.70 -38.10
C THR B 74 -32.17 45.56 -38.10
N ASP B 75 -33.32 45.77 -37.45
CA ASP B 75 -34.29 44.70 -37.41
C ASP B 75 -35.03 44.58 -38.73
N LEU B 76 -35.06 45.64 -39.55
CA LEU B 76 -35.50 45.45 -40.93
C LEU B 76 -34.58 44.50 -41.68
N ILE B 77 -33.26 44.67 -41.52
CA ILE B 77 -32.34 43.72 -42.15
C ILE B 77 -32.59 42.31 -41.61
N LEU B 78 -32.72 42.19 -40.28
CA LEU B 78 -32.92 40.87 -39.69
C LEU B 78 -34.23 40.23 -40.12
N ASN B 79 -35.26 41.02 -40.42
CA ASN B 79 -36.54 40.51 -40.85
C ASN B 79 -36.60 40.20 -42.34
N ILE B 80 -35.84 40.93 -43.16
CA ILE B 80 -35.88 40.69 -44.59
C ILE B 80 -34.91 39.58 -45.00
N LYS B 81 -33.75 39.47 -44.35
CA LYS B 81 -32.81 38.43 -44.77
C LYS B 81 -33.37 37.02 -44.56
N GLN B 82 -34.42 36.87 -43.77
CA GLN B 82 -35.08 35.58 -43.60
C GLN B 82 -36.09 35.29 -44.70
N LEU B 83 -36.28 36.21 -45.64
CA LEU B 83 -37.21 35.97 -46.74
C LEU B 83 -36.63 34.95 -47.71
N VAL B 84 -37.19 33.75 -47.73
CA VAL B 84 -36.76 32.73 -48.67
C VAL B 84 -37.36 33.02 -50.03
N VAL B 85 -36.60 32.74 -51.08
CA VAL B 85 -37.03 33.04 -52.44
C VAL B 85 -36.33 32.09 -53.39
N SER B 86 -37.05 31.66 -54.42
CA SER B 86 -36.52 30.84 -55.49
C SER B 86 -36.53 31.64 -56.78
N SER B 87 -35.63 31.29 -57.70
CA SER B 87 -35.52 32.01 -58.95
C SER B 87 -35.08 31.07 -60.04
N GLU B 88 -35.42 31.44 -61.28
CA GLU B 88 -34.96 30.77 -62.48
C GLU B 88 -34.42 31.79 -63.48
N HIS B 89 -33.87 32.88 -62.96
CA HIS B 89 -33.45 34.02 -63.77
C HIS B 89 -31.95 33.99 -64.05
N ASP B 90 -31.13 33.87 -63.01
CA ASP B 90 -29.68 33.75 -63.03
C ASP B 90 -28.97 35.09 -63.23
N GLU B 91 -29.68 36.21 -63.21
CA GLU B 91 -29.07 37.52 -63.24
C GLU B 91 -29.77 38.39 -62.20
N PRO B 92 -29.15 39.52 -61.81
CA PRO B 92 -29.76 40.34 -60.75
C PRO B 92 -31.07 40.97 -61.18
N VAL B 93 -32.18 40.46 -60.65
CA VAL B 93 -33.47 41.10 -60.87
C VAL B 93 -33.67 42.19 -59.81
N VAL B 94 -34.64 43.06 -60.07
CA VAL B 94 -35.05 44.09 -59.12
C VAL B 94 -36.57 44.07 -59.05
N MET B 95 -37.13 43.95 -57.85
CA MET B 95 -38.56 43.83 -57.67
C MET B 95 -39.00 44.75 -56.54
N TYR B 96 -40.29 45.10 -56.52
CA TYR B 96 -40.80 46.19 -55.70
C TYR B 96 -41.71 45.67 -54.59
N LEU B 97 -41.85 46.48 -53.55
CA LEU B 97 -42.77 46.19 -52.45
C LEU B 97 -43.23 47.50 -51.85
N ARG B 98 -44.54 47.74 -51.85
CA ARG B 98 -45.12 48.99 -51.38
C ARG B 98 -46.34 48.72 -50.49
N LYS B 99 -46.65 49.70 -49.65
CA LYS B 99 -47.78 49.61 -48.72
C LYS B 99 -48.14 51.02 -48.25
N GLN B 100 -49.44 51.24 -48.05
CA GLN B 100 -49.99 52.51 -47.63
C GLN B 100 -51.05 52.30 -46.55
N GLY B 101 -51.10 53.21 -45.59
CA GLY B 101 -52.08 53.15 -44.52
C GLY B 101 -51.56 52.42 -43.30
N PRO B 102 -52.22 52.60 -42.16
CA PRO B 102 -51.76 51.94 -40.93
C PRO B 102 -51.97 50.43 -40.97
N GLY B 103 -51.16 49.71 -40.20
CA GLY B 103 -51.28 48.28 -40.10
C GLY B 103 -49.95 47.57 -40.00
N LEU B 104 -49.73 46.57 -40.84
CA LEU B 104 -48.44 45.88 -40.87
C LEU B 104 -48.24 45.25 -42.24
N VAL B 105 -47.01 45.34 -42.74
CA VAL B 105 -46.62 44.74 -44.01
C VAL B 105 -46.06 43.35 -43.74
N THR B 106 -46.59 42.37 -44.46
CA THR B 106 -46.26 40.95 -44.34
C THR B 106 -45.68 40.47 -45.68
N ALA B 107 -45.52 39.16 -45.83
CA ALA B 107 -44.89 38.57 -46.99
C ALA B 107 -45.88 38.23 -48.10
N ALA B 108 -47.15 38.62 -47.98
CA ALA B 108 -48.17 38.28 -48.97
C ALA B 108 -48.49 39.43 -49.91
N ASP B 109 -47.93 40.62 -49.70
CA ASP B 109 -48.24 41.79 -50.52
C ASP B 109 -47.04 42.28 -51.31
N ILE B 110 -46.23 41.36 -51.83
CA ILE B 110 -45.06 41.69 -52.63
C ILE B 110 -45.29 41.22 -54.06
N ALA B 111 -45.16 42.14 -55.02
CA ALA B 111 -45.59 41.90 -56.40
C ALA B 111 -44.50 41.17 -57.19
N PRO B 112 -44.58 39.86 -57.35
CA PRO B 112 -43.42 39.10 -57.86
C PRO B 112 -43.12 39.46 -59.31
N PRO B 113 -41.84 39.42 -59.72
CA PRO B 113 -41.52 39.52 -61.15
C PRO B 113 -41.62 38.15 -61.83
N ALA B 114 -41.26 38.09 -63.11
CA ALA B 114 -41.37 36.85 -63.86
C ALA B 114 -40.40 35.82 -63.34
N GLY B 115 -40.91 34.61 -63.06
CA GLY B 115 -40.07 33.49 -62.69
C GLY B 115 -39.72 33.41 -61.21
N VAL B 116 -39.61 34.56 -60.55
CA VAL B 116 -39.17 34.59 -59.16
C VAL B 116 -40.35 34.31 -58.25
N GLU B 117 -40.17 33.41 -57.29
CA GLU B 117 -41.22 33.00 -56.37
C GLU B 117 -40.68 32.99 -54.95
N VAL B 118 -41.55 33.36 -54.00
CA VAL B 118 -41.23 33.37 -52.58
C VAL B 118 -42.08 32.32 -51.89
N HIS B 119 -41.45 31.54 -51.01
CA HIS B 119 -42.08 30.34 -50.44
C HIS B 119 -42.51 30.51 -48.99
N ASN B 120 -42.45 31.72 -48.43
CA ASN B 120 -42.95 32.00 -47.08
C ASN B 120 -43.81 33.26 -47.12
N PRO B 121 -45.04 33.16 -47.65
CA PRO B 121 -45.90 34.35 -47.72
C PRO B 121 -46.40 34.83 -46.37
N ASP B 122 -46.23 34.06 -45.30
CA ASP B 122 -46.72 34.42 -43.97
C ASP B 122 -45.69 35.15 -43.12
N LEU B 123 -44.51 35.46 -43.68
CA LEU B 123 -43.49 36.18 -42.94
C LEU B 123 -43.96 37.59 -42.65
N VAL B 124 -43.93 37.99 -41.38
CA VAL B 124 -44.27 39.36 -41.02
C VAL B 124 -43.03 40.24 -41.11
N LEU B 125 -43.10 41.31 -41.88
CA LEU B 125 -41.95 42.14 -42.18
C LEU B 125 -41.86 43.36 -41.29
N ALA B 126 -42.91 44.19 -41.24
CA ALA B 126 -42.84 45.42 -40.45
C ALA B 126 -44.22 45.85 -40.03
N THR B 127 -44.26 46.81 -39.11
CA THR B 127 -45.49 47.38 -38.58
C THR B 127 -45.49 48.89 -38.81
N LEU B 128 -46.67 49.44 -39.11
CA LEU B 128 -46.79 50.84 -39.48
C LEU B 128 -48.01 51.44 -38.80
N ASN B 129 -47.91 52.74 -38.50
CA ASN B 129 -49.02 53.50 -37.94
C ASN B 129 -49.18 54.81 -38.71
N GLY B 130 -50.41 55.29 -38.78
CA GLY B 130 -50.66 56.53 -39.49
C GLY B 130 -50.37 56.40 -40.97
N LYS B 131 -49.80 57.46 -41.54
CA LYS B 131 -49.51 57.48 -42.97
C LYS B 131 -48.50 56.41 -43.32
N GLY B 132 -48.81 55.60 -44.34
CA GLY B 132 -48.01 54.44 -44.67
C GLY B 132 -46.67 54.76 -45.31
N LYS B 133 -46.71 55.32 -46.52
CA LYS B 133 -45.52 55.66 -47.30
C LYS B 133 -44.43 54.61 -47.23
N LEU B 134 -44.77 53.34 -47.42
CA LEU B 134 -43.77 52.28 -47.43
C LEU B 134 -43.51 51.88 -48.87
N GLU B 135 -42.26 51.92 -49.29
CA GLU B 135 -41.90 51.43 -50.61
C GLU B 135 -40.40 51.17 -50.65
N MET B 136 -40.03 49.99 -51.14
CA MET B 136 -38.62 49.68 -51.34
C MET B 136 -38.50 48.60 -52.40
N GLU B 137 -37.34 48.58 -53.06
CA GLU B 137 -37.02 47.60 -54.08
C GLU B 137 -35.89 46.70 -53.59
N LEU B 138 -36.04 45.40 -53.84
CA LEU B 138 -35.10 44.39 -53.41
C LEU B 138 -34.58 43.62 -54.62
N THR B 139 -33.35 43.12 -54.49
CA THR B 139 -32.63 42.48 -55.59
C THR B 139 -32.41 41.01 -55.24
N VAL B 140 -32.98 40.13 -56.04
CA VAL B 140 -32.79 38.70 -55.88
C VAL B 140 -31.65 38.23 -56.78
N GLU B 141 -30.72 37.47 -56.22
CA GLU B 141 -29.60 36.89 -56.93
C GLU B 141 -29.61 35.38 -56.73
N ARG B 142 -28.70 34.70 -57.42
CA ARG B 142 -28.50 33.26 -57.25
C ARG B 142 -27.05 33.01 -56.85
N GLY B 143 -26.86 32.06 -55.95
CA GLY B 143 -25.53 31.76 -55.46
C GLY B 143 -25.58 30.57 -54.52
N ARG B 144 -24.41 30.23 -53.97
CA ARG B 144 -24.28 29.08 -53.10
C ARG B 144 -23.41 29.42 -51.90
N GLY B 145 -23.83 28.96 -50.72
CA GLY B 145 -23.05 29.13 -49.51
C GLY B 145 -23.57 30.21 -48.58
N TYR B 146 -22.70 31.12 -48.20
CA TYR B 146 -23.06 32.25 -47.33
C TYR B 146 -22.06 33.36 -47.60
N VAL B 147 -22.52 34.45 -48.20
CA VAL B 147 -21.65 35.56 -48.58
C VAL B 147 -21.70 36.62 -47.50
N SER B 148 -20.52 37.08 -47.08
CA SER B 148 -20.41 38.04 -46.00
C SER B 148 -20.91 39.42 -46.45
N ALA B 149 -21.15 40.28 -45.46
CA ALA B 149 -21.65 41.64 -45.72
C ALA B 149 -20.50 42.56 -46.13
N VAL B 150 -19.89 42.22 -47.26
CA VAL B 150 -18.84 43.06 -47.83
C VAL B 150 -19.48 44.21 -48.59
N GLN B 151 -18.78 45.34 -48.64
CA GLN B 151 -19.29 46.49 -49.37
C GLN B 151 -19.26 46.19 -50.87
N ASN B 152 -20.42 45.84 -51.42
CA ASN B 152 -20.55 45.43 -52.82
C ASN B 152 -20.48 46.60 -53.80
N LYS B 153 -20.06 47.79 -53.38
CA LYS B 153 -19.95 48.95 -54.26
C LYS B 153 -21.28 49.30 -54.90
N GLN B 154 -22.37 49.03 -54.20
CA GLN B 154 -23.70 49.53 -54.57
C GLN B 154 -24.05 50.81 -53.84
N VAL B 155 -23.49 51.00 -52.64
CA VAL B 155 -23.72 52.23 -51.89
C VAL B 155 -23.01 53.41 -52.55
N GLY B 156 -21.89 53.15 -53.22
CA GLY B 156 -21.09 54.24 -53.76
C GLY B 156 -21.85 55.08 -54.77
N GLN B 157 -22.50 54.44 -55.74
CA GLN B 157 -23.21 55.16 -56.78
C GLN B 157 -24.58 55.65 -56.33
N GLU B 158 -25.18 55.01 -55.33
CA GLU B 158 -26.52 55.41 -54.88
C GLU B 158 -26.56 55.32 -53.36
N ILE B 159 -27.08 56.37 -52.73
CA ILE B 159 -27.21 56.37 -51.28
C ILE B 159 -28.24 55.35 -50.82
N GLY B 160 -29.30 55.14 -51.61
CA GLY B 160 -30.38 54.28 -51.17
C GLY B 160 -30.01 52.81 -51.09
N ARG B 161 -28.98 52.37 -51.81
CA ARG B 161 -28.61 50.97 -51.81
C ARG B 161 -28.04 50.57 -50.44
N ILE B 162 -28.46 49.41 -49.95
CA ILE B 162 -27.80 48.80 -48.80
C ILE B 162 -27.73 47.30 -49.05
N PRO B 163 -26.56 46.64 -48.81
CA PRO B 163 -26.46 45.21 -49.10
C PRO B 163 -26.86 44.34 -47.93
N VAL B 164 -27.74 43.37 -48.17
CA VAL B 164 -28.20 42.44 -47.14
C VAL B 164 -27.60 41.08 -47.41
N ASP B 165 -26.96 40.51 -46.39
CA ASP B 165 -26.45 39.15 -46.50
C ASP B 165 -27.59 38.16 -46.53
N SER B 166 -27.34 36.97 -47.10
CA SER B 166 -28.41 35.96 -47.27
C SER B 166 -27.85 34.55 -47.12
N ILE B 167 -28.71 33.54 -47.16
CA ILE B 167 -28.32 32.11 -47.04
C ILE B 167 -28.93 31.36 -48.22
N TYR B 168 -28.27 31.38 -49.40
CA TYR B 168 -28.78 30.62 -50.54
C TYR B 168 -28.96 29.15 -50.19
N SER B 169 -28.20 28.64 -49.23
CA SER B 169 -28.18 27.21 -48.96
C SER B 169 -29.55 26.76 -48.46
N PRO B 170 -30.17 25.75 -49.07
CA PRO B 170 -31.37 25.18 -48.44
C PRO B 170 -31.12 24.65 -47.05
N VAL B 171 -29.96 24.05 -46.81
CA VAL B 171 -29.63 23.53 -45.49
C VAL B 171 -29.39 24.69 -44.53
N LEU B 172 -29.92 24.57 -43.32
CA LEU B 172 -29.78 25.59 -42.30
C LEU B 172 -28.88 25.16 -41.16
N LYS B 173 -29.08 23.98 -40.58
CA LYS B 173 -28.14 23.48 -39.58
C LYS B 173 -27.90 21.99 -39.80
N VAL B 174 -26.72 21.53 -39.38
CA VAL B 174 -26.22 20.20 -39.66
C VAL B 174 -25.55 19.66 -38.40
N THR B 175 -25.71 18.36 -38.16
CA THR B 175 -25.05 17.70 -37.03
C THR B 175 -24.64 16.30 -37.46
N TYR B 176 -23.33 16.06 -37.52
CA TYR B 176 -22.78 14.78 -37.95
C TYR B 176 -22.00 14.17 -36.78
N LYS B 177 -22.24 12.89 -36.52
CA LYS B 177 -21.53 12.17 -35.47
C LYS B 177 -21.29 10.72 -35.92
N VAL B 178 -20.42 10.04 -35.18
CA VAL B 178 -20.08 8.64 -35.43
C VAL B 178 -20.18 7.89 -34.12
N GLU B 179 -20.77 6.69 -34.16
CA GLU B 179 -20.94 5.89 -32.95
C GLU B 179 -20.68 4.42 -33.28
N ALA B 180 -20.26 3.67 -32.27
CA ALA B 180 -19.85 2.28 -32.46
C ALA B 180 -21.05 1.35 -32.33
N THR B 181 -20.95 0.20 -33.00
CA THR B 181 -22.02 -0.79 -33.00
C THR B 181 -21.43 -2.18 -33.20
N ARG B 182 -22.19 -3.19 -32.81
CA ARG B 182 -21.76 -4.58 -32.89
C ARG B 182 -22.27 -5.20 -34.19
N VAL B 183 -21.36 -5.81 -34.94
CA VAL B 183 -21.70 -6.52 -36.18
C VAL B 183 -20.97 -7.86 -36.11
N GLU B 184 -21.67 -8.90 -35.65
CA GLU B 184 -21.08 -10.23 -35.58
C GLU B 184 -19.82 -10.23 -34.71
N GLN B 185 -20.01 -10.02 -33.41
CA GLN B 185 -18.95 -9.99 -32.40
C GLN B 185 -17.80 -9.03 -32.78
N ARG B 186 -18.10 -8.02 -33.59
CA ARG B 186 -17.15 -6.96 -33.91
C ARG B 186 -17.80 -5.64 -33.55
N THR B 187 -17.32 -5.01 -32.48
CA THR B 187 -17.94 -3.79 -31.94
C THR B 187 -17.22 -2.52 -32.34
N ASP B 188 -15.93 -2.59 -32.70
CA ASP B 188 -15.19 -1.39 -33.05
C ASP B 188 -15.67 -0.78 -34.37
N PHE B 189 -16.52 -1.48 -35.12
CA PHE B 189 -17.13 -0.89 -36.31
C PHE B 189 -17.82 0.42 -35.97
N ASP B 190 -17.85 1.32 -36.94
CA ASP B 190 -18.47 2.63 -36.78
C ASP B 190 -19.81 2.69 -37.52
N LYS B 191 -20.57 3.75 -37.27
CA LYS B 191 -21.87 3.96 -37.87
C LYS B 191 -22.18 5.45 -37.82
N LEU B 192 -22.73 5.99 -38.91
CA LEU B 192 -22.80 7.44 -39.08
C LEU B 192 -24.20 7.98 -38.82
N ILE B 193 -24.25 9.13 -38.13
CA ILE B 193 -25.49 9.82 -37.84
C ILE B 193 -25.38 11.23 -38.41
N VAL B 194 -26.42 11.65 -39.16
CA VAL B 194 -26.46 12.99 -39.72
C VAL B 194 -27.88 13.54 -39.57
N ASP B 195 -28.07 14.46 -38.64
CA ASP B 195 -29.36 15.11 -38.43
C ASP B 195 -29.28 16.54 -38.94
N VAL B 196 -30.22 16.91 -39.80
CA VAL B 196 -30.14 18.18 -40.51
C VAL B 196 -31.50 18.87 -40.52
N GLU B 197 -31.47 20.19 -40.32
CA GLU B 197 -32.62 21.06 -40.53
C GLU B 197 -32.38 21.87 -41.80
N THR B 198 -33.26 21.67 -42.79
CA THR B 198 -33.22 22.31 -44.09
C THR B 198 -34.48 23.13 -44.27
N LYS B 199 -34.33 24.34 -44.83
CA LYS B 199 -35.46 25.24 -44.92
C LYS B 199 -36.49 24.70 -45.91
N GLN B 200 -37.64 25.39 -45.97
CA GLN B 200 -38.82 24.97 -46.71
C GLN B 200 -38.62 24.93 -48.22
N ALA B 201 -37.47 25.29 -48.79
CA ALA B 201 -37.32 25.27 -50.23
C ALA B 201 -37.49 23.86 -50.79
N MET B 202 -36.91 22.87 -50.12
CA MET B 202 -36.93 21.50 -50.60
C MET B 202 -36.55 20.55 -49.48
N ARG B 203 -36.92 19.28 -49.65
CA ARG B 203 -36.72 18.30 -48.60
C ARG B 203 -35.24 17.93 -48.48
N PRO B 204 -34.80 17.46 -47.31
CA PRO B 204 -33.38 17.10 -47.15
C PRO B 204 -32.92 15.98 -48.08
N ARG B 205 -33.81 15.06 -48.47
CA ARG B 205 -33.37 13.96 -49.32
C ARG B 205 -32.89 14.46 -50.69
N ASP B 206 -33.54 15.52 -51.21
CA ASP B 206 -33.04 16.12 -52.44
C ASP B 206 -31.67 16.74 -52.22
N ALA B 207 -31.43 17.31 -51.03
CA ALA B 207 -30.11 17.83 -50.71
C ALA B 207 -29.09 16.70 -50.67
N MET B 208 -29.48 15.54 -50.13
CA MET B 208 -28.61 14.37 -50.19
C MET B 208 -28.29 14.02 -51.64
N ALA B 209 -29.30 14.03 -52.50
CA ALA B 209 -29.07 13.74 -53.91
C ALA B 209 -28.05 14.68 -54.52
N SER B 210 -28.23 15.99 -54.31
CA SER B 210 -27.34 16.97 -54.93
C SER B 210 -25.92 16.86 -54.37
N ALA B 211 -25.79 16.76 -53.04
CA ALA B 211 -24.46 16.62 -52.44
C ALA B 211 -23.77 15.36 -52.93
N GLY B 212 -24.52 14.26 -53.04
CA GLY B 212 -23.95 13.03 -53.57
C GLY B 212 -23.50 13.19 -55.00
N LYS B 213 -24.28 13.89 -55.83
CA LYS B 213 -23.84 14.17 -57.19
C LYS B 213 -22.50 14.90 -57.18
N THR B 214 -22.39 15.96 -56.38
CA THR B 214 -21.16 16.74 -56.36
C THR B 214 -19.98 15.89 -55.91
N LEU B 215 -20.15 15.12 -54.83
CA LEU B 215 -19.04 14.34 -54.32
C LEU B 215 -18.64 13.23 -55.28
N VAL B 216 -19.63 12.55 -55.88
CA VAL B 216 -19.34 11.48 -56.81
C VAL B 216 -18.59 12.02 -58.02
N GLU B 217 -18.97 13.21 -58.50
CA GLU B 217 -18.23 13.82 -59.59
C GLU B 217 -16.80 14.13 -59.18
N LEU B 218 -16.63 14.72 -57.99
CA LEU B 218 -15.31 15.16 -57.57
C LEU B 218 -14.38 14.00 -57.22
N PHE B 219 -14.91 12.80 -56.99
CA PHE B 219 -14.06 11.62 -56.84
C PHE B 219 -13.96 10.77 -58.10
N GLY B 220 -14.93 10.86 -59.01
CA GLY B 220 -14.72 10.30 -60.33
C GLY B 220 -13.61 11.01 -61.07
N LEU B 221 -13.43 12.30 -60.79
CA LEU B 221 -12.30 13.03 -61.37
C LEU B 221 -10.97 12.42 -61.01
N ALA B 222 -10.88 11.65 -59.90
CA ALA B 222 -9.68 10.92 -59.56
C ALA B 222 -9.73 9.46 -59.96
N ARG B 223 -10.92 8.84 -59.94
CA ARG B 223 -11.06 7.47 -60.42
C ARG B 223 -10.75 7.35 -61.90
N GLU B 224 -10.95 8.41 -62.69
CA GLU B 224 -10.74 8.34 -64.13
C GLU B 224 -9.28 8.17 -64.51
N LEU B 225 -8.35 8.33 -63.59
CA LEU B 225 -6.93 8.18 -63.92
C LEU B 225 -6.60 6.78 -64.42
N ASN B 226 -7.37 5.77 -64.04
CA ASN B 226 -7.11 4.39 -64.43
C ASN B 226 -8.35 3.57 -64.09
N ILE B 227 -8.26 2.26 -64.30
CA ILE B 227 -9.28 1.31 -63.87
C ILE B 227 -8.58 0.22 -63.07
N ASP B 228 -8.99 0.05 -61.81
CA ASP B 228 -8.32 -0.82 -60.86
C ASP B 228 -9.29 -1.88 -60.35
N ALA B 229 -8.72 -3.02 -59.98
CA ALA B 229 -9.45 -4.12 -59.36
C ALA B 229 -9.20 -4.04 -57.85
N GLU B 230 -10.05 -3.28 -57.17
CA GLU B 230 -9.90 -3.05 -55.74
C GLU B 230 -10.63 -4.13 -54.92
N GLY B 231 -11.93 -4.29 -55.15
CA GLY B 231 -12.71 -5.31 -54.48
C GLY B 231 -13.62 -4.74 -53.41
N ILE B 232 -14.90 -4.58 -53.75
CA ILE B 232 -15.91 -4.02 -52.85
C ILE B 232 -17.28 -4.45 -53.36
N ASP B 233 -18.26 -4.38 -52.46
CA ASP B 233 -19.63 -4.75 -52.80
C ASP B 233 -19.71 -6.22 -53.20
N ALA C 16 37.65 0.24 -22.30
CA ALA C 16 37.00 -0.39 -23.48
C ALA C 16 36.01 0.57 -24.13
N SER C 17 36.52 1.42 -25.03
CA SER C 17 35.68 2.38 -25.75
C SER C 17 35.18 1.74 -27.06
N THR C 18 34.19 0.87 -26.89
CA THR C 18 33.57 0.13 -27.99
C THR C 18 32.05 0.17 -27.86
N ALA C 19 31.52 1.37 -27.60
CA ALA C 19 30.11 1.58 -27.35
C ALA C 19 29.46 2.34 -28.51
N PRO C 20 28.14 2.19 -28.69
CA PRO C 20 27.47 2.98 -29.73
C PRO C 20 27.57 4.46 -29.43
N LEU C 21 27.65 5.27 -30.49
CA LEU C 21 27.83 6.70 -30.31
C LEU C 21 26.60 7.32 -29.66
N ARG C 22 26.83 8.11 -28.62
CA ARG C 22 25.81 8.92 -27.96
C ARG C 22 26.37 10.33 -27.93
N ILE C 23 25.91 11.20 -28.83
CA ILE C 23 26.44 12.55 -28.87
C ILE C 23 26.14 13.22 -27.54
N SER C 24 27.15 13.87 -26.97
CA SER C 24 27.11 14.33 -25.59
C SER C 24 26.70 15.79 -25.54
N PHE C 25 25.62 16.06 -24.80
CA PHE C 25 25.19 17.43 -24.50
C PHE C 25 25.84 17.95 -23.22
N ALA C 26 26.73 17.17 -22.59
CA ALA C 26 27.31 17.55 -21.32
C ALA C 26 28.10 18.85 -21.45
N LYS C 27 28.40 19.44 -20.29
CA LYS C 27 29.15 20.69 -20.23
C LYS C 27 30.30 20.69 -19.24
N ILE C 28 30.36 19.72 -18.32
CA ILE C 28 31.40 19.67 -17.30
C ILE C 28 31.94 18.25 -17.22
N LYS C 29 33.27 18.12 -17.22
CA LYS C 29 33.92 16.83 -17.07
C LYS C 29 33.96 16.44 -15.60
N GLU C 30 34.52 15.26 -15.32
CA GLU C 30 34.68 14.78 -13.95
C GLU C 30 36.11 14.33 -13.71
N PRO C 31 36.64 14.53 -12.48
CA PRO C 31 37.98 14.00 -12.19
C PRO C 31 38.01 12.48 -12.16
N LEU C 32 37.08 11.88 -11.41
CA LEU C 32 37.04 10.44 -11.19
C LEU C 32 35.80 9.88 -11.86
N GLU C 33 36.00 9.02 -12.86
CA GLU C 33 34.88 8.36 -13.52
C GLU C 33 34.27 7.33 -12.57
N VAL C 34 33.18 6.71 -13.03
CA VAL C 34 32.43 5.77 -12.20
C VAL C 34 33.31 4.56 -11.91
N PRO C 35 33.60 4.25 -10.64
CA PRO C 35 34.36 3.02 -10.35
C PRO C 35 33.50 1.79 -10.53
N ASN C 36 34.04 0.62 -10.17
CA ASN C 36 33.28 -0.62 -10.28
C ASN C 36 31.93 -0.48 -9.58
N LEU C 37 30.96 -1.27 -10.06
CA LEU C 37 29.60 -1.19 -9.57
C LEU C 37 29.21 -2.31 -8.62
N LEU C 38 29.97 -3.41 -8.58
CA LEU C 38 29.62 -4.57 -7.78
C LEU C 38 30.79 -5.03 -6.91
N ALA C 39 31.73 -4.12 -6.62
CA ALA C 39 32.81 -4.45 -5.70
C ALA C 39 32.29 -4.86 -4.33
N LEU C 40 31.11 -4.36 -3.96
CA LEU C 40 30.52 -4.50 -2.63
C LEU C 40 30.30 -5.95 -2.21
N GLN C 41 30.23 -6.89 -3.15
CA GLN C 41 30.15 -8.32 -2.85
C GLN C 41 31.49 -9.01 -3.04
N THR C 42 32.12 -8.80 -4.19
CA THR C 42 33.30 -9.58 -4.55
C THR C 42 34.48 -9.28 -3.62
N GLU C 43 34.71 -8.00 -3.29
CA GLU C 43 35.88 -7.72 -2.46
C GLU C 43 35.71 -8.32 -1.06
N SER C 44 34.50 -8.21 -0.49
CA SER C 44 34.26 -8.78 0.83
C SER C 44 34.41 -10.29 0.81
N PHE C 45 33.87 -10.96 -0.21
CA PHE C 45 34.02 -12.42 -0.24
C PHE C 45 35.46 -12.84 -0.51
N ASP C 46 36.21 -12.07 -1.30
CA ASP C 46 37.63 -12.33 -1.45
C ASP C 46 38.33 -12.24 -0.10
N TRP C 47 37.98 -11.24 0.70
CA TRP C 47 38.54 -11.16 2.04
C TRP C 47 38.19 -12.40 2.85
N LEU C 48 36.94 -12.84 2.76
CA LEU C 48 36.52 -14.00 3.55
C LEU C 48 37.32 -15.23 3.16
N LEU C 49 37.18 -15.69 1.92
CA LEU C 49 37.88 -16.90 1.51
C LEU C 49 39.37 -16.67 1.29
N GLY C 50 39.78 -15.44 1.03
CA GLY C 50 41.19 -15.12 0.90
C GLY C 50 41.90 -15.79 -0.25
N ASN C 51 41.34 -15.69 -1.45
CA ASN C 51 41.96 -16.25 -2.63
C ASN C 51 43.09 -15.33 -3.09
N ASP C 52 43.65 -15.60 -4.28
CA ASP C 52 44.77 -14.80 -4.75
C ASP C 52 44.37 -13.35 -4.99
N ALA C 53 43.13 -13.11 -5.43
CA ALA C 53 42.68 -11.73 -5.62
C ALA C 53 42.74 -10.97 -4.31
N TRP C 54 42.38 -11.61 -3.20
CA TRP C 54 42.49 -10.95 -1.90
C TRP C 54 43.92 -10.55 -1.63
N LYS C 55 44.88 -11.45 -1.88
CA LYS C 55 46.26 -11.14 -1.60
C LYS C 55 46.77 -9.99 -2.47
N ALA C 56 46.41 -10.00 -3.76
CA ALA C 56 46.81 -8.91 -4.63
C ALA C 56 46.24 -7.58 -4.14
N ARG C 57 44.95 -7.56 -3.78
CA ARG C 57 44.35 -6.33 -3.29
C ARG C 57 44.98 -5.89 -1.98
N VAL C 58 45.34 -6.84 -1.11
CA VAL C 58 45.95 -6.49 0.16
C VAL C 58 47.32 -5.87 -0.07
N GLU C 59 48.12 -6.45 -0.97
CA GLU C 59 49.42 -5.86 -1.27
C GLU C 59 49.25 -4.47 -1.87
N SER C 60 48.27 -4.30 -2.77
CA SER C 60 48.03 -2.99 -3.35
C SER C 60 47.65 -1.97 -2.28
N ALA C 61 46.78 -2.36 -1.35
CA ALA C 61 46.40 -1.47 -0.26
C ALA C 61 47.59 -1.14 0.62
N LEU C 62 48.43 -2.13 0.93
CA LEU C 62 49.59 -1.88 1.78
C LEU C 62 50.55 -0.91 1.13
N GLU C 63 50.90 -1.14 -0.14
CA GLU C 63 51.82 -0.23 -0.81
C GLU C 63 51.19 1.15 -1.01
N SER C 64 49.87 1.21 -1.16
CA SER C 64 49.15 2.47 -1.23
C SER C 64 48.69 2.97 0.14
N GLY C 65 48.86 2.17 1.19
CA GLY C 65 48.49 2.58 2.53
C GLY C 65 47.01 2.85 2.71
N GLN C 66 46.19 1.92 2.22
CA GLN C 66 44.74 2.03 2.33
C GLN C 66 44.24 1.23 3.53
N ASP C 67 42.94 1.35 3.80
CA ASP C 67 42.28 0.67 4.93
C ASP C 67 41.66 -0.61 4.39
N VAL C 68 42.25 -1.75 4.75
CA VAL C 68 41.71 -3.06 4.37
C VAL C 68 41.88 -4.03 5.51
N PRO C 69 41.05 -5.07 5.56
CA PRO C 69 41.23 -6.12 6.56
C PRO C 69 42.43 -6.99 6.20
N THR C 70 43.41 -7.05 7.10
CA THR C 70 44.67 -7.69 6.78
C THR C 70 44.56 -9.21 6.75
N LYS C 71 43.68 -9.79 7.56
CA LYS C 71 43.59 -11.24 7.71
C LYS C 71 42.18 -11.72 7.37
N SER C 72 42.12 -12.92 6.80
CA SER C 72 40.88 -13.46 6.27
C SER C 72 39.90 -13.83 7.38
N GLY C 73 38.62 -13.76 7.05
CA GLY C 73 37.59 -14.03 8.05
C GLY C 73 37.67 -15.44 8.61
N LEU C 74 37.78 -16.43 7.73
CA LEU C 74 37.84 -17.81 8.19
C LEU C 74 39.12 -18.10 8.98
N GLU C 75 40.22 -17.43 8.66
CA GLU C 75 41.43 -17.62 9.46
C GLU C 75 41.21 -17.15 10.90
N GLU C 76 40.61 -15.98 11.09
CA GLU C 76 40.31 -15.53 12.44
C GLU C 76 39.31 -16.46 13.12
N ILE C 77 38.28 -16.90 12.37
CA ILE C 77 37.23 -17.70 13.00
C ILE C 77 37.78 -19.04 13.47
N PHE C 78 38.73 -19.62 12.73
CA PHE C 78 39.35 -20.85 13.17
C PHE C 78 40.44 -20.62 14.21
N GLU C 79 41.05 -19.44 14.24
CA GLU C 79 41.99 -19.11 15.31
C GLU C 79 41.27 -18.98 16.64
N GLU C 80 40.07 -18.40 16.64
CA GLU C 80 39.35 -18.12 17.88
C GLU C 80 39.04 -19.41 18.63
N ILE C 81 38.58 -20.43 17.92
CA ILE C 81 38.06 -21.65 18.55
C ILE C 81 39.13 -22.74 18.51
N SER C 82 40.37 -22.36 18.28
CA SER C 82 41.42 -23.36 18.04
C SER C 82 41.85 -24.05 19.33
N PRO C 83 42.37 -23.33 20.33
CA PRO C 83 43.00 -24.00 21.47
C PRO C 83 41.99 -24.43 22.53
N ILE C 84 41.34 -25.57 22.33
CA ILE C 84 40.31 -26.06 23.23
C ILE C 84 40.89 -27.19 24.06
N GLU C 85 40.66 -27.13 25.38
CA GLU C 85 41.25 -28.09 26.31
C GLU C 85 40.21 -28.45 27.37
N ASP C 86 40.55 -29.47 28.16
CA ASP C 86 39.65 -29.96 29.20
C ASP C 86 39.94 -29.23 30.52
N PHE C 87 39.28 -29.69 31.59
CA PHE C 87 39.47 -29.07 32.90
C PHE C 87 40.92 -29.15 33.37
N SER C 88 41.67 -30.12 32.86
CA SER C 88 43.04 -30.36 33.29
C SER C 88 44.08 -30.00 32.25
N GLY C 89 43.66 -29.81 30.99
CA GLY C 89 44.63 -29.57 29.93
C GLY C 89 45.37 -30.80 29.49
N SER C 90 44.96 -31.99 29.93
CA SER C 90 45.62 -33.23 29.55
C SER C 90 45.57 -33.43 28.04
N MET C 91 44.36 -33.61 27.51
CA MET C 91 44.19 -33.79 26.08
C MET C 91 43.69 -32.50 25.45
N SER C 92 44.23 -32.15 24.29
CA SER C 92 43.98 -30.85 23.67
C SER C 92 43.82 -31.02 22.16
N LEU C 93 42.98 -30.16 21.60
CA LEU C 93 42.70 -30.10 20.17
C LEU C 93 42.97 -28.70 19.66
N THR C 94 43.58 -28.60 18.48
CA THR C 94 43.95 -27.30 17.93
C THR C 94 43.89 -27.33 16.41
N PHE C 95 43.17 -26.38 15.83
CA PHE C 95 43.07 -26.25 14.39
C PHE C 95 44.14 -25.29 13.87
N ARG C 96 44.28 -25.26 12.54
CA ARG C 96 45.38 -24.55 11.89
C ARG C 96 44.95 -23.97 10.55
N ASP C 97 45.89 -23.65 9.68
CA ASP C 97 45.64 -22.95 8.42
C ASP C 97 44.61 -23.68 7.56
N HIS C 98 44.20 -22.99 6.49
CA HIS C 98 43.08 -23.39 5.66
C HIS C 98 43.52 -23.60 4.22
N ARG C 99 42.90 -24.57 3.55
CA ARG C 99 43.18 -24.88 2.16
C ARG C 99 41.88 -25.11 1.42
N PHE C 100 41.92 -24.88 0.09
CA PHE C 100 40.74 -25.02 -0.75
C PHE C 100 41.05 -25.90 -1.95
N GLU C 101 40.04 -26.67 -2.35
CA GLU C 101 40.01 -27.59 -3.46
C GLU C 101 38.97 -27.13 -4.48
N PRO C 102 39.25 -27.24 -5.81
CA PRO C 102 38.34 -26.74 -6.84
C PRO C 102 37.01 -27.48 -6.77
N PRO C 103 35.90 -26.92 -7.29
CA PRO C 103 34.59 -27.56 -7.13
C PRO C 103 34.47 -28.83 -7.95
N LYS C 104 33.51 -29.67 -7.53
CA LYS C 104 33.16 -30.85 -8.29
C LYS C 104 32.17 -30.54 -9.43
N ASN C 105 31.70 -29.31 -9.52
CA ASN C 105 30.68 -28.92 -10.48
C ASN C 105 31.07 -27.60 -11.15
N SER C 106 30.30 -27.22 -12.16
CA SER C 106 30.40 -25.92 -12.80
C SER C 106 29.13 -25.13 -12.53
N ILE C 107 29.20 -23.82 -12.76
CA ILE C 107 28.10 -22.93 -12.39
C ILE C 107 26.84 -23.31 -13.15
N ASP C 108 26.95 -23.46 -14.46
CA ASP C 108 25.80 -23.88 -15.26
C ASP C 108 25.36 -25.29 -14.89
N GLU C 109 26.32 -26.19 -14.62
CA GLU C 109 25.97 -27.53 -14.18
C GLU C 109 25.14 -27.47 -12.90
N CYS C 110 25.59 -26.66 -11.94
CA CYS C 110 24.84 -26.51 -10.70
C CYS C 110 23.45 -25.96 -10.96
N LYS C 111 23.36 -24.94 -11.81
CA LYS C 111 22.07 -24.29 -12.06
C LYS C 111 21.09 -25.26 -12.69
N ASP C 112 21.53 -26.07 -13.64
CA ASP C 112 20.64 -26.94 -14.39
C ASP C 112 20.58 -28.36 -13.85
N ARG C 113 21.28 -28.66 -12.75
CA ARG C 113 21.22 -29.99 -12.14
C ARG C 113 20.82 -29.94 -10.67
N ASP C 114 20.25 -28.83 -10.21
CA ASP C 114 19.76 -28.69 -8.84
C ASP C 114 20.87 -28.82 -7.80
N PHE C 115 22.13 -28.71 -8.22
CA PHE C 115 23.26 -28.73 -7.31
C PHE C 115 23.46 -27.31 -6.76
N THR C 116 24.55 -27.11 -6.01
CA THR C 116 24.90 -25.80 -5.48
C THR C 116 26.38 -25.56 -5.72
N TYR C 117 26.76 -24.28 -5.82
CA TYR C 117 28.15 -23.93 -6.02
C TYR C 117 28.92 -24.12 -4.71
N ALA C 118 29.46 -25.33 -4.52
CA ALA C 118 30.12 -25.72 -3.29
C ALA C 118 31.57 -26.09 -3.54
N ALA C 119 32.40 -25.89 -2.52
CA ALA C 119 33.82 -26.23 -2.60
C ALA C 119 34.26 -26.76 -1.24
N PRO C 120 34.95 -27.89 -1.15
CA PRO C 120 35.37 -28.39 0.16
C PRO C 120 36.49 -27.55 0.76
N LEU C 121 36.48 -27.45 2.09
CA LEU C 121 37.48 -26.71 2.84
C LEU C 121 38.29 -27.68 3.69
N PHE C 122 39.60 -27.41 3.80
CA PHE C 122 40.53 -28.30 4.48
C PHE C 122 41.24 -27.53 5.60
N VAL C 123 41.45 -28.20 6.74
CA VAL C 123 42.27 -27.66 7.82
C VAL C 123 43.20 -28.76 8.29
N THR C 124 44.37 -28.36 8.78
CA THR C 124 45.35 -29.30 9.32
C THR C 124 45.21 -29.32 10.84
N ALA C 125 44.23 -30.08 11.32
CA ALA C 125 43.96 -30.16 12.74
C ALA C 125 45.06 -30.92 13.46
N GLU C 126 45.04 -30.84 14.79
CA GLU C 126 46.07 -31.48 15.61
C GLU C 126 45.48 -31.89 16.95
N PHE C 127 45.81 -33.10 17.38
CA PHE C 127 45.54 -33.61 18.72
C PHE C 127 46.84 -33.77 19.49
N THR C 128 46.80 -33.45 20.78
CA THR C 128 48.02 -33.48 21.57
C THR C 128 47.77 -33.73 23.06
N ASN C 129 48.65 -34.51 23.68
CA ASN C 129 48.62 -34.75 25.12
C ASN C 129 49.82 -34.08 25.77
N ASN C 130 49.56 -33.30 26.81
CA ASN C 130 50.65 -32.56 27.47
C ASN C 130 51.65 -33.52 28.10
N GLU C 131 51.18 -34.54 28.80
CA GLU C 131 52.09 -35.46 29.47
C GLU C 131 52.74 -36.45 28.50
N THR C 132 52.04 -36.81 27.42
CA THR C 132 52.62 -37.72 26.44
C THR C 132 53.65 -37.00 25.57
N GLY C 133 53.41 -35.75 25.24
CA GLY C 133 54.29 -35.02 24.35
C GLY C 133 54.12 -35.35 22.89
N GLU C 134 53.11 -36.13 22.53
CA GLU C 134 52.88 -36.53 21.14
C GLU C 134 51.84 -35.61 20.51
N ILE C 135 52.12 -35.18 19.28
CA ILE C 135 51.19 -34.37 18.49
C ILE C 135 50.76 -35.19 17.30
N LYS C 136 49.45 -35.43 17.20
CA LYS C 136 48.87 -36.25 16.14
C LYS C 136 48.29 -35.32 15.08
N SER C 137 49.17 -34.80 14.22
CA SER C 137 48.73 -33.90 13.15
C SER C 137 47.89 -34.67 12.14
N GLN C 138 46.86 -34.00 11.63
CA GLN C 138 45.94 -34.62 10.68
C GLN C 138 45.27 -33.53 9.87
N THR C 139 44.66 -33.94 8.76
CA THR C 139 43.92 -33.04 7.88
C THR C 139 42.50 -33.58 7.72
N VAL C 140 41.51 -32.74 8.03
CA VAL C 140 40.11 -33.12 7.96
C VAL C 140 39.37 -32.07 7.14
N PHE C 141 38.48 -32.52 6.27
CA PHE C 141 37.71 -31.58 5.46
C PHE C 141 36.68 -30.85 6.31
N MET C 142 36.66 -29.54 6.18
CA MET C 142 35.70 -28.68 6.88
C MET C 142 34.48 -28.41 6.02
N GLY C 143 33.84 -29.48 5.55
CA GLY C 143 32.60 -29.37 4.80
C GLY C 143 32.73 -28.58 3.52
N ASP C 144 31.60 -28.41 2.84
CA ASP C 144 31.52 -27.78 1.53
C ASP C 144 31.02 -26.35 1.70
N PHE C 145 31.95 -25.40 1.70
CA PHE C 145 31.60 -24.00 1.81
C PHE C 145 31.05 -23.49 0.47
N PRO C 146 30.07 -22.59 0.47
CA PRO C 146 29.61 -22.03 -0.80
C PRO C 146 30.46 -20.85 -1.25
N LEU C 147 30.58 -20.70 -2.57
CA LEU C 147 31.33 -19.63 -3.19
C LEU C 147 30.40 -18.74 -4.03
N MET C 148 30.96 -17.64 -4.51
CA MET C 148 30.24 -16.71 -5.37
C MET C 148 30.69 -16.88 -6.82
N THR C 149 29.89 -16.34 -7.73
CA THR C 149 30.28 -16.26 -9.13
C THR C 149 31.09 -15.00 -9.35
N ASN C 150 31.56 -14.80 -10.58
CA ASN C 150 32.26 -13.56 -10.92
C ASN C 150 31.32 -12.37 -10.80
N LYS C 151 30.02 -12.59 -11.02
CA LYS C 151 29.05 -11.50 -10.99
C LYS C 151 29.03 -10.82 -9.63
N GLY C 152 28.85 -11.60 -8.56
CA GLY C 152 28.71 -11.07 -7.23
C GLY C 152 27.60 -11.74 -6.45
N THR C 153 26.82 -12.58 -7.10
CA THR C 153 25.72 -13.28 -6.45
C THR C 153 26.25 -14.54 -5.77
N PHE C 154 25.34 -15.36 -5.24
CA PHE C 154 25.66 -16.64 -4.63
C PHE C 154 24.71 -17.67 -5.21
N VAL C 155 25.25 -18.77 -5.72
CA VAL C 155 24.39 -19.81 -6.29
C VAL C 155 24.08 -20.83 -5.20
N ILE C 156 22.78 -21.02 -4.92
CA ILE C 156 22.33 -21.97 -3.92
C ILE C 156 21.10 -22.70 -4.45
N ASN C 157 21.13 -24.04 -4.35
CA ASN C 157 19.94 -24.88 -4.52
C ASN C 157 19.23 -24.58 -5.84
N GLY C 158 20.00 -24.40 -6.92
CA GLY C 158 19.43 -24.23 -8.23
C GLY C 158 18.95 -22.83 -8.55
N THR C 159 19.15 -21.86 -7.66
CA THR C 159 18.79 -20.48 -7.90
C THR C 159 19.98 -19.59 -7.55
N GLU C 160 19.87 -18.32 -7.91
CA GLU C 160 20.81 -17.32 -7.45
C GLU C 160 20.23 -16.62 -6.22
N ARG C 161 21.11 -15.94 -5.50
CA ARG C 161 20.72 -15.21 -4.29
C ARG C 161 21.74 -14.11 -4.07
N VAL C 162 21.38 -13.16 -3.21
CA VAL C 162 22.28 -12.09 -2.82
C VAL C 162 22.16 -11.88 -1.33
N VAL C 163 23.29 -11.65 -0.67
CA VAL C 163 23.32 -11.24 0.73
C VAL C 163 23.53 -9.73 0.73
N VAL C 164 22.56 -8.99 1.25
CA VAL C 164 22.63 -7.54 1.18
C VAL C 164 23.63 -7.02 2.22
N SER C 165 24.07 -5.78 2.00
CA SER C 165 24.65 -5.02 3.10
C SER C 165 23.57 -4.76 4.15
N GLN C 166 24.00 -4.53 5.38
CA GLN C 166 23.09 -4.23 6.46
C GLN C 166 23.36 -2.83 6.99
N LEU C 167 22.51 -2.39 7.91
CA LEU C 167 22.64 -1.09 8.55
C LEU C 167 22.02 -1.23 9.94
N VAL C 168 22.88 -1.45 10.94
CA VAL C 168 22.43 -1.61 12.32
C VAL C 168 23.31 -0.76 13.22
N ARG C 169 22.75 -0.29 14.33
CA ARG C 169 23.48 0.64 15.19
C ARG C 169 24.78 0.01 15.67
N SER C 170 25.85 0.81 15.67
CA SER C 170 27.14 0.31 16.08
C SER C 170 27.15 0.02 17.57
N PRO C 171 28.07 -0.82 18.04
CA PRO C 171 28.14 -1.11 19.48
C PRO C 171 29.01 -0.12 20.22
N GLY C 172 28.65 0.12 21.48
CA GLY C 172 29.40 1.06 22.31
C GLY C 172 28.55 1.70 23.39
N VAL C 173 28.59 3.02 23.48
CA VAL C 173 27.87 3.78 24.49
C VAL C 173 27.03 4.84 23.78
N TYR C 174 25.87 5.17 24.37
CA TYR C 174 24.91 6.13 23.76
C TYR C 174 24.29 7.02 24.84
N PHE C 175 24.56 8.32 24.81
CA PHE C 175 24.07 9.28 25.79
C PHE C 175 22.83 9.98 25.24
N ASP C 176 21.74 9.92 26.00
CA ASP C 176 20.47 10.50 25.61
C ASP C 176 19.99 11.47 26.68
N SER C 177 19.45 12.61 26.25
CA SER C 177 18.94 13.65 27.14
C SER C 177 17.43 13.76 26.91
N SER C 178 16.65 13.12 27.77
CA SER C 178 15.20 13.07 27.62
C SER C 178 14.54 14.00 28.62
N ILE C 179 13.22 14.18 28.44
CA ILE C 179 12.43 15.10 29.25
C ILE C 179 11.33 14.29 29.93
N ASP C 180 11.25 14.42 31.26
CA ASP C 180 10.16 13.85 32.04
C ASP C 180 9.04 14.87 32.16
N LYS C 181 7.84 14.45 31.76
CA LYS C 181 6.69 15.33 31.60
C LYS C 181 6.03 15.69 32.92
N THR C 182 5.70 14.69 33.75
CA THR C 182 5.02 14.97 35.00
C THR C 182 5.90 15.78 35.94
N SER C 183 7.18 15.40 36.04
CA SER C 183 8.13 16.18 36.83
C SER C 183 8.62 17.42 36.09
N ASP C 184 8.50 17.45 34.76
CA ASP C 184 8.98 18.57 33.94
C ASP C 184 10.46 18.81 34.24
N LYS C 185 11.27 17.81 33.85
CA LYS C 185 12.69 17.81 34.20
C LYS C 185 13.49 17.21 33.06
N ASP C 186 14.79 17.45 33.09
CA ASP C 186 15.74 16.95 32.08
C ASP C 186 16.50 15.78 32.65
N ILE C 187 16.09 14.56 32.29
CA ILE C 187 16.74 13.34 32.72
C ILE C 187 17.78 12.96 31.67
N PHE C 188 18.81 12.22 32.07
CA PHE C 188 19.82 11.74 31.13
C PHE C 188 20.05 10.26 31.35
N SER C 189 20.38 9.56 30.27
CA SER C 189 20.52 8.11 30.30
C SER C 189 21.69 7.70 29.41
N ALA C 190 22.67 7.01 29.98
CA ALA C 190 23.74 6.39 29.22
C ALA C 190 23.42 4.91 29.06
N LYS C 191 23.08 4.52 27.83
CA LYS C 191 22.82 3.13 27.49
C LYS C 191 24.03 2.57 26.78
N ILE C 192 24.63 1.54 27.37
CA ILE C 192 25.80 0.88 26.80
C ILE C 192 25.34 -0.41 26.15
N ILE C 193 25.49 -0.47 24.84
CA ILE C 193 25.09 -1.60 24.02
C ILE C 193 26.36 -2.35 23.63
N PRO C 194 26.77 -3.37 24.40
CA PRO C 194 27.96 -4.15 23.99
C PRO C 194 27.68 -5.06 22.81
N SER C 195 28.66 -5.87 22.44
CA SER C 195 28.56 -6.72 21.25
C SER C 195 27.74 -7.98 21.54
N ARG C 196 28.22 -8.81 22.48
CA ARG C 196 27.63 -10.11 22.73
C ARG C 196 26.97 -10.25 24.10
N GLY C 197 27.46 -9.55 25.11
CA GLY C 197 26.97 -9.76 26.47
C GLY C 197 25.65 -9.07 26.75
N ALA C 198 25.52 -8.52 27.96
CA ALA C 198 24.28 -7.90 28.41
C ALA C 198 24.44 -6.39 28.43
N TRP C 199 23.33 -5.69 28.19
CA TRP C 199 23.35 -4.25 28.11
C TRP C 199 23.53 -3.62 29.49
N LEU C 200 23.89 -2.35 29.50
CA LEU C 200 24.00 -1.55 30.71
C LEU C 200 23.17 -0.29 30.56
N GLU C 201 22.46 0.10 31.63
CA GLU C 201 21.74 1.37 31.67
C GLU C 201 22.24 2.15 32.87
N MET C 202 22.46 3.45 32.68
CA MET C 202 22.92 4.33 33.76
C MET C 202 22.15 5.64 33.67
N GLU C 203 21.22 5.84 34.60
CA GLU C 203 20.30 6.96 34.57
C GLU C 203 20.68 7.99 35.62
N ILE C 204 20.63 9.26 35.26
CA ILE C 204 20.97 10.36 36.15
C ILE C 204 19.94 11.48 36.00
N ASP C 205 19.85 12.28 37.06
CA ASP C 205 19.05 13.50 37.11
C ASP C 205 17.56 13.25 37.26
N LYS C 206 17.16 12.01 37.57
CA LYS C 206 15.76 11.79 37.92
C LYS C 206 15.43 12.45 39.26
N ARG C 207 16.28 12.22 40.27
CA ARG C 207 16.18 12.89 41.55
C ARG C 207 17.59 13.19 42.09
N ASP C 208 18.54 13.44 41.20
CA ASP C 208 19.96 13.56 41.50
C ASP C 208 20.56 12.25 42.00
N MET C 209 19.85 11.13 41.83
CA MET C 209 20.26 9.83 42.32
C MET C 209 20.72 9.01 41.12
N VAL C 210 22.02 9.06 40.82
CA VAL C 210 22.55 8.29 39.70
C VAL C 210 22.40 6.81 40.03
N GLY C 211 21.87 6.04 39.09
CA GLY C 211 21.65 4.63 39.31
C GLY C 211 21.96 3.82 38.07
N VAL C 212 22.12 2.51 38.28
CA VAL C 212 22.51 1.59 37.22
C VAL C 212 21.49 0.46 37.17
N ARG C 213 20.99 0.18 35.98
CA ARG C 213 20.12 -0.96 35.72
C ARG C 213 20.87 -1.96 34.85
N ILE C 214 20.74 -3.24 35.20
CA ILE C 214 21.39 -4.33 34.50
C ILE C 214 20.38 -5.44 34.26
N ASP C 215 20.48 -6.09 33.10
CA ASP C 215 19.63 -7.19 32.69
C ASP C 215 18.18 -6.76 32.55
N ARG C 216 17.92 -5.45 32.49
CA ARG C 216 16.56 -4.91 32.39
C ARG C 216 15.75 -5.27 33.63
N LYS C 217 16.24 -4.80 34.78
CA LYS C 217 15.53 -4.94 36.05
C LYS C 217 15.53 -3.61 36.78
N ARG C 218 14.99 -3.59 38.00
CA ARG C 218 14.91 -2.34 38.76
C ARG C 218 16.30 -1.76 38.96
N LYS C 219 16.40 -0.44 38.76
CA LYS C 219 17.68 0.24 38.81
C LYS C 219 18.27 0.19 40.21
N GLN C 220 19.60 0.22 40.27
CA GLN C 220 20.34 0.16 41.53
C GLN C 220 21.26 1.38 41.64
N SER C 221 21.45 1.84 42.88
CA SER C 221 22.38 2.92 43.13
C SER C 221 23.77 2.56 42.60
N VAL C 222 24.41 3.54 41.95
CA VAL C 222 25.71 3.29 41.34
C VAL C 222 26.73 2.86 42.37
N THR C 223 26.78 3.57 43.51
CA THR C 223 27.82 3.29 44.49
C THR C 223 27.75 1.87 45.05
N VAL C 224 26.59 1.23 44.98
CA VAL C 224 26.49 -0.17 45.40
C VAL C 224 27.39 -1.05 44.54
N LEU C 225 27.34 -0.85 43.22
CA LEU C 225 28.23 -1.59 42.33
C LEU C 225 29.65 -1.04 42.37
N LEU C 226 29.81 0.25 42.62
CA LEU C 226 31.15 0.82 42.76
C LEU C 226 31.87 0.21 43.94
N LYS C 227 31.13 -0.22 44.97
CA LYS C 227 31.73 -1.01 46.03
C LYS C 227 31.93 -2.45 45.62
N ALA C 228 31.06 -2.98 44.75
CA ALA C 228 31.23 -4.34 44.26
C ALA C 228 32.56 -4.53 43.54
N LEU C 229 33.09 -3.48 42.92
CA LEU C 229 34.42 -3.48 42.33
C LEU C 229 35.41 -2.93 43.34
N GLY C 230 36.64 -2.71 42.89
CA GLY C 230 37.72 -2.33 43.78
C GLY C 230 37.70 -0.90 44.29
N TRP C 231 36.58 -0.21 44.10
CA TRP C 231 36.40 1.14 44.61
C TRP C 231 35.62 1.10 45.92
N THR C 232 35.86 2.09 46.77
CA THR C 232 35.19 2.20 48.07
C THR C 232 34.97 3.67 48.39
N THR C 233 34.36 3.92 49.55
CA THR C 233 33.97 5.28 49.91
C THR C 233 35.18 6.21 50.01
N GLU C 234 36.31 5.72 50.53
CA GLU C 234 37.43 6.60 50.84
C GLU C 234 37.94 7.32 49.59
N GLN C 235 38.24 6.56 48.54
CA GLN C 235 38.68 7.20 47.30
C GLN C 235 37.54 7.90 46.57
N ILE C 236 36.29 7.57 46.88
CA ILE C 236 35.18 8.36 46.35
C ILE C 236 35.24 9.78 46.91
N LEU C 237 35.50 9.91 48.22
CA LEU C 237 35.74 11.24 48.78
C LEU C 237 37.00 11.86 48.18
N GLU C 238 38.06 11.06 48.03
CA GLU C 238 39.35 11.61 47.59
C GLU C 238 39.26 12.22 46.21
N GLU C 239 38.74 11.47 45.24
CA GLU C 239 38.81 11.85 43.83
C GLU C 239 37.58 12.63 43.36
N PHE C 240 36.38 12.04 43.49
CA PHE C 240 35.16 12.63 42.96
C PHE C 240 34.42 13.46 44.00
N GLY C 241 35.15 14.07 44.93
CA GLY C 241 34.53 14.89 45.95
C GLY C 241 34.31 16.32 45.52
N GLU C 242 33.83 16.53 44.30
CA GLU C 242 33.61 17.86 43.76
C GLU C 242 32.27 18.05 43.07
N TYR C 243 31.63 17.00 42.58
CA TYR C 243 30.35 17.09 41.88
C TYR C 243 29.23 16.66 42.84
N GLU C 244 28.29 17.57 43.09
CA GLU C 244 27.41 17.43 44.24
C GLU C 244 26.48 16.23 44.13
N SER C 245 26.06 15.87 42.92
CA SER C 245 25.11 14.77 42.77
C SER C 245 25.70 13.45 43.25
N MET C 246 26.97 13.20 42.93
CA MET C 246 27.61 11.98 43.41
C MET C 246 27.75 12.01 44.91
N ARG C 247 27.98 13.17 45.50
CA ARG C 247 28.07 13.26 46.96
C ARG C 247 26.72 12.95 47.59
N ALA C 248 25.64 13.46 46.99
CA ALA C 248 24.30 13.14 47.49
C ALA C 248 24.03 11.65 47.38
N THR C 249 24.44 11.03 46.28
CA THR C 249 24.30 9.58 46.16
C THR C 249 25.09 8.85 47.23
N LEU C 250 26.29 9.35 47.55
CA LEU C 250 27.05 8.77 48.66
C LEU C 250 26.29 8.91 49.97
N GLU C 251 25.60 10.03 50.17
CA GLU C 251 24.74 10.15 51.35
C GLU C 251 23.65 9.09 51.31
N LYS C 252 23.10 8.82 50.12
CA LYS C 252 22.10 7.76 49.97
C LYS C 252 22.68 6.38 50.21
N ASP C 253 24.01 6.22 50.17
CA ASP C 253 24.62 4.92 50.37
C ASP C 253 24.30 4.39 51.76
N HIS C 254 24.14 3.06 51.86
CA HIS C 254 23.82 2.39 53.11
C HIS C 254 24.91 1.39 53.50
N THR C 255 25.35 0.54 52.58
CA THR C 255 26.27 -0.54 52.89
C THR C 255 27.69 -0.18 52.49
N GLN C 256 28.65 -0.90 53.07
CA GLN C 256 30.06 -0.74 52.79
C GLN C 256 30.72 -2.12 52.72
N GLY C 257 31.83 -2.19 52.00
CA GLY C 257 32.55 -3.43 51.84
C GLY C 257 32.25 -4.14 50.54
N GLN C 258 33.28 -4.56 49.83
CA GLN C 258 33.07 -5.21 48.53
C GLN C 258 32.29 -6.50 48.69
N ASP C 259 32.59 -7.28 49.73
CA ASP C 259 31.84 -8.52 49.96
C ASP C 259 30.36 -8.23 50.20
N ASP C 260 30.05 -7.18 50.97
CA ASP C 260 28.66 -6.80 51.16
C ASP C 260 28.00 -6.39 49.85
N ALA C 261 28.74 -5.66 49.01
CA ALA C 261 28.19 -5.27 47.71
C ALA C 261 27.87 -6.50 46.87
N LEU C 262 28.79 -7.46 46.80
CA LEU C 262 28.54 -8.68 46.06
C LEU C 262 27.36 -9.45 46.65
N LEU C 263 27.28 -9.50 47.97
CA LEU C 263 26.15 -10.16 48.64
C LEU C 263 24.83 -9.57 48.18
N ASP C 264 24.70 -8.25 48.28
CA ASP C 264 23.41 -7.63 47.99
C ASP C 264 23.08 -7.69 46.49
N ILE C 265 24.08 -7.55 45.62
CA ILE C 265 23.76 -7.63 44.20
C ILE C 265 23.32 -9.05 43.84
N TYR C 266 23.99 -10.07 44.36
CA TYR C 266 23.55 -11.43 44.06
C TYR C 266 22.18 -11.70 44.67
N ARG C 267 21.87 -11.06 45.81
CA ARG C 267 20.53 -11.19 46.36
C ARG C 267 19.49 -10.64 45.39
N LYS C 268 19.71 -9.42 44.89
CA LYS C 268 18.68 -8.78 44.07
C LYS C 268 18.58 -9.42 42.68
N LEU C 269 19.71 -9.63 42.00
CA LEU C 269 19.66 -10.22 40.67
C LEU C 269 19.22 -11.68 40.72
N ARG C 270 19.62 -12.42 41.76
CA ARG C 270 19.29 -13.84 41.89
C ARG C 270 18.63 -14.05 43.26
N PRO C 271 17.36 -13.71 43.39
CA PRO C 271 16.66 -13.93 44.66
C PRO C 271 16.39 -15.41 44.91
N GLY C 272 16.26 -15.74 46.20
CA GLY C 272 15.94 -17.10 46.60
C GLY C 272 17.08 -18.09 46.43
N GLU C 273 18.32 -17.60 46.39
CA GLU C 273 19.49 -18.46 46.25
C GLU C 273 20.55 -18.05 47.26
N PRO C 274 21.44 -18.96 47.65
CA PRO C 274 22.45 -18.62 48.66
C PRO C 274 23.42 -17.58 48.13
N PRO C 275 23.47 -16.38 48.72
CA PRO C 275 24.42 -15.37 48.25
C PRO C 275 25.81 -15.65 48.81
N THR C 276 26.76 -15.89 47.92
CA THR C 276 28.13 -16.24 48.29
C THR C 276 29.11 -15.41 47.46
N ARG C 277 30.35 -15.37 47.93
CA ARG C 277 31.39 -14.66 47.19
C ARG C 277 31.64 -15.31 45.85
N GLU C 278 31.72 -16.65 45.83
CA GLU C 278 31.99 -17.36 44.58
C GLU C 278 30.90 -17.10 43.55
N ALA C 279 29.64 -17.12 43.96
CA ALA C 279 28.55 -16.99 43.00
C ALA C 279 28.55 -15.61 42.35
N ALA C 280 28.64 -14.56 43.17
CA ALA C 280 28.65 -13.20 42.64
C ALA C 280 29.88 -12.95 41.78
N GLN C 281 31.05 -13.38 42.27
CA GLN C 281 32.27 -13.19 41.49
C GLN C 281 32.16 -13.86 40.13
N THR C 282 31.72 -15.12 40.13
CA THR C 282 31.60 -15.85 38.87
C THR C 282 30.59 -15.19 37.94
N LEU C 283 29.44 -14.77 38.47
CA LEU C 283 28.43 -14.16 37.62
C LEU C 283 28.96 -12.88 36.98
N LEU C 284 29.53 -11.98 37.79
CA LEU C 284 30.02 -10.71 37.25
C LEU C 284 31.13 -10.95 36.24
N GLU C 285 32.10 -11.80 36.56
CA GLU C 285 33.22 -12.01 35.65
C GLU C 285 32.80 -12.72 34.37
N ASN C 286 31.79 -13.60 34.45
CA ASN C 286 31.32 -14.28 33.26
C ASN C 286 30.52 -13.35 32.37
N LEU C 287 29.68 -12.49 32.97
CA LEU C 287 28.80 -11.65 32.18
C LEU C 287 29.52 -10.43 31.61
N TYR C 288 30.46 -9.85 32.35
CA TYR C 288 31.08 -8.59 31.97
C TYR C 288 32.56 -8.67 31.66
N PHE C 289 33.30 -9.60 32.29
CA PHE C 289 34.75 -9.65 32.18
C PHE C 289 35.24 -11.00 31.70
N ASN C 290 34.48 -11.65 30.83
CA ASN C 290 34.87 -12.95 30.26
C ASN C 290 34.86 -12.85 28.74
N PRO C 291 36.02 -12.93 28.07
CA PRO C 291 36.02 -12.72 26.61
C PRO C 291 35.45 -13.89 25.81
N LYS C 292 34.92 -14.91 26.49
CA LYS C 292 34.26 -16.02 25.81
C LYS C 292 32.76 -15.87 25.72
N ARG C 293 32.15 -15.06 26.59
CA ARG C 293 30.75 -14.70 26.50
C ARG C 293 30.53 -13.23 26.16
N TYR C 294 31.57 -12.40 26.28
CA TYR C 294 31.48 -10.95 26.05
C TYR C 294 32.59 -10.59 25.08
N ASP C 295 32.33 -10.73 23.79
CA ASP C 295 33.32 -10.46 22.75
C ASP C 295 33.05 -9.06 22.19
N LEU C 296 33.55 -8.06 22.92
CA LEU C 296 33.34 -6.68 22.51
C LEU C 296 33.90 -6.47 21.11
N ALA C 297 33.10 -5.86 20.24
CA ALA C 297 33.44 -5.78 18.83
C ALA C 297 34.67 -4.91 18.62
N LYS C 298 35.44 -5.24 17.58
CA LYS C 298 36.59 -4.42 17.21
C LYS C 298 36.14 -3.01 16.88
N VAL C 299 35.09 -2.88 16.07
CA VAL C 299 34.50 -1.57 15.82
C VAL C 299 34.01 -0.95 17.12
N GLY C 300 33.37 -1.76 17.96
CA GLY C 300 32.89 -1.25 19.24
C GLY C 300 34.03 -0.77 20.12
N ARG C 301 35.10 -1.56 20.21
CA ARG C 301 36.24 -1.16 21.04
C ARG C 301 36.86 0.12 20.50
N TYR C 302 37.04 0.21 19.17
CA TYR C 302 37.64 1.39 18.58
C TYR C 302 36.79 2.63 18.85
N LYS C 303 35.47 2.51 18.64
CA LYS C 303 34.59 3.64 18.87
C LYS C 303 34.61 4.06 20.34
N VAL C 304 34.60 3.08 21.26
CA VAL C 304 34.61 3.41 22.67
C VAL C 304 35.91 4.10 23.04
N ASN C 305 37.04 3.62 22.51
CA ASN C 305 38.32 4.24 22.81
C ASN C 305 38.37 5.68 22.32
N LYS C 306 37.89 5.92 21.09
CA LYS C 306 37.90 7.29 20.59
C LYS C 306 36.91 8.17 21.33
N LYS C 307 35.82 7.58 21.84
CA LYS C 307 34.80 8.35 22.53
C LYS C 307 35.27 8.77 23.92
N LEU C 308 35.89 7.84 24.65
CA LEU C 308 36.22 8.04 26.06
C LEU C 308 37.70 8.32 26.31
N GLY C 309 38.52 8.36 25.26
CA GLY C 309 39.93 8.64 25.45
C GLY C 309 40.76 7.49 25.96
N ALA C 310 40.20 6.27 25.99
CA ALA C 310 40.98 5.11 26.40
C ALA C 310 41.96 4.75 25.29
N ASP C 311 43.19 5.22 25.41
CA ASP C 311 44.15 5.13 24.32
C ASP C 311 44.77 3.75 24.26
N GLU C 312 44.52 3.04 23.16
CA GLU C 312 45.17 1.77 22.82
C GLU C 312 45.11 0.76 23.96
N PRO C 313 43.91 0.29 24.33
CA PRO C 313 43.83 -0.92 25.16
C PRO C 313 43.90 -2.17 24.30
N LEU C 314 43.71 -3.34 24.89
CA LEU C 314 43.64 -4.56 24.10
C LEU C 314 42.51 -4.45 23.10
N ASP C 315 42.84 -4.55 21.81
CA ASP C 315 41.89 -4.19 20.76
C ASP C 315 40.65 -5.11 20.77
N ALA C 316 40.80 -6.35 21.23
CA ALA C 316 39.71 -7.31 21.27
C ALA C 316 39.40 -7.75 22.69
N GLY C 317 39.46 -6.82 23.64
CA GLY C 317 39.25 -7.13 25.04
C GLY C 317 37.81 -7.01 25.47
N VAL C 318 37.60 -7.05 26.78
CA VAL C 318 36.29 -6.89 27.40
C VAL C 318 36.27 -5.60 28.20
N LEU C 319 35.12 -5.27 28.76
CA LEU C 319 34.99 -4.02 29.50
C LEU C 319 35.83 -4.05 30.77
N THR C 320 36.24 -2.87 31.21
CA THR C 320 37.00 -2.70 32.45
C THR C 320 36.28 -1.69 33.33
N THR C 321 36.64 -1.70 34.62
CA THR C 321 36.09 -0.72 35.54
C THR C 321 36.45 0.70 35.11
N ASP C 322 37.61 0.87 34.46
CA ASP C 322 37.97 2.16 33.91
C ASP C 322 36.89 2.67 32.96
N ASP C 323 36.34 1.76 32.14
CA ASP C 323 35.28 2.16 31.21
C ASP C 323 34.04 2.63 31.96
N VAL C 324 33.68 1.93 33.03
CA VAL C 324 32.47 2.29 33.78
C VAL C 324 32.65 3.66 34.43
N ILE C 325 33.82 3.91 35.02
CA ILE C 325 34.04 5.22 35.63
C ILE C 325 34.13 6.30 34.55
N ALA C 326 34.61 5.96 33.34
CA ALA C 326 34.57 6.92 32.24
C ALA C 326 33.14 7.29 31.89
N THR C 327 32.25 6.29 31.83
CA THR C 327 30.84 6.58 31.57
C THR C 327 30.25 7.43 32.68
N ILE C 328 30.62 7.15 33.93
CA ILE C 328 30.13 7.96 35.05
C ILE C 328 30.60 9.40 34.90
N LYS C 329 31.87 9.59 34.55
CA LYS C 329 32.39 10.93 34.33
C LYS C 329 31.63 11.64 33.24
N TYR C 330 31.40 10.96 32.11
CA TYR C 330 30.68 11.59 31.01
C TYR C 330 29.28 11.99 31.44
N LEU C 331 28.56 11.10 32.12
CA LEU C 331 27.18 11.39 32.51
C LEU C 331 27.11 12.52 33.52
N VAL C 332 27.99 12.50 34.53
CA VAL C 332 27.93 13.53 35.56
C VAL C 332 28.35 14.88 35.00
N LYS C 333 29.32 14.91 34.07
CA LYS C 333 29.67 16.17 33.44
C LYS C 333 28.55 16.67 32.53
N LEU C 334 27.88 15.77 31.81
CA LEU C 334 26.72 16.17 31.03
C LEU C 334 25.67 16.83 31.92
N HIS C 335 25.47 16.27 33.11
CA HIS C 335 24.63 16.94 34.10
C HIS C 335 25.20 18.31 34.46
N ALA C 336 26.53 18.38 34.63
CA ALA C 336 27.16 19.64 34.99
C ALA C 336 27.27 20.60 33.82
N GLY C 337 27.14 20.11 32.59
CA GLY C 337 27.28 20.97 31.44
C GLY C 337 28.69 21.31 31.06
N GLU C 338 29.68 20.52 31.52
CA GLU C 338 31.06 20.77 31.16
C GLU C 338 31.25 20.59 29.66
N THR C 339 32.02 21.48 29.05
CA THR C 339 32.21 21.46 27.59
C THR C 339 33.29 20.46 27.20
N GLU C 340 34.52 20.68 27.65
CA GLU C 340 35.68 19.87 27.29
C GLU C 340 36.26 19.21 28.54
N THR C 341 36.83 18.03 28.36
CA THR C 341 37.44 17.28 29.46
C THR C 341 38.67 16.55 28.96
N VAL C 342 39.48 16.08 29.90
CA VAL C 342 40.65 15.28 29.59
C VAL C 342 40.23 13.81 29.62
N GLY C 343 40.39 13.13 28.49
CA GLY C 343 39.97 11.73 28.42
C GLY C 343 40.74 10.85 29.37
N GLU C 344 40.04 9.86 29.92
CA GLU C 344 40.67 8.87 30.80
C GLU C 344 41.76 8.15 30.01
N SER C 345 43.02 8.35 30.43
CA SER C 345 44.17 7.90 29.66
C SER C 345 44.13 8.46 28.24
N GLY C 346 43.60 9.69 28.10
CA GLY C 346 43.44 10.32 26.81
C GLY C 346 43.57 11.82 26.88
N ARG C 347 43.21 12.50 25.81
CA ARG C 347 43.38 13.94 25.64
C ARG C 347 42.02 14.61 25.49
N GLU C 348 42.04 15.89 25.12
CA GLU C 348 40.83 16.72 25.09
C GLU C 348 39.72 16.04 24.29
N ILE C 349 38.57 15.84 24.94
CA ILE C 349 37.39 15.29 24.31
C ILE C 349 36.18 16.11 24.77
N VAL C 350 35.07 15.95 24.06
CA VAL C 350 33.86 16.71 24.27
C VAL C 350 32.90 15.93 25.16
N VAL C 351 32.06 16.66 25.88
CA VAL C 351 31.00 16.09 26.71
C VAL C 351 29.68 16.61 26.14
N GLU C 352 28.88 15.73 25.56
CA GLU C 352 27.61 16.12 24.95
C GLU C 352 26.84 14.87 24.57
N THR C 353 25.52 14.94 24.72
CA THR C 353 24.67 13.79 24.41
C THR C 353 24.71 13.49 22.91
N ASP C 354 24.28 12.28 22.56
CA ASP C 354 24.40 11.75 21.21
C ASP C 354 23.03 11.51 20.60
N ASP C 355 22.97 11.59 19.28
CA ASP C 355 21.76 11.29 18.52
C ASP C 355 21.75 9.82 18.12
N ILE C 356 20.85 9.44 17.22
CA ILE C 356 20.65 8.03 16.87
C ILE C 356 21.04 7.77 15.42
N ASP C 357 20.39 8.46 14.48
CA ASP C 357 20.37 8.02 13.09
C ASP C 357 21.50 8.58 12.24
N HIS C 358 22.40 9.39 12.79
CA HIS C 358 23.56 9.82 12.03
C HIS C 358 24.43 8.62 11.69
N PHE C 359 24.91 8.55 10.45
CA PHE C 359 25.67 7.37 10.04
C PHE C 359 27.01 7.23 10.76
N GLY C 360 27.39 8.14 11.64
CA GLY C 360 28.46 7.86 12.56
C GLY C 360 28.09 6.91 13.66
N ASN C 361 26.83 6.46 13.71
CA ASN C 361 26.34 5.54 14.72
C ASN C 361 25.73 4.28 14.14
N ARG C 362 25.63 4.16 12.81
CA ARG C 362 25.15 2.95 12.15
C ARG C 362 26.29 2.31 11.36
N ARG C 363 26.35 1.00 11.40
CA ARG C 363 27.41 0.19 10.83
C ARG C 363 26.81 -0.75 9.80
N ILE C 364 27.63 -1.06 8.80
CA ILE C 364 27.24 -1.83 7.62
C ILE C 364 27.85 -3.22 7.74
N ARG C 365 27.01 -4.22 7.99
CA ARG C 365 27.44 -5.61 7.98
C ARG C 365 27.42 -6.11 6.54
N ASN C 366 28.60 -6.43 6.01
CA ASN C 366 28.74 -6.89 4.64
C ASN C 366 28.45 -8.39 4.54
N VAL C 367 28.67 -8.99 3.38
CA VAL C 367 28.39 -10.41 3.18
C VAL C 367 29.29 -11.28 4.05
N GLY C 368 30.59 -11.03 3.98
CA GLY C 368 31.55 -11.89 4.64
C GLY C 368 31.35 -11.91 6.15
N GLU C 369 31.05 -10.76 6.74
CA GLU C 369 30.81 -10.71 8.17
C GLU C 369 29.60 -11.53 8.57
N LEU C 370 28.55 -11.51 7.74
CA LEU C 370 27.38 -12.36 8.00
C LEU C 370 27.73 -13.84 7.97
N ILE C 371 28.37 -14.29 6.89
CA ILE C 371 28.71 -15.71 6.81
C ILE C 371 29.64 -16.08 7.96
N GLN C 372 30.55 -15.18 8.31
CA GLN C 372 31.44 -15.41 9.43
C GLN C 372 30.68 -15.58 10.72
N ASN C 373 29.68 -14.75 10.97
CA ASN C 373 28.91 -14.87 12.21
C ASN C 373 28.25 -16.24 12.30
N GLN C 374 27.61 -16.67 11.21
CA GLN C 374 26.90 -17.95 11.30
C GLN C 374 27.88 -19.11 11.45
N VAL C 375 29.00 -19.05 10.72
CA VAL C 375 30.01 -20.10 10.86
C VAL C 375 30.57 -20.09 12.27
N ARG C 376 30.63 -18.93 12.91
CA ARG C 376 31.11 -18.85 14.28
C ARG C 376 30.16 -19.58 15.22
N THR C 377 28.85 -19.37 15.05
CA THR C 377 27.90 -20.13 15.84
C THR C 377 28.09 -21.63 15.64
N GLY C 378 28.23 -22.05 14.40
CA GLY C 378 28.43 -23.48 14.12
C GLY C 378 29.71 -24.02 14.74
N LEU C 379 30.79 -23.26 14.66
CA LEU C 379 32.06 -23.67 15.23
C LEU C 379 31.97 -23.78 16.75
N ALA C 380 31.26 -22.83 17.39
CA ALA C 380 31.10 -22.92 18.84
C ALA C 380 30.31 -24.17 19.23
N ARG C 381 29.25 -24.48 18.47
CA ARG C 381 28.51 -25.71 18.77
C ARG C 381 29.38 -26.95 18.61
N MET C 382 30.16 -26.99 17.53
CA MET C 382 31.07 -28.12 17.32
C MET C 382 32.09 -28.20 18.45
N GLU C 383 32.58 -27.05 18.92
CA GLU C 383 33.49 -27.04 20.05
C GLU C 383 32.83 -27.64 21.29
N ARG C 384 31.57 -27.30 21.54
CA ARG C 384 30.88 -27.84 22.69
C ARG C 384 30.80 -29.36 22.61
N VAL C 385 30.40 -29.89 21.45
CA VAL C 385 30.28 -31.34 21.31
C VAL C 385 31.64 -32.00 21.46
N VAL C 386 32.67 -31.41 20.86
CA VAL C 386 34.02 -31.97 20.94
C VAL C 386 34.51 -31.98 22.37
N ARG C 387 34.25 -30.90 23.11
CA ARG C 387 34.67 -30.84 24.50
C ARG C 387 33.97 -31.92 25.31
N GLU C 388 32.67 -32.11 25.10
CA GLU C 388 31.97 -33.19 25.77
C GLU C 388 32.62 -34.54 25.50
N ARG C 389 32.85 -34.86 24.22
CA ARG C 389 33.37 -36.18 23.89
C ARG C 389 34.79 -36.38 24.40
N MET C 390 35.67 -35.39 24.22
CA MET C 390 37.04 -35.54 24.68
C MET C 390 37.10 -35.65 26.20
N THR C 391 36.25 -34.93 26.92
CA THR C 391 36.15 -35.16 28.36
C THR C 391 35.71 -36.59 28.65
N THR C 392 34.79 -37.11 27.84
CA THR C 392 34.34 -38.49 28.03
C THR C 392 35.37 -39.50 27.54
N GLN C 393 36.06 -39.20 26.44
CA GLN C 393 36.85 -40.20 25.75
C GLN C 393 38.08 -40.60 26.56
N ASP C 394 38.47 -41.87 26.42
CA ASP C 394 39.70 -42.37 27.00
C ASP C 394 40.91 -41.70 26.37
N VAL C 395 41.97 -41.54 27.17
CA VAL C 395 43.15 -40.81 26.73
C VAL C 395 44.03 -41.70 25.87
N GLU C 396 44.75 -41.09 24.93
CA GLU C 396 45.70 -41.78 24.06
C GLU C 396 45.02 -42.89 23.25
N ALA C 397 43.74 -42.70 22.92
CA ALA C 397 43.03 -43.60 22.02
C ALA C 397 42.12 -42.83 21.07
N ILE C 398 42.41 -41.54 20.83
CA ILE C 398 41.54 -40.66 20.06
C ILE C 398 42.40 -39.89 19.06
N THR C 399 41.81 -39.57 17.91
CA THR C 399 42.46 -38.83 16.85
C THR C 399 41.58 -37.64 16.45
N PRO C 400 42.15 -36.62 15.81
CA PRO C 400 41.31 -35.50 15.35
C PRO C 400 40.19 -35.94 14.44
N GLN C 401 40.39 -36.98 13.64
CA GLN C 401 39.35 -37.50 12.77
C GLN C 401 38.31 -38.33 13.51
N THR C 402 38.49 -38.54 14.81
CA THR C 402 37.61 -39.40 15.59
C THR C 402 36.69 -38.65 16.54
N LEU C 403 37.18 -37.59 17.19
CA LEU C 403 36.37 -36.84 18.14
C LEU C 403 35.63 -35.66 17.54
N ILE C 404 35.91 -35.30 16.28
CA ILE C 404 35.38 -34.09 15.67
C ILE C 404 34.23 -34.47 14.76
N ASN C 405 33.06 -33.87 15.02
CA ASN C 405 31.90 -33.96 14.14
C ASN C 405 31.51 -32.54 13.78
N ILE C 406 31.65 -32.19 12.50
CA ILE C 406 31.45 -30.82 12.05
C ILE C 406 30.00 -30.61 11.64
N ARG C 407 29.14 -31.55 12.01
CA ARG C 407 27.72 -31.43 11.69
C ARG C 407 27.12 -30.10 12.14
N PRO C 408 27.44 -29.55 13.31
CA PRO C 408 26.94 -28.21 13.65
C PRO C 408 27.32 -27.15 12.63
N VAL C 409 28.53 -27.22 12.07
CA VAL C 409 28.98 -26.20 11.13
C VAL C 409 28.19 -26.25 9.84
N VAL C 410 28.02 -27.46 9.29
CA VAL C 410 27.22 -27.61 8.07
C VAL C 410 25.79 -27.20 8.33
N ALA C 411 25.25 -27.57 9.49
CA ALA C 411 23.90 -27.18 9.83
C ALA C 411 23.77 -25.66 9.88
N SER C 412 24.76 -24.98 10.46
CA SER C 412 24.73 -23.52 10.51
C SER C 412 24.76 -22.91 9.11
N ILE C 413 25.62 -23.43 8.24
CA ILE C 413 25.71 -22.91 6.88
C ILE C 413 24.37 -23.05 6.17
N LYS C 414 23.80 -24.24 6.22
CA LYS C 414 22.51 -24.47 5.57
C LYS C 414 21.43 -23.60 6.19
N GLU C 415 21.43 -23.46 7.52
CA GLU C 415 20.45 -22.62 8.19
C GLU C 415 20.52 -21.20 7.67
N PHE C 416 21.71 -20.63 7.57
CA PHE C 416 21.82 -19.26 7.09
C PHE C 416 21.34 -19.15 5.65
N PHE C 417 21.87 -19.99 4.76
CA PHE C 417 21.59 -19.80 3.35
C PHE C 417 20.21 -20.29 2.95
N GLY C 418 19.43 -20.88 3.87
CA GLY C 418 18.09 -21.29 3.55
C GLY C 418 16.99 -20.58 4.33
N THR C 419 17.33 -20.01 5.49
CA THR C 419 16.31 -19.55 6.43
C THR C 419 16.36 -18.04 6.69
N SER C 420 17.56 -17.46 6.67
CA SER C 420 17.71 -16.07 7.03
C SER C 420 16.91 -15.16 6.09
N GLN C 421 16.73 -13.92 6.52
CA GLN C 421 16.02 -12.91 5.74
C GLN C 421 16.98 -11.85 5.20
N LEU C 422 18.23 -12.24 4.96
CA LEU C 422 19.21 -11.40 4.29
C LEU C 422 19.76 -12.03 3.03
N SER C 423 19.76 -13.35 2.91
CA SER C 423 20.02 -14.03 1.64
C SER C 423 18.69 -14.12 0.91
N GLN C 424 18.52 -13.27 -0.11
CA GLN C 424 17.23 -13.15 -0.78
C GLN C 424 17.41 -13.19 -2.29
N PHE C 425 16.28 -13.38 -2.97
CA PHE C 425 16.28 -13.59 -4.42
C PHE C 425 16.95 -12.43 -5.16
N MET C 426 17.31 -12.70 -6.41
CA MET C 426 17.62 -11.68 -7.40
C MET C 426 16.34 -11.19 -8.09
N ASP C 427 16.44 -9.98 -8.66
CA ASP C 427 15.39 -9.41 -9.52
C ASP C 427 16.06 -9.38 -10.89
N GLN C 428 15.59 -10.17 -11.85
CA GLN C 428 16.20 -10.30 -13.17
C GLN C 428 15.26 -9.85 -14.29
N ASN C 429 14.39 -8.87 -14.01
CA ASN C 429 13.64 -8.26 -15.09
C ASN C 429 14.58 -7.65 -16.12
N ASN C 430 15.68 -7.07 -15.65
CA ASN C 430 16.64 -6.41 -16.50
C ASN C 430 17.95 -6.30 -15.74
N PRO C 431 19.03 -5.90 -16.40
CA PRO C 431 20.29 -5.74 -15.67
C PRO C 431 20.21 -4.76 -14.52
N LEU C 432 19.43 -3.68 -14.65
CA LEU C 432 19.42 -2.66 -13.62
C LEU C 432 18.76 -3.16 -12.34
N SER C 433 17.74 -4.01 -12.46
CA SER C 433 17.10 -4.56 -11.28
C SER C 433 18.12 -5.26 -10.40
N GLY C 434 18.89 -6.18 -10.97
CA GLY C 434 19.92 -6.84 -10.20
C GLY C 434 20.99 -5.88 -9.73
N LEU C 435 21.41 -4.97 -10.60
CA LEU C 435 22.50 -4.06 -10.26
C LEU C 435 22.17 -3.27 -9.00
N THR C 436 20.94 -2.77 -8.89
CA THR C 436 20.54 -2.07 -7.67
C THR C 436 20.23 -3.04 -6.53
N HIS C 437 19.75 -4.25 -6.84
CA HIS C 437 19.45 -5.22 -5.79
C HIS C 437 20.69 -5.57 -4.99
N LYS C 438 21.86 -5.57 -5.62
CA LYS C 438 23.12 -5.84 -4.94
C LYS C 438 23.66 -4.62 -4.21
N ARG C 439 22.84 -3.57 -4.02
CA ARG C 439 23.28 -2.36 -3.35
C ARG C 439 22.27 -1.85 -2.34
N ARG C 440 21.35 -2.68 -1.87
CA ARG C 440 20.39 -2.25 -0.86
C ARG C 440 21.06 -2.21 0.51
N LEU C 441 20.91 -1.08 1.20
CA LEU C 441 21.41 -0.94 2.56
C LEU C 441 20.29 -1.24 3.56
N ASN C 442 19.75 -2.45 3.44
CA ASN C 442 18.61 -2.87 4.24
C ASN C 442 18.93 -2.78 5.72
N ALA C 443 18.22 -1.90 6.43
CA ALA C 443 18.36 -1.76 7.87
C ALA C 443 17.42 -2.67 8.64
N LEU C 444 16.57 -3.42 7.96
CA LEU C 444 15.67 -4.37 8.61
C LEU C 444 16.43 -5.64 8.97
N GLY C 445 15.70 -6.69 9.35
CA GLY C 445 16.30 -7.98 9.61
C GLY C 445 16.44 -8.26 11.09
N PRO C 446 17.04 -9.40 11.44
CA PRO C 446 17.21 -9.75 12.85
C PRO C 446 18.29 -8.91 13.51
N GLY C 447 18.00 -8.47 14.74
CA GLY C 447 18.95 -7.69 15.48
C GLY C 447 19.09 -6.25 15.01
N GLY C 448 18.18 -5.78 14.17
CA GLY C 448 18.23 -4.43 13.64
C GLY C 448 17.09 -3.57 14.14
N LEU C 449 16.14 -3.29 13.27
CA LEU C 449 15.01 -2.40 13.57
C LEU C 449 13.72 -3.13 13.21
N SER C 450 12.60 -2.42 13.30
CA SER C 450 11.31 -2.95 12.89
C SER C 450 10.44 -1.80 12.43
N ARG C 451 9.38 -2.14 11.69
CA ARG C 451 8.50 -1.12 11.12
C ARG C 451 7.85 -0.29 12.22
N GLU C 452 7.23 -0.95 13.19
CA GLU C 452 6.38 -0.24 14.16
C GLU C 452 7.21 0.36 15.29
N ARG C 453 8.06 -0.43 15.91
CA ARG C 453 8.82 0.05 17.07
C ARG C 453 9.65 1.27 16.70
N ALA C 454 10.36 1.19 15.58
CA ALA C 454 11.13 2.33 15.09
C ALA C 454 10.17 3.45 14.73
N GLY C 455 10.49 4.67 15.18
CA GLY C 455 9.57 5.78 15.03
C GLY C 455 9.69 6.49 13.71
N PHE C 456 9.83 7.82 13.75
CA PHE C 456 9.92 8.64 12.55
C PHE C 456 11.26 9.33 12.37
N GLU C 457 12.15 9.27 13.36
CA GLU C 457 13.48 9.81 13.16
C GLU C 457 14.30 8.94 12.23
N VAL C 458 14.11 7.62 12.29
CA VAL C 458 14.83 6.71 11.39
C VAL C 458 14.31 6.86 9.97
N ARG C 459 12.99 7.03 9.80
CA ARG C 459 12.37 7.00 8.49
C ARG C 459 12.58 8.27 7.68
N ASP C 460 13.44 9.17 8.13
CA ASP C 460 13.64 10.46 7.47
C ASP C 460 15.08 10.59 7.01
N VAL C 461 15.29 11.49 6.04
CA VAL C 461 16.61 11.75 5.49
C VAL C 461 17.45 12.43 6.56
N HIS C 462 18.74 12.55 6.30
CA HIS C 462 19.68 13.10 7.26
C HIS C 462 20.75 13.82 6.46
N PRO C 463 21.25 14.99 6.89
CA PRO C 463 22.38 15.61 6.16
C PRO C 463 23.55 14.66 5.93
N SER C 464 23.64 13.59 6.72
CA SER C 464 24.63 12.54 6.51
C SER C 464 24.11 11.51 5.50
N HIS C 465 23.73 12.03 4.32
CA HIS C 465 23.38 11.18 3.18
C HIS C 465 23.93 11.76 1.89
N TYR C 466 24.99 12.55 1.98
CA TYR C 466 25.50 13.34 0.86
C TYR C 466 26.48 12.52 0.02
N GLY C 467 26.03 11.34 -0.44
CA GLY C 467 26.83 10.50 -1.32
C GLY C 467 27.02 9.08 -0.82
N ARG C 468 26.17 8.65 0.11
CA ARG C 468 26.25 7.29 0.61
C ARG C 468 24.89 6.61 0.74
N MET C 469 23.79 7.32 0.47
CA MET C 469 22.48 6.68 0.49
C MET C 469 21.49 7.59 -0.24
N CYS C 470 20.93 7.08 -1.33
CA CYS C 470 20.14 7.90 -2.25
C CYS C 470 18.93 8.52 -1.55
N PRO C 471 18.92 9.84 -1.31
CA PRO C 471 17.72 10.44 -0.73
C PRO C 471 16.49 10.31 -1.61
N ILE C 472 16.67 10.13 -2.92
CA ILE C 472 15.52 10.02 -3.81
C ILE C 472 14.99 8.58 -3.84
N GLU C 473 15.90 7.61 -3.91
CA GLU C 473 15.53 6.22 -4.16
C GLU C 473 15.18 5.54 -2.85
N THR C 474 13.99 4.95 -2.78
CA THR C 474 13.50 4.28 -1.58
C THR C 474 12.17 3.62 -1.89
N PRO C 475 11.80 2.53 -1.20
CA PRO C 475 10.46 1.98 -1.40
C PRO C 475 9.37 2.98 -1.03
N GLU C 476 8.22 2.79 -1.66
CA GLU C 476 7.07 3.69 -1.54
C GLU C 476 6.01 2.95 -0.73
N GLY C 477 6.06 3.12 0.58
CA GLY C 477 5.16 2.41 1.46
C GLY C 477 5.58 2.50 2.92
N PRO C 478 5.31 1.46 3.70
CA PRO C 478 5.73 1.47 5.11
C PRO C 478 7.22 1.62 5.32
N ASN C 479 8.05 1.18 4.37
CA ASN C 479 9.48 1.09 4.58
C ASN C 479 10.25 2.33 4.17
N ILE C 480 9.59 3.46 3.93
CA ILE C 480 10.35 4.64 3.52
C ILE C 480 11.34 5.00 4.62
N GLY C 481 12.62 4.97 4.28
CA GLY C 481 13.68 5.28 5.21
C GLY C 481 14.33 4.07 5.84
N LEU C 482 13.71 2.89 5.72
CA LEU C 482 14.31 1.68 6.26
C LEU C 482 15.23 1.01 5.25
N ILE C 483 14.78 0.90 4.00
CA ILE C 483 15.55 0.27 2.93
C ILE C 483 15.97 1.38 1.97
N GLY C 484 16.78 1.04 0.97
CA GLY C 484 17.18 2.01 -0.01
C GLY C 484 18.08 1.45 -1.10
N SER C 485 19.14 2.17 -1.41
CA SER C 485 20.14 1.75 -2.38
C SER C 485 21.39 2.56 -2.15
N LEU C 486 22.54 1.93 -2.28
CA LEU C 486 23.81 2.64 -2.10
C LEU C 486 23.97 3.72 -3.16
N ALA C 487 24.66 4.78 -2.78
CA ALA C 487 25.03 5.79 -3.77
C ALA C 487 25.96 5.15 -4.80
N SER C 488 26.01 5.77 -5.98
CA SER C 488 26.86 5.27 -7.06
C SER C 488 28.31 5.18 -6.60
N TYR C 489 28.76 6.22 -5.90
CA TYR C 489 30.16 6.31 -5.50
C TYR C 489 30.28 5.89 -4.03
N GLY C 490 30.23 4.57 -3.83
CA GLY C 490 30.27 4.01 -2.49
C GLY C 490 31.28 2.88 -2.40
N ARG C 491 31.84 2.71 -1.20
CA ARG C 491 32.77 1.62 -0.91
C ARG C 491 32.69 1.30 0.57
N ILE C 492 32.39 0.04 0.89
CA ILE C 492 32.13 -0.35 2.27
C ILE C 492 33.43 -0.32 3.08
N ASN C 493 33.37 0.26 4.26
CA ASN C 493 34.50 0.24 5.18
C ASN C 493 34.65 -1.17 5.77
N PRO C 494 35.87 -1.64 6.06
CA PRO C 494 36.02 -2.95 6.69
C PRO C 494 35.21 -3.11 7.97
N PHE C 495 35.19 -2.09 8.82
CA PHE C 495 34.40 -2.16 10.05
C PHE C 495 32.92 -2.21 9.73
N GLY C 496 32.53 -1.60 8.62
CA GLY C 496 31.16 -1.46 8.21
C GLY C 496 30.71 -0.02 8.30
N PHE C 497 30.81 0.68 7.17
CA PHE C 497 30.47 2.08 7.01
C PHE C 497 30.44 2.35 5.52
N ILE C 498 30.11 3.59 5.14
CA ILE C 498 30.14 3.99 3.74
C ILE C 498 31.13 5.14 3.61
N GLU C 499 32.22 4.91 2.88
CA GLU C 499 33.10 5.99 2.49
C GLU C 499 32.55 6.71 1.27
N THR C 500 33.05 7.90 1.04
CA THR C 500 32.58 8.79 -0.01
C THR C 500 33.79 9.42 -0.69
N PRO C 501 33.78 9.57 -2.01
CA PRO C 501 34.90 10.25 -2.66
C PRO C 501 34.70 11.76 -2.70
N TYR C 502 35.81 12.47 -2.57
CA TYR C 502 35.82 13.92 -2.62
C TYR C 502 37.10 14.36 -3.30
N ARG C 503 37.11 15.60 -3.77
CA ARG C 503 38.30 16.19 -4.38
C ARG C 503 38.74 17.35 -3.50
N LYS C 504 40.01 17.35 -3.11
CA LYS C 504 40.48 18.21 -2.04
C LYS C 504 40.73 19.63 -2.54
N VAL C 505 40.30 20.60 -1.74
CA VAL C 505 40.54 22.02 -1.99
C VAL C 505 41.58 22.48 -0.97
N VAL C 506 42.68 23.05 -1.47
CA VAL C 506 43.76 23.53 -0.63
C VAL C 506 44.18 24.92 -1.10
N GLU C 507 44.51 25.78 -0.14
CA GLU C 507 44.88 27.19 -0.35
C GLU C 507 44.05 27.83 -1.46
N GLY C 508 42.74 27.61 -1.44
CA GLY C 508 41.85 28.19 -2.41
C GLY C 508 41.82 27.50 -3.77
N GLN C 509 42.72 26.57 -4.03
CA GLN C 509 42.74 25.82 -5.28
C GLN C 509 42.51 24.34 -4.95
N VAL C 510 42.30 23.54 -5.99
CA VAL C 510 41.86 22.16 -5.86
C VAL C 510 42.88 21.24 -6.50
N THR C 511 43.22 20.16 -5.80
CA THR C 511 44.18 19.18 -6.28
C THR C 511 43.46 18.07 -7.05
N ASP C 512 44.25 17.30 -7.80
CA ASP C 512 43.69 16.22 -8.61
C ASP C 512 43.32 15.00 -7.78
N ASP C 513 44.08 14.71 -6.74
CA ASP C 513 43.91 13.47 -6.00
C ASP C 513 42.55 13.40 -5.32
N VAL C 514 42.05 12.18 -5.15
CA VAL C 514 40.75 11.91 -4.56
C VAL C 514 40.94 11.45 -3.11
N ASP C 515 39.96 11.75 -2.27
CA ASP C 515 39.98 11.41 -0.86
C ASP C 515 38.73 10.63 -0.49
N TYR C 516 38.86 9.76 0.52
CA TYR C 516 37.77 8.95 1.01
C TYR C 516 37.39 9.43 2.40
N LEU C 517 36.12 9.77 2.60
CA LEU C 517 35.63 10.36 3.84
C LEU C 517 34.33 9.69 4.26
N THR C 518 34.18 9.43 5.55
CA THR C 518 32.96 8.86 6.12
C THR C 518 32.19 9.92 6.89
N ALA C 519 31.11 9.49 7.55
CA ALA C 519 30.10 10.40 8.05
C ALA C 519 30.67 11.43 9.03
N ASP C 520 31.43 10.97 10.03
CA ASP C 520 31.91 11.89 11.05
C ASP C 520 32.94 12.86 10.50
N GLU C 521 33.96 12.35 9.81
CA GLU C 521 34.93 13.25 9.18
C GLU C 521 34.29 14.12 8.12
N GLU C 522 33.21 13.65 7.49
CA GLU C 522 32.41 14.54 6.64
C GLU C 522 31.84 15.69 7.46
N ASP C 523 31.28 15.37 8.62
CA ASP C 523 30.73 16.40 9.49
C ASP C 523 31.81 17.36 9.98
N ARG C 524 33.06 16.92 10.03
CA ARG C 524 34.15 17.80 10.45
C ARG C 524 34.61 18.74 9.33
N PHE C 525 34.10 18.57 8.11
CA PHE C 525 34.52 19.35 6.95
C PHE C 525 33.42 20.30 6.50
N VAL C 526 33.81 21.23 5.62
CA VAL C 526 32.89 22.06 4.86
C VAL C 526 32.93 21.58 3.41
N ILE C 527 31.75 21.38 2.82
CA ILE C 527 31.61 20.63 1.59
C ILE C 527 31.16 21.59 0.49
N ALA C 528 31.90 21.63 -0.61
CA ALA C 528 31.54 22.47 -1.74
C ALA C 528 30.55 21.74 -2.65
N GLN C 529 30.31 22.28 -3.85
CA GLN C 529 29.24 21.83 -4.72
C GLN C 529 29.84 21.30 -6.01
N ALA C 530 29.10 20.41 -6.68
CA ALA C 530 29.62 19.73 -7.87
C ALA C 530 29.63 20.62 -9.09
N ASN C 531 28.46 21.12 -9.51
CA ASN C 531 28.36 21.86 -10.76
C ASN C 531 28.77 23.32 -10.60
N ALA C 532 29.46 23.66 -9.51
CA ALA C 532 30.06 24.98 -9.40
C ALA C 532 31.04 25.19 -10.54
N ALA C 533 30.90 26.31 -11.23
CA ALA C 533 31.68 26.56 -12.44
C ALA C 533 33.16 26.63 -12.11
N LEU C 534 33.98 25.95 -12.89
CA LEU C 534 35.42 25.98 -12.72
C LEU C 534 36.04 26.93 -13.74
N GLY C 535 36.86 27.86 -13.25
CA GLY C 535 37.50 28.83 -14.11
C GLY C 535 38.74 28.29 -14.79
N ASP C 536 39.30 29.12 -15.68
CA ASP C 536 40.54 28.74 -16.36
C ASP C 536 41.66 28.52 -15.35
N ASP C 537 41.86 29.49 -14.44
CA ASP C 537 42.66 29.22 -13.27
C ASP C 537 41.90 28.26 -12.36
N MET C 538 42.62 27.30 -11.79
CA MET C 538 41.96 26.20 -11.10
C MET C 538 41.16 26.72 -9.92
N ARG C 539 41.64 27.75 -9.23
CA ARG C 539 40.86 28.38 -8.17
C ARG C 539 39.49 28.80 -8.70
N PHE C 540 38.47 28.60 -7.86
CA PHE C 540 37.12 29.00 -8.24
C PHE C 540 37.07 30.49 -8.53
N ALA C 541 36.38 30.85 -9.61
CA ALA C 541 36.42 32.22 -10.11
C ALA C 541 35.58 33.16 -9.23
N GLU C 542 34.28 32.91 -9.15
CA GLU C 542 33.39 33.80 -8.43
C GLU C 542 33.74 33.85 -6.94
N ALA C 543 33.63 35.05 -6.37
CA ALA C 543 34.02 35.24 -4.98
C ALA C 543 33.06 34.54 -4.02
N ARG C 544 31.79 34.45 -4.38
CA ARG C 544 30.78 33.79 -3.55
C ARG C 544 30.57 32.39 -4.11
N VAL C 545 31.13 31.39 -3.42
CA VAL C 545 31.01 29.99 -3.83
C VAL C 545 29.97 29.33 -2.94
N LEU C 546 28.97 28.71 -3.57
CA LEU C 546 27.88 28.07 -2.84
C LEU C 546 28.33 26.70 -2.37
N VAL C 547 28.64 26.58 -1.09
CA VAL C 547 29.20 25.31 -0.53
C VAL C 547 28.18 24.68 0.40
N ARG C 548 28.62 23.93 1.40
CA ARG C 548 27.75 23.20 2.34
C ARG C 548 28.46 23.20 3.68
N ARG C 549 27.74 22.96 4.76
CA ARG C 549 28.34 22.90 6.09
C ARG C 549 27.67 21.80 6.90
N ARG C 550 28.08 21.68 8.15
CA ARG C 550 27.66 20.56 8.99
C ARG C 550 26.16 20.57 9.24
N GLY C 551 25.57 19.39 9.27
CA GLY C 551 24.16 19.24 9.64
C GLY C 551 23.21 19.96 8.71
N GLY C 552 23.43 19.87 7.40
CA GLY C 552 22.55 20.51 6.44
C GLY C 552 22.51 22.02 6.59
N GLU C 553 23.65 22.64 6.86
CA GLU C 553 23.75 24.08 7.03
C GLU C 553 24.27 24.67 5.72
N VAL C 554 23.36 25.28 4.97
CA VAL C 554 23.71 25.82 3.65
C VAL C 554 24.27 27.22 3.82
N ASP C 555 25.40 27.50 3.18
CA ASP C 555 26.04 28.81 3.26
C ASP C 555 27.16 28.85 2.24
N TYR C 556 27.49 30.06 1.80
CA TYR C 556 28.61 30.30 0.91
C TYR C 556 29.85 30.67 1.71
N VAL C 557 30.99 30.69 1.03
CA VAL C 557 32.27 31.05 1.63
C VAL C 557 33.02 31.94 0.65
N PRO C 558 33.94 32.83 1.11
CA PRO C 558 34.72 33.62 0.15
C PRO C 558 35.48 32.77 -0.86
N GLY C 559 35.86 31.56 -0.46
CA GLY C 559 36.48 30.61 -1.38
C GLY C 559 37.78 30.03 -0.88
N ASP C 560 38.60 30.86 -0.23
CA ASP C 560 39.88 30.39 0.27
C ASP C 560 39.73 29.44 1.45
N ASP C 561 38.61 29.49 2.17
CA ASP C 561 38.39 28.69 3.36
C ASP C 561 37.68 27.37 3.06
N VAL C 562 37.29 27.12 1.80
CA VAL C 562 36.64 25.86 1.45
C VAL C 562 37.66 24.74 1.54
N ASP C 563 37.21 23.57 2.02
CA ASP C 563 38.11 22.47 2.32
C ASP C 563 38.04 21.33 1.31
N TYR C 564 36.85 20.96 0.84
CA TYR C 564 36.67 19.83 -0.05
C TYR C 564 35.66 20.21 -1.13
N MET C 565 35.47 19.32 -2.11
CA MET C 565 34.53 19.61 -3.18
C MET C 565 34.07 18.29 -3.80
N ASP C 566 32.95 18.36 -4.52
CA ASP C 566 32.21 17.18 -4.95
C ASP C 566 32.72 16.68 -6.30
N VAL C 567 33.07 15.39 -6.35
CA VAL C 567 33.66 14.81 -7.55
C VAL C 567 32.66 14.70 -8.70
N SER C 568 31.41 14.32 -8.41
CA SER C 568 30.46 14.00 -9.47
C SER C 568 29.04 14.40 -9.09
N PRO C 569 28.30 15.14 -9.95
CA PRO C 569 26.97 15.61 -9.54
C PRO C 569 25.88 14.56 -9.66
N ARG C 570 26.26 13.31 -9.97
CA ARG C 570 25.34 12.18 -9.92
C ARG C 570 25.65 11.29 -8.73
N GLN C 571 26.27 11.86 -7.70
CA GLN C 571 26.73 11.12 -6.54
C GLN C 571 25.58 10.80 -5.58
N MET C 572 24.89 11.81 -5.07
CA MET C 572 23.78 11.56 -4.15
C MET C 572 22.73 10.67 -4.79
N VAL C 573 22.51 10.80 -6.08
CA VAL C 573 21.61 9.91 -6.80
C VAL C 573 22.36 8.61 -7.07
N SER C 574 21.63 7.50 -6.98
CA SER C 574 22.24 6.18 -7.15
C SER C 574 22.48 5.90 -8.62
N VAL C 575 22.86 4.66 -8.95
CA VAL C 575 23.13 4.30 -10.34
C VAL C 575 21.86 3.94 -11.10
N ALA C 576 20.78 3.58 -10.42
CA ALA C 576 19.52 3.27 -11.07
C ALA C 576 18.57 4.45 -11.11
N THR C 577 19.05 5.65 -10.81
CA THR C 577 18.24 6.86 -10.90
C THR C 577 19.00 7.97 -11.61
N ALA C 578 20.31 7.82 -11.78
CA ALA C 578 21.10 8.81 -12.51
C ALA C 578 20.81 8.77 -14.00
N MET C 579 20.09 7.73 -14.45
CA MET C 579 19.80 7.58 -15.86
C MET C 579 18.66 8.47 -16.34
N ILE C 580 17.90 9.06 -15.44
CA ILE C 580 16.74 9.88 -15.84
C ILE C 580 17.23 11.14 -16.54
N PRO C 581 16.64 11.53 -17.68
CA PRO C 581 16.99 12.82 -18.27
C PRO C 581 16.19 13.95 -17.67
N PHE C 582 16.85 15.09 -17.46
CA PHE C 582 16.22 16.27 -16.89
C PHE C 582 15.64 15.97 -15.51
N LEU C 583 16.50 15.64 -14.54
CA LEU C 583 16.05 15.36 -13.18
C LEU C 583 15.95 16.61 -12.33
N GLU C 584 16.46 17.74 -12.78
CA GLU C 584 16.36 18.99 -12.05
C GLU C 584 15.08 19.76 -12.35
N HIS C 585 14.19 19.18 -13.16
CA HIS C 585 12.92 19.82 -13.51
C HIS C 585 11.76 18.94 -13.05
N ASP C 586 11.81 18.48 -11.81
CA ASP C 586 10.73 17.71 -11.22
C ASP C 586 10.62 18.08 -9.74
N ASP C 587 9.76 17.32 -9.04
CA ASP C 587 9.58 17.45 -7.57
C ASP C 587 10.15 16.18 -6.94
N ALA C 588 10.48 16.19 -5.66
CA ALA C 588 11.10 15.05 -4.99
C ALA C 588 10.26 13.78 -5.18
N ASN C 589 8.95 13.90 -5.02
CA ASN C 589 8.10 12.73 -5.13
C ASN C 589 8.12 12.12 -6.52
N ARG C 590 8.18 12.95 -7.58
CA ARG C 590 8.14 12.39 -8.92
C ARG C 590 9.46 11.74 -9.31
N ALA C 591 10.58 12.34 -8.90
CA ALA C 591 11.86 11.66 -9.10
C ALA C 591 11.90 10.35 -8.33
N LEU C 592 11.40 10.34 -7.10
CA LEU C 592 11.35 9.11 -6.32
C LEU C 592 10.49 8.06 -7.02
N MET C 593 9.32 8.46 -7.51
CA MET C 593 8.44 7.53 -8.19
C MET C 593 9.08 7.00 -9.47
N GLY C 594 9.79 7.85 -10.20
CA GLY C 594 10.48 7.40 -11.39
C GLY C 594 11.61 6.43 -11.07
N ALA C 595 12.38 6.72 -10.02
CA ALA C 595 13.42 5.79 -9.60
C ALA C 595 12.83 4.44 -9.24
N ASN C 596 11.71 4.44 -8.52
CA ASN C 596 11.10 3.18 -8.10
C ASN C 596 10.52 2.43 -9.29
N MET C 597 9.94 3.13 -10.26
CA MET C 597 9.18 2.50 -11.33
C MET C 597 9.91 2.54 -12.66
N MET C 598 11.23 2.76 -12.63
CA MET C 598 12.10 2.53 -13.78
C MET C 598 12.85 1.21 -13.65
N ARG C 599 12.47 0.36 -12.69
CA ARG C 599 13.19 -0.87 -12.38
C ARG C 599 12.27 -2.08 -12.39
N GLN C 600 11.11 -1.98 -13.01
CA GLN C 600 10.22 -3.11 -13.22
C GLN C 600 9.75 -3.11 -14.67
N ALA C 601 10.70 -2.91 -15.59
CA ALA C 601 10.42 -2.82 -17.01
C ALA C 601 10.78 -4.15 -17.67
N VAL C 602 9.82 -4.76 -18.34
CA VAL C 602 10.08 -6.03 -19.02
C VAL C 602 11.01 -5.77 -20.20
N PRO C 603 11.87 -6.72 -20.59
CA PRO C 603 12.68 -6.54 -21.80
C PRO C 603 11.83 -6.66 -23.06
N LEU C 604 12.42 -6.19 -24.17
CA LEU C 604 11.73 -6.11 -25.45
C LEU C 604 12.51 -6.87 -26.50
N ILE C 605 11.81 -7.38 -27.50
CA ILE C 605 12.43 -8.21 -28.52
C ILE C 605 13.51 -7.42 -29.24
N LYS C 606 13.11 -6.37 -29.95
CA LYS C 606 14.04 -5.55 -30.71
C LYS C 606 14.59 -4.42 -29.82
N SER C 607 15.25 -4.84 -28.75
CA SER C 607 15.77 -3.90 -27.78
C SER C 607 16.68 -2.88 -28.46
N GLU C 608 16.46 -1.60 -28.15
CA GLU C 608 17.20 -0.52 -28.77
C GLU C 608 17.52 0.55 -27.74
N SER C 609 18.69 1.15 -27.88
CA SER C 609 19.07 2.25 -27.01
C SER C 609 18.17 3.45 -27.26
N PRO C 610 17.98 4.32 -26.28
CA PRO C 610 17.10 5.48 -26.48
C PRO C 610 17.73 6.49 -27.44
N LEU C 611 16.88 7.31 -28.04
CA LEU C 611 17.36 8.49 -28.75
C LEU C 611 17.85 9.56 -27.80
N VAL C 612 17.29 9.64 -26.60
CA VAL C 612 17.73 10.58 -25.58
C VAL C 612 17.95 9.81 -24.29
N GLY C 613 19.11 10.01 -23.68
CA GLY C 613 19.43 9.34 -22.45
C GLY C 613 20.65 9.95 -21.79
N THR C 614 21.31 9.15 -20.96
CA THR C 614 22.51 9.60 -20.28
C THR C 614 23.53 8.47 -20.30
N GLY C 615 24.76 8.80 -19.91
CA GLY C 615 25.88 7.87 -20.04
C GLY C 615 25.96 6.78 -19.00
N MET C 616 24.86 6.49 -18.31
CA MET C 616 24.79 5.34 -17.41
C MET C 616 23.89 4.26 -17.97
N GLU C 617 23.86 4.12 -19.30
CA GLU C 617 23.37 2.91 -19.96
C GLU C 617 24.49 1.97 -20.36
N TYR C 618 25.57 2.51 -20.95
CA TYR C 618 26.72 1.68 -21.29
C TYR C 618 27.39 1.14 -20.03
N ARG C 619 27.68 2.01 -19.05
CA ARG C 619 28.33 1.55 -17.84
C ARG C 619 27.43 0.61 -17.06
N SER C 620 26.14 0.93 -16.96
CA SER C 620 25.20 0.12 -16.20
C SER C 620 24.81 -1.16 -16.92
N ALA C 621 25.12 -1.31 -18.20
CA ALA C 621 24.92 -2.56 -18.91
C ALA C 621 26.18 -3.39 -19.01
N ALA C 622 27.35 -2.77 -18.90
CA ALA C 622 28.62 -3.50 -18.91
C ALA C 622 29.00 -4.01 -17.53
N ASP C 623 28.93 -3.13 -16.52
CA ASP C 623 29.29 -3.54 -15.17
C ASP C 623 28.32 -4.58 -14.60
N ALA C 624 27.14 -4.74 -15.21
CA ALA C 624 26.25 -5.82 -14.85
C ALA C 624 26.77 -7.12 -15.46
N GLY C 625 25.99 -8.19 -15.37
CA GLY C 625 26.50 -9.51 -15.70
C GLY C 625 26.10 -10.08 -17.04
N ASP C 626 24.86 -9.85 -17.46
CA ASP C 626 24.28 -10.63 -18.57
C ASP C 626 25.00 -10.41 -19.89
N VAL C 627 25.74 -9.32 -20.06
CA VAL C 627 26.44 -9.07 -21.31
C VAL C 627 27.73 -9.90 -21.32
N VAL C 628 27.94 -10.64 -22.40
CA VAL C 628 29.16 -11.44 -22.56
C VAL C 628 30.26 -10.53 -23.08
N LYS C 629 31.47 -10.70 -22.54
CA LYS C 629 32.60 -9.84 -22.86
C LYS C 629 33.83 -10.68 -23.15
N ALA C 630 34.69 -10.18 -24.03
CA ALA C 630 35.91 -10.89 -24.42
C ALA C 630 37.06 -10.38 -23.58
N GLU C 631 37.62 -11.26 -22.75
CA GLU C 631 38.78 -10.94 -21.92
C GLU C 631 40.08 -11.40 -22.57
N LYS C 632 40.25 -11.10 -23.85
CA LYS C 632 41.43 -11.55 -24.57
C LYS C 632 41.62 -10.80 -25.88
N ALA C 633 42.71 -10.05 -26.00
CA ALA C 633 42.98 -9.33 -27.24
C ALA C 633 43.33 -10.32 -28.35
N GLY C 634 42.72 -10.13 -29.52
CA GLY C 634 42.95 -11.05 -30.62
C GLY C 634 41.99 -10.79 -31.76
N VAL C 635 41.75 -11.83 -32.55
CA VAL C 635 40.88 -11.76 -33.72
C VAL C 635 39.89 -12.92 -33.65
N VAL C 636 38.61 -12.62 -33.87
CA VAL C 636 37.59 -13.65 -33.86
C VAL C 636 37.74 -14.54 -35.08
N GLN C 637 37.48 -15.83 -34.90
CA GLN C 637 37.40 -16.74 -36.04
C GLN C 637 35.96 -16.79 -36.56
N GLU C 638 35.02 -17.18 -35.70
CA GLU C 638 33.65 -17.41 -36.09
C GLU C 638 32.69 -16.74 -35.12
N VAL C 639 31.60 -16.21 -35.65
CA VAL C 639 30.44 -15.85 -34.86
C VAL C 639 29.25 -16.63 -35.40
N SER C 640 29.03 -17.81 -34.83
CA SER C 640 27.98 -18.70 -35.31
C SER C 640 26.67 -18.42 -34.58
N ALA C 641 25.70 -19.31 -34.72
CA ALA C 641 24.42 -19.15 -34.04
C ALA C 641 24.62 -18.97 -32.55
N ASP C 642 25.18 -19.98 -31.88
CA ASP C 642 25.36 -19.98 -30.43
C ASP C 642 26.79 -19.69 -30.03
N TYR C 643 27.75 -20.48 -30.52
CA TYR C 643 29.11 -20.45 -30.02
C TYR C 643 29.95 -19.47 -30.84
N ILE C 644 30.37 -18.38 -30.22
CA ILE C 644 31.33 -17.47 -30.83
C ILE C 644 32.72 -17.99 -30.52
N THR C 645 33.46 -18.38 -31.57
CA THR C 645 34.77 -19.01 -31.41
C THR C 645 35.85 -18.03 -31.80
N THR C 646 36.79 -17.79 -30.88
CA THR C 646 37.83 -16.79 -31.06
C THR C 646 39.20 -17.39 -30.84
N THR C 647 40.18 -16.86 -31.57
CA THR C 647 41.58 -17.25 -31.47
C THR C 647 42.36 -16.05 -30.98
N ASN C 648 43.14 -16.24 -29.92
CA ASN C 648 43.83 -15.14 -29.28
C ASN C 648 45.12 -14.80 -30.00
N ASP C 649 45.69 -13.65 -29.64
CA ASP C 649 47.06 -13.34 -30.05
C ASP C 649 48.03 -14.38 -29.50
N ASP C 650 47.75 -14.92 -28.32
CA ASP C 650 48.58 -15.96 -27.76
C ASP C 650 48.40 -17.28 -28.50
N GLY C 651 47.27 -17.45 -29.18
CA GLY C 651 47.03 -18.64 -29.98
C GLY C 651 46.29 -19.74 -29.26
N THR C 652 45.14 -19.41 -28.67
CA THR C 652 44.29 -20.39 -28.02
C THR C 652 42.86 -20.21 -28.50
N TYR C 653 42.13 -21.31 -28.56
CA TYR C 653 40.77 -21.35 -29.08
C TYR C 653 39.80 -21.29 -27.91
N ILE C 654 38.88 -20.32 -27.94
CA ILE C 654 37.91 -20.13 -26.87
C ILE C 654 36.52 -20.10 -27.49
N THR C 655 35.59 -20.82 -26.86
CA THR C 655 34.22 -20.98 -27.32
C THR C 655 33.28 -20.24 -26.37
N TYR C 656 33.06 -18.96 -26.63
CA TYR C 656 32.10 -18.18 -25.86
C TYR C 656 30.71 -18.69 -26.19
N ARG C 657 30.09 -19.40 -25.25
CA ARG C 657 28.71 -19.81 -25.39
C ARG C 657 27.81 -18.66 -24.92
N LEU C 658 26.65 -18.55 -25.57
CA LEU C 658 25.74 -17.43 -25.35
C LEU C 658 24.43 -17.92 -24.77
N ALA C 659 23.81 -17.09 -23.93
CA ALA C 659 22.56 -17.44 -23.26
C ALA C 659 21.39 -17.16 -24.20
N LYS C 660 21.14 -18.14 -25.07
CA LYS C 660 20.12 -18.00 -26.11
C LYS C 660 18.77 -18.41 -25.55
N PHE C 661 17.92 -17.42 -25.28
CA PHE C 661 16.54 -17.63 -24.84
C PHE C 661 16.49 -18.50 -23.59
N SER C 662 17.07 -17.96 -22.52
CA SER C 662 17.08 -18.61 -21.21
C SER C 662 16.20 -17.83 -20.25
N ARG C 663 15.85 -18.49 -19.14
CA ARG C 663 14.86 -17.97 -18.20
C ARG C 663 15.54 -17.21 -17.06
N SER C 664 14.83 -16.23 -16.53
CA SER C 664 15.26 -15.47 -15.35
C SER C 664 14.34 -15.83 -14.18
N ASN C 665 14.54 -15.16 -13.04
CA ASN C 665 13.82 -15.55 -11.83
C ASN C 665 12.32 -15.38 -11.97
N GLN C 666 11.87 -14.18 -12.36
CA GLN C 666 10.43 -13.92 -12.37
C GLN C 666 9.74 -14.62 -13.54
N GLY C 667 10.48 -14.91 -14.60
CA GLY C 667 9.93 -15.54 -15.77
C GLY C 667 10.03 -14.66 -16.99
N THR C 668 11.03 -13.78 -17.02
CA THR C 668 11.34 -13.02 -18.23
C THR C 668 12.37 -13.79 -19.05
N SER C 669 12.98 -13.15 -20.04
CA SER C 669 13.93 -13.83 -20.91
C SER C 669 15.25 -13.07 -20.91
N VAL C 670 16.34 -13.84 -20.87
CA VAL C 670 17.69 -13.31 -20.80
C VAL C 670 18.43 -13.52 -22.12
N ASN C 671 17.70 -13.56 -23.23
CA ASN C 671 18.26 -13.90 -24.53
C ASN C 671 19.43 -13.01 -24.90
N GLN C 672 20.55 -13.62 -25.24
CA GLN C 672 21.75 -12.91 -25.68
C GLN C 672 21.84 -12.93 -27.20
N LYS C 673 22.65 -12.03 -27.74
CA LYS C 673 22.75 -11.89 -29.20
C LYS C 673 24.13 -11.38 -29.57
N VAL C 674 24.49 -11.66 -30.83
CA VAL C 674 25.81 -11.30 -31.35
C VAL C 674 25.82 -9.83 -31.75
N ILE C 675 27.02 -9.25 -31.79
CA ILE C 675 27.21 -7.85 -32.17
C ILE C 675 28.25 -7.74 -33.28
N VAL C 676 29.14 -8.73 -33.39
CA VAL C 676 30.27 -8.65 -34.30
C VAL C 676 30.12 -9.70 -35.39
N ALA C 677 30.97 -9.58 -36.40
CA ALA C 677 31.03 -10.52 -37.52
C ALA C 677 32.19 -11.48 -37.33
N GLU C 678 32.44 -12.29 -38.35
CA GLU C 678 33.42 -13.37 -38.25
C GLU C 678 34.75 -12.98 -38.90
N GLY C 679 35.03 -11.68 -38.97
CA GLY C 679 36.30 -11.20 -39.51
C GLY C 679 36.85 -10.02 -38.73
N ASP C 680 36.57 -9.98 -37.43
CA ASP C 680 36.80 -8.78 -36.64
C ASP C 680 37.91 -9.00 -35.60
N ARG C 681 38.61 -7.91 -35.30
CA ARG C 681 39.58 -7.89 -34.21
C ARG C 681 38.91 -7.43 -32.93
N ILE C 682 39.33 -8.00 -31.80
CA ILE C 682 38.75 -7.72 -30.49
C ILE C 682 39.87 -7.46 -29.50
N ILE C 683 39.65 -6.50 -28.60
CA ILE C 683 40.58 -6.25 -27.50
C ILE C 683 39.96 -6.75 -26.21
N GLU C 684 40.73 -6.79 -25.14
CA GLU C 684 40.25 -7.30 -23.87
C GLU C 684 39.10 -6.45 -23.35
N GLY C 685 38.11 -7.11 -22.76
CA GLY C 685 36.98 -6.40 -22.20
C GLY C 685 36.13 -5.66 -23.20
N GLN C 686 35.99 -6.20 -24.41
CA GLN C 686 35.10 -5.63 -25.43
C GLN C 686 33.84 -6.48 -25.49
N VAL C 687 32.71 -5.81 -25.68
CA VAL C 687 31.41 -6.50 -25.64
C VAL C 687 31.24 -7.31 -26.91
N LEU C 688 31.48 -8.62 -26.82
CA LEU C 688 31.29 -9.53 -27.94
C LEU C 688 29.84 -9.95 -28.10
N ALA C 689 28.93 -9.47 -27.27
CA ALA C 689 27.52 -9.80 -27.37
C ALA C 689 26.74 -8.81 -26.51
N ASP C 690 25.45 -9.04 -26.40
CA ASP C 690 24.57 -8.21 -25.58
C ASP C 690 23.56 -9.09 -24.87
N GLY C 691 23.17 -8.67 -23.67
CA GLY C 691 22.19 -9.39 -22.89
C GLY C 691 20.78 -8.93 -23.20
N PRO C 692 19.83 -9.25 -22.33
CA PRO C 692 18.46 -8.77 -22.51
C PRO C 692 18.34 -7.27 -22.25
N ALA C 693 17.36 -6.66 -22.92
CA ALA C 693 17.09 -5.24 -22.73
C ALA C 693 18.33 -4.39 -22.97
N THR C 694 19.23 -4.87 -23.83
CA THR C 694 20.48 -4.19 -24.12
C THR C 694 20.78 -4.32 -25.60
N GLU C 695 21.21 -3.22 -26.21
CA GLU C 695 21.62 -3.19 -27.60
C GLU C 695 22.97 -2.52 -27.70
N ASN C 696 23.92 -3.21 -28.34
CA ASN C 696 25.26 -2.66 -28.54
C ASN C 696 25.99 -2.40 -27.22
N GLY C 697 25.60 -3.08 -26.16
CA GLY C 697 26.22 -2.85 -24.87
C GLY C 697 25.74 -1.60 -24.16
N GLU C 698 24.49 -1.21 -24.36
CA GLU C 698 23.86 -0.11 -23.65
C GLU C 698 22.49 -0.52 -23.15
N MET C 699 22.19 -0.16 -21.90
CA MET C 699 20.92 -0.53 -21.31
C MET C 699 19.76 0.02 -22.16
N ALA C 700 18.80 -0.86 -22.46
CA ALA C 700 17.68 -0.53 -23.33
C ALA C 700 16.40 -1.03 -22.66
N LEU C 701 15.74 -0.15 -21.91
CA LEU C 701 14.54 -0.51 -21.17
C LEU C 701 13.28 -0.37 -22.02
N GLY C 702 13.14 0.75 -22.71
CA GLY C 702 11.94 1.08 -23.45
C GLY C 702 12.23 1.46 -24.88
N LYS C 703 11.33 2.26 -25.45
CA LYS C 703 11.38 2.62 -26.86
C LYS C 703 11.04 4.09 -27.03
N ASN C 704 11.34 4.63 -28.22
CA ASN C 704 11.10 6.04 -28.52
C ASN C 704 9.84 6.16 -29.37
N LEU C 705 8.89 6.95 -28.89
CA LEU C 705 7.61 7.13 -29.57
C LEU C 705 7.28 8.61 -29.71
N LEU C 706 6.58 8.97 -30.79
CA LEU C 706 6.22 10.36 -31.01
C LEU C 706 4.96 10.72 -30.25
N VAL C 707 5.03 11.82 -29.52
CA VAL C 707 4.01 12.30 -28.61
C VAL C 707 3.42 13.60 -29.13
N ALA C 708 2.13 13.81 -28.85
CA ALA C 708 1.46 15.09 -29.08
C ALA C 708 0.64 15.39 -27.84
N PHE C 709 0.89 16.55 -27.22
CA PHE C 709 0.24 16.93 -25.97
C PHE C 709 -1.09 17.59 -26.29
N MET C 710 -2.19 16.86 -26.08
CA MET C 710 -3.52 17.42 -26.25
C MET C 710 -4.53 16.71 -25.37
N PRO C 711 -5.56 17.41 -24.89
CA PRO C 711 -6.78 16.71 -24.53
C PRO C 711 -7.46 16.24 -25.81
N TRP C 712 -7.89 14.98 -25.82
CA TRP C 712 -8.35 14.39 -27.08
C TRP C 712 -9.53 13.49 -26.78
N GLU C 713 -10.74 14.04 -26.92
CA GLU C 713 -11.99 13.29 -26.76
C GLU C 713 -12.17 12.80 -25.32
N GLY C 714 -11.26 13.19 -24.43
CA GLY C 714 -11.30 12.69 -23.07
C GLY C 714 -10.77 11.29 -22.89
N HIS C 715 -10.28 10.66 -23.96
CA HIS C 715 -9.73 9.32 -23.84
C HIS C 715 -8.49 9.27 -23.02
N ASN C 716 -7.88 10.43 -22.74
CA ASN C 716 -6.75 10.53 -21.83
C ASN C 716 -7.10 11.29 -20.55
N TYR C 717 -8.37 11.29 -20.14
CA TYR C 717 -8.78 12.05 -18.97
C TYR C 717 -8.07 11.55 -17.71
N GLU C 718 -7.56 12.49 -16.93
CA GLU C 718 -6.91 12.20 -15.66
C GLU C 718 -5.70 11.27 -15.84
N ASP C 719 -4.67 11.75 -16.52
CA ASP C 719 -3.37 11.08 -16.57
C ASP C 719 -3.51 9.65 -17.10
N ALA C 720 -3.92 9.51 -18.36
CA ALA C 720 -3.96 8.24 -19.05
C ALA C 720 -3.19 8.37 -20.36
N ILE C 721 -3.17 7.30 -21.14
CA ILE C 721 -2.33 7.22 -22.33
C ILE C 721 -3.10 6.51 -23.43
N ILE C 722 -3.00 7.03 -24.65
CA ILE C 722 -3.62 6.43 -25.83
C ILE C 722 -2.52 6.19 -26.87
N LEU C 723 -2.52 5.00 -27.47
CA LEU C 723 -1.43 4.57 -28.32
C LEU C 723 -1.94 4.29 -29.73
N SER C 724 -0.98 4.13 -30.65
CA SER C 724 -1.22 3.96 -32.07
C SER C 724 -0.95 2.52 -32.46
N GLN C 725 -1.68 2.02 -33.46
CA GLN C 725 -1.54 0.62 -33.85
C GLN C 725 -0.25 0.37 -34.62
N ARG C 726 0.49 1.42 -34.97
CA ARG C 726 1.82 1.24 -35.54
C ARG C 726 2.64 0.31 -34.65
N LEU C 727 2.64 0.56 -33.35
CA LEU C 727 3.41 -0.20 -32.38
C LEU C 727 2.78 -1.56 -32.07
N VAL C 728 1.75 -1.95 -32.80
CA VAL C 728 1.29 -3.33 -32.81
C VAL C 728 1.74 -4.07 -34.06
N GLN C 729 2.11 -3.36 -35.12
CA GLN C 729 2.67 -3.98 -36.32
C GLN C 729 4.19 -4.06 -36.25
N ASP C 730 4.84 -2.95 -35.91
CA ASP C 730 6.29 -2.92 -35.80
C ASP C 730 6.82 -3.78 -34.66
N ASP C 731 5.96 -4.19 -33.72
CA ASP C 731 6.39 -4.90 -32.52
C ASP C 731 7.45 -4.10 -31.77
N VAL C 732 7.34 -2.77 -31.84
CA VAL C 732 8.30 -1.91 -31.16
C VAL C 732 8.20 -2.11 -29.65
N LEU C 733 6.98 -2.15 -29.11
CA LEU C 733 6.75 -2.40 -27.70
C LEU C 733 6.07 -3.76 -27.57
N SER C 734 6.89 -4.81 -27.50
CA SER C 734 6.42 -6.15 -27.20
C SER C 734 7.55 -6.86 -26.47
N SER C 735 7.19 -7.85 -25.66
CA SER C 735 8.15 -8.53 -24.80
C SER C 735 7.93 -10.03 -24.90
N ILE C 736 8.84 -10.78 -24.28
CA ILE C 736 8.77 -12.23 -24.23
C ILE C 736 9.06 -12.69 -22.81
N HIS C 737 8.20 -13.54 -22.28
CA HIS C 737 8.32 -14.09 -20.94
C HIS C 737 8.63 -15.59 -21.02
N ILE C 738 9.16 -16.14 -19.93
CA ILE C 738 9.41 -17.57 -19.83
C ILE C 738 8.92 -18.10 -18.48
N GLU C 739 7.75 -18.73 -18.49
CA GLU C 739 7.27 -19.47 -17.33
C GLU C 739 8.05 -20.79 -17.21
N GLU C 740 7.99 -21.39 -16.02
CA GLU C 740 8.62 -22.68 -15.77
C GLU C 740 7.64 -23.63 -15.11
N HIS C 741 7.99 -24.92 -15.13
CA HIS C 741 7.31 -25.93 -14.36
C HIS C 741 8.33 -26.97 -13.92
N GLU C 742 8.42 -27.19 -12.61
CA GLU C 742 9.34 -28.16 -12.02
C GLU C 742 8.48 -29.22 -11.33
N VAL C 743 8.17 -30.29 -12.06
CA VAL C 743 7.35 -31.37 -11.54
C VAL C 743 8.25 -32.57 -11.26
N ASP C 744 7.74 -33.49 -10.46
CA ASP C 744 8.51 -34.68 -10.14
C ASP C 744 7.58 -35.73 -9.54
N ALA C 745 7.96 -36.99 -9.73
CA ALA C 745 7.22 -38.13 -9.21
C ALA C 745 7.85 -38.62 -7.91
N ARG C 746 7.01 -39.20 -7.05
CA ARG C 746 7.43 -39.65 -5.72
C ARG C 746 7.13 -41.14 -5.59
N ASP C 747 7.94 -41.81 -4.77
CA ASP C 747 7.77 -43.26 -4.59
C ASP C 747 6.45 -43.60 -3.90
N THR C 748 5.95 -42.70 -3.04
CA THR C 748 4.72 -42.92 -2.28
C THR C 748 4.75 -44.24 -1.53
N LYS C 749 3.57 -44.66 -1.07
CA LYS C 749 3.38 -45.98 -0.48
C LYS C 749 2.58 -46.91 -1.37
N LEU C 750 1.74 -46.36 -2.25
CA LEU C 750 0.97 -47.14 -3.22
C LEU C 750 1.76 -47.35 -4.52
N GLY C 751 2.98 -47.85 -4.40
CA GLY C 751 3.82 -48.08 -5.56
C GLY C 751 4.51 -46.81 -6.03
N PRO C 752 5.58 -46.95 -6.79
CA PRO C 752 6.35 -45.76 -7.22
C PRO C 752 5.69 -45.08 -8.40
N GLU C 753 5.55 -43.76 -8.30
CA GLU C 753 4.95 -42.99 -9.39
C GLU C 753 5.92 -42.92 -10.57
N GLU C 754 5.39 -43.18 -11.77
CA GLU C 754 6.17 -43.12 -13.00
C GLU C 754 5.72 -41.94 -13.86
N ILE C 755 6.65 -41.46 -14.68
CA ILE C 755 6.38 -40.42 -15.68
C ILE C 755 6.30 -41.14 -17.02
N THR C 756 5.09 -41.34 -17.51
CA THR C 756 4.86 -42.14 -18.71
C THR C 756 3.80 -41.48 -19.58
N ARG C 757 3.85 -41.82 -20.87
CA ARG C 757 2.78 -41.41 -21.78
C ARG C 757 1.45 -42.09 -21.43
N ASP C 758 1.51 -43.25 -20.77
CA ASP C 758 0.32 -44.05 -20.49
C ASP C 758 -0.47 -43.41 -19.35
N ILE C 759 -1.23 -42.38 -19.70
CA ILE C 759 -2.17 -41.76 -18.78
C ILE C 759 -3.48 -42.53 -18.88
N PRO C 760 -4.08 -42.98 -17.78
CA PRO C 760 -5.27 -43.84 -17.88
C PRO C 760 -6.45 -43.11 -18.52
N ASN C 761 -6.96 -43.67 -19.61
CA ASN C 761 -8.25 -43.28 -20.19
C ASN C 761 -8.27 -41.78 -20.55
N VAL C 762 -7.41 -41.43 -21.51
CA VAL C 762 -7.39 -40.09 -22.09
C VAL C 762 -7.36 -40.21 -23.61
N SER C 763 -7.84 -39.16 -24.27
CA SER C 763 -7.90 -39.16 -25.72
C SER C 763 -6.50 -38.99 -26.31
N GLU C 764 -6.37 -39.35 -27.58
CA GLU C 764 -5.07 -39.34 -28.23
C GLU C 764 -4.61 -37.94 -28.63
N GLU C 765 -5.54 -36.98 -28.72
CA GLU C 765 -5.14 -35.64 -29.13
C GLU C 765 -4.41 -34.90 -28.02
N VAL C 766 -4.84 -35.08 -26.77
CA VAL C 766 -4.19 -34.38 -25.66
C VAL C 766 -2.77 -34.86 -25.46
N LEU C 767 -2.49 -36.14 -25.68
CA LEU C 767 -1.14 -36.68 -25.55
C LEU C 767 -0.44 -36.79 -26.91
N ALA C 768 -1.04 -36.25 -27.97
CA ALA C 768 -0.36 -36.24 -29.27
C ALA C 768 0.94 -35.46 -29.19
N ASP C 769 0.91 -34.28 -28.55
CA ASP C 769 2.14 -33.52 -28.34
C ASP C 769 3.07 -34.23 -27.36
N LEU C 770 2.52 -35.01 -26.45
CA LEU C 770 3.32 -35.67 -25.43
C LEU C 770 4.28 -36.67 -26.08
N ASP C 771 5.40 -36.90 -25.40
CA ASP C 771 6.37 -37.90 -25.82
C ASP C 771 6.06 -39.24 -25.17
N GLU C 772 6.73 -40.29 -25.66
CA GLU C 772 6.59 -41.61 -25.07
C GLU C 772 6.93 -41.59 -23.58
N ARG C 773 7.93 -40.80 -23.18
CA ARG C 773 8.27 -40.69 -21.76
C ARG C 773 7.34 -39.77 -21.00
N GLY C 774 6.57 -38.93 -21.70
CA GLY C 774 5.58 -38.09 -21.04
C GLY C 774 5.95 -36.63 -20.92
N ILE C 775 6.54 -36.05 -21.97
CA ILE C 775 6.77 -34.62 -22.06
C ILE C 775 6.40 -34.17 -23.46
N ILE C 776 5.77 -33.00 -23.56
CA ILE C 776 5.36 -32.47 -24.87
C ILE C 776 6.60 -32.25 -25.72
N ARG C 777 6.40 -32.20 -27.05
CA ARG C 777 7.50 -31.96 -27.96
C ARG C 777 8.15 -30.63 -27.65
N ILE C 778 9.47 -30.57 -27.78
CA ILE C 778 10.22 -29.37 -27.43
C ILE C 778 10.08 -28.38 -28.58
N GLY C 779 9.05 -27.53 -28.52
CA GLY C 779 8.80 -26.54 -29.55
C GLY C 779 7.34 -26.36 -29.86
N ALA C 780 6.53 -27.38 -29.61
CA ALA C 780 5.10 -27.27 -29.85
C ALA C 780 4.48 -26.26 -28.89
N GLU C 781 3.38 -25.66 -29.33
CA GLU C 781 2.73 -24.63 -28.54
C GLU C 781 2.02 -25.23 -27.34
N VAL C 782 1.73 -24.37 -26.36
CA VAL C 782 0.93 -24.74 -25.20
C VAL C 782 0.00 -23.58 -24.86
N VAL C 783 -1.25 -23.92 -24.52
CA VAL C 783 -2.27 -22.94 -24.17
C VAL C 783 -3.00 -23.48 -22.94
N ALA C 784 -3.71 -22.58 -22.26
CA ALA C 784 -4.51 -22.99 -21.11
C ALA C 784 -5.45 -24.12 -21.49
N GLY C 785 -5.46 -25.17 -20.68
CA GLY C 785 -6.22 -26.36 -20.95
C GLY C 785 -5.44 -27.51 -21.55
N ASP C 786 -4.11 -27.43 -21.56
CA ASP C 786 -3.24 -28.46 -22.12
C ASP C 786 -2.64 -29.30 -21.00
N ILE C 787 -1.79 -30.25 -21.38
CA ILE C 787 -1.11 -31.15 -20.45
C ILE C 787 0.39 -31.03 -20.72
N LEU C 788 1.16 -30.82 -19.64
CA LEU C 788 2.60 -30.65 -19.78
C LEU C 788 3.35 -31.97 -19.61
N VAL C 789 3.21 -32.60 -18.44
CA VAL C 789 3.91 -33.84 -18.12
C VAL C 789 2.89 -34.86 -17.66
N GLY C 790 2.95 -36.06 -18.23
CA GLY C 790 2.08 -37.13 -17.82
C GLY C 790 2.63 -37.92 -16.64
N LYS C 791 1.88 -37.94 -15.54
CA LYS C 791 2.28 -38.64 -14.32
C LYS C 791 1.10 -39.43 -13.79
N VAL C 792 1.41 -40.56 -13.14
CA VAL C 792 0.38 -41.48 -12.66
C VAL C 792 0.96 -42.32 -11.53
N THR C 793 0.10 -42.65 -10.56
CA THR C 793 0.48 -43.52 -9.46
C THR C 793 0.07 -44.94 -9.79
N PRO C 794 0.99 -45.93 -9.77
CA PRO C 794 0.64 -47.26 -10.29
C PRO C 794 -0.49 -47.94 -9.54
N LYS C 795 -0.60 -47.76 -8.22
CA LYS C 795 -1.57 -48.48 -7.41
C LYS C 795 -2.46 -47.48 -6.68
N GLY C 796 -3.60 -47.98 -6.20
CA GLY C 796 -4.54 -47.14 -5.47
C GLY C 796 -5.62 -47.94 -4.76
N GLU C 797 -5.93 -47.54 -3.53
CA GLU C 797 -7.04 -48.12 -2.77
C GLU C 797 -8.27 -47.22 -2.93
N THR C 798 -8.82 -47.22 -4.14
CA THR C 798 -9.85 -46.25 -4.51
C THR C 798 -11.19 -46.58 -3.88
N GLU C 799 -11.77 -47.72 -4.25
CA GLU C 799 -13.08 -48.15 -3.76
C GLU C 799 -13.08 -49.67 -3.69
N LEU C 800 -12.90 -50.22 -2.48
CA LEU C 800 -12.81 -51.66 -2.29
C LEU C 800 -13.58 -52.08 -1.04
N THR C 801 -14.74 -51.45 -0.81
CA THR C 801 -15.63 -51.89 0.25
C THR C 801 -16.26 -53.22 -0.14
N PRO C 802 -16.68 -54.04 0.85
CA PRO C 802 -17.23 -55.36 0.50
C PRO C 802 -18.37 -55.33 -0.51
N GLU C 803 -19.25 -54.34 -0.45
CA GLU C 803 -20.32 -54.24 -1.43
C GLU C 803 -19.75 -54.02 -2.83
N GLU C 804 -18.85 -53.04 -2.96
CA GLU C 804 -18.24 -52.79 -4.26
C GLU C 804 -17.32 -53.92 -4.68
N ARG C 805 -16.67 -54.58 -3.72
CA ARG C 805 -15.86 -55.76 -4.07
C ARG C 805 -16.74 -56.86 -4.66
N LEU C 806 -17.90 -57.11 -4.05
CA LEU C 806 -18.82 -58.12 -4.57
C LEU C 806 -19.34 -57.71 -5.94
N LEU C 807 -19.65 -56.43 -6.12
CA LEU C 807 -20.13 -55.96 -7.42
C LEU C 807 -19.06 -56.15 -8.50
N ARG C 808 -17.81 -55.84 -8.17
CA ARG C 808 -16.72 -56.04 -9.13
C ARG C 808 -16.53 -57.52 -9.44
N ALA C 809 -16.61 -58.38 -8.42
CA ALA C 809 -16.48 -59.81 -8.65
C ALA C 809 -17.58 -60.33 -9.56
N ILE C 810 -18.81 -59.86 -9.36
CA ILE C 810 -19.91 -60.24 -10.24
C ILE C 810 -19.64 -59.75 -11.66
N PHE C 811 -19.18 -58.50 -11.80
CA PHE C 811 -18.88 -57.97 -13.12
C PHE C 811 -17.73 -58.75 -13.77
N GLY C 812 -16.71 -59.08 -12.99
CA GLY C 812 -15.59 -59.83 -13.51
C GLY C 812 -14.53 -59.01 -14.21
N GLU C 813 -14.65 -57.68 -14.23
CA GLU C 813 -13.70 -56.79 -14.86
C GLU C 813 -12.98 -55.99 -13.78
N LYS C 814 -11.66 -55.93 -13.87
CA LYS C 814 -10.83 -55.22 -12.89
C LYS C 814 -10.66 -53.78 -13.36
N ALA C 815 -11.25 -52.84 -12.64
CA ALA C 815 -11.08 -51.44 -12.96
C ALA C 815 -9.66 -50.99 -12.64
N ARG C 816 -9.27 -49.86 -13.22
CA ARG C 816 -7.91 -49.35 -13.06
C ARG C 816 -7.82 -48.52 -11.79
N GLU C 817 -6.98 -48.96 -10.85
CA GLU C 817 -6.79 -48.26 -9.60
C GLU C 817 -5.84 -47.08 -9.71
N VAL C 818 -5.18 -46.92 -10.86
CA VAL C 818 -4.28 -45.78 -11.04
C VAL C 818 -5.07 -44.47 -10.99
N ARG C 819 -4.34 -43.38 -10.77
CA ARG C 819 -4.92 -42.05 -10.77
C ARG C 819 -3.92 -41.07 -11.37
N ASP C 820 -4.45 -40.10 -12.12
CA ASP C 820 -3.61 -39.16 -12.86
C ASP C 820 -3.04 -38.13 -11.90
N THR C 821 -1.73 -38.16 -11.69
CA THR C 821 -1.00 -37.15 -10.94
C THR C 821 -0.25 -36.20 -11.87
N SER C 822 -0.74 -36.09 -13.11
CA SER C 822 -0.09 -35.31 -14.19
C SER C 822 0.08 -33.83 -13.88
N LEU C 823 1.18 -33.23 -14.35
CA LEU C 823 1.35 -31.79 -14.30
C LEU C 823 0.26 -31.10 -15.11
N LYS C 824 0.03 -29.83 -14.81
CA LYS C 824 -1.09 -29.10 -15.39
C LYS C 824 -0.68 -27.65 -15.64
N VAL C 825 -0.67 -27.24 -16.90
CA VAL C 825 -0.34 -25.85 -17.23
C VAL C 825 -1.40 -24.93 -16.60
N PRO C 826 -1.03 -23.82 -15.99
CA PRO C 826 -2.05 -22.98 -15.33
C PRO C 826 -3.07 -22.44 -16.32
N HIS C 827 -4.29 -22.26 -15.81
CA HIS C 827 -5.38 -21.71 -16.62
C HIS C 827 -5.23 -20.19 -16.64
N GLY C 828 -4.87 -19.66 -17.80
CA GLY C 828 -4.66 -18.23 -17.97
C GLY C 828 -3.30 -17.88 -18.53
N GLU C 829 -2.62 -18.86 -19.14
CA GLU C 829 -1.30 -18.66 -19.70
C GLU C 829 -1.21 -19.35 -21.06
N ILE C 830 -0.52 -18.69 -21.99
CA ILE C 830 -0.20 -19.23 -23.30
C ILE C 830 1.32 -19.23 -23.44
N GLY C 831 1.83 -20.08 -24.33
CA GLY C 831 3.27 -20.13 -24.49
C GLY C 831 3.70 -21.21 -25.46
N LYS C 832 5.02 -21.21 -25.72
CA LYS C 832 5.67 -22.18 -26.58
C LYS C 832 6.94 -22.64 -25.89
N VAL C 833 7.23 -23.93 -25.97
CA VAL C 833 8.26 -24.54 -25.13
C VAL C 833 9.64 -24.04 -25.57
N ILE C 834 10.43 -23.59 -24.60
CA ILE C 834 11.81 -23.18 -24.83
C ILE C 834 12.81 -24.29 -24.53
N GLY C 835 12.45 -25.25 -23.70
CA GLY C 835 13.36 -26.34 -23.38
C GLY C 835 12.77 -27.27 -22.34
N VAL C 836 13.41 -28.44 -22.24
CA VAL C 836 13.00 -29.48 -21.31
C VAL C 836 14.24 -30.10 -20.72
N ARG C 837 14.16 -30.51 -19.45
CA ARG C 837 15.24 -31.20 -18.77
C ARG C 837 14.67 -32.35 -17.95
N VAL C 838 15.35 -33.48 -17.99
CA VAL C 838 14.91 -34.72 -17.35
C VAL C 838 16.02 -35.20 -16.43
N PHE C 839 15.64 -35.68 -15.24
CA PHE C 839 16.58 -36.22 -14.27
C PHE C 839 15.97 -37.41 -13.56
N ASP C 840 16.84 -38.26 -13.02
CA ASP C 840 16.41 -39.45 -12.31
C ASP C 840 17.42 -39.76 -11.21
N ARG C 841 16.99 -40.56 -10.23
CA ARG C 841 17.88 -40.98 -9.16
C ARG C 841 19.04 -41.83 -9.69
N GLU C 842 18.91 -42.36 -10.91
CA GLU C 842 19.99 -43.17 -11.47
C GLU C 842 21.29 -42.38 -11.56
N GLU C 843 21.21 -41.11 -11.96
CA GLU C 843 22.39 -40.28 -12.13
C GLU C 843 22.88 -39.79 -10.78
N GLY C 844 24.07 -39.17 -10.79
CA GLY C 844 24.66 -38.64 -9.57
C GLY C 844 23.99 -37.38 -9.06
N ASP C 845 22.91 -36.93 -9.72
CA ASP C 845 22.14 -35.78 -9.26
C ASP C 845 21.77 -35.89 -7.79
N GLU C 846 21.59 -34.75 -7.13
CA GLU C 846 21.21 -34.75 -5.72
C GLU C 846 19.70 -34.57 -5.59
N LEU C 847 19.05 -35.53 -4.92
CA LEU C 847 17.63 -35.44 -4.70
C LEU C 847 17.31 -36.00 -3.31
N PRO C 848 16.47 -35.34 -2.53
CA PRO C 848 15.95 -35.98 -1.31
C PRO C 848 15.20 -37.25 -1.62
N PRO C 849 14.77 -38.00 -0.59
CA PRO C 849 14.18 -39.31 -0.81
C PRO C 849 12.75 -39.35 -1.35
N GLY C 850 12.37 -40.49 -1.91
CA GLY C 850 11.03 -40.73 -2.42
C GLY C 850 10.87 -40.31 -3.86
N VAL C 851 11.42 -39.14 -4.21
CA VAL C 851 11.24 -38.59 -5.54
C VAL C 851 11.87 -39.52 -6.56
N ASN C 852 11.10 -39.88 -7.60
CA ASN C 852 11.54 -40.88 -8.58
C ASN C 852 12.18 -40.21 -9.78
N GLN C 853 11.42 -39.39 -10.49
CA GLN C 853 11.87 -38.75 -11.73
C GLN C 853 11.53 -37.27 -11.67
N LEU C 854 12.48 -36.42 -12.06
CA LEU C 854 12.31 -34.98 -12.05
C LEU C 854 12.24 -34.45 -13.47
N VAL C 855 11.30 -33.53 -13.70
CA VAL C 855 11.12 -32.92 -15.01
C VAL C 855 11.03 -31.41 -14.82
N ARG C 856 11.76 -30.67 -15.65
CA ARG C 856 11.75 -29.21 -15.65
C ARG C 856 11.48 -28.75 -17.06
N VAL C 857 10.27 -28.25 -17.30
CA VAL C 857 9.82 -27.84 -18.63
C VAL C 857 9.66 -26.33 -18.58
N TYR C 858 10.39 -25.63 -19.44
CA TYR C 858 10.28 -24.18 -19.53
C TYR C 858 9.42 -23.83 -20.74
N VAL C 859 8.53 -22.85 -20.57
CA VAL C 859 7.63 -22.41 -21.62
C VAL C 859 7.86 -20.93 -21.86
N ALA C 860 7.82 -20.45 -23.10
CA ALA C 860 8.19 -19.05 -23.40
C ALA C 860 7.14 -18.41 -24.31
N GLN C 861 6.54 -17.30 -23.89
CA GLN C 861 5.44 -16.64 -24.64
C GLN C 861 5.88 -15.25 -25.11
N LYS C 862 5.25 -14.72 -26.16
CA LYS C 862 5.47 -13.37 -26.65
C LYS C 862 4.18 -12.58 -26.50
N ARG C 863 4.28 -11.40 -25.90
CA ARG C 863 3.13 -10.53 -25.66
C ARG C 863 3.36 -9.20 -26.35
N LYS C 864 2.32 -8.70 -27.01
CA LYS C 864 2.32 -7.38 -27.62
C LYS C 864 1.56 -6.40 -26.73
N ILE C 865 1.85 -5.10 -26.90
CA ILE C 865 1.22 -4.09 -26.07
C ILE C 865 -0.28 -4.09 -26.31
N THR C 866 -1.05 -3.92 -25.23
CA THR C 866 -2.50 -4.03 -25.30
C THR C 866 -3.09 -3.07 -24.27
N ASP C 867 -4.33 -2.63 -24.53
CA ASP C 867 -4.99 -1.69 -23.64
C ASP C 867 -5.10 -2.28 -22.25
N GLY C 868 -4.81 -1.45 -21.24
CA GLY C 868 -4.81 -1.86 -19.85
C GLY C 868 -3.44 -2.23 -19.32
N ASP C 869 -2.49 -2.52 -20.20
CA ASP C 869 -1.12 -2.78 -19.76
C ASP C 869 -0.49 -1.47 -19.28
N LYS C 870 -0.07 -1.45 -18.02
CA LYS C 870 0.52 -0.23 -17.47
C LYS C 870 1.75 0.16 -18.27
N LEU C 871 1.90 1.46 -18.49
CA LEU C 871 3.10 2.05 -19.06
C LEU C 871 3.57 3.15 -18.12
N ALA C 872 4.67 3.79 -18.46
CA ALA C 872 5.23 4.83 -17.60
C ALA C 872 6.29 5.57 -18.39
N GLY C 873 7.04 6.42 -17.69
CA GLY C 873 8.16 7.12 -18.28
C GLY C 873 9.24 7.33 -17.24
N ARG C 874 10.26 8.11 -17.58
CA ARG C 874 11.42 8.28 -16.71
C ARG C 874 11.25 9.41 -15.70
N HIS C 875 10.13 10.15 -15.75
CA HIS C 875 9.82 11.19 -14.76
C HIS C 875 8.56 10.85 -13.97
N GLY C 876 8.26 9.58 -13.83
CA GLY C 876 7.09 9.17 -13.08
C GLY C 876 5.77 9.55 -13.72
N ASN C 877 5.77 10.00 -14.97
CA ASN C 877 4.53 10.38 -15.63
C ASN C 877 3.75 9.13 -15.96
N LYS C 878 3.18 8.51 -14.93
CA LYS C 878 2.56 7.21 -15.06
C LYS C 878 1.24 7.29 -15.82
N GLY C 879 0.71 6.13 -16.14
CA GLY C 879 -0.57 6.05 -16.83
C GLY C 879 -0.80 4.64 -17.32
N VAL C 880 -2.03 4.42 -17.78
CA VAL C 880 -2.46 3.12 -18.28
C VAL C 880 -3.13 3.32 -19.63
N ILE C 881 -2.97 2.34 -20.52
CA ILE C 881 -3.47 2.47 -21.89
C ILE C 881 -4.99 2.43 -21.85
N SER C 882 -5.62 3.42 -22.49
CA SER C 882 -7.07 3.57 -22.48
C SER C 882 -7.74 2.89 -23.66
N LYS C 883 -7.29 3.19 -24.88
CA LYS C 883 -7.91 2.66 -26.08
C LYS C 883 -6.89 2.69 -27.21
N ILE C 884 -7.06 1.79 -28.17
CA ILE C 884 -6.16 1.64 -29.32
C ILE C 884 -6.94 1.99 -30.57
N ASN C 885 -6.34 2.83 -31.42
CA ASN C 885 -7.01 3.37 -32.60
C ASN C 885 -6.15 3.17 -33.83
N PRO C 886 -6.77 3.16 -35.05
CA PRO C 886 -5.98 2.98 -36.26
C PRO C 886 -4.94 4.06 -36.49
N ILE C 887 -4.10 3.90 -37.52
CA ILE C 887 -3.00 4.84 -37.73
C ILE C 887 -3.53 6.20 -38.14
N GLU C 888 -4.59 6.24 -38.94
CA GLU C 888 -5.12 7.50 -39.46
C GLU C 888 -5.97 8.27 -38.46
N ASP C 889 -6.58 7.61 -37.49
CA ASP C 889 -7.42 8.31 -36.52
C ASP C 889 -6.62 9.33 -35.74
N MET C 890 -5.43 8.97 -35.29
CA MET C 890 -4.59 9.93 -34.60
C MET C 890 -4.10 11.00 -35.57
N PRO C 891 -3.75 12.19 -35.08
CA PRO C 891 -3.38 13.28 -35.99
C PRO C 891 -2.19 12.98 -36.89
N PHE C 892 -1.89 13.94 -37.77
CA PHE C 892 -0.71 13.87 -38.62
C PHE C 892 -0.15 15.27 -38.81
N LEU C 893 1.16 15.36 -38.94
CA LEU C 893 1.81 16.65 -39.14
C LEU C 893 1.66 17.08 -40.59
N GLU C 894 2.38 18.13 -41.00
CA GLU C 894 2.24 18.70 -42.33
C GLU C 894 2.76 17.80 -43.45
N ASP C 895 3.75 16.94 -43.19
CA ASP C 895 4.26 16.03 -44.21
C ASP C 895 3.64 14.64 -44.14
N GLY C 896 2.66 14.43 -43.26
CA GLY C 896 1.87 13.23 -43.25
C GLY C 896 2.21 12.23 -42.17
N THR C 897 3.33 12.39 -41.48
CA THR C 897 3.74 11.41 -40.47
C THR C 897 2.80 11.45 -39.27
N PRO C 898 2.16 10.35 -38.90
CA PRO C 898 1.25 10.39 -37.74
C PRO C 898 2.01 10.61 -36.44
N VAL C 899 1.25 10.61 -35.33
CA VAL C 899 1.79 10.71 -33.99
C VAL C 899 1.50 9.41 -33.25
N ASP C 900 2.49 8.96 -32.47
CA ASP C 900 2.47 7.62 -31.91
C ASP C 900 1.74 7.53 -30.59
N ILE C 901 1.92 8.52 -29.71
CA ILE C 901 1.28 8.55 -28.40
C ILE C 901 0.71 9.95 -28.18
N ILE C 902 -0.32 10.05 -27.35
CA ILE C 902 -0.92 11.33 -27.00
C ILE C 902 -1.23 11.33 -25.51
N LEU C 903 -0.84 12.41 -24.84
CA LEU C 903 -0.91 12.52 -23.40
C LEU C 903 -1.79 13.70 -23.01
N ASN C 904 -2.40 13.61 -21.84
CA ASN C 904 -3.26 14.68 -21.35
C ASN C 904 -2.41 15.80 -20.75
N PRO C 905 -2.49 17.04 -21.27
CA PRO C 905 -1.60 18.09 -20.78
C PRO C 905 -2.06 18.71 -19.47
N LEU C 906 -3.11 18.17 -18.85
CA LEU C 906 -3.54 18.64 -17.54
C LEU C 906 -2.71 18.07 -16.40
N ALA C 907 -2.06 16.93 -16.61
CA ALA C 907 -1.26 16.35 -15.54
C ALA C 907 0.07 17.07 -15.38
N VAL C 908 0.61 17.65 -16.46
CA VAL C 908 1.96 18.21 -16.40
C VAL C 908 2.05 19.33 -15.38
N PRO C 909 1.15 20.31 -15.33
CA PRO C 909 1.27 21.36 -14.31
C PRO C 909 0.99 20.85 -12.90
N SER C 910 -0.15 20.17 -12.73
CA SER C 910 -0.60 19.80 -11.39
C SER C 910 0.35 18.81 -10.73
N ARG C 911 0.71 17.74 -11.44
CA ARG C 911 1.58 16.73 -10.87
C ARG C 911 2.98 17.26 -10.63
N MET C 912 3.30 18.45 -11.15
CA MET C 912 4.50 19.18 -10.78
C MET C 912 5.77 18.59 -11.39
N ASN C 913 5.69 18.03 -12.60
CA ASN C 913 6.85 17.47 -13.30
C ASN C 913 6.98 18.12 -14.67
N PRO C 914 7.48 19.38 -14.72
CA PRO C 914 7.86 20.00 -16.00
C PRO C 914 9.26 19.63 -16.45
N GLY C 915 9.59 18.34 -16.34
CA GLY C 915 10.87 17.82 -16.78
C GLY C 915 10.70 16.76 -17.86
N GLN C 916 9.51 16.70 -18.44
CA GLN C 916 9.22 15.79 -19.55
C GLN C 916 9.02 16.52 -20.87
N VAL C 917 8.57 17.77 -20.81
CA VAL C 917 8.44 18.57 -22.02
C VAL C 917 9.79 18.68 -22.71
N LEU C 918 10.85 18.93 -21.93
CA LEU C 918 12.18 19.08 -22.52
C LEU C 918 12.68 17.76 -23.07
N GLU C 919 12.38 16.66 -22.40
CA GLU C 919 12.71 15.35 -22.94
C GLU C 919 12.05 15.15 -24.30
N ILE C 920 10.77 15.53 -24.40
CA ILE C 920 10.04 15.35 -25.66
C ILE C 920 10.68 16.18 -26.76
N HIS C 921 11.01 17.44 -26.47
CA HIS C 921 11.59 18.31 -27.48
C HIS C 921 12.96 17.80 -27.93
N LEU C 922 13.81 17.41 -26.99
CA LEU C 922 15.11 16.87 -27.38
C LEU C 922 14.96 15.57 -28.16
N GLY C 923 13.98 14.75 -27.81
CA GLY C 923 13.75 13.55 -28.59
C GLY C 923 13.40 13.86 -30.03
N TRP C 924 12.53 14.84 -30.25
CA TRP C 924 12.24 15.23 -31.63
C TRP C 924 13.48 15.75 -32.32
N LEU C 925 14.25 16.61 -31.63
CA LEU C 925 15.46 17.18 -32.22
C LEU C 925 16.39 16.06 -32.70
N ALA C 926 16.54 15.03 -31.88
CA ALA C 926 17.38 13.90 -32.27
C ALA C 926 16.77 13.14 -33.46
N SER C 927 15.47 12.83 -33.37
CA SER C 927 14.85 11.98 -34.39
C SER C 927 14.86 12.62 -35.78
N ARG C 928 14.92 13.94 -35.87
CA ARG C 928 15.15 14.64 -37.14
C ARG C 928 16.39 15.50 -36.91
N GLY C 929 17.53 15.02 -37.40
CA GLY C 929 18.79 15.62 -37.03
C GLY C 929 18.85 17.08 -37.42
N TRP C 930 19.52 17.87 -36.60
CA TRP C 930 19.62 19.30 -36.83
C TRP C 930 20.91 19.60 -37.59
N ASP C 931 21.21 20.88 -37.79
CA ASP C 931 22.45 21.29 -38.44
C ASP C 931 22.76 22.72 -37.99
N VAL C 932 23.71 22.86 -37.08
CA VAL C 932 24.16 24.18 -36.66
C VAL C 932 25.58 24.37 -37.18
N SER C 933 25.69 24.86 -38.41
CA SER C 933 26.98 25.08 -39.05
C SER C 933 27.36 26.57 -39.08
N GLY C 934 27.60 27.16 -37.91
CA GLY C 934 28.09 28.53 -37.88
C GLY C 934 27.00 29.57 -37.80
N LEU C 935 26.09 29.45 -36.83
CA LEU C 935 25.05 30.45 -36.63
C LEU C 935 25.56 31.71 -35.94
N ALA C 936 26.74 31.66 -35.33
CA ALA C 936 27.39 32.80 -34.70
C ALA C 936 26.66 33.31 -33.46
N GLU C 937 25.63 32.59 -33.00
CA GLU C 937 24.96 32.97 -31.77
C GLU C 937 25.78 32.51 -30.57
N GLU C 938 25.49 33.11 -29.41
CA GLU C 938 26.19 32.73 -28.18
C GLU C 938 25.96 31.24 -27.89
N TRP C 939 24.69 30.82 -27.86
CA TRP C 939 24.41 29.41 -27.64
C TRP C 939 25.01 28.55 -28.74
N ALA C 940 25.03 29.05 -29.98
CA ALA C 940 25.67 28.30 -31.05
C ALA C 940 27.16 28.12 -30.79
N GLN C 941 27.84 29.17 -30.34
CA GLN C 941 29.26 29.07 -30.04
C GLN C 941 29.50 28.07 -28.91
N ARG C 942 28.66 28.10 -27.86
CA ARG C 942 28.84 27.15 -26.78
C ARG C 942 28.64 25.71 -27.26
N LEU C 943 27.55 25.46 -27.98
CA LEU C 943 27.29 24.12 -28.48
C LEU C 943 28.31 23.68 -29.52
N GLN C 944 29.02 24.63 -30.13
CA GLN C 944 30.07 24.29 -31.09
C GLN C 944 31.37 23.92 -30.38
N VAL C 945 31.78 24.72 -29.40
CA VAL C 945 32.96 24.37 -28.62
C VAL C 945 32.74 23.07 -27.87
N ILE C 946 31.48 22.75 -27.53
CA ILE C 946 31.19 21.40 -27.04
C ILE C 946 31.37 20.39 -28.17
N GLY C 947 31.03 20.78 -29.40
CA GLY C 947 31.21 19.95 -30.57
C GLY C 947 29.99 19.17 -30.99
N ALA C 948 28.90 19.23 -30.24
CA ALA C 948 27.66 18.52 -30.59
C ALA C 948 26.75 19.41 -31.41
N ASP C 949 27.26 19.93 -32.53
CA ASP C 949 26.51 20.86 -33.36
C ASP C 949 25.91 20.15 -34.56
N LYS C 950 26.75 19.51 -35.37
CA LYS C 950 26.25 18.75 -36.51
C LYS C 950 25.86 17.35 -36.09
N VAL C 951 24.62 16.97 -36.39
CA VAL C 951 24.09 15.67 -35.99
C VAL C 951 23.25 15.12 -37.14
N GLU C 952 23.51 13.88 -37.52
CA GLU C 952 22.74 13.22 -38.56
C GLU C 952 21.39 12.77 -38.00
N PRO C 953 20.42 12.48 -38.88
CA PRO C 953 19.09 12.10 -38.38
C PRO C 953 19.03 10.70 -37.77
N GLY C 954 19.34 10.60 -36.48
CA GLY C 954 19.24 9.35 -35.76
C GLY C 954 20.27 9.17 -34.67
N THR C 955 21.29 10.02 -34.64
CA THR C 955 22.34 9.92 -33.63
C THR C 955 21.73 10.16 -32.26
N ASN C 956 21.74 9.14 -31.41
CA ASN C 956 21.18 9.26 -30.07
C ASN C 956 21.93 10.32 -29.28
N VAL C 957 21.19 11.09 -28.48
CA VAL C 957 21.76 12.18 -27.70
C VAL C 957 21.88 11.74 -26.25
N ALA C 958 22.95 12.18 -25.62
CA ALA C 958 23.22 11.91 -24.20
C ALA C 958 23.13 13.21 -23.43
N THR C 959 22.31 13.21 -22.38
CA THR C 959 22.11 14.38 -21.53
C THR C 959 22.43 14.01 -20.08
N PRO C 960 23.42 14.65 -19.46
CA PRO C 960 23.71 14.38 -18.05
C PRO C 960 22.51 14.70 -17.16
N VAL C 961 22.41 13.97 -16.06
CA VAL C 961 21.24 14.09 -15.18
C VAL C 961 21.16 15.49 -14.59
N PHE C 962 22.29 16.09 -14.22
CA PHE C 962 22.31 17.44 -13.68
C PHE C 962 23.16 18.40 -14.52
N ASP C 963 23.60 17.99 -15.70
CA ASP C 963 24.27 18.86 -16.65
C ASP C 963 23.72 18.63 -18.05
N GLY C 964 22.40 18.57 -18.16
CA GLY C 964 21.73 18.24 -19.40
C GLY C 964 21.47 19.45 -20.26
N ALA C 965 20.61 19.25 -21.26
CA ALA C 965 20.30 20.31 -22.21
C ALA C 965 19.57 21.45 -21.54
N ARG C 966 19.98 22.68 -21.86
CA ARG C 966 19.30 23.87 -21.35
C ARG C 966 18.14 24.22 -22.26
N GLU C 967 17.57 25.42 -22.10
CA GLU C 967 16.38 25.82 -22.83
C GLU C 967 16.66 26.55 -24.14
N ASP C 968 17.35 27.69 -24.09
CA ASP C 968 17.55 28.47 -25.31
C ASP C 968 18.27 27.65 -26.37
N GLU C 969 19.16 26.74 -25.96
CA GLU C 969 19.80 25.85 -26.92
C GLU C 969 18.76 24.96 -27.58
N LEU C 970 17.82 24.42 -26.80
CA LEU C 970 16.79 23.57 -27.37
C LEU C 970 15.92 24.35 -28.35
N ALA C 971 15.56 25.59 -28.00
CA ALA C 971 14.74 26.40 -28.89
C ALA C 971 15.47 26.69 -30.20
N GLY C 972 16.74 27.10 -30.10
CA GLY C 972 17.50 27.37 -31.31
C GLY C 972 17.68 26.14 -32.17
N LEU C 973 17.94 25.00 -31.54
CA LEU C 973 18.06 23.75 -32.29
C LEU C 973 16.76 23.45 -33.03
N LEU C 974 15.62 23.64 -32.37
CA LEU C 974 14.35 23.44 -33.07
C LEU C 974 14.15 24.44 -34.18
N GLN C 975 14.73 25.63 -34.05
CA GLN C 975 14.63 26.64 -35.10
C GLN C 975 15.46 26.26 -36.32
N HIS C 976 16.62 25.64 -36.14
CA HIS C 976 17.56 25.39 -37.21
C HIS C 976 17.73 23.90 -37.53
N THR C 977 16.64 23.14 -37.54
CA THR C 977 16.72 21.74 -37.93
C THR C 977 16.88 21.63 -39.44
N ILE C 978 17.26 20.44 -39.91
CA ILE C 978 17.45 20.26 -41.35
C ILE C 978 16.09 20.29 -42.04
N PRO C 979 15.92 21.07 -43.12
CA PRO C 979 14.63 21.05 -43.82
C PRO C 979 14.31 19.68 -44.40
N ASN C 980 13.03 19.31 -44.35
CA ASN C 980 12.56 18.13 -45.05
C ASN C 980 12.73 18.29 -46.56
N ARG C 981 12.26 19.42 -47.10
CA ARG C 981 12.51 19.80 -48.48
C ARG C 981 13.06 21.23 -48.48
N ASP C 982 13.11 21.89 -49.65
CA ASP C 982 13.93 23.08 -49.87
C ASP C 982 13.99 24.05 -48.70
N GLY C 983 12.84 24.46 -48.16
CA GLY C 983 12.81 25.39 -47.05
C GLY C 983 11.83 24.97 -45.99
N GLU C 984 11.67 23.66 -45.81
CA GLU C 984 10.61 23.10 -44.97
C GLU C 984 11.13 22.78 -43.57
N ARG C 985 11.41 23.83 -42.81
CA ARG C 985 11.62 23.66 -41.37
C ARG C 985 10.25 23.46 -40.72
N MET C 986 10.02 22.27 -40.18
CA MET C 986 8.67 21.77 -40.00
C MET C 986 7.94 22.46 -38.85
N VAL C 987 8.43 22.32 -37.62
CA VAL C 987 7.73 22.83 -36.45
C VAL C 987 8.19 24.26 -36.18
N LEU C 988 7.29 25.04 -35.59
CA LEU C 988 7.55 26.44 -35.34
C LEU C 988 8.69 26.60 -34.34
N PRO C 989 9.36 27.77 -34.34
CA PRO C 989 10.52 27.95 -33.45
C PRO C 989 10.20 27.95 -31.96
N SER C 990 8.95 27.72 -31.56
CA SER C 990 8.55 27.74 -30.15
C SER C 990 7.90 26.42 -29.77
N GLY C 991 8.51 25.32 -30.15
CA GLY C 991 8.05 24.00 -29.73
C GLY C 991 6.81 23.48 -30.41
N LYS C 992 5.75 24.28 -30.42
CA LYS C 992 4.48 23.85 -30.95
C LYS C 992 4.59 23.49 -32.43
N ALA C 993 3.53 22.86 -32.95
CA ALA C 993 3.50 22.34 -34.31
C ALA C 993 2.08 22.42 -34.84
N ARG C 994 1.94 22.80 -36.11
CA ARG C 994 0.61 22.92 -36.70
C ARG C 994 0.04 21.55 -37.04
N LEU C 995 -0.09 20.71 -36.02
CA LEU C 995 -0.63 19.38 -36.21
C LEU C 995 -2.08 19.42 -36.69
N PHE C 996 -2.35 18.67 -37.75
CA PHE C 996 -3.69 18.59 -38.34
C PHE C 996 -4.57 17.71 -37.47
N ASP C 997 -5.78 17.38 -37.93
CA ASP C 997 -6.71 16.52 -37.17
C ASP C 997 -7.09 15.31 -38.03
N GLY C 998 -6.57 14.13 -37.71
CA GLY C 998 -6.86 12.93 -38.48
C GLY C 998 -8.34 12.62 -38.53
N ARG C 999 -9.07 12.93 -37.46
CA ARG C 999 -10.49 12.64 -37.41
C ARG C 999 -11.24 13.39 -38.51
N SER C 1000 -11.26 14.71 -38.43
CA SER C 1000 -12.06 15.50 -39.35
C SER C 1000 -11.26 15.87 -40.59
N GLY C 1001 -10.16 16.58 -40.40
CA GLY C 1001 -9.31 17.00 -41.49
C GLY C 1001 -8.82 18.43 -41.33
N GLU C 1002 -9.63 19.29 -40.72
CA GLU C 1002 -9.22 20.67 -40.52
C GLU C 1002 -8.09 20.72 -39.49
N PRO C 1003 -7.21 21.72 -39.60
CA PRO C 1003 -6.22 21.89 -38.53
C PRO C 1003 -6.91 22.22 -37.22
N PHE C 1004 -6.34 21.75 -36.13
CA PHE C 1004 -6.87 22.10 -34.84
C PHE C 1004 -6.75 23.61 -34.65
N PRO C 1005 -7.69 24.26 -33.94
CA PRO C 1005 -7.76 25.73 -33.94
C PRO C 1005 -6.42 26.45 -33.77
N GLU C 1006 -5.55 25.92 -32.93
CA GLU C 1006 -4.22 26.49 -32.75
C GLU C 1006 -3.16 25.40 -32.70
N PRO C 1007 -1.88 25.76 -32.73
CA PRO C 1007 -0.82 24.73 -32.79
C PRO C 1007 -0.84 23.81 -31.59
N ILE C 1008 -0.05 22.74 -31.71
CA ILE C 1008 0.08 21.69 -30.71
C ILE C 1008 1.56 21.44 -30.48
N SER C 1009 1.89 20.92 -29.30
CA SER C 1009 3.27 20.60 -28.95
C SER C 1009 3.51 19.11 -29.14
N VAL C 1010 4.47 18.78 -30.00
CA VAL C 1010 4.77 17.40 -30.34
C VAL C 1010 6.27 17.16 -30.19
N GLY C 1011 6.62 15.90 -29.98
CA GLY C 1011 8.00 15.50 -30.02
C GLY C 1011 8.17 14.00 -29.91
N TYR C 1012 9.26 13.59 -29.26
CA TYR C 1012 9.61 12.18 -29.10
C TYR C 1012 10.03 11.90 -27.66
N MET C 1013 9.43 10.87 -27.06
CA MET C 1013 9.68 10.53 -25.66
C MET C 1013 9.99 9.04 -25.53
N TYR C 1014 10.74 8.71 -24.48
CA TYR C 1014 11.15 7.34 -24.22
C TYR C 1014 10.18 6.73 -23.22
N ILE C 1015 9.53 5.65 -23.63
CA ILE C 1015 8.45 5.01 -22.88
C ILE C 1015 8.88 3.62 -22.49
N LEU C 1016 8.71 3.27 -21.22
CA LEU C 1016 8.97 1.93 -20.70
C LEU C 1016 7.70 1.09 -20.79
N LYS C 1017 7.85 -0.19 -20.50
CA LYS C 1017 6.73 -1.14 -20.46
C LYS C 1017 6.84 -1.90 -19.14
N LEU C 1018 6.20 -1.37 -18.10
CA LEU C 1018 6.44 -1.88 -16.76
C LEU C 1018 5.85 -3.27 -16.59
N HIS C 1019 6.36 -3.99 -15.58
CA HIS C 1019 5.99 -5.37 -15.32
C HIS C 1019 4.58 -5.52 -14.80
N HIS C 1020 3.90 -4.41 -14.48
CA HIS C 1020 2.52 -4.46 -14.00
C HIS C 1020 1.62 -4.81 -15.18
N LEU C 1021 1.66 -6.08 -15.56
CA LEU C 1021 0.88 -6.55 -16.69
C LEU C 1021 -0.60 -6.41 -16.40
N VAL C 1022 -1.41 -6.67 -17.42
CA VAL C 1022 -2.86 -6.57 -17.32
C VAL C 1022 -3.53 -7.93 -17.32
N ASP C 1023 -2.92 -8.96 -17.92
CA ASP C 1023 -3.51 -10.29 -17.91
C ASP C 1023 -3.39 -10.95 -16.54
N ASP C 1024 -2.23 -10.83 -15.90
CA ASP C 1024 -2.07 -11.37 -14.54
C ASP C 1024 -2.95 -10.65 -13.54
N LYS C 1025 -3.10 -9.33 -13.68
CA LYS C 1025 -3.93 -8.57 -12.75
C LYS C 1025 -5.38 -9.02 -12.83
N LEU C 1026 -5.89 -9.24 -14.04
CA LEU C 1026 -7.29 -9.63 -14.21
C LEU C 1026 -7.56 -10.92 -13.44
N HIS C 1027 -8.66 -10.91 -12.70
CA HIS C 1027 -8.90 -11.94 -11.70
C HIS C 1027 -10.35 -11.86 -11.28
N ALA C 1028 -11.03 -13.01 -11.27
CA ALA C 1028 -12.38 -13.09 -10.76
C ALA C 1028 -12.62 -14.51 -10.29
N ARG C 1029 -13.62 -14.67 -9.41
CA ARG C 1029 -13.92 -15.95 -8.81
C ARG C 1029 -15.42 -16.19 -8.80
N SER C 1030 -15.83 -17.43 -9.04
CA SER C 1030 -17.19 -17.88 -8.86
C SER C 1030 -17.30 -18.95 -7.78
N THR C 1031 -16.44 -19.96 -7.83
CA THR C 1031 -16.39 -20.99 -6.80
C THR C 1031 -15.05 -21.70 -6.92
N GLY C 1032 -14.27 -21.72 -5.85
CA GLY C 1032 -12.93 -22.25 -5.89
C GLY C 1032 -12.49 -22.84 -4.56
N PRO C 1033 -11.22 -22.64 -4.18
CA PRO C 1033 -10.73 -23.23 -2.93
C PRO C 1033 -11.05 -22.38 -1.71
N TYR C 1034 -11.15 -23.05 -0.57
CA TYR C 1034 -11.47 -22.44 0.71
C TYR C 1034 -10.34 -22.70 1.71
N SER C 1035 -10.47 -22.10 2.88
CA SER C 1035 -9.64 -22.43 4.03
C SER C 1035 -10.30 -23.51 4.86
N MET C 1036 -9.56 -24.06 5.82
CA MET C 1036 -10.01 -25.20 6.60
C MET C 1036 -10.57 -24.79 7.96
N ILE C 1037 -9.78 -24.08 8.77
CA ILE C 1037 -10.24 -23.74 10.12
C ILE C 1037 -11.44 -22.81 10.05
N THR C 1038 -11.48 -21.90 9.08
CA THR C 1038 -12.65 -21.10 8.78
C THR C 1038 -13.07 -21.40 7.35
N GLN C 1039 -14.34 -21.77 7.16
CA GLN C 1039 -14.83 -22.17 5.85
C GLN C 1039 -15.07 -20.95 4.97
N GLN C 1040 -13.99 -20.18 4.70
CA GLN C 1040 -14.07 -18.97 3.88
C GLN C 1040 -13.28 -19.16 2.59
N PRO C 1041 -13.63 -18.46 1.52
CA PRO C 1041 -12.80 -18.47 0.32
C PRO C 1041 -11.39 -17.98 0.59
N LEU C 1042 -10.43 -18.56 -0.12
CA LEU C 1042 -9.02 -18.28 0.08
C LEU C 1042 -8.71 -16.80 -0.11
N GLY C 1043 -7.75 -16.30 0.66
CA GLY C 1043 -7.27 -14.94 0.46
C GLY C 1043 -5.96 -14.95 -0.31
N GLY C 1044 -6.02 -14.63 -1.59
CA GLY C 1044 -4.84 -14.65 -2.43
C GLY C 1044 -5.14 -14.44 -3.90
N LYS C 1045 -4.30 -13.67 -4.58
CA LYS C 1045 -4.52 -13.38 -6.00
C LYS C 1045 -4.25 -14.60 -6.87
N ALA C 1046 -3.22 -15.37 -6.54
CA ALA C 1046 -2.76 -16.45 -7.40
C ALA C 1046 -3.58 -17.73 -7.27
N GLN C 1047 -4.54 -17.78 -6.35
CA GLN C 1047 -5.27 -19.01 -6.06
C GLN C 1047 -6.77 -18.84 -6.26
N PHE C 1048 -7.17 -17.98 -7.20
CA PHE C 1048 -8.58 -17.77 -7.52
C PHE C 1048 -9.37 -17.36 -6.28
N GLY C 1049 -8.86 -16.37 -5.56
CA GLY C 1049 -9.47 -15.92 -4.33
C GLY C 1049 -10.65 -14.98 -4.57
N GLY C 1050 -11.23 -14.53 -3.47
CA GLY C 1050 -12.29 -13.55 -3.51
C GLY C 1050 -11.77 -12.14 -3.37
N GLN C 1051 -12.44 -11.33 -2.55
CA GLN C 1051 -12.01 -9.97 -2.28
C GLN C 1051 -12.16 -9.67 -0.79
N ARG C 1052 -11.40 -8.69 -0.32
CA ARG C 1052 -11.40 -8.30 1.09
C ARG C 1052 -12.48 -7.25 1.31
N PHE C 1053 -13.72 -7.72 1.43
CA PHE C 1053 -14.80 -6.85 1.89
C PHE C 1053 -14.64 -6.67 3.39
N GLY C 1054 -13.86 -5.68 3.79
CA GLY C 1054 -13.44 -5.58 5.17
C GLY C 1054 -14.53 -5.05 6.06
N GLU C 1055 -14.20 -4.12 6.96
CA GLU C 1055 -15.18 -3.49 7.83
C GLU C 1055 -15.65 -2.13 7.32
N MET C 1056 -14.78 -1.39 6.64
CA MET C 1056 -15.17 -0.07 6.15
C MET C 1056 -16.27 -0.18 5.10
N GLU C 1057 -16.21 -1.20 4.26
CA GLU C 1057 -17.28 -1.40 3.30
C GLU C 1057 -18.59 -1.82 3.97
N VAL C 1058 -18.52 -2.57 5.07
CA VAL C 1058 -19.73 -2.85 5.84
C VAL C 1058 -20.31 -1.57 6.40
N TRP C 1059 -19.45 -0.67 6.89
CA TRP C 1059 -19.93 0.63 7.33
C TRP C 1059 -20.62 1.37 6.20
N ALA C 1060 -20.03 1.32 4.99
CA ALA C 1060 -20.64 2.00 3.86
C ALA C 1060 -22.02 1.45 3.57
N LEU C 1061 -22.15 0.11 3.51
CA LEU C 1061 -23.45 -0.48 3.21
C LEU C 1061 -24.46 -0.21 4.33
N GLU C 1062 -24.01 -0.06 5.58
CA GLU C 1062 -24.91 0.34 6.64
C GLU C 1062 -25.38 1.78 6.44
N ALA C 1063 -24.44 2.69 6.15
CA ALA C 1063 -24.79 4.09 5.99
C ALA C 1063 -25.79 4.27 4.86
N TYR C 1064 -25.57 3.59 3.74
CA TYR C 1064 -26.53 3.66 2.65
C TYR C 1064 -27.88 3.04 3.03
N GLY C 1065 -27.91 2.24 4.09
CA GLY C 1065 -29.13 1.59 4.50
C GLY C 1065 -29.44 0.29 3.77
N ALA C 1066 -28.59 -0.11 2.82
CA ALA C 1066 -28.82 -1.35 2.10
C ALA C 1066 -28.56 -2.54 3.00
N ALA C 1067 -29.61 -3.04 3.64
CA ALA C 1067 -29.44 -4.12 4.61
C ALA C 1067 -29.34 -5.48 3.93
N TYR C 1068 -30.30 -5.77 3.06
CA TYR C 1068 -30.34 -7.10 2.43
C TYR C 1068 -29.08 -7.39 1.65
N ALA C 1069 -28.49 -6.38 0.99
CA ALA C 1069 -27.27 -6.62 0.23
C ALA C 1069 -26.09 -6.94 1.15
N LEU C 1070 -25.97 -6.19 2.25
CA LEU C 1070 -24.89 -6.45 3.20
C LEU C 1070 -25.00 -7.85 3.78
N GLN C 1071 -26.21 -8.26 4.17
CA GLN C 1071 -26.39 -9.64 4.62
C GLN C 1071 -26.09 -10.62 3.51
N GLU C 1072 -26.56 -10.32 2.29
CA GLU C 1072 -26.37 -11.24 1.16
C GLU C 1072 -24.90 -11.55 0.96
N LEU C 1073 -24.04 -10.54 1.05
CA LEU C 1073 -22.62 -10.73 0.83
C LEU C 1073 -21.81 -10.76 2.11
N LEU C 1074 -22.43 -11.05 3.25
CA LEU C 1074 -21.67 -11.36 4.47
C LEU C 1074 -22.05 -12.71 5.09
N THR C 1075 -23.08 -13.38 4.56
CA THR C 1075 -23.36 -14.74 5.05
C THR C 1075 -23.60 -15.79 3.96
N ILE C 1076 -24.29 -15.45 2.88
CA ILE C 1076 -24.54 -16.45 1.84
C ILE C 1076 -23.35 -16.52 0.88
N LYS C 1077 -22.81 -15.36 0.49
CA LYS C 1077 -21.75 -15.35 -0.50
C LYS C 1077 -20.49 -16.02 0.02
N SER C 1078 -20.36 -16.20 1.32
CA SER C 1078 -19.16 -16.79 1.89
C SER C 1078 -19.39 -17.15 3.34
N ASP C 1079 -18.36 -17.73 3.95
CA ASP C 1079 -18.21 -17.96 5.39
C ASP C 1079 -19.18 -19.03 5.91
N ASP C 1080 -19.84 -19.79 5.04
CA ASP C 1080 -20.71 -20.87 5.47
C ASP C 1080 -20.60 -22.01 4.46
N VAL C 1081 -21.43 -23.03 4.65
CA VAL C 1081 -21.44 -24.21 3.77
C VAL C 1081 -22.76 -24.26 3.03
N THR C 1082 -23.86 -24.23 3.78
CA THR C 1082 -25.18 -24.37 3.17
C THR C 1082 -25.44 -23.23 2.19
N GLY C 1083 -25.12 -22.00 2.57
CA GLY C 1083 -25.34 -20.87 1.68
C GLY C 1083 -24.49 -20.97 0.43
N ARG C 1084 -23.20 -21.30 0.59
CA ARG C 1084 -22.31 -21.40 -0.55
C ARG C 1084 -22.78 -22.45 -1.54
N VAL C 1085 -23.19 -23.62 -1.04
CA VAL C 1085 -23.64 -24.66 -1.96
C VAL C 1085 -24.98 -24.28 -2.58
N LYS C 1086 -25.88 -23.69 -1.78
CA LYS C 1086 -27.25 -23.51 -2.22
C LYS C 1086 -27.40 -22.37 -3.21
N VAL C 1087 -26.62 -21.29 -3.07
CA VAL C 1087 -26.69 -20.23 -4.07
C VAL C 1087 -26.34 -20.78 -5.44
N TYR C 1088 -25.22 -21.51 -5.52
CA TYR C 1088 -24.81 -22.09 -6.79
C TYR C 1088 -25.82 -23.11 -7.29
N GLU C 1089 -26.33 -23.95 -6.39
CA GLU C 1089 -27.27 -24.99 -6.82
C GLU C 1089 -28.56 -24.38 -7.36
N ALA C 1090 -29.20 -23.50 -6.59
CA ALA C 1090 -30.44 -22.87 -7.03
C ALA C 1090 -30.21 -22.07 -8.31
N ILE C 1091 -29.03 -21.46 -8.46
CA ILE C 1091 -28.72 -20.78 -9.71
C ILE C 1091 -28.73 -21.78 -10.87
N VAL C 1092 -27.99 -22.88 -10.74
CA VAL C 1092 -27.88 -23.79 -11.86
C VAL C 1092 -29.18 -24.52 -12.15
N LYS C 1093 -30.13 -24.55 -11.19
CA LYS C 1093 -31.45 -25.12 -11.47
C LYS C 1093 -32.55 -24.06 -11.50
N GLY C 1094 -32.23 -22.80 -11.22
CA GLY C 1094 -33.16 -21.72 -11.48
C GLY C 1094 -34.39 -21.66 -10.60
N GLU C 1095 -34.20 -21.34 -9.32
CA GLU C 1095 -35.30 -21.07 -8.41
C GLU C 1095 -34.99 -19.78 -7.66
N ASN C 1096 -35.91 -19.37 -6.79
CA ASN C 1096 -35.71 -18.17 -5.99
C ASN C 1096 -34.51 -18.36 -5.06
N ILE C 1097 -33.81 -17.26 -4.83
CA ILE C 1097 -32.60 -17.30 -4.00
C ILE C 1097 -33.00 -17.69 -2.57
N PRO C 1098 -32.38 -18.73 -1.97
CA PRO C 1098 -32.81 -19.15 -0.62
C PRO C 1098 -32.46 -18.16 0.48
N GLU C 1099 -32.77 -18.54 1.72
CA GLU C 1099 -32.63 -17.66 2.88
C GLU C 1099 -31.19 -17.68 3.41
N PRO C 1100 -30.73 -16.59 4.06
CA PRO C 1100 -29.39 -16.61 4.66
C PRO C 1100 -29.25 -17.55 5.85
N GLY C 1101 -28.08 -17.55 6.49
CA GLY C 1101 -27.82 -18.44 7.58
C GLY C 1101 -26.82 -17.85 8.57
N ILE C 1102 -26.23 -18.74 9.36
CA ILE C 1102 -25.36 -18.37 10.47
C ILE C 1102 -23.91 -18.45 10.00
N PRO C 1103 -23.04 -17.50 10.34
CA PRO C 1103 -21.63 -17.64 9.96
C PRO C 1103 -20.97 -18.79 10.69
N GLU C 1104 -19.99 -19.42 10.02
CA GLU C 1104 -19.17 -20.44 10.66
C GLU C 1104 -18.13 -19.83 11.60
N SER C 1105 -17.66 -18.62 11.25
CA SER C 1105 -16.75 -17.90 12.15
C SER C 1105 -17.38 -17.75 13.53
N PHE C 1106 -18.68 -17.51 13.59
CA PHE C 1106 -19.38 -17.45 14.87
C PHE C 1106 -19.31 -18.78 15.62
N LYS C 1107 -19.46 -19.90 14.90
CA LYS C 1107 -19.40 -21.19 15.55
C LYS C 1107 -18.02 -21.45 16.15
N VAL C 1108 -16.96 -21.16 15.39
CA VAL C 1108 -15.62 -21.35 15.95
C VAL C 1108 -15.39 -20.38 17.11
N LEU C 1109 -15.94 -19.17 17.03
CA LEU C 1109 -15.82 -18.23 18.13
C LEU C 1109 -16.42 -18.79 19.41
N ILE C 1110 -17.65 -19.30 19.34
CA ILE C 1110 -18.28 -19.81 20.55
C ILE C 1110 -17.58 -21.08 21.03
N LYS C 1111 -17.04 -21.90 20.12
CA LYS C 1111 -16.32 -23.09 20.56
C LYS C 1111 -15.05 -22.71 21.31
N GLU C 1112 -14.28 -21.76 20.78
CA GLU C 1112 -13.07 -21.33 21.48
C GLU C 1112 -13.41 -20.66 22.80
N MET C 1113 -14.51 -19.90 22.85
CA MET C 1113 -14.95 -19.35 24.12
C MET C 1113 -15.29 -20.45 25.12
N GLN C 1114 -15.93 -21.52 24.64
CA GLN C 1114 -16.23 -22.66 25.51
C GLN C 1114 -14.96 -23.28 26.06
N SER C 1115 -13.93 -23.42 25.22
CA SER C 1115 -12.71 -24.07 25.64
C SER C 1115 -11.99 -23.33 26.76
N LEU C 1116 -12.24 -22.04 26.93
CA LEU C 1116 -11.61 -21.27 27.99
C LEU C 1116 -12.39 -21.32 29.30
N CYS C 1117 -13.43 -22.14 29.38
CA CYS C 1117 -14.28 -22.39 30.54
C CYS C 1117 -15.29 -21.26 30.77
N LEU C 1118 -15.27 -20.20 29.98
CA LEU C 1118 -16.33 -19.20 30.06
C LEU C 1118 -17.63 -19.82 29.61
N ASN C 1119 -18.59 -19.94 30.53
CA ASN C 1119 -19.82 -20.69 30.27
C ASN C 1119 -20.76 -19.87 29.37
N VAL C 1120 -20.34 -19.73 28.12
CA VAL C 1120 -21.15 -19.04 27.12
C VAL C 1120 -22.21 -19.99 26.58
N GLU C 1121 -23.41 -19.46 26.36
CA GLU C 1121 -24.48 -20.26 25.80
C GLU C 1121 -25.51 -19.34 25.17
N VAL C 1122 -26.23 -19.85 24.18
CA VAL C 1122 -27.27 -19.09 23.50
C VAL C 1122 -28.60 -19.41 24.15
N LEU C 1123 -29.25 -18.37 24.70
CA LEU C 1123 -30.55 -18.50 25.32
C LEU C 1123 -31.56 -17.64 24.58
N SER C 1124 -32.80 -18.08 24.56
CA SER C 1124 -33.89 -17.38 23.89
C SER C 1124 -34.93 -16.95 24.93
N SER C 1125 -36.03 -16.36 24.45
CA SER C 1125 -37.14 -16.04 25.33
C SER C 1125 -37.73 -17.29 25.97
N ASP C 1126 -37.59 -18.45 25.33
CA ASP C 1126 -38.03 -19.72 25.86
C ASP C 1126 -36.89 -20.70 26.11
N GLY C 1127 -35.63 -20.26 25.98
CA GLY C 1127 -34.48 -21.13 26.13
C GLY C 1127 -33.76 -21.36 24.82
N MET C 1128 -33.87 -22.57 24.28
CA MET C 1128 -33.22 -22.93 23.02
C MET C 1128 -34.22 -22.74 21.89
N SER C 1129 -33.97 -21.76 21.03
CA SER C 1129 -34.81 -21.50 19.87
C SER C 1129 -34.22 -22.17 18.64
N ILE C 1130 -34.79 -21.89 17.47
CA ILE C 1130 -34.26 -22.45 16.23
C ILE C 1130 -32.88 -21.87 15.96
N GLU C 1131 -31.94 -22.72 15.59
CA GLU C 1131 -30.57 -22.28 15.32
C GLU C 1131 -30.46 -21.62 13.95
N PHE D 7 -32.21 -17.82 20.15
CA PHE D 7 -31.15 -16.90 19.63
C PHE D 7 -31.51 -15.45 19.96
N ASP D 8 -32.17 -15.26 21.11
CA ASP D 8 -32.67 -13.92 21.52
C ASP D 8 -31.69 -13.24 22.48
N GLU D 9 -31.00 -14.00 23.34
CA GLU D 9 -30.08 -13.43 24.30
C GLU D 9 -28.81 -14.27 24.40
N LEU D 10 -27.72 -13.61 24.77
CA LEU D 10 -26.40 -14.23 24.95
C LEU D 10 -25.92 -13.92 26.35
N ARG D 11 -25.76 -14.95 27.17
CA ARG D 11 -25.36 -14.82 28.57
C ARG D 11 -24.20 -15.75 28.86
N ILE D 12 -23.28 -15.31 29.73
CA ILE D 12 -22.08 -16.06 30.06
C ILE D 12 -21.90 -16.13 31.57
N GLY D 13 -20.98 -16.99 31.99
CA GLY D 13 -20.73 -17.25 33.40
C GLY D 13 -19.50 -18.09 33.61
N LEU D 14 -19.57 -19.08 34.51
CA LEU D 14 -18.45 -19.97 34.76
C LEU D 14 -18.98 -21.40 34.78
N ALA D 15 -18.05 -22.35 34.90
CA ALA D 15 -18.38 -23.76 34.76
C ALA D 15 -17.51 -24.58 35.72
N THR D 16 -17.97 -25.80 35.98
CA THR D 16 -17.29 -26.73 36.87
C THR D 16 -17.14 -28.08 36.17
N ALA D 17 -16.62 -29.07 36.91
CA ALA D 17 -16.33 -30.37 36.32
C ALA D 17 -17.58 -31.03 35.77
N ASP D 18 -18.71 -30.92 36.49
CA ASP D 18 -19.96 -31.44 35.96
C ASP D 18 -20.32 -30.75 34.65
N ASP D 19 -20.11 -29.44 34.57
CA ASP D 19 -20.37 -28.72 33.33
C ASP D 19 -19.45 -29.18 32.21
N ILE D 20 -18.17 -29.41 32.48
CA ILE D 20 -17.27 -29.80 31.40
C ILE D 20 -17.58 -31.23 30.93
N ARG D 21 -17.87 -32.15 31.86
CA ARG D 21 -18.22 -33.50 31.41
C ARG D 21 -19.57 -33.51 30.70
N GLN D 22 -20.43 -32.53 31.00
CA GLN D 22 -21.60 -32.31 30.15
C GLN D 22 -21.16 -31.83 28.76
N TRP D 23 -20.16 -30.95 28.71
CA TRP D 23 -19.67 -30.45 27.42
C TRP D 23 -19.06 -31.59 26.60
N SER D 24 -18.17 -32.36 27.20
CA SER D 24 -17.24 -33.20 26.46
C SER D 24 -17.76 -34.61 26.29
N HIS D 25 -17.02 -35.39 25.50
CA HIS D 25 -17.29 -36.80 25.26
C HIS D 25 -16.35 -37.71 26.04
N GLY D 26 -15.05 -37.43 26.04
CA GLY D 26 -14.09 -38.26 26.73
C GLY D 26 -12.92 -37.48 27.31
N GLU D 27 -11.81 -38.16 27.51
CA GLU D 27 -10.60 -37.60 28.12
C GLU D 27 -9.41 -37.84 27.19
N VAL D 28 -8.23 -37.43 27.65
CA VAL D 28 -7.00 -37.64 26.88
C VAL D 28 -5.83 -37.75 27.86
N LYS D 29 -5.02 -38.81 27.68
CA LYS D 29 -3.89 -39.06 28.58
C LYS D 29 -2.60 -39.35 27.82
N LYS D 30 -2.70 -39.76 26.55
CA LYS D 30 -1.49 -40.07 25.79
C LYS D 30 -0.96 -38.77 25.20
N PRO D 31 0.24 -38.30 25.61
CA PRO D 31 0.71 -36.98 25.17
C PRO D 31 1.50 -37.03 23.86
N GLU D 32 0.80 -37.25 22.76
CA GLU D 32 1.42 -37.21 21.44
C GLU D 32 0.34 -37.39 20.37
N THR D 33 0.71 -37.12 19.12
CA THR D 33 -0.21 -37.11 18.00
C THR D 33 -0.39 -38.50 17.40
N ILE D 34 -0.98 -38.58 16.21
CA ILE D 34 -1.31 -39.84 15.57
C ILE D 34 -0.05 -40.55 15.09
N ASN D 35 -0.19 -41.81 14.69
CA ASN D 35 0.97 -42.63 14.31
C ASN D 35 1.69 -42.03 13.11
N TYR D 36 3.03 -42.03 13.19
CA TYR D 36 3.87 -41.56 12.11
C TYR D 36 4.37 -42.70 11.23
N ARG D 37 3.95 -43.93 11.48
CA ARG D 37 4.34 -45.09 10.68
C ARG D 37 3.23 -45.41 9.69
N THR D 38 2.01 -45.68 10.17
CA THR D 38 0.88 -46.02 9.32
C THR D 38 -0.03 -44.83 9.06
N LEU D 39 0.30 -43.64 9.58
CA LEU D 39 -0.52 -42.45 9.38
C LEU D 39 -1.95 -42.68 9.85
N LYS D 40 -2.10 -43.32 10.99
CA LYS D 40 -3.39 -43.64 11.58
C LYS D 40 -3.48 -43.12 13.00
N PRO D 41 -4.69 -42.87 13.51
CA PRO D 41 -4.82 -42.35 14.88
C PRO D 41 -4.52 -43.39 15.93
N GLU D 42 -4.70 -43.04 17.20
CA GLU D 42 -4.31 -43.87 18.32
C GLU D 42 -5.46 -43.91 19.33
N LYS D 43 -5.18 -44.45 20.52
CA LYS D 43 -6.14 -44.53 21.61
C LYS D 43 -5.71 -43.58 22.72
N ASP D 44 -6.66 -42.82 23.25
CA ASP D 44 -6.47 -41.93 24.39
C ASP D 44 -5.42 -40.85 24.14
N GLY D 45 -5.18 -40.48 22.87
CA GLY D 45 -4.29 -39.41 22.53
C GLY D 45 -5.00 -38.28 21.80
N LEU D 46 -4.23 -37.25 21.49
CA LEU D 46 -4.76 -36.16 20.67
C LEU D 46 -5.09 -36.69 19.28
N PHE D 47 -6.11 -36.09 18.66
CA PHE D 47 -6.62 -36.53 17.37
C PHE D 47 -7.18 -37.95 17.42
N CYS D 48 -7.50 -38.45 18.61
CA CYS D 48 -8.01 -39.79 18.75
C CYS D 48 -9.45 -39.87 18.24
N GLU D 49 -9.73 -40.85 17.39
CA GLU D 49 -11.09 -41.03 16.89
C GLU D 49 -12.05 -41.45 17.99
N LYS D 50 -11.55 -42.07 19.06
CA LYS D 50 -12.41 -42.44 20.17
C LYS D 50 -13.02 -41.22 20.83
N ILE D 51 -12.23 -40.17 21.03
CA ILE D 51 -12.64 -39.00 21.80
C ILE D 51 -13.06 -37.86 20.87
N PHE D 52 -12.35 -37.66 19.79
CA PHE D 52 -12.71 -36.70 18.76
C PHE D 52 -13.35 -37.42 17.58
N GLY D 53 -14.06 -36.67 16.75
CA GLY D 53 -14.83 -37.25 15.68
C GLY D 53 -13.97 -37.97 14.68
N PRO D 54 -14.51 -39.01 14.03
CA PRO D 54 -13.72 -39.75 13.03
C PRO D 54 -13.36 -38.86 11.85
N THR D 55 -12.08 -38.84 11.50
CA THR D 55 -11.62 -38.04 10.38
C THR D 55 -12.13 -38.57 9.04
N ARG D 56 -12.39 -39.87 8.94
CA ARG D 56 -12.92 -40.48 7.72
C ARG D 56 -14.41 -40.75 7.93
N ASP D 57 -15.22 -40.28 6.99
CA ASP D 57 -16.66 -40.30 7.15
C ASP D 57 -17.24 -41.62 6.65
N TRP D 58 -18.32 -42.05 7.29
CA TRP D 58 -18.86 -43.40 7.12
C TRP D 58 -17.79 -44.47 7.31
N GLU D 59 -16.91 -44.27 8.29
CA GLU D 59 -15.83 -45.23 8.53
C GLU D 59 -15.43 -45.18 10.00
N CYS D 60 -14.73 -46.22 10.44
CA CYS D 60 -14.23 -46.30 11.80
C CYS D 60 -12.73 -46.60 11.78
N TYR D 61 -12.16 -46.91 12.95
CA TYR D 61 -10.72 -46.99 13.09
C TYR D 61 -10.10 -48.34 12.73
N CYS D 62 -10.82 -49.45 12.89
CA CYS D 62 -10.15 -50.74 12.92
C CYS D 62 -10.45 -51.54 11.65
N GLY D 63 -11.62 -52.15 11.53
CA GLY D 63 -12.01 -52.74 10.26
C GLY D 63 -13.48 -52.99 10.06
N LYS D 64 -14.32 -52.61 11.02
CA LYS D 64 -15.62 -53.25 11.13
C LYS D 64 -16.76 -52.42 10.58
N TYR D 65 -16.61 -51.10 10.50
CA TYR D 65 -17.70 -50.22 10.11
C TYR D 65 -17.23 -49.22 9.07
N LYS D 66 -16.51 -49.73 8.07
CA LYS D 66 -16.12 -48.93 6.91
C LYS D 66 -17.21 -48.86 5.85
N ARG D 67 -18.26 -49.66 5.97
CA ARG D 67 -19.31 -49.68 4.97
C ARG D 67 -20.21 -48.45 5.08
N VAL D 68 -20.85 -48.11 3.97
CA VAL D 68 -21.64 -46.89 3.92
C VAL D 68 -22.96 -47.05 4.67
N ARG D 69 -23.47 -48.27 4.81
CA ARG D 69 -24.79 -48.45 5.41
C ARG D 69 -24.76 -48.30 6.94
N PHE D 70 -23.62 -47.98 7.53
CA PHE D 70 -23.54 -47.67 8.96
C PHE D 70 -23.66 -46.16 9.13
N LYS D 71 -24.67 -45.73 9.89
CA LYS D 71 -24.97 -44.31 10.08
C LYS D 71 -25.10 -44.02 11.57
N GLY D 72 -24.06 -43.43 12.16
CA GLY D 72 -24.13 -42.91 13.51
C GLY D 72 -23.99 -43.93 14.62
N ILE D 73 -23.81 -45.21 14.30
CA ILE D 73 -23.71 -46.24 15.33
C ILE D 73 -22.29 -46.29 15.89
N ILE D 74 -22.12 -47.02 16.99
CA ILE D 74 -20.87 -47.08 17.74
C ILE D 74 -20.16 -48.38 17.42
N CYS D 75 -18.86 -48.29 17.13
CA CYS D 75 -18.05 -49.49 16.92
C CYS D 75 -17.81 -50.20 18.26
N GLU D 76 -17.68 -51.52 18.19
CA GLU D 76 -17.63 -52.33 19.40
C GLU D 76 -16.25 -52.40 20.04
N ARG D 77 -15.19 -51.96 19.35
CA ARG D 77 -13.84 -52.08 19.90
C ARG D 77 -13.07 -50.76 19.94
N CYS D 78 -13.18 -49.92 18.90
CA CYS D 78 -12.42 -48.68 18.87
C CYS D 78 -13.18 -47.50 19.45
N GLY D 79 -14.43 -47.71 19.88
CA GLY D 79 -15.16 -46.66 20.58
C GLY D 79 -15.36 -45.39 19.78
N VAL D 80 -15.65 -45.53 18.49
CA VAL D 80 -15.84 -44.39 17.59
C VAL D 80 -17.25 -44.48 17.02
N GLU D 81 -18.04 -43.44 17.22
CA GLU D 81 -19.32 -43.32 16.54
C GLU D 81 -19.07 -42.95 15.09
N VAL D 82 -19.68 -43.70 14.17
CA VAL D 82 -19.47 -43.43 12.75
C VAL D 82 -20.29 -42.19 12.39
N THR D 83 -19.62 -41.04 12.40
CA THR D 83 -20.30 -39.75 12.26
C THR D 83 -19.59 -38.88 11.22
N ARG D 84 -19.96 -37.61 11.16
CA ARG D 84 -19.43 -36.72 10.13
C ARG D 84 -17.94 -36.48 10.35
N ALA D 85 -17.25 -36.11 9.27
CA ALA D 85 -15.91 -35.55 9.43
C ALA D 85 -15.99 -34.20 10.14
N LYS D 86 -17.02 -33.41 9.84
CA LYS D 86 -17.22 -32.14 10.53
C LYS D 86 -17.58 -32.33 11.99
N VAL D 87 -17.97 -33.55 12.40
CA VAL D 87 -18.17 -33.81 13.82
C VAL D 87 -16.84 -33.78 14.55
N ARG D 88 -15.74 -33.92 13.82
CA ARG D 88 -14.42 -33.69 14.39
C ARG D 88 -14.22 -32.23 14.79
N ARG D 89 -15.08 -31.34 14.31
CA ARG D 89 -15.05 -29.93 14.70
C ARG D 89 -15.87 -29.62 15.95
N GLU D 90 -16.75 -30.52 16.38
CA GLU D 90 -17.68 -30.25 17.47
C GLU D 90 -17.41 -31.05 18.74
N ARG D 91 -16.99 -32.30 18.63
CA ARG D 91 -16.71 -33.09 19.83
C ARG D 91 -15.55 -32.49 20.60
N MET D 92 -15.56 -32.72 21.92
CA MET D 92 -14.60 -32.07 22.80
C MET D 92 -14.18 -33.06 23.89
N GLY D 93 -13.02 -32.79 24.48
CA GLY D 93 -12.47 -33.62 25.53
C GLY D 93 -11.80 -32.79 26.60
N HIS D 94 -11.20 -33.43 27.59
CA HIS D 94 -10.60 -32.68 28.70
C HIS D 94 -9.50 -33.51 29.36
N ILE D 95 -8.60 -32.81 30.03
CA ILE D 95 -7.60 -33.40 30.90
C ILE D 95 -8.03 -33.15 32.35
N GLU D 96 -7.81 -34.14 33.20
CA GLU D 96 -8.21 -34.09 34.60
C GLU D 96 -6.95 -34.10 35.45
N LEU D 97 -6.56 -32.93 35.95
CA LEU D 97 -5.33 -32.80 36.73
C LEU D 97 -5.55 -33.26 38.16
N ALA D 98 -4.70 -34.17 38.62
CA ALA D 98 -4.71 -34.56 40.03
C ALA D 98 -4.25 -33.41 40.91
N ALA D 99 -3.18 -32.74 40.52
CA ALA D 99 -2.72 -31.56 41.24
C ALA D 99 -3.63 -30.40 40.88
N PRO D 100 -4.36 -29.79 41.82
CA PRO D 100 -5.27 -28.70 41.45
C PRO D 100 -4.52 -27.48 40.95
N VAL D 101 -5.18 -26.70 40.10
CA VAL D 101 -4.59 -25.53 39.46
C VAL D 101 -5.60 -24.38 39.53
N THR D 102 -5.07 -23.16 39.37
CA THR D 102 -5.86 -21.94 39.46
C THR D 102 -5.95 -21.29 38.09
N HIS D 103 -7.12 -20.74 37.78
CA HIS D 103 -7.29 -19.98 36.55
C HIS D 103 -6.42 -18.73 36.60
N ILE D 104 -5.96 -18.29 35.43
CA ILE D 104 -4.98 -17.21 35.37
C ILE D 104 -5.65 -15.85 35.18
N TRP D 105 -6.78 -15.79 34.47
CA TRP D 105 -7.45 -14.52 34.25
C TRP D 105 -7.88 -13.89 35.57
N TYR D 106 -8.49 -14.68 36.45
CA TYR D 106 -9.11 -14.12 37.65
C TYR D 106 -8.05 -13.91 38.72
N PHE D 107 -7.46 -15.00 39.20
CA PHE D 107 -6.30 -14.88 40.09
C PHE D 107 -5.05 -14.60 39.26
N LYS D 108 -4.22 -13.69 39.76
CA LYS D 108 -2.96 -13.24 39.18
C LYS D 108 -3.17 -12.41 37.92
N GLY D 109 -4.40 -12.20 37.44
CA GLY D 109 -4.62 -11.50 36.20
C GLY D 109 -4.66 -9.99 36.38
N VAL D 110 -5.69 -9.35 35.83
CA VAL D 110 -5.81 -7.90 35.95
C VAL D 110 -6.00 -7.53 37.42
N PRO D 111 -5.39 -6.47 37.92
CA PRO D 111 -5.59 -6.14 39.34
C PRO D 111 -7.03 -5.86 39.71
N SER D 112 -7.82 -5.34 38.76
CA SER D 112 -9.20 -4.95 39.06
C SER D 112 -10.03 -6.16 39.51
N ARG D 113 -9.73 -7.34 38.97
CA ARG D 113 -10.46 -8.55 39.30
C ARG D 113 -9.51 -9.61 39.80
N LEU D 114 -8.68 -9.23 40.74
CA LEU D 114 -7.66 -10.05 41.36
C LEU D 114 -8.23 -11.12 42.32
N GLY D 115 -9.53 -11.39 42.27
CA GLY D 115 -10.17 -12.21 43.28
C GLY D 115 -10.84 -11.37 44.34
N TYR D 116 -10.14 -11.17 45.45
CA TYR D 116 -10.62 -10.35 46.56
C TYR D 116 -11.81 -10.96 47.26
N LEU D 117 -12.15 -12.22 46.95
CA LEU D 117 -13.04 -12.96 47.83
C LEU D 117 -12.44 -13.06 49.21
N LEU D 118 -11.11 -13.14 49.28
CA LEU D 118 -10.34 -13.02 50.52
C LEU D 118 -9.46 -11.79 50.38
N ASP D 119 -9.42 -10.97 51.42
CA ASP D 119 -8.68 -9.71 51.34
C ASP D 119 -7.18 -9.99 51.40
N LEU D 120 -6.58 -10.25 50.24
CA LEU D 120 -5.17 -10.61 50.15
C LEU D 120 -4.54 -9.87 48.98
N ALA D 121 -3.23 -9.67 49.09
CA ALA D 121 -2.49 -9.01 48.01
C ALA D 121 -2.12 -10.02 46.94
N PRO D 122 -1.86 -9.56 45.70
CA PRO D 122 -1.37 -10.49 44.68
C PRO D 122 -0.07 -11.18 45.07
N LYS D 123 0.80 -10.44 45.77
CA LYS D 123 2.01 -11.05 46.34
C LYS D 123 1.67 -12.24 47.23
N ASP D 124 0.65 -12.09 48.09
CA ASP D 124 0.26 -13.20 48.95
C ASP D 124 -0.22 -14.38 48.12
N LEU D 125 -1.00 -14.10 47.07
CA LEU D 125 -1.52 -15.16 46.23
C LEU D 125 -0.39 -15.92 45.53
N GLU D 126 0.62 -15.20 45.06
CA GLU D 126 1.70 -15.86 44.31
C GLU D 126 2.73 -16.52 45.23
N LYS D 127 2.79 -16.15 46.51
CA LYS D 127 3.49 -17.05 47.43
C LYS D 127 2.67 -18.31 47.73
N VAL D 128 1.37 -18.19 47.98
CA VAL D 128 0.63 -19.38 48.40
C VAL D 128 0.48 -20.37 47.26
N ILE D 129 0.25 -19.91 46.02
CA ILE D 129 -0.08 -20.81 44.93
C ILE D 129 1.15 -21.24 44.14
N TYR D 130 2.11 -20.33 43.95
CA TYR D 130 3.34 -20.65 43.25
C TYR D 130 4.44 -21.07 44.21
N PHE D 131 4.05 -21.72 45.31
CA PHE D 131 4.93 -22.54 46.13
C PHE D 131 6.10 -21.79 46.76
N ALA D 132 5.78 -20.87 47.67
CA ALA D 132 6.80 -20.22 48.48
C ALA D 132 6.55 -20.48 49.97
N ALA D 133 5.30 -20.40 50.41
CA ALA D 133 4.98 -20.51 51.84
C ALA D 133 3.60 -21.14 52.03
N TYR D 134 3.39 -21.68 53.22
CA TYR D 134 2.14 -22.32 53.62
C TYR D 134 1.09 -21.28 53.99
N MET D 135 -0.16 -21.74 54.10
CA MET D 135 -1.22 -20.94 54.70
C MET D 135 -1.99 -21.79 55.71
N ILE D 136 -2.87 -21.14 56.45
CA ILE D 136 -3.73 -21.80 57.43
C ILE D 136 -5.13 -21.84 56.83
N THR D 137 -5.54 -23.03 56.38
CA THR D 137 -6.82 -23.17 55.70
C THR D 137 -7.99 -23.39 56.67
N PHE D 138 -7.70 -23.71 57.93
CA PHE D 138 -8.75 -24.06 58.89
C PHE D 138 -8.25 -23.69 60.27
N VAL D 139 -9.17 -23.32 61.15
CA VAL D 139 -8.87 -23.02 62.54
C VAL D 139 -10.06 -23.44 63.40
N ASP D 140 -9.77 -24.04 64.56
CA ASP D 140 -10.78 -24.36 65.55
C ASP D 140 -10.50 -23.52 66.79
N GLU D 141 -11.02 -22.29 66.77
CA GLU D 141 -10.78 -21.37 67.88
C GLU D 141 -11.70 -21.67 69.06
N GLU D 142 -12.89 -22.23 68.80
CA GLU D 142 -13.81 -22.51 69.90
C GLU D 142 -13.28 -23.60 70.81
N ARG D 143 -12.79 -24.70 70.23
CA ARG D 143 -12.19 -25.76 71.04
C ARG D 143 -10.90 -25.27 71.68
N ARG D 144 -10.13 -24.44 70.98
CA ARG D 144 -8.93 -23.87 71.55
C ARG D 144 -9.25 -23.07 72.80
N THR D 145 -10.26 -22.21 72.73
CA THR D 145 -10.66 -21.44 73.90
C THR D 145 -11.22 -22.33 75.00
N ARG D 146 -11.98 -23.37 74.62
CA ARG D 146 -12.52 -24.29 75.61
C ARG D 146 -11.39 -24.95 76.40
N ASP D 147 -10.35 -25.40 75.71
CA ASP D 147 -9.26 -26.14 76.33
C ASP D 147 -8.15 -25.22 76.85
N LEU D 148 -8.22 -23.92 76.59
CA LEU D 148 -7.19 -22.99 77.06
C LEU D 148 -6.73 -23.24 78.48
N PRO D 149 -7.58 -23.58 79.45
CA PRO D 149 -7.06 -24.08 80.73
C PRO D 149 -6.07 -25.22 80.52
N SER D 150 -6.50 -26.25 79.78
CA SER D 150 -5.63 -27.41 79.58
C SER D 150 -4.43 -27.07 78.71
N LEU D 151 -4.61 -26.27 77.65
CA LEU D 151 -3.49 -25.92 76.79
C LEU D 151 -2.42 -25.15 77.57
N GLU D 152 -2.84 -24.17 78.36
CA GLU D 152 -1.88 -23.42 79.17
C GLU D 152 -1.28 -24.28 80.28
N ALA D 153 -2.05 -25.21 80.86
CA ALA D 153 -1.49 -26.10 81.85
C ALA D 153 -0.38 -26.96 81.25
N HIS D 154 -0.64 -27.55 80.07
CA HIS D 154 0.38 -28.34 79.41
C HIS D 154 1.57 -27.50 78.98
N VAL D 155 1.33 -26.27 78.53
CA VAL D 155 2.44 -25.39 78.15
C VAL D 155 3.30 -25.09 79.36
N SER D 156 2.67 -24.83 80.51
CA SER D 156 3.43 -24.61 81.73
C SER D 156 4.23 -25.85 82.12
N VAL D 157 3.61 -27.02 82.02
CA VAL D 157 4.30 -28.26 82.38
C VAL D 157 5.53 -28.46 81.51
N GLU D 158 5.35 -28.32 80.19
CA GLU D 158 6.45 -28.56 79.26
C GLU D 158 7.50 -27.45 79.30
N ARG D 159 7.12 -26.21 79.56
CA ARG D 159 8.13 -25.16 79.72
C ARG D 159 8.91 -25.35 81.00
N GLN D 160 8.27 -25.82 82.08
CA GLN D 160 9.01 -26.17 83.28
C GLN D 160 9.96 -27.32 83.00
N GLN D 161 9.52 -28.31 82.22
CA GLN D 161 10.42 -29.40 81.84
C GLN D 161 11.61 -28.88 81.04
N ILE D 162 11.37 -27.95 80.12
CA ILE D 162 12.46 -27.36 79.35
C ILE D 162 13.40 -26.60 80.27
N GLU D 163 12.85 -25.83 81.20
CA GLU D 163 13.68 -25.03 82.10
C GLU D 163 14.53 -25.92 83.00
N GLN D 164 13.95 -27.00 83.53
CA GLN D 164 14.74 -27.89 84.37
C GLN D 164 15.74 -28.70 83.56
N ARG D 165 15.44 -29.01 82.31
CA ARG D 165 16.46 -29.60 81.44
C ARG D 165 17.61 -28.64 81.23
N ARG D 166 17.32 -27.37 80.99
CA ARG D 166 18.39 -26.39 80.83
C ARG D 166 19.14 -26.14 82.13
N ASP D 167 18.47 -26.31 83.28
CA ASP D 167 19.17 -26.22 84.56
C ASP D 167 20.08 -27.41 84.78
N SER D 168 19.65 -28.60 84.36
CA SER D 168 20.54 -29.76 84.38
C SER D 168 21.75 -29.53 83.48
N ASP D 169 21.52 -28.94 82.30
CA ASP D 169 22.63 -28.59 81.42
C ASP D 169 23.53 -27.55 82.07
N LEU D 170 22.95 -26.59 82.80
CA LEU D 170 23.74 -25.56 83.46
C LEU D 170 24.62 -26.14 84.55
N GLU D 171 24.10 -27.06 85.35
CA GLU D 171 24.93 -27.69 86.37
C GLU D 171 25.96 -28.63 85.75
N ALA D 172 25.63 -29.25 84.61
CA ALA D 172 26.66 -29.98 83.87
C ALA D 172 27.78 -29.06 83.41
N ARG D 173 27.41 -27.88 82.92
CA ARG D 173 28.41 -26.87 82.56
C ARG D 173 29.25 -26.49 83.77
N ALA D 174 28.60 -26.31 84.92
CA ALA D 174 29.33 -25.89 86.12
C ALA D 174 30.32 -26.95 86.56
N LYS D 175 29.91 -28.22 86.57
CA LYS D 175 30.84 -29.28 86.95
C LYS D 175 31.97 -29.41 85.94
N LYS D 176 31.68 -29.26 84.64
CA LYS D 176 32.75 -29.26 83.66
C LYS D 176 33.73 -28.11 83.91
N LEU D 177 33.20 -26.92 84.19
CA LEU D 177 34.05 -25.75 84.39
C LEU D 177 34.94 -25.91 85.62
N GLU D 178 34.37 -26.39 86.73
CA GLU D 178 35.19 -26.57 87.93
C GLU D 178 36.20 -27.69 87.74
N THR D 179 35.83 -28.76 87.01
CA THR D 179 36.77 -29.84 86.75
C THR D 179 37.96 -29.34 85.94
N ASP D 180 37.71 -28.62 84.85
CA ASP D 180 38.82 -28.13 84.04
C ASP D 180 39.61 -27.07 84.78
N LEU D 181 38.94 -26.23 85.57
CA LEU D 181 39.66 -25.30 86.43
C LEU D 181 40.65 -26.02 87.32
N ALA D 182 40.17 -27.05 88.04
CA ALA D 182 41.04 -27.76 88.98
C ALA D 182 42.19 -28.44 88.25
N GLU D 183 41.92 -29.11 87.12
CA GLU D 183 42.97 -29.88 86.48
C GLU D 183 44.01 -28.96 85.84
N LEU D 184 43.58 -27.87 85.22
CA LEU D 184 44.54 -26.94 84.63
C LEU D 184 45.29 -26.12 85.67
N GLU D 185 44.69 -25.88 86.84
CA GLU D 185 45.44 -25.26 87.93
C GLU D 185 46.48 -26.23 88.50
N ALA D 186 46.13 -27.51 88.58
CA ALA D 186 47.11 -28.50 89.01
C ALA D 186 48.25 -28.62 88.01
N GLU D 187 47.93 -28.57 86.71
CA GLU D 187 48.95 -28.70 85.68
C GLU D 187 49.93 -27.52 85.73
N GLY D 188 49.43 -26.31 85.51
CA GLY D 188 50.30 -25.14 85.51
C GLY D 188 51.37 -25.19 84.44
N ALA D 189 51.04 -25.69 83.25
CA ALA D 189 52.04 -25.81 82.20
C ALA D 189 52.50 -24.44 81.70
N LYS D 190 51.55 -23.55 81.41
CA LYS D 190 51.86 -22.22 80.92
C LYS D 190 51.02 -21.20 81.68
N ALA D 191 51.35 -19.93 81.48
CA ALA D 191 50.63 -18.83 82.13
C ALA D 191 49.37 -18.43 81.37
N ASP D 192 49.09 -19.06 80.22
CA ASP D 192 47.93 -18.69 79.41
C ASP D 192 46.96 -19.86 79.20
N VAL D 193 47.17 -21.00 79.83
CA VAL D 193 46.21 -22.10 79.71
C VAL D 193 44.93 -21.75 80.46
N ARG D 194 45.05 -21.11 81.62
CA ARG D 194 43.85 -20.74 82.38
C ARG D 194 43.00 -19.74 81.61
N ARG D 195 43.61 -18.68 81.08
CA ARG D 195 42.83 -17.67 80.37
C ARG D 195 42.22 -18.23 79.09
N LYS D 196 42.96 -19.07 78.37
CA LYS D 196 42.43 -19.62 77.13
C LYS D 196 41.31 -20.62 77.40
N VAL D 197 41.46 -21.47 78.42
CA VAL D 197 40.39 -22.40 78.75
C VAL D 197 39.17 -21.65 79.25
N ARG D 198 39.36 -20.55 79.98
CA ARG D 198 38.23 -19.74 80.41
C ARG D 198 37.56 -19.06 79.22
N GLU D 199 38.34 -18.61 78.24
CA GLU D 199 37.75 -18.04 77.03
C GLU D 199 36.89 -19.08 76.31
N GLY D 200 37.43 -20.28 76.15
CA GLY D 200 36.65 -21.33 75.50
C GLY D 200 35.41 -21.71 76.28
N ALA D 201 35.53 -21.82 77.61
CA ALA D 201 34.39 -22.15 78.45
C ALA D 201 33.33 -21.06 78.37
N GLU D 202 33.75 -19.79 78.37
CA GLU D 202 32.79 -18.70 78.27
C GLU D 202 32.11 -18.67 76.91
N ARG D 203 32.86 -18.99 75.85
CA ARG D 203 32.24 -19.12 74.53
C ARG D 203 31.19 -20.23 74.54
N GLU D 204 31.51 -21.36 75.14
CA GLU D 204 30.54 -22.44 75.26
C GLU D 204 29.33 -22.00 76.08
N MET D 205 29.56 -21.28 77.18
CA MET D 205 28.47 -20.83 78.03
C MET D 205 27.54 -19.90 77.28
N LYS D 206 28.09 -18.91 76.58
CA LYS D 206 27.25 -17.97 75.85
C LYS D 206 26.53 -18.66 74.71
N GLN D 207 27.16 -19.65 74.07
CA GLN D 207 26.45 -20.43 73.05
C GLN D 207 25.27 -21.18 73.66
N LEU D 208 25.50 -21.82 74.82
CA LEU D 208 24.43 -22.57 75.47
C LEU D 208 23.26 -21.67 75.84
N ARG D 209 23.54 -20.55 76.51
CA ARG D 209 22.49 -19.63 76.87
C ARG D 209 21.86 -18.95 75.66
N ASP D 210 22.62 -18.73 74.58
CA ASP D 210 22.04 -18.17 73.37
C ASP D 210 21.03 -19.13 72.76
N ARG D 211 21.35 -20.42 72.71
CA ARG D 211 20.39 -21.37 72.15
C ARG D 211 19.21 -21.60 73.09
N ALA D 212 19.42 -21.51 74.41
CA ALA D 212 18.29 -21.55 75.33
C ALA D 212 17.37 -20.34 75.12
N GLN D 213 17.96 -19.16 74.98
CA GLN D 213 17.17 -17.97 74.67
C GLN D 213 16.43 -18.14 73.36
N ARG D 214 17.09 -18.75 72.37
CA ARG D 214 16.48 -18.95 71.06
C ARG D 214 15.29 -19.90 71.14
N GLU D 215 15.41 -20.98 71.92
CA GLU D 215 14.29 -21.92 71.98
C GLU D 215 13.13 -21.35 72.78
N ILE D 216 13.41 -20.61 73.85
CA ILE D 216 12.29 -19.95 74.53
C ILE D 216 11.69 -18.87 73.63
N ASP D 217 12.50 -18.24 72.78
CA ASP D 217 11.98 -17.20 71.90
C ASP D 217 11.10 -17.79 70.80
N ARG D 218 11.50 -18.92 70.21
CA ARG D 218 10.63 -19.56 69.24
C ARG D 218 9.39 -20.14 69.92
N LEU D 219 9.49 -20.49 71.20
CA LEU D 219 8.27 -20.83 71.93
C LEU D 219 7.38 -19.60 72.13
N ASP D 220 7.97 -18.41 72.28
CA ASP D 220 7.17 -17.20 72.34
C ASP D 220 6.51 -16.89 70.99
N GLU D 221 7.22 -17.16 69.90
CA GLU D 221 6.58 -17.06 68.59
C GLU D 221 5.45 -18.08 68.46
N VAL D 222 5.65 -19.29 68.97
CA VAL D 222 4.56 -20.25 69.04
C VAL D 222 3.39 -19.67 69.81
N TRP D 223 3.65 -19.05 70.95
CA TRP D 223 2.62 -18.39 71.73
C TRP D 223 1.81 -17.42 70.88
N ASN D 224 2.48 -16.40 70.33
CA ASN D 224 1.74 -15.34 69.64
C ASN D 224 1.03 -15.89 68.41
N ARG D 225 1.69 -16.77 67.66
CA ARG D 225 1.03 -17.34 66.48
C ARG D 225 -0.17 -18.18 66.88
N PHE D 226 -0.12 -18.84 68.04
CA PHE D 226 -1.20 -19.70 68.47
C PHE D 226 -2.41 -18.88 68.95
N LYS D 227 -2.16 -17.80 69.69
CA LYS D 227 -3.27 -16.93 70.06
C LYS D 227 -3.80 -16.14 68.87
N ASN D 228 -2.95 -15.81 67.91
CA ASN D 228 -3.36 -15.19 66.65
C ASN D 228 -3.49 -16.23 65.54
N LEU D 229 -3.98 -17.42 65.89
CA LEU D 229 -4.22 -18.47 64.91
C LEU D 229 -5.43 -18.07 64.07
N LYS D 230 -5.15 -17.44 62.93
CA LYS D 230 -6.17 -16.90 62.06
C LYS D 230 -5.94 -17.39 60.63
N VAL D 231 -7.03 -17.68 59.94
CA VAL D 231 -6.96 -18.10 58.54
C VAL D 231 -6.51 -16.91 57.70
N GLN D 232 -6.17 -17.17 56.44
CA GLN D 232 -5.69 -16.12 55.53
C GLN D 232 -4.44 -15.44 56.10
N ASP D 233 -3.52 -16.25 56.62
CA ASP D 233 -2.23 -15.79 57.08
C ASP D 233 -1.15 -16.69 56.51
N LEU D 234 0.02 -16.11 56.26
CA LEU D 234 1.11 -16.79 55.57
C LEU D 234 2.28 -17.00 56.52
N GLU D 235 2.93 -18.15 56.38
CA GLU D 235 4.04 -18.56 57.23
C GLU D 235 5.24 -18.84 56.34
N GLY D 236 6.18 -17.88 56.29
CA GLY D 236 7.32 -18.02 55.39
C GLY D 236 8.19 -19.20 55.73
N ASP D 237 8.52 -19.37 57.01
CA ASP D 237 9.35 -20.48 57.43
C ASP D 237 8.55 -21.77 57.45
N GLU D 238 9.27 -22.89 57.52
CA GLU D 238 8.66 -24.22 57.49
C GLU D 238 8.94 -25.04 58.73
N LEU D 239 10.15 -24.98 59.30
CA LEU D 239 10.44 -25.75 60.50
C LEU D 239 9.60 -25.26 61.67
N LEU D 240 9.36 -23.94 61.74
CA LEU D 240 8.45 -23.42 62.75
C LEU D 240 7.04 -23.98 62.55
N TYR D 241 6.61 -24.11 61.31
CA TYR D 241 5.32 -24.74 61.05
C TYR D 241 5.31 -26.20 61.49
N ARG D 242 6.41 -26.92 61.26
CA ARG D 242 6.50 -28.29 61.75
C ARG D 242 6.31 -28.33 63.26
N GLU D 243 7.03 -27.47 63.97
CA GLU D 243 6.91 -27.44 65.42
C GLU D 243 5.49 -27.11 65.84
N LEU D 244 4.87 -26.14 65.17
CA LEU D 244 3.51 -25.73 65.53
C LEU D 244 2.53 -26.88 65.35
N ARG D 245 2.63 -27.60 64.23
CA ARG D 245 1.66 -28.66 63.99
C ARG D 245 1.92 -29.90 64.85
N ASP D 246 3.18 -30.16 65.22
CA ASP D 246 3.42 -31.25 66.17
C ASP D 246 2.87 -30.90 67.55
N ARG D 247 3.15 -29.68 68.03
CA ARG D 247 2.71 -29.30 69.37
C ARG D 247 1.20 -29.15 69.44
N PHE D 248 0.60 -28.42 68.51
CA PHE D 248 -0.85 -28.25 68.43
C PHE D 248 -1.46 -29.24 67.44
N GLY D 249 -1.24 -30.53 67.67
CA GLY D 249 -1.65 -31.53 66.71
C GLY D 249 -3.16 -31.75 66.70
N THR D 250 -3.65 -32.14 65.53
CA THR D 250 -5.06 -32.54 65.35
C THR D 250 -6.02 -31.45 65.83
N TYR D 251 -5.70 -30.20 65.52
CA TYR D 251 -6.56 -29.07 65.84
C TYR D 251 -6.99 -28.30 64.60
N PHE D 252 -6.05 -27.97 63.71
CA PHE D 252 -6.34 -27.15 62.54
C PHE D 252 -5.78 -27.79 61.28
N ASP D 253 -5.97 -27.13 60.14
CA ASP D 253 -5.40 -27.56 58.87
C ASP D 253 -4.66 -26.41 58.23
N GLY D 254 -3.47 -26.69 57.73
CA GLY D 254 -2.66 -25.68 57.09
C GLY D 254 -1.70 -26.32 56.12
N SER D 255 -1.65 -25.74 54.93
CA SER D 255 -0.85 -26.34 53.86
C SER D 255 -0.72 -25.44 52.64
N MET D 256 -0.17 -26.01 51.56
CA MET D 256 -0.17 -25.43 50.23
C MET D 256 -1.33 -26.03 49.43
N GLY D 257 -1.39 -25.76 48.13
CA GLY D 257 -2.31 -26.46 47.24
C GLY D 257 -3.43 -25.56 46.75
N ALA D 258 -3.70 -25.66 45.44
CA ALA D 258 -4.82 -24.90 44.88
C ALA D 258 -6.15 -25.30 45.50
N ALA D 259 -6.40 -26.61 45.67
CA ALA D 259 -7.58 -27.05 46.38
C ALA D 259 -7.59 -26.60 47.83
N ALA D 260 -6.44 -26.23 48.40
CA ALA D 260 -6.45 -25.64 49.73
C ALA D 260 -7.24 -24.35 49.74
N LEU D 261 -7.21 -23.59 48.64
CA LEU D 261 -8.12 -22.46 48.50
C LEU D 261 -9.55 -22.92 48.23
N GLN D 262 -9.73 -24.04 47.52
CA GLN D 262 -11.08 -24.56 47.33
C GLN D 262 -11.77 -24.77 48.67
N LYS D 263 -11.10 -25.46 49.59
CA LYS D 263 -11.66 -25.63 50.93
C LYS D 263 -11.97 -24.29 51.57
N ARG D 264 -11.10 -23.29 51.37
CA ARG D 264 -11.39 -21.95 51.86
C ARG D 264 -12.71 -21.45 51.28
N LEU D 265 -12.85 -21.53 49.96
CA LEU D 265 -14.10 -21.14 49.32
C LEU D 265 -15.23 -22.09 49.67
N GLU D 266 -14.92 -23.28 50.19
CA GLU D 266 -15.96 -24.18 50.67
C GLU D 266 -16.52 -23.75 52.02
N SER D 267 -15.87 -22.81 52.71
CA SER D 267 -16.27 -22.40 54.05
C SER D 267 -16.61 -20.92 54.17
N PHE D 268 -15.97 -20.07 53.38
CA PHE D 268 -16.14 -18.62 53.54
C PHE D 268 -17.55 -18.20 53.13
N ASP D 269 -18.20 -17.43 53.98
CA ASP D 269 -19.52 -16.87 53.69
C ASP D 269 -19.33 -15.51 53.01
N LEU D 270 -20.44 -14.82 52.73
CA LEU D 270 -20.38 -13.53 52.05
C LEU D 270 -21.15 -12.44 52.77
N ASP D 271 -22.32 -12.77 53.32
CA ASP D 271 -23.24 -11.73 53.76
C ASP D 271 -22.74 -10.99 55.00
N GLU D 272 -22.13 -11.72 55.94
CA GLU D 272 -21.73 -11.10 57.20
C GLU D 272 -20.66 -10.04 56.97
N GLU D 273 -19.59 -10.40 56.26
CA GLU D 273 -18.58 -9.40 55.95
C GLU D 273 -19.09 -8.40 54.92
N ALA D 274 -20.07 -8.75 54.10
CA ALA D 274 -20.67 -7.74 53.23
C ALA D 274 -21.27 -6.62 54.07
N GLU D 275 -21.99 -6.99 55.11
CA GLU D 275 -22.50 -5.99 56.05
C GLU D 275 -21.36 -5.25 56.74
N ARG D 276 -20.30 -5.97 57.11
CA ARG D 276 -19.18 -5.33 57.81
C ARG D 276 -18.51 -4.27 56.93
N LEU D 277 -18.17 -4.63 55.69
CA LEU D 277 -17.58 -3.65 54.78
C LEU D 277 -18.58 -2.55 54.38
N ARG D 278 -19.88 -2.82 54.37
CA ARG D 278 -20.81 -1.71 54.21
C ARG D 278 -20.74 -0.74 55.39
N GLU D 279 -20.69 -1.28 56.60
CA GLU D 279 -20.54 -0.44 57.80
C GLU D 279 -19.29 0.41 57.72
N ILE D 280 -18.16 -0.20 57.31
CA ILE D 280 -16.94 0.59 57.12
C ILE D 280 -17.02 1.48 55.90
N ILE D 281 -17.95 1.21 54.98
CA ILE D 281 -18.15 2.08 53.82
C ILE D 281 -18.78 3.40 54.23
N ARG D 282 -19.76 3.38 55.14
CA ARG D 282 -20.33 4.63 55.64
C ARG D 282 -19.75 5.07 56.99
N THR D 283 -19.08 4.18 57.72
CA THR D 283 -18.33 4.54 58.92
C THR D 283 -16.86 4.23 58.66
N GLY D 284 -16.17 5.16 58.01
CA GLY D 284 -14.80 4.95 57.61
C GLY D 284 -14.23 6.20 56.99
N LYS D 285 -12.97 6.11 56.57
CA LYS D 285 -12.22 7.25 56.06
C LYS D 285 -11.57 6.91 54.72
N GLY D 286 -11.90 7.70 53.71
CA GLY D 286 -11.12 7.70 52.48
C GLY D 286 -11.03 6.34 51.81
N GLN D 287 -9.79 5.93 51.51
CA GLN D 287 -9.56 4.74 50.70
C GLN D 287 -10.03 3.45 51.36
N LYS D 288 -10.30 3.46 52.67
CA LYS D 288 -10.93 2.30 53.27
C LYS D 288 -12.28 2.02 52.62
N LYS D 289 -13.05 3.06 52.35
CA LYS D 289 -14.29 2.93 51.60
C LYS D 289 -14.06 2.46 50.17
N THR D 290 -13.03 2.96 49.50
CA THR D 290 -12.78 2.54 48.12
C THR D 290 -12.43 1.06 48.07
N ARG D 291 -11.43 0.64 48.86
CA ARG D 291 -11.11 -0.78 48.93
C ARG D 291 -12.33 -1.57 49.36
N ALA D 292 -13.18 -0.98 50.21
CA ALA D 292 -14.42 -1.64 50.60
C ALA D 292 -15.35 -1.79 49.41
N LEU D 293 -15.56 -0.72 48.63
CA LEU D 293 -16.61 -0.78 47.62
C LEU D 293 -16.22 -1.74 46.50
N LYS D 294 -14.98 -1.67 46.01
CA LYS D 294 -14.58 -2.54 44.92
C LYS D 294 -14.75 -4.00 45.33
N ARG D 295 -14.15 -4.34 46.46
CA ARG D 295 -14.31 -5.70 47.00
C ARG D 295 -15.82 -5.92 47.09
N LEU D 296 -16.58 -4.94 47.57
CA LEU D 296 -18.05 -5.09 47.79
C LEU D 296 -18.81 -5.24 46.48
N LYS D 297 -18.35 -4.71 45.34
CA LYS D 297 -19.00 -4.93 44.06
C LYS D 297 -18.71 -6.34 43.55
N VAL D 298 -17.48 -6.83 43.75
CA VAL D 298 -17.21 -8.23 43.44
C VAL D 298 -18.10 -9.12 44.29
N VAL D 299 -18.17 -8.83 45.58
CA VAL D 299 -19.09 -9.55 46.45
C VAL D 299 -20.52 -9.37 45.95
N SER D 300 -20.85 -8.17 45.46
CA SER D 300 -22.17 -7.96 44.90
C SER D 300 -22.37 -8.86 43.68
N ALA D 301 -21.34 -8.99 42.85
CA ALA D 301 -21.43 -9.91 41.71
C ALA D 301 -21.65 -11.34 42.20
N PHE D 302 -21.19 -11.65 43.40
CA PHE D 302 -21.38 -12.97 43.99
C PHE D 302 -22.64 -13.06 44.83
N LEU D 303 -23.40 -11.97 44.96
CA LEU D 303 -24.58 -11.99 45.83
C LEU D 303 -25.75 -12.66 45.13
N GLN D 304 -26.22 -12.08 44.02
CA GLN D 304 -27.40 -12.58 43.33
C GLN D 304 -27.10 -13.66 42.31
N THR D 305 -25.93 -13.63 41.69
CA THR D 305 -25.62 -14.56 40.61
C THR D 305 -25.68 -16.00 41.11
N SER D 306 -26.28 -16.88 40.31
CA SER D 306 -26.38 -18.29 40.61
C SER D 306 -25.07 -19.03 40.39
N ASN D 307 -24.00 -18.31 40.04
CA ASN D 307 -22.70 -18.93 39.88
C ASN D 307 -22.17 -19.42 41.22
N SER D 308 -20.97 -20.00 41.19
CA SER D 308 -20.30 -20.45 42.40
C SER D 308 -18.80 -20.32 42.21
N PRO D 309 -18.07 -19.56 43.06
CA PRO D 309 -16.62 -19.43 42.85
C PRO D 309 -15.85 -20.71 43.10
N LYS D 310 -16.53 -21.82 43.40
CA LYS D 310 -15.85 -23.10 43.45
C LYS D 310 -15.15 -23.42 42.15
N GLY D 311 -15.72 -22.98 41.02
CA GLY D 311 -15.09 -23.15 39.72
C GLY D 311 -14.02 -22.14 39.40
N MET D 312 -13.78 -21.17 40.27
CA MET D 312 -12.74 -20.18 40.05
C MET D 312 -11.35 -20.75 40.29
N VAL D 313 -11.26 -21.97 40.83
CA VAL D 313 -10.03 -22.74 40.91
C VAL D 313 -10.29 -24.07 40.21
N LEU D 314 -9.41 -24.43 39.28
CA LEU D 314 -9.73 -25.42 38.26
C LEU D 314 -9.16 -26.77 38.63
N ASP D 315 -10.01 -27.80 38.62
CA ASP D 315 -9.59 -29.18 38.79
C ASP D 315 -9.40 -29.91 37.47
N CYS D 316 -9.69 -29.26 36.34
CA CYS D 316 -9.54 -29.87 35.03
C CYS D 316 -9.22 -28.78 34.02
N VAL D 317 -8.98 -29.18 32.78
CA VAL D 317 -8.85 -28.23 31.68
C VAL D 317 -9.42 -28.87 30.41
N PRO D 318 -10.35 -28.24 29.70
CA PRO D 318 -10.83 -28.82 28.45
C PRO D 318 -9.88 -28.54 27.29
N VAL D 319 -10.09 -29.25 26.19
CA VAL D 319 -9.25 -29.15 25.00
C VAL D 319 -10.13 -28.90 23.78
N ILE D 320 -9.69 -28.00 22.91
CA ILE D 320 -10.44 -27.65 21.70
C ILE D 320 -10.44 -28.85 20.75
N PRO D 321 -11.41 -28.96 19.85
CA PRO D 321 -11.38 -30.05 18.89
C PRO D 321 -10.19 -29.93 17.97
N PRO D 322 -9.77 -31.03 17.33
CA PRO D 322 -8.55 -30.97 16.52
C PRO D 322 -8.73 -30.23 15.21
N ASP D 323 -9.89 -30.30 14.58
CA ASP D 323 -10.07 -29.63 13.29
C ASP D 323 -9.86 -28.12 13.39
N LEU D 324 -10.07 -27.54 14.57
CA LEU D 324 -9.78 -26.13 14.80
C LEU D 324 -8.33 -25.88 15.15
N ARG D 325 -7.54 -26.92 15.36
CA ARG D 325 -6.11 -26.81 15.60
C ARG D 325 -5.39 -28.01 14.99
N PRO D 326 -5.61 -28.31 13.70
CA PRO D 326 -5.19 -29.59 13.17
C PRO D 326 -3.75 -29.58 12.68
N MET D 327 -3.28 -30.75 12.28
CA MET D 327 -2.00 -30.91 11.63
C MET D 327 -2.23 -31.34 10.18
N VAL D 328 -1.22 -31.11 9.35
CA VAL D 328 -1.32 -31.43 7.92
C VAL D 328 0.01 -32.04 7.45
N GLN D 329 -0.11 -32.92 6.46
CA GLN D 329 1.04 -33.61 5.88
C GLN D 329 1.66 -32.72 4.82
N LEU D 330 2.64 -31.93 5.21
CA LEU D 330 3.41 -31.12 4.26
C LEU D 330 4.41 -32.00 3.53
N ASP D 331 4.70 -31.62 2.29
CA ASP D 331 5.50 -32.45 1.40
C ASP D 331 6.88 -32.72 2.01
N GLY D 332 7.42 -33.89 1.68
CA GLY D 332 8.70 -34.31 2.22
C GLY D 332 8.63 -35.01 3.55
N GLY D 333 7.47 -35.57 3.91
CA GLY D 333 7.29 -36.18 5.21
C GLY D 333 7.05 -35.20 6.34
N ARG D 334 6.90 -33.92 6.03
CA ARG D 334 6.72 -32.91 7.06
C ARG D 334 5.32 -32.97 7.63
N PHE D 335 5.18 -32.56 8.89
CA PHE D 335 3.89 -32.47 9.57
C PHE D 335 3.79 -31.08 10.18
N ALA D 336 3.03 -30.20 9.52
CA ALA D 336 2.78 -28.86 10.05
C ALA D 336 1.71 -28.96 11.11
N THR D 337 2.05 -28.57 12.34
CA THR D 337 1.18 -28.71 13.50
C THR D 337 0.90 -27.35 14.11
N SER D 338 -0.27 -27.21 14.71
CA SER D 338 -0.63 -25.99 15.41
C SER D 338 0.02 -25.96 16.80
N ASP D 339 0.27 -24.75 17.29
CA ASP D 339 0.97 -24.60 18.56
C ASP D 339 0.12 -25.08 19.73
N LEU D 340 -1.19 -24.82 19.71
CA LEU D 340 -2.06 -25.30 20.77
C LEU D 340 -1.97 -26.81 20.91
N ASN D 341 -1.76 -27.52 19.80
CA ASN D 341 -1.53 -28.95 19.87
C ASN D 341 -0.33 -29.26 20.74
N ASP D 342 0.78 -28.54 20.55
CA ASP D 342 1.98 -28.77 21.34
C ASP D 342 1.76 -28.43 22.81
N LEU D 343 1.06 -27.33 23.09
CA LEU D 343 0.80 -26.95 24.47
C LEU D 343 -0.02 -28.03 25.19
N TYR D 344 -1.09 -28.50 24.54
CA TYR D 344 -1.89 -29.56 25.13
C TYR D 344 -1.05 -30.82 25.31
N ARG D 345 -0.22 -31.14 24.33
CA ARG D 345 0.66 -32.30 24.44
C ARG D 345 1.53 -32.22 25.69
N ARG D 346 2.18 -31.08 25.89
CA ARG D 346 3.10 -30.98 27.02
C ARG D 346 2.37 -31.00 28.36
N VAL D 347 1.23 -30.31 28.45
CA VAL D 347 0.52 -30.34 29.74
C VAL D 347 0.02 -31.75 30.03
N ILE D 348 -0.42 -32.48 29.00
CA ILE D 348 -0.83 -33.87 29.23
C ILE D 348 0.36 -34.70 29.68
N ASN D 349 1.54 -34.45 29.09
CA ASN D 349 2.74 -35.16 29.50
C ASN D 349 3.03 -34.93 30.98
N ARG D 350 2.98 -33.67 31.42
CA ARG D 350 3.25 -33.38 32.82
C ARG D 350 2.20 -33.99 33.73
N ASN D 351 0.93 -33.96 33.32
CA ASN D 351 -0.13 -34.59 34.10
C ASN D 351 0.15 -36.08 34.27
N ASN D 352 0.49 -36.77 33.18
CA ASN D 352 0.76 -38.20 33.28
C ASN D 352 1.95 -38.47 34.18
N ARG D 353 3.02 -37.69 34.02
CA ARG D 353 4.21 -37.90 34.83
C ARG D 353 3.90 -37.72 36.32
N LEU D 354 3.19 -36.64 36.67
CA LEU D 354 2.87 -36.41 38.07
C LEU D 354 1.92 -37.47 38.63
N LYS D 355 0.91 -37.88 37.86
CA LYS D 355 -0.02 -38.89 38.36
C LYS D 355 0.71 -40.20 38.60
N ARG D 356 1.62 -40.59 37.70
CA ARG D 356 2.36 -41.82 37.92
C ARG D 356 3.34 -41.69 39.08
N LEU D 357 3.94 -40.51 39.28
CA LEU D 357 4.82 -40.32 40.42
C LEU D 357 4.05 -40.46 41.73
N LEU D 358 2.91 -39.78 41.85
CA LEU D 358 2.13 -39.84 43.07
C LEU D 358 1.37 -41.16 43.21
N ASP D 359 1.35 -41.99 42.18
CA ASP D 359 0.72 -43.30 42.29
C ASP D 359 1.40 -44.16 43.36
N LEU D 360 2.67 -43.89 43.66
CA LEU D 360 3.45 -44.68 44.60
C LEU D 360 3.80 -43.94 45.89
N GLY D 361 3.75 -42.61 45.91
CA GLY D 361 4.02 -41.87 47.12
C GLY D 361 5.47 -41.45 47.29
N ALA D 362 6.00 -40.75 46.30
CA ALA D 362 7.38 -40.29 46.33
C ALA D 362 7.56 -39.17 47.36
N PRO D 363 8.81 -38.83 47.70
CA PRO D 363 9.03 -37.73 48.64
C PRO D 363 8.44 -36.43 48.15
N GLU D 364 8.09 -35.56 49.10
CA GLU D 364 7.21 -34.42 48.82
C GLU D 364 7.88 -33.32 48.02
N ILE D 365 9.21 -33.19 48.06
CA ILE D 365 9.85 -32.08 47.35
C ILE D 365 9.66 -32.23 45.84
N ILE D 366 9.93 -33.42 45.31
CA ILE D 366 9.76 -33.63 43.88
C ILE D 366 8.29 -33.53 43.49
N VAL D 367 7.40 -34.03 44.36
CA VAL D 367 5.97 -33.94 44.07
C VAL D 367 5.54 -32.48 43.98
N ASN D 368 5.99 -31.65 44.93
CA ASN D 368 5.63 -30.23 44.92
C ASN D 368 6.21 -29.53 43.70
N ASN D 369 7.45 -29.85 43.33
CA ASN D 369 8.04 -29.25 42.13
C ASN D 369 7.24 -29.62 40.89
N GLU D 370 6.81 -30.89 40.79
CA GLU D 370 6.01 -31.28 39.64
C GLU D 370 4.64 -30.61 39.67
N LYS D 371 4.04 -30.43 40.85
CA LYS D 371 2.76 -29.73 40.93
C LYS D 371 2.90 -28.29 40.44
N ARG D 372 3.95 -27.60 40.89
CA ARG D 372 4.12 -26.21 40.46
C ARG D 372 4.44 -26.13 38.97
N MET D 373 5.17 -27.12 38.44
CA MET D 373 5.41 -27.14 37.00
C MET D 373 4.12 -27.38 36.23
N LEU D 374 3.22 -28.23 36.73
CA LEU D 374 1.90 -28.38 36.13
C LEU D 374 1.11 -27.08 36.15
N GLN D 375 1.13 -26.38 37.28
CA GLN D 375 0.47 -25.08 37.38
C GLN D 375 1.02 -24.11 36.34
N GLU D 376 2.36 -24.03 36.24
CA GLU D 376 2.98 -23.15 35.27
C GLU D 376 2.66 -23.54 33.84
N ALA D 377 2.59 -24.84 33.56
CA ALA D 377 2.23 -25.29 32.22
C ALA D 377 0.82 -24.86 31.86
N VAL D 378 -0.13 -25.02 32.77
CA VAL D 378 -1.49 -24.55 32.48
C VAL D 378 -1.51 -23.03 32.32
N ASP D 379 -0.73 -22.33 33.14
CA ASP D 379 -0.65 -20.87 33.03
C ASP D 379 -0.17 -20.47 31.64
N ALA D 380 0.88 -21.10 31.14
CA ALA D 380 1.36 -20.82 29.80
C ALA D 380 0.32 -21.19 28.76
N LEU D 381 -0.41 -22.29 28.97
CA LEU D 381 -1.42 -22.71 28.01
C LEU D 381 -2.50 -21.65 27.85
N PHE D 382 -3.09 -21.19 28.96
CA PHE D 382 -4.20 -20.26 28.84
C PHE D 382 -3.72 -18.89 28.37
N ASP D 383 -2.52 -18.47 28.75
CA ASP D 383 -1.95 -17.23 28.21
C ASP D 383 -0.42 -17.36 28.33
N ASN D 384 0.21 -17.67 27.20
CA ASN D 384 1.65 -17.92 27.21
C ASN D 384 2.43 -16.68 27.64
N GLY D 385 2.03 -15.50 27.18
CA GLY D 385 2.79 -14.29 27.42
C GLY D 385 2.42 -13.50 28.66
N ARG D 386 1.34 -13.85 29.34
CA ARG D 386 0.91 -13.04 30.47
C ARG D 386 1.88 -13.15 31.64
N ARG D 387 2.29 -14.36 32.00
CA ARG D 387 3.17 -14.60 33.14
C ARG D 387 4.46 -15.23 32.65
N GLY D 388 5.58 -14.65 33.04
CA GLY D 388 6.88 -15.23 32.77
C GLY D 388 7.28 -15.15 31.31
N ARG D 389 8.38 -15.81 31.00
CA ARG D 389 8.89 -15.88 29.64
C ARG D 389 7.96 -16.76 28.82
N PRO D 390 7.34 -16.27 27.75
CA PRO D 390 6.46 -17.14 26.96
C PRO D 390 7.21 -18.33 26.38
N VAL D 391 6.52 -19.47 26.35
CA VAL D 391 7.12 -20.70 25.84
C VAL D 391 7.18 -20.63 24.31
N THR D 392 8.36 -20.92 23.76
CA THR D 392 8.57 -20.90 22.33
C THR D 392 8.43 -22.31 21.75
N GLY D 393 8.66 -22.42 20.45
CA GLY D 393 8.63 -23.70 19.76
C GLY D 393 9.92 -23.95 19.00
N PRO D 394 9.85 -24.21 17.68
CA PRO D 394 11.09 -24.45 16.92
C PRO D 394 12.00 -23.22 16.92
N GLY D 395 11.47 -22.09 16.50
CA GLY D 395 12.21 -20.85 16.50
C GLY D 395 12.09 -20.11 17.82
N ASN D 396 12.73 -18.95 17.86
CA ASN D 396 12.66 -18.09 19.04
C ASN D 396 11.29 -17.42 19.19
N ARG D 397 10.44 -17.48 18.17
CA ARG D 397 9.14 -16.82 18.25
C ARG D 397 8.27 -17.49 19.30
N PRO D 398 7.47 -16.73 20.05
CA PRO D 398 6.57 -17.37 21.02
C PRO D 398 5.44 -18.14 20.34
N LEU D 399 4.95 -19.15 21.03
CA LEU D 399 3.78 -19.90 20.57
C LEU D 399 2.54 -19.03 20.80
N LYS D 400 1.37 -19.58 20.47
CA LYS D 400 0.11 -18.87 20.60
C LYS D 400 -0.82 -19.67 21.51
N SER D 401 -1.41 -19.00 22.48
CA SER D 401 -2.27 -19.61 23.48
C SER D 401 -3.74 -19.44 23.07
N LEU D 402 -4.66 -19.88 23.92
CA LEU D 402 -6.08 -19.73 23.65
C LEU D 402 -6.58 -18.30 23.82
N SER D 403 -5.84 -17.46 24.55
CA SER D 403 -6.20 -16.06 24.75
C SER D 403 -5.44 -15.15 23.80
N ASP D 404 -4.76 -15.69 22.81
CA ASP D 404 -4.12 -14.93 21.74
C ASP D 404 -4.78 -15.15 20.39
N MET D 405 -5.48 -16.27 20.22
CA MET D 405 -6.18 -16.52 18.96
C MET D 405 -7.51 -15.78 18.92
N LEU D 406 -7.92 -15.13 20.02
CA LEU D 406 -9.14 -14.36 20.07
C LEU D 406 -8.89 -12.86 20.05
N LYS D 407 -8.10 -12.34 20.99
CA LYS D 407 -7.92 -10.90 21.08
C LYS D 407 -6.99 -10.43 19.96
N GLY D 408 -6.76 -9.12 19.92
CA GLY D 408 -5.89 -8.53 18.94
C GLY D 408 -6.57 -8.32 17.60
N LYS D 409 -5.87 -7.59 16.72
CA LYS D 409 -6.41 -7.31 15.40
C LYS D 409 -6.54 -8.60 14.58
N GLN D 410 -5.54 -9.47 14.66
CA GLN D 410 -5.50 -10.69 13.87
C GLN D 410 -6.15 -11.87 14.60
N GLY D 411 -7.07 -11.60 15.51
CA GLY D 411 -7.75 -12.66 16.21
C GLY D 411 -8.96 -13.16 15.44
N ARG D 412 -10.12 -13.15 16.08
CA ARG D 412 -11.37 -13.56 15.47
C ARG D 412 -12.29 -12.39 15.19
N PHE D 413 -12.51 -11.51 16.16
CA PHE D 413 -13.47 -10.42 16.04
C PHE D 413 -13.15 -9.53 14.86
N ARG D 414 -11.99 -8.88 14.88
CA ARG D 414 -11.66 -7.86 13.87
C ARG D 414 -10.89 -8.47 12.71
N GLN D 415 -11.08 -9.78 12.50
CA GLN D 415 -10.38 -10.45 11.40
C GLN D 415 -11.23 -11.44 10.62
N ASN D 416 -12.30 -11.97 11.21
CA ASN D 416 -13.01 -13.08 10.57
C ASN D 416 -14.52 -13.01 10.61
N LEU D 417 -15.14 -12.17 11.43
CA LEU D 417 -16.60 -12.11 11.53
C LEU D 417 -17.19 -10.86 10.89
N LEU D 418 -16.54 -9.70 11.05
CA LEU D 418 -17.05 -8.49 10.42
C LEU D 418 -16.92 -8.55 8.91
N GLY D 419 -15.73 -8.93 8.41
CA GLY D 419 -15.48 -9.01 7.00
C GLY D 419 -15.06 -10.40 6.56
N LYS D 420 -15.86 -11.02 5.70
CA LYS D 420 -15.62 -12.39 5.24
C LYS D 420 -15.48 -12.36 3.72
N ARG D 421 -14.30 -12.74 3.24
CA ARG D 421 -14.00 -12.66 1.81
C ARG D 421 -15.02 -13.45 1.01
N VAL D 422 -15.46 -12.89 -0.10
CA VAL D 422 -16.66 -13.35 -0.78
C VAL D 422 -16.36 -13.80 -2.20
N ASP D 423 -17.26 -14.64 -2.72
CA ASP D 423 -17.21 -15.07 -4.11
C ASP D 423 -17.72 -13.95 -5.02
N TYR D 424 -17.70 -14.22 -6.32
CA TYR D 424 -18.27 -13.32 -7.32
C TYR D 424 -17.75 -11.91 -7.12
N SER D 425 -16.43 -11.82 -6.95
CA SER D 425 -15.76 -10.60 -6.53
C SER D 425 -14.45 -10.47 -7.30
N ALA D 426 -14.51 -9.75 -8.42
CA ALA D 426 -13.37 -9.62 -9.30
C ALA D 426 -12.62 -8.32 -9.02
N ARG D 427 -11.50 -8.13 -9.70
CA ARG D 427 -10.76 -6.88 -9.61
C ARG D 427 -9.89 -6.75 -10.85
N SER D 428 -9.65 -5.51 -11.27
CA SER D 428 -8.80 -5.28 -12.43
C SER D 428 -8.48 -3.80 -12.54
N VAL D 429 -7.74 -3.45 -13.60
CA VAL D 429 -7.19 -2.10 -13.72
C VAL D 429 -8.22 -1.19 -14.38
N ILE D 430 -8.18 0.10 -13.99
CA ILE D 430 -9.17 1.08 -14.42
C ILE D 430 -8.62 1.94 -15.54
N VAL D 431 -9.47 2.19 -16.55
CA VAL D 431 -9.14 3.07 -17.67
C VAL D 431 -10.36 3.94 -17.94
N VAL D 432 -10.13 5.23 -18.19
CA VAL D 432 -11.26 6.14 -18.41
C VAL D 432 -11.84 5.93 -19.81
N GLY D 433 -13.17 5.86 -19.88
CA GLY D 433 -13.87 5.91 -21.14
C GLY D 433 -14.96 6.98 -21.15
N PRO D 434 -14.79 8.05 -21.95
CA PRO D 434 -15.85 9.06 -22.08
C PRO D 434 -16.82 8.77 -23.23
N GLN D 435 -17.34 7.55 -23.25
CA GLN D 435 -18.41 7.21 -24.18
C GLN D 435 -19.52 6.45 -23.45
N LEU D 436 -19.74 6.78 -22.18
CA LEU D 436 -20.62 6.03 -21.30
C LEU D 436 -21.69 6.95 -20.72
N LYS D 437 -22.88 6.39 -20.54
CA LYS D 437 -23.89 7.06 -19.73
C LYS D 437 -23.41 7.08 -18.28
N LEU D 438 -23.97 8.00 -17.49
CA LEU D 438 -23.53 8.13 -16.10
C LEU D 438 -23.72 6.83 -15.34
N HIS D 439 -24.71 6.02 -15.71
CA HIS D 439 -24.96 4.73 -15.09
C HIS D 439 -24.32 3.58 -15.86
N GLN D 440 -23.01 3.66 -16.16
CA GLN D 440 -22.39 2.65 -17.00
C GLN D 440 -20.93 2.43 -16.61
N CYS D 441 -20.45 1.22 -16.91
CA CYS D 441 -19.07 0.83 -16.70
C CYS D 441 -18.69 -0.20 -17.75
N GLY D 442 -17.41 -0.24 -18.10
CA GLY D 442 -16.91 -1.22 -19.04
C GLY D 442 -16.11 -2.31 -18.35
N LEU D 443 -16.40 -3.56 -18.73
CA LEU D 443 -15.79 -4.72 -18.09
C LEU D 443 -15.21 -5.65 -19.15
N PRO D 444 -13.94 -6.09 -19.02
CA PRO D 444 -13.38 -7.02 -20.02
C PRO D 444 -14.17 -8.31 -20.14
N LYS D 445 -13.96 -9.02 -21.26
CA LYS D 445 -14.76 -10.20 -21.57
C LYS D 445 -14.39 -11.41 -20.73
N ALA D 446 -13.17 -11.49 -20.19
CA ALA D 446 -12.79 -12.65 -19.39
C ALA D 446 -13.47 -12.63 -18.02
N MET D 447 -13.31 -11.52 -17.29
CA MET D 447 -13.98 -11.39 -16.00
C MET D 447 -15.49 -11.48 -16.17
N ALA D 448 -16.03 -10.92 -17.26
CA ALA D 448 -17.45 -11.04 -17.51
C ALA D 448 -17.84 -12.49 -17.79
N LEU D 449 -17.03 -13.21 -18.55
CA LEU D 449 -17.33 -14.60 -18.85
C LEU D 449 -17.40 -15.44 -17.59
N GLU D 450 -16.44 -15.24 -16.68
CA GLU D 450 -16.39 -16.10 -15.50
C GLU D 450 -17.29 -15.63 -14.36
N LEU D 451 -17.44 -14.32 -14.17
CA LEU D 451 -18.34 -13.79 -13.15
C LEU D 451 -19.77 -14.19 -13.45
N PHE D 452 -20.29 -13.72 -14.57
CA PHE D 452 -21.67 -13.97 -14.95
C PHE D 452 -21.85 -15.37 -15.55
N LYS D 453 -20.80 -16.20 -15.46
CA LYS D 453 -20.82 -17.56 -16.00
C LYS D 453 -22.12 -18.27 -15.67
N PRO D 454 -22.62 -18.21 -14.43
CA PRO D 454 -23.89 -18.92 -14.16
C PRO D 454 -25.08 -18.39 -14.95
N PHE D 455 -25.24 -17.07 -15.03
CA PHE D 455 -26.35 -16.51 -15.81
C PHE D 455 -26.17 -16.80 -17.30
N VAL D 456 -24.92 -16.72 -17.77
CA VAL D 456 -24.60 -17.14 -19.14
C VAL D 456 -25.09 -18.56 -19.37
N MET D 457 -24.76 -19.47 -18.46
CA MET D 457 -25.18 -20.86 -18.58
C MET D 457 -26.70 -20.99 -18.60
N LYS D 458 -27.38 -20.26 -17.73
CA LYS D 458 -28.84 -20.25 -17.78
C LYS D 458 -29.33 -19.95 -19.19
N ARG D 459 -28.77 -18.93 -19.82
CA ARG D 459 -29.30 -18.55 -21.13
C ARG D 459 -28.92 -19.54 -22.23
N LEU D 460 -27.68 -20.04 -22.23
CA LEU D 460 -27.34 -21.07 -23.22
C LEU D 460 -28.24 -22.30 -23.07
N VAL D 461 -28.51 -22.74 -21.85
CA VAL D 461 -29.43 -23.87 -21.69
C VAL D 461 -30.82 -23.49 -22.16
N ASP D 462 -31.27 -22.28 -21.82
CA ASP D 462 -32.59 -21.82 -22.24
C ASP D 462 -32.70 -21.71 -23.76
N LEU D 463 -31.65 -21.22 -24.41
CA LEU D 463 -31.62 -21.14 -25.87
C LEU D 463 -31.48 -22.51 -26.53
N ASN D 464 -31.28 -23.57 -25.75
CA ASN D 464 -31.19 -24.94 -26.25
C ASN D 464 -29.90 -25.18 -27.02
N HIS D 465 -28.92 -24.26 -26.91
CA HIS D 465 -27.59 -24.56 -27.43
C HIS D 465 -26.98 -25.73 -26.67
N ALA D 466 -27.17 -25.78 -25.36
CA ALA D 466 -26.62 -26.84 -24.51
C ALA D 466 -27.69 -27.88 -24.28
N GLN D 467 -27.40 -29.13 -24.66
CA GLN D 467 -28.31 -30.22 -24.37
C GLN D 467 -28.32 -30.57 -22.90
N ASN D 468 -27.19 -30.37 -22.21
CA ASN D 468 -27.08 -30.63 -20.79
C ASN D 468 -26.17 -29.58 -20.17
N ILE D 469 -26.10 -29.58 -18.83
CA ILE D 469 -25.36 -28.55 -18.12
C ILE D 469 -23.85 -28.72 -18.34
N LYS D 470 -23.38 -29.96 -18.38
CA LYS D 470 -21.96 -30.19 -18.62
C LYS D 470 -21.53 -29.71 -19.99
N SER D 471 -22.39 -29.86 -21.00
CA SER D 471 -22.11 -29.25 -22.29
C SER D 471 -22.02 -27.73 -22.16
N ALA D 472 -22.85 -27.16 -21.29
CA ALA D 472 -22.77 -25.72 -21.05
C ALA D 472 -21.42 -25.34 -20.44
N LYS D 473 -20.94 -26.15 -19.49
CA LYS D 473 -19.57 -25.94 -18.99
C LYS D 473 -18.57 -25.98 -20.13
N ARG D 474 -18.72 -26.97 -21.01
CA ARG D 474 -17.74 -27.16 -22.07
C ARG D 474 -17.70 -25.95 -23.01
N MET D 475 -18.87 -25.43 -23.39
CA MET D 475 -18.86 -24.26 -24.27
C MET D 475 -18.44 -22.99 -23.53
N VAL D 476 -18.68 -22.89 -22.22
CA VAL D 476 -18.16 -21.75 -21.48
C VAL D 476 -16.63 -21.77 -21.50
N GLU D 477 -16.04 -22.95 -21.28
CA GLU D 477 -14.58 -23.04 -21.29
C GLU D 477 -14.03 -22.82 -22.70
N ARG D 478 -14.65 -23.43 -23.71
CA ARG D 478 -14.09 -23.36 -25.05
C ARG D 478 -14.27 -21.97 -25.66
N GLY D 479 -15.45 -21.38 -25.51
CA GLY D 479 -15.71 -20.06 -26.04
C GLY D 479 -16.19 -20.07 -27.48
N ARG D 480 -17.35 -19.48 -27.72
CA ARG D 480 -17.91 -19.33 -29.05
C ARG D 480 -18.44 -17.90 -29.23
N THR D 481 -18.80 -17.56 -30.47
CA THR D 481 -19.39 -16.25 -30.72
C THR D 481 -20.70 -16.09 -29.97
N VAL D 482 -21.54 -17.14 -29.97
CA VAL D 482 -22.79 -17.11 -29.23
C VAL D 482 -22.54 -16.91 -27.74
N VAL D 483 -21.41 -17.38 -27.22
CA VAL D 483 -21.11 -17.18 -25.81
C VAL D 483 -20.96 -15.69 -25.50
N TYR D 484 -20.18 -14.97 -26.31
CA TYR D 484 -20.04 -13.54 -26.09
C TYR D 484 -21.33 -12.80 -26.40
N ASP D 485 -22.13 -13.29 -27.35
CA ASP D 485 -23.44 -12.69 -27.59
C ASP D 485 -24.32 -12.78 -26.34
N VAL D 486 -24.36 -13.97 -25.73
CA VAL D 486 -25.17 -14.15 -24.53
C VAL D 486 -24.61 -13.34 -23.38
N LEU D 487 -23.28 -13.20 -23.30
CA LEU D 487 -22.69 -12.36 -22.27
C LEU D 487 -23.06 -10.89 -22.43
N GLU D 488 -23.03 -10.38 -23.66
CA GLU D 488 -23.51 -9.03 -23.93
C GLU D 488 -24.99 -8.90 -23.59
N GLU D 489 -25.76 -9.98 -23.78
CA GLU D 489 -27.17 -9.96 -23.43
C GLU D 489 -27.37 -9.93 -21.92
N VAL D 490 -26.54 -10.63 -21.17
CA VAL D 490 -26.78 -10.82 -19.74
C VAL D 490 -26.23 -9.66 -18.93
N ILE D 491 -25.19 -8.98 -19.42
CA ILE D 491 -24.70 -7.80 -18.73
C ILE D 491 -25.76 -6.72 -18.62
N ALA D 492 -26.80 -6.77 -19.46
CA ALA D 492 -27.89 -5.80 -19.40
C ALA D 492 -28.79 -6.07 -18.20
N GLU D 493 -29.30 -4.99 -17.62
CA GLU D 493 -30.19 -5.05 -16.46
C GLU D 493 -29.57 -5.88 -15.33
N HIS D 494 -28.35 -5.51 -14.97
CA HIS D 494 -27.62 -6.15 -13.88
C HIS D 494 -26.72 -5.12 -13.22
N PRO D 495 -27.22 -4.42 -12.20
CA PRO D 495 -26.36 -3.50 -11.46
C PRO D 495 -25.15 -4.23 -10.89
N VAL D 496 -24.01 -3.56 -10.94
CA VAL D 496 -22.72 -4.14 -10.57
C VAL D 496 -22.07 -3.19 -9.59
N LEU D 497 -21.65 -3.70 -8.43
CA LEU D 497 -21.17 -2.86 -7.33
C LEU D 497 -19.67 -2.61 -7.52
N LEU D 498 -19.32 -1.48 -8.09
CA LEU D 498 -17.93 -1.08 -8.13
C LEU D 498 -17.51 -0.53 -6.78
N ASN D 499 -16.25 -0.76 -6.43
CA ASN D 499 -15.74 -0.52 -5.09
C ASN D 499 -14.23 -0.30 -5.16
N ARG D 500 -13.74 0.53 -4.24
CA ARG D 500 -12.31 0.78 -4.09
C ARG D 500 -11.87 0.38 -2.68
N ALA D 501 -10.57 0.33 -2.47
CA ALA D 501 -10.03 -0.24 -1.25
C ALA D 501 -10.32 0.63 -0.03
N PRO D 502 -9.79 1.86 0.05
CA PRO D 502 -9.99 2.66 1.27
C PRO D 502 -11.32 3.41 1.27
N THR D 503 -12.40 2.73 1.63
CA THR D 503 -13.74 3.33 1.59
C THR D 503 -13.86 4.32 2.74
N LEU D 504 -13.39 5.54 2.50
CA LEU D 504 -13.31 6.54 3.56
C LEU D 504 -14.67 7.15 3.88
N HIS D 505 -15.58 7.23 2.91
CA HIS D 505 -16.90 7.81 3.11
C HIS D 505 -17.96 6.89 2.51
N ARG D 506 -19.22 7.31 2.60
CA ARG D 506 -20.32 6.50 2.12
C ARG D 506 -20.31 6.37 0.60
N LEU D 507 -19.99 7.45 -0.11
CA LEU D 507 -19.96 7.43 -1.58
C LEU D 507 -18.62 6.88 -2.06
N GLY D 508 -18.34 5.64 -1.68
CA GLY D 508 -17.13 4.95 -2.07
C GLY D 508 -17.42 3.64 -2.76
N ILE D 509 -18.61 3.09 -2.53
CA ILE D 509 -19.10 1.91 -3.22
C ILE D 509 -20.39 2.30 -3.92
N GLN D 510 -20.48 2.03 -5.22
CA GLN D 510 -21.63 2.44 -6.00
C GLN D 510 -22.01 1.33 -6.97
N ALA D 511 -23.13 1.52 -7.65
CA ALA D 511 -23.58 0.58 -8.67
C ALA D 511 -23.41 1.19 -10.06
N PHE D 512 -23.30 0.31 -11.05
CA PHE D 512 -23.18 0.73 -12.45
C PHE D 512 -23.86 -0.32 -13.31
N GLU D 513 -23.97 -0.03 -14.60
CA GLU D 513 -24.50 -0.98 -15.58
C GLU D 513 -23.35 -1.44 -16.47
N PRO D 514 -23.05 -2.73 -16.57
CA PRO D 514 -21.86 -3.15 -17.33
C PRO D 514 -22.12 -3.28 -18.83
N GLN D 515 -21.19 -2.74 -19.62
CA GLN D 515 -21.17 -2.94 -21.06
C GLN D 515 -19.89 -3.69 -21.42
N LEU D 516 -20.01 -4.70 -22.29
CA LEU D 516 -18.91 -5.63 -22.56
C LEU D 516 -17.90 -4.96 -23.48
N VAL D 517 -16.95 -4.26 -22.87
CA VAL D 517 -15.86 -3.64 -23.63
C VAL D 517 -14.79 -4.69 -23.90
N GLU D 518 -14.04 -4.49 -24.99
CA GLU D 518 -12.91 -5.35 -25.29
C GLU D 518 -11.75 -5.00 -24.35
N GLY D 519 -10.61 -5.65 -24.59
CA GLY D 519 -9.43 -5.39 -23.78
C GLY D 519 -9.40 -6.20 -22.50
N LYS D 520 -8.56 -5.75 -21.58
CA LYS D 520 -8.30 -6.47 -20.33
C LYS D 520 -8.36 -5.55 -19.11
N ALA D 521 -9.01 -4.39 -19.21
CA ALA D 521 -9.13 -3.46 -18.10
C ALA D 521 -10.57 -3.01 -17.93
N ILE D 522 -10.92 -2.69 -16.69
CA ILE D 522 -12.26 -2.20 -16.38
C ILE D 522 -12.34 -0.72 -16.75
N GLN D 523 -13.49 -0.31 -17.31
CA GLN D 523 -13.66 1.04 -17.81
C GLN D 523 -14.71 1.76 -16.98
N ILE D 524 -14.45 3.05 -16.71
CA ILE D 524 -15.20 3.82 -15.73
C ILE D 524 -15.67 5.13 -16.35
N HIS D 525 -16.75 5.67 -15.79
CA HIS D 525 -17.23 6.98 -16.18
C HIS D 525 -16.24 8.05 -15.71
N PRO D 526 -16.14 9.17 -16.41
CA PRO D 526 -15.15 10.19 -16.03
C PRO D 526 -15.63 11.26 -15.06
N LEU D 527 -16.83 11.13 -14.48
CA LEU D 527 -17.23 12.03 -13.40
C LEU D 527 -17.75 11.26 -12.20
N VAL D 528 -17.31 10.02 -12.03
CA VAL D 528 -17.40 9.33 -10.74
C VAL D 528 -16.04 9.12 -10.12
N CYS D 529 -14.97 9.66 -10.70
CA CYS D 529 -13.63 9.49 -10.19
C CYS D 529 -13.31 10.51 -9.10
N THR D 530 -14.34 11.22 -8.63
CA THR D 530 -14.22 12.03 -7.43
C THR D 530 -14.93 11.43 -6.24
N ALA D 531 -15.92 10.56 -6.46
CA ALA D 531 -16.48 9.77 -5.35
C ALA D 531 -15.49 8.69 -4.93
N PHE D 532 -15.15 7.78 -5.84
CA PHE D 532 -14.20 6.72 -5.51
C PHE D 532 -12.82 7.24 -5.20
N ASN D 533 -12.50 8.48 -5.57
CA ASN D 533 -11.13 8.97 -5.52
C ASN D 533 -10.23 8.07 -6.36
N ALA D 534 -10.77 7.59 -7.48
CA ALA D 534 -10.08 6.63 -8.35
C ALA D 534 -9.43 7.39 -9.49
N ASP D 535 -8.20 7.85 -9.26
CA ASP D 535 -7.40 8.47 -10.31
C ASP D 535 -6.57 7.41 -11.02
N PHE D 536 -6.12 7.74 -12.23
CA PHE D 536 -5.39 6.80 -13.08
C PHE D 536 -3.89 7.06 -12.96
N ASP D 537 -3.30 6.53 -11.88
CA ASP D 537 -1.87 6.32 -11.79
C ASP D 537 -1.54 4.83 -11.85
N GLY D 538 -2.38 4.05 -12.52
CA GLY D 538 -2.23 2.60 -12.55
C GLY D 538 -2.99 1.92 -11.45
N ASP D 539 -3.97 2.61 -10.87
CA ASP D 539 -4.72 2.06 -9.75
C ASP D 539 -5.51 0.83 -10.20
N GLN D 540 -6.13 0.17 -9.24
CA GLN D 540 -6.91 -1.03 -9.51
C GLN D 540 -8.19 -0.97 -8.69
N MET D 541 -9.25 -1.54 -9.24
CA MET D 541 -10.60 -1.40 -8.70
C MET D 541 -11.23 -2.77 -8.52
N ALA D 542 -11.98 -2.94 -7.44
CA ALA D 542 -12.70 -4.17 -7.18
C ALA D 542 -14.13 -4.04 -7.64
N VAL D 543 -14.73 -5.16 -8.01
CA VAL D 543 -16.09 -5.20 -8.52
C VAL D 543 -16.80 -6.40 -7.88
N HIS D 544 -18.01 -6.17 -7.39
CA HIS D 544 -18.81 -7.19 -6.75
C HIS D 544 -20.16 -7.29 -7.46
N LEU D 545 -20.85 -8.40 -7.22
CA LEU D 545 -22.15 -8.66 -7.83
C LEU D 545 -23.12 -9.13 -6.75
N PRO D 546 -24.33 -8.60 -6.69
CA PRO D 546 -25.33 -9.14 -5.77
C PRO D 546 -26.06 -10.32 -6.39
N LEU D 547 -26.65 -11.14 -5.53
CA LEU D 547 -27.31 -12.38 -5.96
C LEU D 547 -28.82 -12.32 -5.85
N SER D 548 -29.36 -11.68 -4.82
CA SER D 548 -30.80 -11.59 -4.65
C SER D 548 -31.35 -10.46 -5.52
N ALA D 549 -32.51 -10.72 -6.16
CA ALA D 549 -33.19 -9.65 -6.89
C ALA D 549 -33.58 -8.50 -5.97
N GLU D 550 -33.81 -8.78 -4.69
CA GLU D 550 -34.02 -7.71 -3.72
C GLU D 550 -32.78 -6.82 -3.64
N ALA D 551 -31.60 -7.45 -3.61
CA ALA D 551 -30.37 -6.68 -3.64
C ALA D 551 -30.25 -5.89 -4.94
N GLN D 552 -30.72 -6.46 -6.06
CA GLN D 552 -30.69 -5.73 -7.32
C GLN D 552 -31.57 -4.48 -7.25
N ALA D 553 -32.76 -4.61 -6.69
CA ALA D 553 -33.65 -3.45 -6.55
C ALA D 553 -33.04 -2.40 -5.65
N GLU D 554 -32.47 -2.81 -4.52
CA GLU D 554 -31.85 -1.83 -3.63
C GLU D 554 -30.65 -1.17 -4.31
N ALA D 555 -29.89 -1.94 -5.07
CA ALA D 555 -28.72 -1.41 -5.76
C ALA D 555 -29.09 -0.47 -6.89
N ARG D 556 -30.23 -0.68 -7.55
CA ARG D 556 -30.66 0.21 -8.60
C ARG D 556 -31.48 1.39 -8.09
N ILE D 557 -31.90 1.37 -6.83
CA ILE D 557 -32.67 2.48 -6.25
C ILE D 557 -31.77 3.39 -5.42
N LEU D 558 -31.18 2.85 -4.35
CA LEU D 558 -30.43 3.67 -3.41
C LEU D 558 -28.97 3.81 -3.80
N MET D 559 -28.39 2.81 -4.46
CA MET D 559 -26.98 2.79 -4.79
C MET D 559 -26.66 3.45 -6.13
N LEU D 560 -27.54 3.32 -7.11
CA LEU D 560 -27.19 3.61 -8.50
C LEU D 560 -26.73 5.05 -8.64
N SER D 561 -25.57 5.24 -9.26
CA SER D 561 -24.87 6.52 -9.22
C SER D 561 -25.54 7.61 -10.06
N SER D 562 -26.70 7.33 -10.66
CA SER D 562 -27.49 8.35 -11.32
C SER D 562 -28.41 9.08 -10.35
N ASN D 563 -28.56 8.58 -9.12
CA ASN D 563 -29.33 9.23 -8.08
C ASN D 563 -28.47 9.82 -6.98
N ASN D 564 -27.32 9.23 -6.69
CA ASN D 564 -26.48 9.69 -5.59
C ASN D 564 -25.50 10.76 -6.06
N ILE D 565 -26.08 11.80 -6.66
CA ILE D 565 -25.29 12.92 -7.16
C ILE D 565 -24.82 13.76 -5.98
N LEU D 566 -25.52 13.66 -4.85
CA LEU D 566 -25.31 14.52 -3.69
C LEU D 566 -24.37 13.84 -2.71
N LYS D 567 -23.34 14.55 -2.26
CA LYS D 567 -22.47 14.02 -1.24
C LYS D 567 -23.25 13.91 0.08
N PRO D 568 -22.91 12.97 0.94
CA PRO D 568 -23.65 12.80 2.20
C PRO D 568 -23.18 13.69 3.34
N ALA D 569 -22.14 14.48 3.15
CA ALA D 569 -21.57 15.26 4.24
C ALA D 569 -22.19 16.66 4.32
N ASP D 570 -22.04 17.43 3.25
CA ASP D 570 -22.46 18.86 3.25
C ASP D 570 -23.48 19.14 2.15
N GLY D 571 -24.22 18.14 1.66
CA GLY D 571 -25.29 18.39 0.72
C GLY D 571 -24.93 18.60 -0.73
N ARG D 572 -23.75 19.16 -1.00
CA ARG D 572 -23.41 19.61 -2.34
C ARG D 572 -23.30 18.43 -3.29
N PRO D 573 -23.59 18.60 -4.58
CA PRO D 573 -23.36 17.51 -5.53
C PRO D 573 -21.87 17.18 -5.61
N VAL D 574 -21.57 15.90 -5.81
CA VAL D 574 -20.21 15.43 -5.93
C VAL D 574 -19.88 15.03 -7.37
N THR D 575 -20.81 14.39 -8.06
CA THR D 575 -20.58 13.93 -9.43
C THR D 575 -20.95 15.05 -10.42
N MET D 576 -20.08 16.04 -10.48
CA MET D 576 -20.23 17.16 -11.41
C MET D 576 -18.97 17.36 -12.23
N PRO D 577 -19.04 18.09 -13.34
CA PRO D 577 -17.86 18.26 -14.19
C PRO D 577 -16.68 18.86 -13.43
N THR D 578 -15.48 18.37 -13.73
CA THR D 578 -14.27 18.77 -13.04
C THR D 578 -13.09 18.52 -13.98
N GLN D 579 -11.98 19.19 -13.69
CA GLN D 579 -10.72 18.98 -14.40
C GLN D 579 -10.79 19.53 -15.83
N ASP D 580 -10.94 18.68 -16.84
CA ASP D 580 -10.93 19.14 -18.22
C ASP D 580 -12.30 19.51 -18.75
N MET D 581 -13.35 18.86 -18.26
CA MET D 581 -14.70 19.18 -18.71
C MET D 581 -15.06 20.62 -18.38
N VAL D 582 -14.72 21.06 -17.17
CA VAL D 582 -14.92 22.46 -16.81
C VAL D 582 -14.04 23.38 -17.64
N LEU D 583 -12.84 22.95 -18.02
CA LEU D 583 -12.03 23.75 -18.94
C LEU D 583 -12.70 23.92 -20.29
N GLY D 584 -13.29 22.85 -20.83
CA GLY D 584 -14.00 22.95 -22.08
C GLY D 584 -15.18 23.90 -21.99
N LEU D 585 -15.98 23.75 -20.93
CA LEU D 585 -17.12 24.63 -20.76
C LEU D 585 -16.68 26.08 -20.55
N PHE D 586 -15.58 26.29 -19.82
CA PHE D 586 -15.06 27.64 -19.62
C PHE D 586 -14.60 28.26 -20.93
N PHE D 587 -13.89 27.49 -21.77
CA PHE D 587 -13.51 28.02 -23.08
C PHE D 587 -14.73 28.34 -23.91
N LEU D 588 -15.75 27.49 -23.87
CA LEU D 588 -16.97 27.74 -24.64
C LEU D 588 -17.63 29.04 -24.21
N THR D 589 -17.76 29.25 -22.89
CA THR D 589 -18.54 30.36 -22.34
C THR D 589 -17.67 31.46 -21.75
N THR D 590 -16.48 31.69 -22.28
CA THR D 590 -15.65 32.79 -21.81
C THR D 590 -15.97 34.04 -22.63
N ASP D 591 -15.15 35.08 -22.43
CA ASP D 591 -15.37 36.37 -23.12
C ASP D 591 -14.33 36.57 -24.20
N SER D 592 -14.40 37.69 -24.91
CA SER D 592 -13.50 38.01 -26.01
C SER D 592 -12.35 38.90 -25.56
N GLU D 593 -12.01 38.83 -24.28
CA GLU D 593 -10.98 39.71 -23.71
C GLU D 593 -9.63 39.28 -24.25
N GLY D 594 -9.21 39.90 -25.35
CA GLY D 594 -7.91 39.62 -25.92
C GLY D 594 -7.79 38.31 -26.66
N ARG D 595 -8.90 37.74 -27.12
CA ARG D 595 -8.90 36.47 -27.83
C ARG D 595 -9.12 36.64 -29.33
N SER D 596 -8.62 37.72 -29.91
CA SER D 596 -8.71 37.95 -31.35
C SER D 596 -10.15 37.86 -31.83
N PRO D 597 -11.00 38.85 -31.53
CA PRO D 597 -12.38 38.81 -32.04
C PRO D 597 -12.41 38.92 -33.55
N LYS D 598 -13.45 38.31 -34.13
CA LYS D 598 -13.61 38.27 -35.58
C LYS D 598 -15.11 38.34 -35.88
N GLY D 599 -15.54 39.48 -36.43
CA GLY D 599 -16.95 39.69 -36.73
C GLY D 599 -17.70 40.34 -35.60
N GLU D 600 -17.16 41.44 -35.08
CA GLU D 600 -17.76 42.15 -33.96
C GLU D 600 -18.74 43.22 -34.46
N GLY D 601 -19.79 43.43 -33.69
CA GLY D 601 -20.79 44.43 -34.00
C GLY D 601 -21.89 43.96 -34.93
N ARG D 602 -21.73 42.82 -35.58
CA ARG D 602 -22.77 42.33 -36.48
C ARG D 602 -23.96 41.81 -35.67
N ALA D 603 -25.06 41.57 -36.37
CA ALA D 603 -26.29 41.05 -35.78
C ALA D 603 -26.75 39.86 -36.61
N PHE D 604 -27.19 38.81 -35.92
CA PHE D 604 -27.62 37.58 -36.57
C PHE D 604 -29.10 37.34 -36.31
N GLY D 605 -29.64 36.33 -36.98
CA GLY D 605 -31.06 36.05 -36.92
C GLY D 605 -31.40 34.76 -36.20
N SER D 606 -30.44 33.85 -36.10
CA SER D 606 -30.68 32.58 -35.44
C SER D 606 -29.38 31.83 -35.16
N SER D 607 -29.50 30.58 -34.72
CA SER D 607 -28.32 29.73 -34.54
C SER D 607 -27.71 29.34 -35.88
N ALA D 608 -28.54 29.15 -36.91
CA ALA D 608 -28.05 28.73 -38.21
C ALA D 608 -27.03 29.71 -38.75
N GLU D 609 -27.39 30.99 -38.79
CA GLU D 609 -26.47 32.00 -39.33
C GLU D 609 -25.19 32.06 -38.49
N ALA D 610 -25.32 31.91 -37.17
CA ALA D 610 -24.14 31.92 -36.32
C ALA D 610 -23.19 30.79 -36.69
N ILE D 611 -23.71 29.57 -36.86
CA ILE D 611 -22.84 28.46 -37.22
C ILE D 611 -22.29 28.59 -38.64
N MET D 612 -23.04 29.19 -39.58
CA MET D 612 -22.50 29.39 -40.91
C MET D 612 -21.35 30.40 -40.88
N ALA D 613 -21.51 31.50 -40.15
CA ALA D 613 -20.40 32.44 -40.00
C ALA D 613 -19.23 31.82 -39.25
N PHE D 614 -19.50 30.87 -38.35
CA PHE D 614 -18.43 30.15 -37.68
C PHE D 614 -17.66 29.26 -38.66
N ASP D 615 -18.39 28.52 -39.50
CA ASP D 615 -17.74 27.62 -40.45
C ASP D 615 -16.95 28.40 -41.49
N ALA D 616 -17.53 29.47 -42.04
CA ALA D 616 -16.85 30.24 -43.07
C ALA D 616 -15.56 30.88 -42.57
N GLY D 617 -15.44 31.10 -41.26
CA GLY D 617 -14.22 31.63 -40.68
C GLY D 617 -14.22 33.15 -40.56
N ASP D 618 -15.37 33.72 -40.25
CA ASP D 618 -15.48 35.16 -40.01
C ASP D 618 -16.17 35.51 -38.70
N LEU D 619 -16.53 34.52 -37.88
CA LEU D 619 -17.17 34.74 -36.59
C LEU D 619 -16.33 34.05 -35.51
N THR D 620 -15.62 34.85 -34.72
CA THR D 620 -14.92 34.29 -33.57
C THR D 620 -15.94 33.70 -32.60
N LEU D 621 -15.58 32.56 -31.99
CA LEU D 621 -16.51 31.89 -31.09
C LEU D 621 -16.92 32.79 -29.94
N GLN D 622 -15.95 33.48 -29.34
CA GLN D 622 -16.21 34.45 -28.27
C GLN D 622 -16.16 35.84 -28.88
N ALA D 623 -17.26 36.26 -29.51
CA ALA D 623 -17.39 37.59 -30.08
C ALA D 623 -18.72 38.19 -29.67
N LYS D 624 -18.68 39.46 -29.24
CA LYS D 624 -19.89 40.16 -28.82
C LYS D 624 -20.77 40.43 -30.02
N ILE D 625 -21.85 39.66 -30.15
CA ILE D 625 -22.75 39.78 -31.28
C ILE D 625 -24.18 39.86 -30.77
N ASP D 626 -25.03 40.55 -31.52
CA ASP D 626 -26.44 40.69 -31.19
C ASP D 626 -27.21 39.59 -31.88
N ILE D 627 -27.95 38.79 -31.10
CA ILE D 627 -28.66 37.63 -31.62
C ILE D 627 -30.13 37.73 -31.24
N ARG D 628 -30.99 37.34 -32.17
CA ARG D 628 -32.40 37.16 -31.86
C ARG D 628 -32.63 35.71 -31.45
N PHE D 629 -33.43 35.51 -30.41
CA PHE D 629 -33.82 34.19 -29.98
C PHE D 629 -35.34 34.02 -30.10
N PRO D 630 -35.81 32.83 -30.53
CA PRO D 630 -37.23 32.67 -30.80
C PRO D 630 -38.05 32.35 -29.56
N VAL D 631 -39.33 32.05 -29.75
CA VAL D 631 -40.23 31.73 -28.65
C VAL D 631 -39.72 30.46 -27.95
N GLY D 632 -39.71 30.49 -26.62
CA GLY D 632 -39.34 29.33 -25.83
C GLY D 632 -38.24 29.63 -24.84
N THR D 633 -37.29 30.46 -25.23
CA THR D 633 -36.15 30.77 -24.37
C THR D 633 -36.57 31.73 -23.27
N ILE D 634 -36.12 31.44 -22.06
CA ILE D 634 -36.34 32.32 -20.91
C ILE D 634 -35.12 33.22 -20.77
N PRO D 635 -35.26 34.53 -20.94
CA PRO D 635 -34.09 35.42 -21.00
C PRO D 635 -33.36 35.47 -19.68
N PRO D 636 -32.29 36.28 -19.58
CA PRO D 636 -31.62 36.48 -18.30
C PRO D 636 -32.54 37.17 -17.29
N ARG D 637 -31.98 37.40 -16.10
CA ARG D 637 -32.75 38.07 -15.04
C ARG D 637 -32.47 39.57 -14.99
N GLY D 638 -31.19 39.95 -14.85
CA GLY D 638 -30.87 41.35 -14.71
C GLY D 638 -31.21 42.16 -15.95
N PHE D 639 -31.25 41.50 -17.11
CA PHE D 639 -31.53 42.21 -18.36
C PHE D 639 -33.02 42.46 -18.58
N GLU D 640 -33.90 41.76 -17.85
CA GLU D 640 -35.34 41.98 -18.03
C GLU D 640 -35.82 43.40 -17.72
N PRO D 641 -35.53 44.01 -16.58
CA PRO D 641 -36.10 45.34 -16.31
C PRO D 641 -35.68 46.32 -17.39
N PRO D 642 -34.50 46.10 -18.02
CA PRO D 642 -34.27 46.72 -19.33
C PRO D 642 -35.01 46.04 -20.48
N ALA D 643 -36.31 45.80 -20.35
CA ALA D 643 -37.07 45.24 -21.45
C ALA D 643 -37.26 46.31 -22.53
N ARG D 644 -37.69 45.87 -23.71
CA ARG D 644 -37.81 46.79 -24.83
C ARG D 644 -38.88 47.84 -24.55
N GLU D 645 -38.55 49.10 -24.80
CA GLU D 645 -39.43 50.23 -24.49
C GLU D 645 -40.53 50.30 -25.54
N GLU D 646 -41.72 49.82 -25.19
CA GLU D 646 -42.85 49.88 -26.11
C GLU D 646 -44.14 49.84 -25.31
N GLY D 647 -45.20 50.42 -25.89
CA GLY D 647 -46.44 50.59 -25.16
C GLY D 647 -47.13 49.29 -24.81
N GLU D 648 -47.16 48.34 -25.75
CA GLU D 648 -47.88 47.10 -25.53
C GLU D 648 -47.18 46.28 -24.44
N PRO D 649 -47.91 45.34 -23.81
CA PRO D 649 -47.29 44.53 -22.76
C PRO D 649 -46.28 43.55 -23.31
N GLU D 650 -45.00 43.74 -22.98
CA GLU D 650 -43.95 42.84 -23.42
C GLU D 650 -43.93 41.63 -22.49
N TRP D 651 -44.97 40.80 -22.62
CA TRP D 651 -45.11 39.62 -21.79
C TRP D 651 -43.96 38.67 -22.10
N GLN D 652 -43.03 38.55 -21.15
CA GLN D 652 -41.67 38.10 -21.44
C GLN D 652 -41.55 36.61 -21.70
N GLN D 653 -42.49 35.80 -21.22
CA GLN D 653 -42.28 34.37 -21.06
C GLN D 653 -42.56 33.57 -22.34
N GLY D 654 -43.06 34.20 -23.39
CA GLY D 654 -43.22 33.50 -24.65
C GLY D 654 -43.01 34.36 -25.88
N ASP D 655 -42.35 35.51 -25.73
CA ASP D 655 -42.12 36.44 -26.84
C ASP D 655 -40.68 36.34 -27.29
N THR D 656 -40.49 36.21 -28.61
CA THR D 656 -39.15 36.18 -29.17
C THR D 656 -38.47 37.53 -28.89
N PHE D 657 -37.16 37.49 -28.60
CA PHE D 657 -36.49 38.74 -28.24
C PHE D 657 -35.10 38.82 -28.84
N THR D 658 -34.37 39.89 -28.50
CA THR D 658 -33.05 40.15 -29.05
C THR D 658 -32.13 40.57 -27.91
N LEU D 659 -30.89 40.09 -27.95
CA LEU D 659 -29.96 40.31 -26.86
C LEU D 659 -28.56 40.52 -27.42
N LYS D 660 -27.76 41.31 -26.71
CA LYS D 660 -26.36 41.53 -27.07
C LYS D 660 -25.54 40.45 -26.37
N THR D 661 -25.51 39.27 -26.97
CA THR D 661 -24.94 38.07 -26.38
C THR D 661 -23.57 37.80 -26.97
N THR D 662 -23.02 36.62 -26.68
CA THR D 662 -21.86 36.09 -27.38
C THR D 662 -22.18 34.67 -27.81
N LEU D 663 -21.63 34.27 -28.95
CA LEU D 663 -21.98 32.98 -29.54
C LEU D 663 -21.74 31.83 -28.57
N GLY D 664 -20.70 31.96 -27.72
CA GLY D 664 -20.41 30.89 -26.79
C GLY D 664 -21.57 30.60 -25.86
N ARG D 665 -22.15 31.65 -25.27
CA ARG D 665 -23.30 31.46 -24.40
C ARG D 665 -24.47 30.89 -25.17
N ALA D 666 -24.65 31.32 -26.42
CA ALA D 666 -25.74 30.80 -27.22
C ALA D 666 -25.59 29.30 -27.46
N LEU D 667 -24.38 28.83 -27.68
CA LEU D 667 -24.14 27.40 -27.85
C LEU D 667 -24.19 26.64 -26.53
N PHE D 668 -23.92 27.31 -25.41
CA PHE D 668 -23.99 26.67 -24.10
C PHE D 668 -25.42 26.53 -23.59
N ASN D 669 -26.31 27.46 -23.96
CA ASN D 669 -27.63 27.49 -23.35
C ASN D 669 -28.49 26.29 -23.70
N GLU D 670 -28.35 25.72 -24.91
CA GLU D 670 -29.22 24.63 -25.29
C GLU D 670 -28.91 23.32 -24.56
N LEU D 671 -27.74 23.21 -23.93
CA LEU D 671 -27.46 22.02 -23.12
C LEU D 671 -28.35 22.03 -21.87
N LEU D 672 -28.40 23.15 -21.18
CA LEU D 672 -29.29 23.27 -20.04
C LEU D 672 -30.74 23.18 -20.53
N PRO D 673 -31.66 22.69 -19.70
CA PRO D 673 -32.98 22.31 -20.22
C PRO D 673 -33.77 23.47 -20.78
N GLU D 674 -34.97 23.18 -21.30
CA GLU D 674 -35.76 24.14 -22.04
C GLU D 674 -36.28 25.28 -21.17
N ASP D 675 -36.17 25.14 -19.84
CA ASP D 675 -36.76 26.10 -18.92
C ASP D 675 -35.74 26.92 -18.14
N TYR D 676 -34.48 26.55 -18.10
CA TYR D 676 -33.52 27.27 -17.30
C TYR D 676 -33.31 28.67 -17.88
N PRO D 677 -33.40 29.73 -17.07
CA PRO D 677 -33.14 31.07 -17.59
C PRO D 677 -31.73 31.20 -18.17
N PHE D 678 -31.61 32.09 -19.15
CA PHE D 678 -30.36 32.28 -19.86
C PHE D 678 -29.21 32.54 -18.90
N VAL D 679 -28.00 32.19 -19.34
CA VAL D 679 -26.78 32.32 -18.56
C VAL D 679 -25.84 33.23 -19.32
N ASP D 680 -25.34 34.27 -18.66
CA ASP D 680 -24.50 35.28 -19.30
C ASP D 680 -23.30 35.62 -18.43
N TYR D 681 -22.60 34.59 -17.95
CA TYR D 681 -21.36 34.80 -17.21
C TYR D 681 -20.48 33.58 -17.40
N GLU D 682 -19.17 33.77 -17.20
CA GLU D 682 -18.22 32.69 -17.39
C GLU D 682 -18.55 31.52 -16.47
N VAL D 683 -18.96 30.40 -17.06
CA VAL D 683 -19.39 29.25 -16.27
C VAL D 683 -18.16 28.39 -15.95
N GLY D 684 -17.46 28.74 -14.89
CA GLY D 684 -16.25 28.04 -14.50
C GLY D 684 -16.50 26.82 -13.63
N LYS D 685 -15.80 26.76 -12.50
CA LYS D 685 -15.85 25.58 -11.63
C LYS D 685 -17.07 25.61 -10.71
N LYS D 686 -17.16 26.63 -9.86
CA LYS D 686 -18.23 26.69 -8.87
C LYS D 686 -19.60 26.93 -9.51
N GLN D 687 -19.63 27.76 -10.57
CA GLN D 687 -20.90 28.07 -11.21
C GLN D 687 -21.61 26.81 -11.67
N LEU D 688 -20.86 25.90 -12.30
CA LEU D 688 -21.43 24.63 -12.84
C LEU D 688 -22.03 23.86 -11.66
N SER D 689 -21.42 23.95 -10.49
CA SER D 689 -21.94 23.29 -9.27
C SER D 689 -23.25 23.97 -8.86
N GLU D 690 -23.33 25.30 -8.99
CA GLU D 690 -24.55 26.06 -8.63
C GLU D 690 -25.67 25.61 -9.57
N ILE D 691 -25.37 25.45 -10.85
CA ILE D 691 -26.34 25.00 -11.85
C ILE D 691 -26.87 23.62 -11.47
N VAL D 692 -25.95 22.71 -11.12
CA VAL D 692 -26.37 21.35 -10.79
C VAL D 692 -27.19 21.35 -9.51
N ASN D 693 -26.86 22.21 -8.54
CA ASN D 693 -27.65 22.27 -7.32
C ASN D 693 -29.09 22.68 -7.64
N ASP D 694 -29.23 23.72 -8.48
CA ASP D 694 -30.57 24.18 -8.84
C ASP D 694 -31.35 23.10 -9.59
N LEU D 695 -30.70 22.45 -10.55
CA LEU D 695 -31.39 21.41 -11.32
C LEU D 695 -31.73 20.22 -10.43
N ALA D 696 -30.91 19.93 -9.44
CA ALA D 696 -31.17 18.84 -8.52
C ALA D 696 -32.36 19.13 -7.61
N GLU D 697 -32.45 20.33 -7.05
CA GLU D 697 -33.58 20.63 -6.18
C GLU D 697 -34.87 20.89 -6.94
N ARG D 698 -34.81 21.41 -8.18
CA ARG D 698 -36.02 21.72 -8.93
C ARG D 698 -36.42 20.58 -9.85
N TYR D 699 -35.55 20.22 -10.80
CA TYR D 699 -35.90 19.25 -11.82
C TYR D 699 -35.62 17.83 -11.34
N PRO D 700 -36.29 16.82 -11.91
CA PRO D 700 -36.05 15.43 -11.48
C PRO D 700 -34.65 14.95 -11.80
N LYS D 701 -34.35 13.69 -11.46
CA LYS D 701 -32.98 13.19 -11.56
C LYS D 701 -32.57 12.92 -13.00
N VAL D 702 -33.46 12.32 -13.80
CA VAL D 702 -33.08 11.94 -15.17
C VAL D 702 -32.72 13.15 -16.00
N ILE D 703 -33.42 14.27 -15.80
CA ILE D 703 -33.08 15.48 -16.53
C ILE D 703 -31.70 15.98 -16.11
N VAL D 704 -31.37 15.86 -14.83
CA VAL D 704 -30.02 16.24 -14.40
C VAL D 704 -28.99 15.33 -15.03
N ALA D 705 -29.30 14.04 -15.17
CA ALA D 705 -28.37 13.12 -15.81
C ALA D 705 -28.13 13.52 -17.26
N ALA D 706 -29.20 13.82 -17.99
CA ALA D 706 -29.05 14.26 -19.38
C ALA D 706 -28.25 15.55 -19.46
N THR D 707 -28.51 16.50 -18.55
CA THR D 707 -27.77 17.74 -18.53
C THR D 707 -26.29 17.51 -18.30
N LEU D 708 -25.95 16.64 -17.35
CA LEU D 708 -24.55 16.36 -17.06
C LEU D 708 -23.88 15.67 -18.26
N ASP D 709 -24.59 14.75 -18.92
CA ASP D 709 -24.02 14.08 -20.08
C ASP D 709 -23.74 15.06 -21.21
N ASN D 710 -24.69 15.96 -21.50
CA ASN D 710 -24.47 16.94 -22.55
C ASN D 710 -23.36 17.92 -22.18
N LEU D 711 -23.29 18.32 -20.91
CA LEU D 711 -22.18 19.14 -20.45
C LEU D 711 -20.85 18.43 -20.68
N LYS D 712 -20.81 17.13 -20.40
CA LYS D 712 -19.60 16.35 -20.63
C LYS D 712 -19.22 16.35 -22.11
N ALA D 713 -20.20 16.09 -22.98
CA ALA D 713 -19.91 16.03 -24.41
C ALA D 713 -19.34 17.36 -24.91
N ALA D 714 -20.00 18.46 -24.56
CA ALA D 714 -19.52 19.77 -24.99
C ALA D 714 -18.14 20.08 -24.41
N GLY D 715 -17.93 19.76 -23.14
CA GLY D 715 -16.64 20.02 -22.53
C GLY D 715 -15.52 19.28 -23.21
N PHE D 716 -15.72 17.99 -23.50
CA PHE D 716 -14.67 17.22 -24.17
C PHE D 716 -14.45 17.73 -25.60
N PHE D 717 -15.54 18.05 -26.31
CA PHE D 717 -15.40 18.56 -27.67
C PHE D 717 -14.53 19.82 -27.71
N TRP D 718 -14.87 20.81 -26.88
CA TRP D 718 -14.12 22.05 -26.95
C TRP D 718 -12.80 21.93 -26.20
N ALA D 719 -12.63 20.88 -25.40
CA ALA D 719 -11.32 20.59 -24.85
C ALA D 719 -10.38 20.10 -25.93
N THR D 720 -10.89 19.22 -26.80
CA THR D 720 -10.11 18.79 -27.96
C THR D 720 -9.76 19.98 -28.84
N ARG D 721 -10.74 20.84 -29.12
CA ARG D 721 -10.54 21.99 -30.02
C ARG D 721 -10.32 23.30 -29.26
N SER D 722 -9.67 23.25 -28.10
CA SER D 722 -9.37 24.46 -27.33
C SER D 722 -8.03 25.10 -27.68
N GLY D 723 -7.00 24.30 -27.92
CA GLY D 723 -5.68 24.86 -28.10
C GLY D 723 -4.90 25.05 -26.80
N VAL D 724 -5.28 24.35 -25.74
CA VAL D 724 -4.51 24.31 -24.50
C VAL D 724 -3.68 23.03 -24.54
N THR D 725 -2.36 23.20 -24.59
CA THR D 725 -1.43 22.08 -24.68
C THR D 725 -0.15 22.53 -24.00
N VAL D 726 0.31 21.81 -22.99
CA VAL D 726 1.49 22.27 -22.28
C VAL D 726 2.70 22.07 -23.16
N ALA D 727 3.07 23.13 -23.87
CA ALA D 727 4.37 23.24 -24.52
C ALA D 727 5.29 23.85 -23.49
N ILE D 728 6.47 24.30 -23.91
CA ILE D 728 7.41 24.94 -23.00
C ILE D 728 7.35 26.46 -23.08
N SER D 729 6.53 27.03 -23.95
CA SER D 729 6.30 28.46 -23.97
C SER D 729 5.13 28.87 -23.07
N ASP D 730 4.26 27.94 -22.68
CA ASP D 730 3.15 28.28 -21.81
C ASP D 730 3.64 28.72 -20.43
N ILE D 731 4.52 27.92 -19.84
CA ILE D 731 4.99 28.20 -18.49
C ILE D 731 5.71 29.53 -18.50
N VAL D 732 5.14 30.53 -17.85
CA VAL D 732 5.67 31.88 -17.89
C VAL D 732 6.77 32.01 -16.84
N VAL D 733 7.56 33.07 -16.98
CA VAL D 733 8.52 33.48 -15.98
C VAL D 733 8.20 34.93 -15.62
N PRO D 734 7.81 35.23 -14.38
CA PRO D 734 7.55 36.65 -14.03
C PRO D 734 8.80 37.49 -14.24
N ASP D 735 8.67 38.50 -15.09
CA ASP D 735 9.81 39.36 -15.39
C ASP D 735 10.27 40.09 -14.14
N ALA D 736 9.33 40.59 -13.33
CA ALA D 736 9.67 41.32 -12.12
C ALA D 736 10.16 40.43 -11.01
N LYS D 737 10.04 39.10 -11.14
CA LYS D 737 10.54 38.22 -10.09
C LYS D 737 12.04 38.36 -9.90
N LYS D 738 12.78 38.58 -10.99
CA LYS D 738 14.23 38.73 -10.87
C LYS D 738 14.59 39.93 -10.02
N GLU D 739 13.94 41.07 -10.27
CA GLU D 739 14.20 42.25 -9.45
C GLU D 739 13.70 42.06 -8.02
N ILE D 740 12.57 41.36 -7.86
CA ILE D 740 12.04 41.09 -6.53
C ILE D 740 13.07 40.30 -5.71
N VAL D 741 13.58 39.21 -6.27
CA VAL D 741 14.53 38.39 -5.55
C VAL D 741 15.85 39.11 -5.37
N LYS D 742 16.26 39.94 -6.35
CA LYS D 742 17.51 40.68 -6.18
C LYS D 742 17.40 41.68 -5.04
N GLY D 743 16.28 42.38 -4.92
CA GLY D 743 16.10 43.27 -3.78
C GLY D 743 16.05 42.54 -2.46
N TYR D 744 15.32 41.42 -2.42
CA TYR D 744 15.20 40.70 -1.16
C TYR D 744 16.52 40.05 -0.75
N GLU D 745 17.34 39.60 -1.70
CA GLU D 745 18.66 39.11 -1.35
C GLU D 745 19.62 40.25 -1.04
N GLY D 746 19.37 41.45 -1.55
CA GLY D 746 20.09 42.61 -1.03
C GLY D 746 19.82 42.83 0.44
N GLN D 747 18.54 42.73 0.83
CA GLN D 747 18.20 42.77 2.25
C GLN D 747 18.88 41.64 3.01
N ASP D 748 18.86 40.44 2.43
CA ASP D 748 19.47 39.28 3.08
C ASP D 748 20.97 39.46 3.29
N GLU D 749 21.67 39.97 2.28
CA GLU D 749 23.11 40.15 2.41
C GLU D 749 23.45 41.30 3.34
N LYS D 750 22.60 42.32 3.42
CA LYS D 750 22.80 43.31 4.47
C LYS D 750 22.65 42.67 5.84
N VAL D 751 21.64 41.81 6.00
CA VAL D 751 21.43 41.11 7.26
C VAL D 751 22.66 40.27 7.60
N GLN D 752 23.22 39.58 6.60
CA GLN D 752 24.37 38.71 6.86
C GLN D 752 25.63 39.52 7.15
N LYS D 753 25.81 40.64 6.44
CA LYS D 753 26.95 41.51 6.73
C LYS D 753 26.87 42.07 8.14
N GLN D 754 25.66 42.30 8.64
CA GLN D 754 25.52 42.63 10.05
C GLN D 754 25.80 41.42 10.94
N TYR D 755 25.25 40.25 10.59
CA TYR D 755 25.37 39.08 11.44
C TYR D 755 26.83 38.68 11.66
N GLU D 756 27.63 38.69 10.60
CA GLU D 756 29.06 38.40 10.76
C GLU D 756 29.72 39.40 11.68
N ARG D 757 29.20 40.63 11.76
CA ARG D 757 29.66 41.57 12.76
C ARG D 757 29.24 41.18 14.17
N GLY D 758 28.19 40.38 14.30
CA GLY D 758 27.82 39.78 15.57
C GLY D 758 26.83 40.54 16.40
N LEU D 759 26.41 41.74 15.99
CA LEU D 759 25.48 42.51 16.81
C LEU D 759 24.07 41.94 16.80
N ILE D 760 23.79 40.96 15.94
CA ILE D 760 22.51 40.25 15.95
C ILE D 760 22.79 38.77 16.14
N THR D 761 21.75 38.04 16.55
CA THR D 761 21.84 36.63 16.84
C THR D 761 21.31 35.81 15.66
N LYS D 762 21.54 34.50 15.72
CA LYS D 762 21.12 33.62 14.63
C LYS D 762 19.60 33.49 14.55
N GLU D 763 18.92 33.41 15.69
CA GLU D 763 17.46 33.27 15.66
C GLU D 763 16.81 34.50 15.04
N GLU D 764 17.30 35.69 15.41
CA GLU D 764 16.77 36.92 14.83
C GLU D 764 16.95 36.91 13.31
N ARG D 765 18.14 36.52 12.85
CA ARG D 765 18.40 36.48 11.42
C ARG D 765 17.49 35.48 10.73
N THR D 766 17.29 34.31 11.35
CA THR D 766 16.43 33.29 10.73
C THR D 766 15.00 33.79 10.60
N GLN D 767 14.46 34.41 11.65
CA GLN D 767 13.09 34.91 11.56
C GLN D 767 12.97 36.06 10.56
N GLU D 768 13.98 36.95 10.54
CA GLU D 768 13.96 38.04 9.58
C GLU D 768 14.01 37.51 8.16
N LEU D 769 14.82 36.48 7.92
CA LEU D 769 14.87 35.87 6.59
C LEU D 769 13.55 35.18 6.25
N ILE D 770 12.92 34.54 7.23
CA ILE D 770 11.61 33.94 6.99
C ILE D 770 10.64 35.00 6.50
N ALA D 771 10.59 36.14 7.19
CA ALA D 771 9.71 37.22 6.75
C ALA D 771 10.10 37.73 5.36
N ILE D 772 11.40 37.92 5.15
CA ILE D 772 11.88 38.48 3.88
C ILE D 772 11.43 37.60 2.72
N TRP D 773 11.69 36.31 2.81
CA TRP D 773 11.40 35.43 1.69
C TRP D 773 9.94 35.01 1.61
N THR D 774 9.18 35.10 2.71
CA THR D 774 7.74 35.01 2.59
C THR D 774 7.18 36.17 1.79
N LYS D 775 7.65 37.39 2.08
CA LYS D 775 7.25 38.54 1.27
C LYS D 775 7.68 38.35 -0.18
N ALA D 776 8.89 37.84 -0.41
CA ALA D 776 9.35 37.60 -1.77
C ALA D 776 8.45 36.61 -2.49
N THR D 777 8.07 35.52 -1.81
CA THR D 777 7.21 34.52 -2.42
C THR D 777 5.85 35.13 -2.78
N ASN D 778 5.26 35.90 -1.86
CA ASN D 778 3.97 36.51 -2.17
C ASN D 778 4.08 37.50 -3.32
N GLU D 779 5.16 38.29 -3.35
CA GLU D 779 5.34 39.26 -4.43
C GLU D 779 5.51 38.56 -5.76
N VAL D 780 6.28 37.47 -5.80
CA VAL D 780 6.44 36.73 -7.04
C VAL D 780 5.12 36.07 -7.43
N ALA D 781 4.32 35.64 -6.45
CA ALA D 781 3.01 35.07 -6.75
C ALA D 781 2.13 36.10 -7.47
N GLU D 782 2.03 37.30 -6.91
CA GLU D 782 1.20 38.32 -7.57
C GLU D 782 1.82 38.75 -8.90
N ALA D 783 3.15 38.73 -9.01
CA ALA D 783 3.78 39.04 -10.29
C ALA D 783 3.39 38.01 -11.35
N MET D 784 3.40 36.73 -10.99
CA MET D 784 2.96 35.70 -11.92
C MET D 784 1.49 35.87 -12.24
N ASN D 785 0.68 36.27 -11.26
CA ASN D 785 -0.72 36.59 -11.53
C ASN D 785 -0.84 37.63 -12.62
N ASP D 786 -0.02 38.70 -12.53
CA ASP D 786 -0.06 39.75 -13.54
C ASP D 786 0.50 39.28 -14.88
N ASN D 787 1.43 38.32 -14.86
CA ASN D 787 2.21 38.00 -16.05
C ASN D 787 1.34 37.40 -17.16
N PHE D 788 0.57 36.37 -16.84
CA PHE D 788 -0.04 35.58 -17.90
C PHE D 788 -1.12 36.36 -18.63
N PRO D 789 -1.37 36.04 -19.89
CA PRO D 789 -2.63 36.44 -20.52
C PRO D 789 -3.76 35.49 -20.12
N LYS D 790 -4.99 35.96 -20.35
CA LYS D 790 -6.15 35.19 -19.94
C LYS D 790 -6.23 33.86 -20.66
N THR D 791 -5.70 33.79 -21.89
CA THR D 791 -5.81 32.58 -22.71
C THR D 791 -4.61 31.66 -22.59
N ASN D 792 -3.61 32.01 -21.80
CA ASN D 792 -2.48 31.13 -21.58
C ASN D 792 -2.98 29.84 -20.92
N PRO D 793 -2.61 28.66 -21.41
CA PRO D 793 -3.19 27.42 -20.85
C PRO D 793 -3.13 27.30 -19.34
N VAL D 794 -1.96 27.51 -18.72
CA VAL D 794 -1.86 27.39 -17.26
C VAL D 794 -2.82 28.36 -16.59
N SER D 795 -2.95 29.57 -17.15
CA SER D 795 -3.94 30.51 -16.63
C SER D 795 -5.34 29.94 -16.74
N MET D 796 -5.64 29.25 -17.84
CA MET D 796 -6.95 28.63 -17.98
C MET D 796 -7.17 27.53 -16.96
N MET D 797 -6.11 26.82 -16.57
CA MET D 797 -6.29 25.78 -15.55
C MET D 797 -6.57 26.40 -14.19
N VAL D 798 -5.79 27.42 -13.81
CA VAL D 798 -5.94 28.00 -12.47
C VAL D 798 -7.26 28.76 -12.37
N ASN D 799 -7.57 29.60 -13.35
CA ASN D 799 -8.73 30.48 -13.25
C ASN D 799 -10.05 29.76 -13.45
N SER D 800 -10.09 28.72 -14.27
CA SER D 800 -11.31 27.96 -14.49
C SER D 800 -11.56 26.93 -13.41
N GLY D 801 -10.66 26.82 -12.43
CA GLY D 801 -10.81 25.82 -11.39
C GLY D 801 -10.79 24.42 -11.97
N ALA D 802 -9.98 24.23 -13.01
CA ALA D 802 -9.86 22.91 -13.63
C ALA D 802 -9.10 21.97 -12.73
N ARG D 803 -7.83 22.27 -12.47
CA ARG D 803 -6.98 21.39 -11.67
C ARG D 803 -5.83 22.21 -11.13
N GLY D 804 -5.56 22.05 -9.83
CA GLY D 804 -4.46 22.72 -9.18
C GLY D 804 -4.93 23.87 -8.31
N ASN D 805 -4.01 24.80 -8.06
CA ASN D 805 -4.33 25.97 -7.26
C ASN D 805 -3.34 27.07 -7.63
N MET D 806 -3.25 28.11 -6.81
CA MET D 806 -2.27 29.15 -7.02
C MET D 806 -0.88 28.72 -6.56
N MET D 807 -0.80 27.90 -5.51
CA MET D 807 0.49 27.45 -4.99
C MET D 807 1.23 26.61 -6.04
N GLN D 808 0.52 25.71 -6.72
CA GLN D 808 1.20 24.83 -7.66
C GLN D 808 1.67 25.60 -8.90
N MET D 809 0.91 26.61 -9.35
CA MET D 809 1.43 27.45 -10.42
C MET D 809 2.60 28.30 -9.96
N ARG D 810 2.60 28.74 -8.70
CA ARG D 810 3.78 29.41 -8.16
C ARG D 810 4.99 28.48 -8.23
N GLN D 811 4.77 27.21 -7.90
CA GLN D 811 5.85 26.23 -7.96
C GLN D 811 6.35 26.03 -9.38
N ILE D 812 5.42 25.85 -10.33
CA ILE D 812 5.81 25.55 -11.70
C ILE D 812 6.54 26.74 -12.32
N ALA D 813 5.96 27.93 -12.20
CA ALA D 813 6.40 29.08 -12.98
C ALA D 813 7.08 30.17 -12.15
N GLY D 814 6.67 30.37 -10.90
CA GLY D 814 7.20 31.45 -10.11
C GLY D 814 8.26 31.00 -9.13
N MET D 815 7.88 30.84 -7.87
CA MET D 815 8.77 30.34 -6.84
C MET D 815 8.06 29.25 -6.07
N ARG D 816 8.82 28.26 -5.60
CA ARG D 816 8.23 27.11 -4.93
C ARG D 816 7.82 27.41 -3.50
N GLY D 817 8.28 28.51 -2.91
CA GLY D 817 7.93 28.83 -1.54
C GLY D 817 8.87 28.16 -0.54
N LEU D 818 8.96 28.73 0.66
CA LEU D 818 9.80 28.15 1.69
C LEU D 818 9.25 26.79 2.11
N VAL D 819 10.16 25.87 2.41
CA VAL D 819 9.81 24.53 2.87
C VAL D 819 10.58 24.24 4.15
N SER D 820 9.97 23.45 5.02
CA SER D 820 10.57 23.16 6.32
C SER D 820 11.92 22.48 6.14
N ASN D 821 12.88 22.89 6.97
CA ASN D 821 14.20 22.29 6.97
C ASN D 821 14.16 20.98 7.76
N ALA D 822 15.33 20.44 8.08
CA ALA D 822 15.40 19.21 8.85
C ALA D 822 14.75 19.39 10.22
N LYS D 823 14.26 18.28 10.77
CA LYS D 823 13.60 18.24 12.08
C LYS D 823 12.64 19.41 12.29
N ASN D 824 11.82 19.66 11.27
CA ASN D 824 10.74 20.64 11.35
C ASN D 824 11.26 22.03 11.72
N GLU D 825 12.48 22.33 11.27
CA GLU D 825 13.03 23.67 11.42
C GLU D 825 12.69 24.49 10.18
N THR D 826 13.24 25.69 10.07
CA THR D 826 12.99 26.56 8.93
C THR D 826 14.29 26.77 8.16
N ILE D 827 14.22 26.59 6.86
CA ILE D 827 15.41 26.76 6.01
C ILE D 827 15.91 28.19 6.15
N PRO D 828 17.20 28.43 6.47
CA PRO D 828 17.70 29.82 6.46
C PRO D 828 18.06 30.31 5.07
N ARG D 829 17.63 29.60 4.03
CA ARG D 829 17.79 30.09 2.66
C ARG D 829 16.73 29.44 1.79
N PRO D 830 15.94 30.21 1.04
CA PRO D 830 14.94 29.61 0.16
C PRO D 830 15.57 29.05 -1.10
N ILE D 831 14.79 28.28 -1.83
CA ILE D 831 15.18 27.86 -3.16
C ILE D 831 14.78 28.97 -4.13
N LYS D 832 15.77 29.60 -4.76
CA LYS D 832 15.57 30.84 -5.49
C LYS D 832 15.07 30.62 -6.91
N ALA D 833 14.51 29.44 -7.20
CA ALA D 833 14.12 29.12 -8.56
C ALA D 833 12.93 28.16 -8.52
N SER D 834 12.35 27.93 -9.68
CA SER D 834 11.21 27.06 -9.89
C SER D 834 11.70 25.71 -10.41
N PHE D 835 10.76 24.86 -10.83
CA PHE D 835 11.09 23.56 -11.40
C PHE D 835 11.22 23.61 -12.92
N ARG D 836 11.21 24.81 -13.51
CA ARG D 836 11.46 24.98 -14.94
C ARG D 836 12.79 25.67 -15.23
N GLU D 837 13.11 26.75 -14.52
CA GLU D 837 14.32 27.50 -14.80
C GLU D 837 15.55 26.63 -14.62
N GLY D 838 15.81 26.18 -13.40
CA GLY D 838 16.91 25.27 -13.13
C GLY D 838 17.25 25.18 -11.66
N LEU D 839 17.51 23.96 -11.19
CA LEU D 839 17.80 23.70 -9.78
C LEU D 839 19.11 22.92 -9.67
N SER D 840 19.98 23.36 -8.77
CA SER D 840 21.15 22.57 -8.42
C SER D 840 20.71 21.43 -7.52
N VAL D 841 21.66 20.66 -6.97
CA VAL D 841 21.35 19.38 -6.34
C VAL D 841 21.05 19.53 -4.85
N LEU D 842 21.77 20.41 -4.16
CA LEU D 842 21.54 20.52 -2.72
C LEU D 842 20.15 21.08 -2.43
N GLU D 843 19.60 21.89 -3.33
CA GLU D 843 18.23 22.33 -3.15
C GLU D 843 17.25 21.18 -3.32
N TYR D 844 17.50 20.28 -4.27
CA TYR D 844 16.67 19.09 -4.39
C TYR D 844 16.74 18.23 -3.14
N PHE D 845 17.95 18.08 -2.59
CA PHE D 845 18.12 17.33 -1.35
C PHE D 845 17.34 17.97 -0.22
N ILE D 846 17.40 19.31 -0.12
CA ILE D 846 16.63 20.01 0.92
C ILE D 846 15.15 19.77 0.71
N SER D 847 14.69 19.85 -0.53
CA SER D 847 13.27 19.71 -0.82
C SER D 847 12.75 18.34 -0.41
N THR D 848 13.51 17.29 -0.71
CA THR D 848 12.97 15.94 -0.51
C THR D 848 12.66 15.62 0.94
N HIS D 849 13.22 16.38 1.90
CA HIS D 849 12.88 16.22 3.30
C HIS D 849 11.38 16.18 3.51
N GLY D 850 10.71 17.28 3.13
CA GLY D 850 9.28 17.39 3.36
C GLY D 850 8.47 16.37 2.57
N ALA D 851 8.92 16.04 1.35
CA ALA D 851 8.21 15.02 0.58
C ALA D 851 8.22 13.69 1.31
N ARG D 852 9.39 13.27 1.79
CA ARG D 852 9.46 12.02 2.55
C ARG D 852 8.60 12.10 3.81
N LYS D 853 8.68 13.23 4.52
CA LYS D 853 7.88 13.37 5.73
C LYS D 853 6.40 13.25 5.44
N GLY D 854 5.92 13.93 4.40
CA GLY D 854 4.51 13.87 4.07
C GLY D 854 4.08 12.50 3.61
N LEU D 855 4.95 11.80 2.89
CA LEU D 855 4.63 10.43 2.49
C LEU D 855 4.45 9.55 3.71
N ALA D 856 5.35 9.67 4.69
CA ALA D 856 5.21 8.87 5.91
C ALA D 856 3.93 9.25 6.66
N ASP D 857 3.63 10.54 6.73
CA ASP D 857 2.39 10.99 7.36
C ASP D 857 1.18 10.36 6.69
N THR D 858 1.13 10.39 5.37
CA THR D 858 -0.01 9.77 4.68
C THR D 858 -0.09 8.28 5.00
N ALA D 859 1.05 7.59 4.94
CA ALA D 859 1.06 6.15 5.15
C ALA D 859 0.51 5.79 6.54
N LEU D 860 0.96 6.50 7.58
CA LEU D 860 0.48 6.15 8.91
C LEU D 860 -0.91 6.69 9.19
N ARG D 861 -1.21 7.91 8.72
CA ARG D 861 -2.50 8.52 8.99
C ARG D 861 -3.64 7.75 8.33
N THR D 862 -3.37 7.03 7.23
CA THR D 862 -4.39 6.12 6.70
C THR D 862 -4.96 5.25 7.81
N ALA D 863 -4.11 4.43 8.42
CA ALA D 863 -4.58 3.50 9.45
C ALA D 863 -4.95 4.22 10.75
N ASP D 864 -4.32 5.35 11.06
CA ASP D 864 -4.69 6.06 12.28
C ASP D 864 -6.10 6.62 12.18
N SER D 865 -6.42 7.28 11.07
CA SER D 865 -7.78 7.72 10.84
C SER D 865 -8.73 6.53 10.78
N GLY D 866 -8.27 5.40 10.25
CA GLY D 866 -9.08 4.19 10.29
C GLY D 866 -9.45 3.80 11.72
N TYR D 867 -8.47 3.82 12.62
CA TYR D 867 -8.72 3.51 14.02
C TYR D 867 -9.71 4.50 14.63
N LEU D 868 -9.53 5.79 14.34
CA LEU D 868 -10.45 6.78 14.89
C LEU D 868 -11.88 6.56 14.38
N THR D 869 -12.05 6.26 13.09
CA THR D 869 -13.42 6.01 12.63
C THR D 869 -13.96 4.72 13.21
N ARG D 870 -13.10 3.74 13.51
CA ARG D 870 -13.57 2.56 14.22
C ARG D 870 -14.14 2.93 15.57
N ARG D 871 -13.44 3.79 16.31
CA ARG D 871 -13.94 4.25 17.61
C ARG D 871 -15.28 4.95 17.45
N LEU D 872 -15.37 5.89 16.50
CA LEU D 872 -16.60 6.66 16.36
C LEU D 872 -17.73 5.83 15.82
N VAL D 873 -17.44 4.79 15.04
CA VAL D 873 -18.49 3.89 14.58
C VAL D 873 -18.98 3.02 15.74
N ASP D 874 -18.08 2.59 16.62
CA ASP D 874 -18.54 1.82 17.77
C ASP D 874 -19.44 2.67 18.67
N VAL D 875 -19.06 3.92 18.89
CA VAL D 875 -19.86 4.80 19.76
C VAL D 875 -21.19 5.15 19.09
N SER D 876 -21.13 5.64 17.86
CA SER D 876 -22.30 6.25 17.24
C SER D 876 -23.22 5.23 16.57
N GLN D 877 -23.05 3.95 16.88
CA GLN D 877 -23.99 2.94 16.41
C GLN D 877 -25.13 2.82 17.41
N ASP D 878 -26.30 2.44 16.90
CA ASP D 878 -27.58 2.37 17.61
C ASP D 878 -28.16 3.75 17.89
N VAL D 879 -27.77 4.76 17.11
CA VAL D 879 -28.35 6.11 17.25
C VAL D 879 -29.27 6.34 16.06
N ILE D 880 -29.84 5.25 15.54
CA ILE D 880 -30.67 5.31 14.35
C ILE D 880 -32.05 5.84 14.73
N ILE D 881 -32.61 6.68 13.85
CA ILE D 881 -33.93 7.25 14.10
C ILE D 881 -34.97 6.14 14.03
N ARG D 882 -35.97 6.21 14.91
CA ARG D 882 -37.06 5.24 14.89
C ARG D 882 -38.42 5.92 14.89
N GLU D 883 -38.55 7.02 15.64
CA GLU D 883 -39.82 7.72 15.74
C GLU D 883 -39.91 8.80 14.67
N GLU D 884 -41.15 9.07 14.25
CA GLU D 884 -41.37 10.11 13.25
C GLU D 884 -41.44 11.50 13.88
N ASP D 885 -42.08 11.62 15.05
CA ASP D 885 -42.29 12.91 15.69
C ASP D 885 -42.25 12.77 17.19
N CYS D 886 -41.92 13.88 17.87
CA CYS D 886 -41.94 13.96 19.31
C CYS D 886 -42.84 15.09 19.80
N GLY D 887 -42.85 16.21 19.10
CA GLY D 887 -43.76 17.31 19.39
C GLY D 887 -43.26 18.35 20.38
N THR D 888 -41.97 18.40 20.66
CA THR D 888 -41.46 19.36 21.64
C THR D 888 -41.53 20.78 21.10
N GLU D 889 -41.66 21.72 22.02
CA GLU D 889 -41.46 23.13 21.72
C GLU D 889 -40.09 23.61 22.15
N ARG D 890 -39.48 22.96 23.15
CA ARG D 890 -38.11 23.26 23.50
C ARG D 890 -37.20 22.99 22.31
N GLY D 891 -36.23 23.88 22.10
CA GLY D 891 -35.37 23.75 20.95
C GLY D 891 -34.09 24.55 21.15
N LEU D 892 -33.17 24.37 20.21
CA LEU D 892 -31.92 25.11 20.23
C LEU D 892 -32.15 26.53 19.75
N LYS D 893 -31.50 27.48 20.43
CA LYS D 893 -31.54 28.89 20.06
C LYS D 893 -30.28 29.20 19.25
N LEU D 894 -30.48 29.60 17.99
CA LEU D 894 -29.40 29.79 17.04
C LEU D 894 -29.36 31.24 16.57
N PRO D 895 -28.19 31.92 16.62
CA PRO D 895 -28.09 33.23 15.97
C PRO D 895 -28.12 33.09 14.46
N ILE D 896 -29.10 33.73 13.82
CA ILE D 896 -29.32 33.53 12.39
C ILE D 896 -28.66 34.61 11.54
N ALA D 897 -28.46 35.82 12.08
CA ALA D 897 -27.84 36.90 11.31
C ALA D 897 -27.19 37.85 12.30
N THR D 898 -25.87 37.74 12.44
CA THR D 898 -25.09 38.60 13.32
C THR D 898 -24.52 39.78 12.53
N ARG D 899 -23.56 40.47 13.15
CA ARG D 899 -22.76 41.48 12.48
C ARG D 899 -23.60 42.65 11.95
N ASP D 900 -24.11 43.48 12.85
CA ASP D 900 -24.92 44.64 12.49
C ASP D 900 -24.08 45.91 12.53
N ALA D 901 -22.85 45.83 11.99
CA ALA D 901 -21.88 46.93 12.10
C ALA D 901 -22.49 48.27 11.71
N ASP D 902 -23.15 48.32 10.54
CA ASP D 902 -23.80 49.54 10.08
C ASP D 902 -25.31 49.52 10.38
N GLY D 903 -25.73 48.66 11.30
CA GLY D 903 -27.14 48.48 11.58
C GLY D 903 -27.87 47.63 10.57
N THR D 904 -27.20 47.20 9.50
CA THR D 904 -27.85 46.41 8.47
C THR D 904 -27.99 44.97 8.93
N LEU D 905 -29.19 44.42 8.74
CA LEU D 905 -29.48 43.03 9.08
C LEU D 905 -29.19 42.20 7.85
N ARG D 906 -28.03 41.55 7.82
CA ARG D 906 -27.60 40.73 6.70
C ARG D 906 -27.14 39.35 7.21
N LYS D 907 -27.15 38.39 6.29
CA LYS D 907 -26.91 37.00 6.63
C LYS D 907 -25.53 36.80 7.25
N ALA D 908 -25.41 35.72 8.02
CA ALA D 908 -24.15 35.31 8.60
C ALA D 908 -23.46 34.30 7.69
N GLU D 909 -22.15 34.15 7.89
CA GLU D 909 -21.33 33.39 6.95
C GLU D 909 -21.55 31.89 7.06
N ASP D 910 -21.67 31.36 8.29
CA ASP D 910 -21.72 29.92 8.52
C ASP D 910 -23.15 29.43 8.76
N VAL D 911 -24.14 30.09 8.14
CA VAL D 911 -25.52 29.65 8.29
C VAL D 911 -25.71 28.27 7.65
N GLU D 912 -24.94 27.96 6.61
CA GLU D 912 -25.18 26.74 5.85
C GLU D 912 -24.92 25.49 6.70
N THR D 913 -23.91 25.51 7.55
CA THR D 913 -23.59 24.37 8.39
C THR D 913 -24.21 24.44 9.78
N SER D 914 -24.67 25.60 10.21
CA SER D 914 -25.19 25.75 11.57
C SER D 914 -26.70 25.52 11.62
N VAL D 915 -27.46 26.32 10.88
CA VAL D 915 -28.91 26.34 10.99
C VAL D 915 -29.57 25.64 9.80
N TYR D 916 -28.97 25.73 8.62
CA TYR D 916 -29.64 25.30 7.40
C TYR D 916 -29.95 23.81 7.45
N ALA D 917 -31.10 23.46 6.88
CA ALA D 917 -31.63 22.09 6.89
C ALA D 917 -32.06 21.66 8.29
N ARG D 918 -32.02 22.58 9.25
CA ARG D 918 -32.59 22.33 10.58
C ARG D 918 -33.95 23.01 10.65
N MET D 919 -35.01 22.22 10.65
CA MET D 919 -36.35 22.72 10.42
C MET D 919 -36.80 23.58 11.61
N LEU D 920 -38.03 24.07 11.54
CA LEU D 920 -38.56 25.02 12.50
C LEU D 920 -39.67 24.37 13.33
N ALA D 921 -39.91 24.95 14.50
CA ALA D 921 -40.94 24.48 15.43
C ALA D 921 -42.06 25.47 15.63
N GLU D 922 -41.75 26.71 15.97
CA GLU D 922 -42.76 27.72 16.28
C GLU D 922 -43.25 28.41 15.01
N ASP D 923 -44.01 29.49 15.18
CA ASP D 923 -44.37 30.40 14.09
C ASP D 923 -43.84 31.77 14.50
N VAL D 924 -42.58 32.04 14.16
CA VAL D 924 -41.92 33.26 14.59
C VAL D 924 -42.65 34.46 13.98
N VAL D 925 -42.97 35.45 14.81
CA VAL D 925 -43.70 36.64 14.41
C VAL D 925 -42.93 37.85 14.90
N ILE D 926 -42.84 38.87 14.04
CA ILE D 926 -42.12 40.10 14.36
C ILE D 926 -43.04 41.30 14.38
N ASP D 927 -44.01 41.35 13.46
CA ASP D 927 -44.93 42.48 13.32
C ASP D 927 -46.36 41.99 13.21
N GLY D 928 -46.74 41.04 14.05
CA GLY D 928 -48.09 40.55 14.11
C GLY D 928 -48.49 39.63 12.97
N LYS D 929 -47.54 39.14 12.18
CA LYS D 929 -47.81 38.26 11.06
C LYS D 929 -46.80 37.13 11.05
N VAL D 930 -47.29 35.90 10.94
CA VAL D 930 -46.41 34.75 10.81
C VAL D 930 -45.57 34.91 9.54
N ILE D 931 -44.26 34.79 9.68
CA ILE D 931 -43.34 34.93 8.55
C ILE D 931 -42.86 33.54 8.14
N ALA D 932 -42.23 32.82 9.08
CA ALA D 932 -41.79 31.45 8.82
C ALA D 932 -42.81 30.49 9.43
N PRO D 933 -43.61 29.77 8.63
CA PRO D 933 -44.62 28.90 9.22
C PRO D 933 -44.02 27.75 10.02
N ALA D 934 -44.88 26.95 10.64
CA ALA D 934 -44.43 25.83 11.44
C ALA D 934 -44.12 24.62 10.58
N ASN D 935 -43.25 23.75 11.10
CA ASN D 935 -42.82 22.50 10.45
C ASN D 935 -42.59 22.69 8.95
N VAL D 936 -41.65 23.57 8.63
CA VAL D 936 -41.23 23.83 7.26
C VAL D 936 -39.71 23.89 7.22
N ASP D 937 -39.14 23.39 6.13
CA ASP D 937 -37.69 23.39 5.97
C ASP D 937 -37.16 24.81 5.98
N LEU D 938 -36.03 25.00 6.66
CA LEU D 938 -35.38 26.31 6.73
C LEU D 938 -34.39 26.42 5.58
N GLY D 939 -34.87 26.91 4.44
CA GLY D 939 -34.04 27.07 3.27
C GLY D 939 -33.30 28.39 3.25
N ASP D 940 -33.39 29.11 2.13
CA ASP D 940 -32.70 30.41 1.98
C ASP D 940 -33.71 31.54 1.82
N VAL D 941 -34.79 31.38 1.04
CA VAL D 941 -35.73 32.49 0.82
C VAL D 941 -36.39 32.90 2.12
N LEU D 942 -36.81 31.92 2.93
CA LEU D 942 -37.39 32.25 4.24
C LEU D 942 -36.39 32.98 5.10
N ILE D 943 -35.10 32.62 4.97
CA ILE D 943 -34.07 33.24 5.79
C ILE D 943 -33.86 34.68 5.37
N ASP D 944 -33.87 34.95 4.06
CA ASP D 944 -33.77 36.32 3.58
C ASP D 944 -34.97 37.14 4.03
N ALA D 945 -36.17 36.56 3.99
CA ALA D 945 -37.34 37.26 4.49
C ALA D 945 -37.18 37.61 5.97
N LEU D 946 -36.72 36.64 6.76
CA LEU D 946 -36.57 36.88 8.19
C LEU D 946 -35.53 37.96 8.46
N VAL D 947 -34.37 37.89 7.80
CA VAL D 947 -33.33 38.87 8.05
C VAL D 947 -33.72 40.25 7.54
N ALA D 948 -34.51 40.34 6.47
CA ALA D 948 -35.07 41.62 6.08
C ALA D 948 -36.03 42.14 7.14
N HIS D 949 -36.81 41.24 7.75
CA HIS D 949 -37.77 41.65 8.76
C HIS D 949 -37.08 42.28 9.96
N GLY D 950 -35.99 41.68 10.42
CA GLY D 950 -35.18 42.29 11.47
C GLY D 950 -34.78 41.37 12.61
N VAL D 951 -35.01 40.06 12.47
CA VAL D 951 -34.65 39.13 13.54
C VAL D 951 -33.14 38.91 13.55
N GLU D 952 -32.65 38.43 14.69
CA GLU D 952 -31.26 38.00 14.82
C GLU D 952 -31.17 36.70 15.59
N GLU D 953 -32.21 35.87 15.53
CA GLU D 953 -32.29 34.67 16.33
C GLU D 953 -33.34 33.75 15.73
N VAL D 954 -33.25 32.45 16.04
CA VAL D 954 -34.29 31.50 15.69
C VAL D 954 -34.25 30.34 16.68
N LYS D 955 -35.35 29.59 16.72
CA LYS D 955 -35.48 28.42 17.58
C LYS D 955 -35.81 27.20 16.72
N THR D 956 -35.07 26.11 16.91
CA THR D 956 -35.20 24.93 16.05
C THR D 956 -35.34 23.65 16.87
N ARG D 957 -36.09 22.71 16.31
CA ARG D 957 -36.08 21.35 16.80
C ARG D 957 -34.70 20.74 16.55
N SER D 958 -34.20 19.98 17.53
CA SER D 958 -32.86 19.43 17.42
C SER D 958 -32.75 18.18 18.28
N ILE D 959 -31.72 17.38 17.97
CA ILE D 959 -31.43 16.19 18.77
C ILE D 959 -30.94 16.57 20.16
N LEU D 960 -30.16 17.65 20.27
CA LEU D 960 -29.56 18.01 21.55
C LEU D 960 -30.59 18.35 22.62
N THR D 961 -31.85 18.59 22.23
CA THR D 961 -32.92 18.83 23.18
C THR D 961 -34.11 17.90 22.99
N CYS D 962 -34.11 17.04 21.97
CA CYS D 962 -35.24 16.16 21.75
C CYS D 962 -35.41 15.21 22.93
N GLU D 963 -36.67 14.93 23.26
CA GLU D 963 -37.04 13.91 24.23
C GLU D 963 -37.98 12.92 23.57
N SER D 964 -37.71 11.63 23.76
CA SER D 964 -38.55 10.59 23.17
C SER D 964 -38.43 9.33 24.00
N GLN D 965 -39.43 8.47 23.86
CA GLN D 965 -39.46 7.18 24.56
C GLN D 965 -38.74 6.08 23.80
N VAL D 966 -38.46 6.28 22.52
CA VAL D 966 -37.83 5.25 21.69
C VAL D 966 -36.60 5.80 20.99
N GLY D 967 -35.93 6.78 21.62
CA GLY D 967 -34.69 7.29 21.09
C GLY D 967 -34.78 8.68 20.50
N THR D 968 -34.77 8.78 19.17
CA THR D 968 -34.74 10.06 18.48
C THR D 968 -35.83 10.08 17.42
N CYS D 969 -36.51 11.21 17.30
CA CYS D 969 -37.55 11.38 16.28
C CYS D 969 -36.96 12.03 15.02
N ALA D 970 -37.75 12.02 13.95
CA ALA D 970 -37.25 12.49 12.67
C ALA D 970 -37.16 14.00 12.60
N MET D 971 -38.27 14.69 12.89
CA MET D 971 -38.35 16.13 12.61
C MET D 971 -37.28 16.92 13.35
N CYS D 972 -36.81 16.42 14.49
CA CYS D 972 -35.80 17.15 15.23
C CYS D 972 -34.48 17.20 14.47
N TYR D 973 -34.17 16.16 13.70
CA TYR D 973 -32.93 16.15 12.92
C TYR D 973 -33.02 17.13 11.75
N GLY D 974 -33.95 16.88 10.82
CA GLY D 974 -34.10 17.72 9.65
C GLY D 974 -34.24 16.93 8.36
N ARG D 975 -33.45 17.28 7.35
CA ARG D 975 -33.45 16.60 6.06
C ARG D 975 -32.08 16.01 5.80
N SER D 976 -32.06 14.78 5.29
CA SER D 976 -30.80 14.11 4.97
C SER D 976 -30.10 14.90 3.87
N LEU D 977 -28.88 15.36 4.14
CA LEU D 977 -28.21 16.27 3.22
C LEU D 977 -27.98 15.63 1.86
N ALA D 978 -27.93 14.31 1.79
CA ALA D 978 -27.65 13.59 0.54
C ALA D 978 -28.88 13.42 -0.32
N THR D 979 -30.05 13.91 0.13
CA THR D 979 -31.29 13.72 -0.62
C THR D 979 -32.00 15.05 -0.86
N GLY D 980 -31.92 15.97 0.10
CA GLY D 980 -32.72 17.17 0.09
C GLY D 980 -34.11 16.98 0.65
N LYS D 981 -34.71 15.82 0.42
CA LYS D 981 -35.97 15.45 1.07
C LYS D 981 -35.74 15.24 2.56
N LEU D 982 -36.84 15.20 3.30
CA LEU D 982 -36.75 15.01 4.75
C LEU D 982 -36.14 13.64 5.06
N VAL D 983 -35.49 13.55 6.22
CA VAL D 983 -34.89 12.29 6.63
C VAL D 983 -35.98 11.23 6.73
N ASP D 984 -35.79 10.14 5.99
CA ASP D 984 -36.70 9.00 6.13
C ASP D 984 -36.59 8.44 7.54
N ILE D 985 -37.73 8.02 8.09
CA ILE D 985 -37.74 7.47 9.44
C ILE D 985 -37.06 6.12 9.37
N GLY D 986 -35.95 5.97 10.09
CA GLY D 986 -35.16 4.75 10.05
C GLY D 986 -33.76 4.94 9.48
N GLU D 987 -33.44 6.15 9.04
CA GLU D 987 -32.12 6.41 8.48
C GLU D 987 -31.04 6.17 9.53
N ALA D 988 -30.01 5.41 9.15
CA ALA D 988 -28.92 5.09 10.07
C ALA D 988 -27.98 6.28 10.15
N VAL D 989 -28.45 7.33 10.83
CA VAL D 989 -27.71 8.57 10.91
C VAL D 989 -26.35 8.38 11.57
N GLY D 990 -26.22 7.39 12.45
CA GLY D 990 -24.99 7.22 13.21
C GLY D 990 -23.77 6.92 12.37
N ILE D 991 -23.89 5.94 11.48
CA ILE D 991 -22.77 5.61 10.62
C ILE D 991 -22.46 6.77 9.70
N ILE D 992 -23.48 7.49 9.25
CA ILE D 992 -23.26 8.66 8.40
C ILE D 992 -22.44 9.68 9.16
N ALA D 993 -22.77 9.94 10.42
CA ALA D 993 -22.01 10.90 11.21
C ALA D 993 -20.57 10.43 11.40
N ALA D 994 -20.39 9.16 11.75
CA ALA D 994 -19.05 8.64 11.97
C ALA D 994 -18.20 8.77 10.73
N GLN D 995 -18.72 8.31 9.59
CA GLN D 995 -17.95 8.37 8.35
C GLN D 995 -17.70 9.80 7.91
N SER D 996 -18.71 10.65 8.06
CA SER D 996 -18.62 12.08 7.70
C SER D 996 -17.45 12.71 8.44
N ILE D 997 -17.35 12.47 9.76
CA ILE D 997 -16.27 13.04 10.55
C ILE D 997 -14.95 12.37 10.20
N GLY D 998 -14.97 11.08 9.90
CA GLY D 998 -13.71 10.36 9.71
C GLY D 998 -13.03 10.65 8.39
N GLU D 999 -13.81 10.75 7.31
CA GLU D 999 -13.23 10.80 5.97
C GLU D 999 -12.24 11.94 5.78
N PRO D 1000 -12.56 13.20 6.12
CA PRO D 1000 -11.56 14.26 5.94
C PRO D 1000 -10.38 14.15 6.88
N GLY D 1001 -10.34 13.17 7.78
CA GLY D 1001 -9.21 13.01 8.65
C GLY D 1001 -7.91 12.82 7.89
N THR D 1002 -7.95 12.06 6.79
CA THR D 1002 -6.77 11.90 5.96
C THR D 1002 -6.32 13.23 5.34
N GLN D 1003 -7.24 14.18 5.18
CA GLN D 1003 -6.95 15.42 4.47
C GLN D 1003 -6.41 16.53 5.35
N LEU D 1004 -6.34 16.33 6.68
CA LEU D 1004 -5.96 17.43 7.55
C LEU D 1004 -4.46 17.72 7.42
N THR D 1005 -3.63 16.77 7.86
CA THR D 1005 -2.19 16.77 7.59
C THR D 1005 -1.53 18.12 7.88
N MET D 1006 -2.10 18.94 8.78
CA MET D 1006 -1.57 20.26 9.07
C MET D 1006 -0.79 20.18 10.39
N ARG D 1007 0.53 20.17 10.29
CA ARG D 1007 1.43 20.08 11.44
C ARG D 1007 2.25 21.34 11.57
N THR D 1008 2.92 21.47 12.72
CA THR D 1008 3.81 22.60 12.98
C THR D 1008 5.16 22.30 12.34
N PHE D 1009 5.26 22.63 11.05
CA PHE D 1009 6.49 22.35 10.31
C PHE D 1009 7.63 23.27 10.70
N HIS D 1010 7.34 24.39 11.37
CA HIS D 1010 8.36 25.32 11.85
C HIS D 1010 8.09 25.61 13.32
N THR D 1011 9.15 25.57 14.12
CA THR D 1011 8.99 25.79 15.56
C THR D 1011 8.47 27.21 15.84
N GLY D 1012 9.11 28.22 15.26
CA GLY D 1012 8.70 29.58 15.50
C GLY D 1012 8.93 30.06 16.92
N GLY D 1013 9.76 29.35 17.68
CA GLY D 1013 10.02 29.74 19.06
C GLY D 1013 8.81 29.64 19.97
N VAL D 1014 7.94 28.67 19.75
CA VAL D 1014 6.77 28.44 20.59
C VAL D 1014 6.61 26.95 20.80
N ALA D 1015 6.34 26.56 22.04
CA ALA D 1015 6.13 25.15 22.38
C ALA D 1015 5.30 25.07 23.65
N GLY D 1016 4.65 23.92 23.83
CA GLY D 1016 3.82 23.71 25.00
C GLY D 1016 2.46 24.35 24.88
N ASP D 1017 2.43 25.68 24.71
CA ASP D 1017 1.16 26.37 24.54
C ASP D 1017 0.45 25.92 23.27
N ASP D 1018 1.22 25.62 22.21
CA ASP D 1018 0.62 25.14 20.97
C ASP D 1018 -0.08 23.81 21.21
N ILE D 1019 -1.41 23.82 21.23
CA ILE D 1019 -2.16 22.61 21.48
C ILE D 1019 -2.01 21.65 20.30
N THR D 1020 -2.30 20.38 20.56
CA THR D 1020 -2.29 19.39 19.48
C THR D 1020 -3.24 19.84 18.37
N GLN D 1021 -2.75 19.78 17.15
CA GLN D 1021 -3.42 20.40 16.01
C GLN D 1021 -3.80 19.34 14.98
N GLY D 1022 -5.02 19.43 14.48
CA GLY D 1022 -5.50 18.53 13.45
C GLY D 1022 -6.19 17.31 14.00
N LEU D 1023 -5.91 16.14 13.42
CA LEU D 1023 -6.54 14.91 13.89
C LEU D 1023 -6.34 14.66 15.38
N PRO D 1024 -5.16 14.88 15.96
CA PRO D 1024 -5.03 14.66 17.42
C PRO D 1024 -5.98 15.49 18.25
N ARG D 1025 -6.31 16.71 17.81
CA ARG D 1025 -7.27 17.51 18.56
C ARG D 1025 -8.63 16.84 18.60
N VAL D 1026 -9.11 16.34 17.46
CA VAL D 1026 -10.38 15.62 17.45
C VAL D 1026 -10.29 14.36 18.31
N VAL D 1027 -9.16 13.65 18.23
CA VAL D 1027 -8.95 12.46 19.05
C VAL D 1027 -9.13 12.81 20.52
N GLU D 1028 -8.49 13.89 20.96
CA GLU D 1028 -8.52 14.28 22.37
C GLU D 1028 -9.91 14.74 22.79
N LEU D 1029 -10.56 15.56 21.96
CA LEU D 1029 -11.84 16.13 22.35
C LEU D 1029 -12.99 15.14 22.32
N PHE D 1030 -12.96 14.17 21.42
CA PHE D 1030 -13.99 13.13 21.42
C PHE D 1030 -13.70 12.03 22.44
N GLU D 1031 -12.52 12.02 23.06
CA GLU D 1031 -12.19 11.04 24.09
C GLU D 1031 -12.17 11.66 25.48
N ALA D 1032 -12.55 12.93 25.62
CA ALA D 1032 -12.73 13.59 26.90
C ALA D 1032 -11.45 13.67 27.72
N ARG D 1033 -10.30 13.44 27.10
CA ARG D 1033 -9.05 13.61 27.82
C ARG D 1033 -8.78 15.10 28.03
N THR D 1034 -8.07 15.40 29.12
CA THR D 1034 -7.73 16.78 29.39
C THR D 1034 -6.79 17.30 28.30
N PRO D 1035 -7.09 18.47 27.71
CA PRO D 1035 -6.11 19.11 26.83
C PRO D 1035 -4.71 19.12 27.44
N LYS D 1036 -3.71 19.03 26.56
CA LYS D 1036 -2.32 19.04 27.02
C LYS D 1036 -2.03 20.30 27.82
N GLY D 1037 -2.30 21.46 27.23
CA GLY D 1037 -2.21 22.71 27.95
C GLY D 1037 -3.54 23.15 28.50
N VAL D 1038 -4.21 22.26 29.23
CA VAL D 1038 -5.55 22.56 29.73
C VAL D 1038 -5.50 23.77 30.65
N ALA D 1039 -6.32 24.78 30.36
CA ALA D 1039 -6.38 25.96 31.20
C ALA D 1039 -7.38 25.75 32.34
N PRO D 1040 -7.18 26.36 33.50
CA PRO D 1040 -8.19 26.26 34.55
C PRO D 1040 -9.47 26.99 34.16
N ILE D 1041 -10.59 26.52 34.71
CA ILE D 1041 -11.90 27.07 34.42
C ILE D 1041 -12.40 27.85 35.63
N SER D 1042 -13.12 28.93 35.35
CA SER D 1042 -13.72 29.72 36.42
C SER D 1042 -14.82 28.94 37.12
N GLU D 1043 -14.90 29.10 38.44
CA GLU D 1043 -15.91 28.43 39.25
C GLU D 1043 -17.08 29.34 39.60
N ALA D 1044 -16.80 30.56 40.04
CA ALA D 1044 -17.85 31.50 40.40
C ALA D 1044 -17.31 32.91 40.26
N SER D 1045 -18.21 33.86 39.98
CA SER D 1045 -17.79 35.23 39.72
C SER D 1045 -17.37 35.92 41.01
N GLY D 1046 -16.41 36.83 40.88
CA GLY D 1046 -15.99 37.61 42.03
C GLY D 1046 -14.56 38.13 41.86
N ARG D 1047 -13.97 38.51 43.00
CA ARG D 1047 -12.72 39.26 43.02
C ARG D 1047 -11.55 38.30 42.96
N VAL D 1048 -10.74 38.41 41.90
CA VAL D 1048 -9.59 37.54 41.66
C VAL D 1048 -8.31 38.32 41.87
N ARG D 1049 -7.28 37.62 42.33
CA ARG D 1049 -5.97 38.22 42.54
C ARG D 1049 -4.91 37.11 42.51
N ILE D 1050 -3.66 37.53 42.63
CA ILE D 1050 -2.50 36.65 42.45
C ILE D 1050 -1.87 36.42 43.81
N GLU D 1051 -1.60 35.15 44.12
CA GLU D 1051 -0.88 34.74 45.33
C GLU D 1051 0.27 33.83 44.95
N GLU D 1052 1.02 34.24 43.93
CA GLU D 1052 2.07 33.42 43.37
C GLU D 1052 3.22 33.25 44.36
N THR D 1053 3.91 32.11 44.25
CA THR D 1053 5.09 31.82 45.04
C THR D 1053 6.22 31.44 44.10
N GLU D 1054 7.45 31.72 44.51
CA GLU D 1054 8.60 31.44 43.66
C GLU D 1054 8.69 29.97 43.30
N LYS D 1055 8.25 29.08 44.19
CA LYS D 1055 8.21 27.66 43.90
C LYS D 1055 6.96 27.25 43.13
N THR D 1056 5.89 28.03 43.20
CA THR D 1056 4.63 27.66 42.54
C THR D 1056 3.80 28.92 42.35
N LYS D 1057 3.48 29.26 41.11
CA LYS D 1057 2.58 30.37 40.84
C LYS D 1057 1.15 29.93 41.13
N LYS D 1058 0.35 30.87 41.65
CA LYS D 1058 -0.94 30.53 42.20
C LYS D 1058 -1.89 31.71 42.03
N ILE D 1059 -3.11 31.44 41.58
CA ILE D 1059 -4.15 32.46 41.43
C ILE D 1059 -5.31 32.10 42.34
N VAL D 1060 -5.79 33.09 43.10
CA VAL D 1060 -6.84 32.87 44.09
C VAL D 1060 -7.96 33.87 43.82
N VAL D 1061 -9.20 33.37 43.81
CA VAL D 1061 -10.37 34.21 43.61
C VAL D 1061 -11.35 33.98 44.74
N THR D 1062 -11.84 35.07 45.32
CA THR D 1062 -12.96 35.02 46.26
C THR D 1062 -14.22 35.31 45.47
N PRO D 1063 -15.08 34.32 45.22
CA PRO D 1063 -16.34 34.60 44.55
C PRO D 1063 -17.30 35.29 45.49
N ASP D 1064 -17.94 36.35 45.00
CA ASP D 1064 -18.77 37.19 45.85
C ASP D 1064 -20.09 36.48 46.19
N ASP D 1065 -20.95 37.21 46.89
CA ASP D 1065 -22.26 36.70 47.29
C ASP D 1065 -22.13 35.44 48.14
N GLY D 1066 -21.23 35.49 49.14
CA GLY D 1066 -21.11 34.41 50.10
C GLY D 1066 -20.71 33.08 49.49
N SER D 1067 -19.69 33.10 48.64
CA SER D 1067 -19.21 31.91 47.95
C SER D 1067 -17.75 31.65 48.34
N ASP D 1068 -17.41 30.37 48.45
CA ASP D 1068 -16.10 29.98 48.96
C ASP D 1068 -15.00 30.27 47.94
N GLU D 1069 -13.82 30.63 48.45
CA GLU D 1069 -12.69 30.94 47.60
C GLU D 1069 -12.26 29.72 46.80
N THR D 1070 -11.82 29.95 45.56
CA THR D 1070 -11.25 28.91 44.71
C THR D 1070 -9.87 29.35 44.25
N ALA D 1071 -8.92 28.43 44.30
CA ALA D 1071 -7.53 28.72 44.03
C ALA D 1071 -6.94 27.65 43.12
N PHE D 1072 -6.11 28.08 42.17
CA PHE D 1072 -5.52 27.18 41.19
C PHE D 1072 -4.03 27.48 41.01
N PRO D 1073 -3.14 26.48 41.13
CA PRO D 1073 -1.72 26.73 40.84
C PRO D 1073 -1.37 26.53 39.38
N ILE D 1074 -0.50 27.37 38.83
CA ILE D 1074 -0.08 27.31 37.45
C ILE D 1074 1.44 27.45 37.39
N SER D 1075 2.02 26.96 36.31
CA SER D 1075 3.46 27.04 36.10
C SER D 1075 3.87 28.50 35.87
N LYS D 1076 5.17 28.71 35.66
CA LYS D 1076 5.68 30.06 35.42
C LYS D 1076 5.10 30.65 34.15
N ARG D 1077 5.30 29.98 33.02
CA ARG D 1077 4.77 30.45 31.75
C ARG D 1077 3.29 30.06 31.65
N ALA D 1078 2.41 31.06 31.71
CA ALA D 1078 0.97 30.83 31.71
C ALA D 1078 0.19 31.66 30.68
N ARG D 1079 0.65 32.85 30.33
CA ARG D 1079 -0.11 33.76 29.46
C ARG D 1079 -1.50 34.02 30.06
N LEU D 1080 -1.48 34.43 31.33
CA LEU D 1080 -2.72 34.64 32.07
C LEU D 1080 -3.54 35.76 31.43
N LEU D 1081 -4.81 35.48 31.17
CA LEU D 1081 -5.73 36.45 30.60
C LEU D 1081 -6.67 37.04 31.64
N VAL D 1082 -6.31 36.95 32.92
CA VAL D 1082 -7.10 37.47 34.02
C VAL D 1082 -6.22 38.41 34.84
N GLY D 1083 -6.75 39.59 35.17
CA GLY D 1083 -5.96 40.60 35.84
C GLY D 1083 -5.88 40.42 37.34
N GLU D 1084 -5.08 41.29 37.96
CA GLU D 1084 -4.88 41.26 39.40
C GLU D 1084 -5.95 42.11 40.09
N GLY D 1085 -6.55 41.54 41.14
CA GLY D 1085 -7.61 42.24 41.84
C GLY D 1085 -8.81 42.55 40.97
N ASP D 1086 -8.99 41.81 39.89
CA ASP D 1086 -10.03 42.11 38.90
C ASP D 1086 -11.29 41.33 39.25
N HIS D 1087 -12.28 41.35 38.37
CA HIS D 1087 -13.51 40.58 38.54
C HIS D 1087 -13.60 39.50 37.47
N VAL D 1088 -13.98 38.30 37.90
CA VAL D 1088 -14.21 37.18 37.01
C VAL D 1088 -15.70 36.86 37.00
N GLU D 1089 -16.14 36.23 35.91
CA GLU D 1089 -17.51 35.76 35.74
C GLU D 1089 -17.59 34.30 36.15
N VAL D 1090 -18.82 33.83 36.38
CA VAL D 1090 -19.04 32.44 36.72
C VAL D 1090 -18.54 31.52 35.60
N GLY D 1091 -18.72 31.92 34.35
CA GLY D 1091 -18.21 31.17 33.21
C GLY D 1091 -17.30 32.01 32.34
N GLN D 1092 -16.00 31.68 32.34
CA GLN D 1092 -15.03 32.33 31.48
C GLN D 1092 -13.68 31.66 31.69
N LYS D 1093 -12.79 31.86 30.72
CA LYS D 1093 -11.46 31.27 30.79
C LYS D 1093 -10.59 32.08 31.75
N LEU D 1094 -9.49 31.46 32.17
CA LEU D 1094 -8.57 32.05 33.14
C LEU D 1094 -7.19 32.30 32.56
N THR D 1095 -6.65 31.36 31.78
CA THR D 1095 -5.38 31.54 31.09
C THR D 1095 -5.50 30.89 29.71
N VAL D 1096 -4.41 30.98 28.94
CA VAL D 1096 -4.41 30.37 27.62
C VAL D 1096 -4.50 28.86 27.76
N GLY D 1097 -5.19 28.23 26.81
CA GLY D 1097 -5.34 26.79 26.80
C GLY D 1097 -6.80 26.36 26.72
N ALA D 1098 -7.04 25.22 26.09
CA ALA D 1098 -8.40 24.70 25.98
C ALA D 1098 -8.94 24.34 27.35
N THR D 1099 -10.21 24.67 27.58
CA THR D 1099 -10.86 24.36 28.85
C THR D 1099 -11.36 22.92 28.83
N ASN D 1100 -11.16 22.22 29.94
CA ASN D 1100 -11.61 20.85 30.05
C ASN D 1100 -13.14 20.78 29.91
N PRO D 1101 -13.67 19.90 29.05
CA PRO D 1101 -15.14 19.81 28.95
C PRO D 1101 -15.80 19.48 30.28
N HIS D 1102 -15.15 18.70 31.14
CA HIS D 1102 -15.74 18.39 32.44
C HIS D 1102 -15.99 19.66 33.24
N ASP D 1103 -15.02 20.57 33.25
CA ASP D 1103 -15.17 21.80 34.04
C ASP D 1103 -16.34 22.65 33.57
N VAL D 1104 -16.48 22.85 32.26
CA VAL D 1104 -17.61 23.63 31.75
C VAL D 1104 -18.93 22.89 31.91
N LEU D 1105 -18.92 21.55 31.96
CA LEU D 1105 -20.12 20.83 32.35
C LEU D 1105 -20.47 21.12 33.81
N ARG D 1106 -19.45 21.24 34.67
CA ARG D 1106 -19.69 21.41 36.10
C ARG D 1106 -20.38 22.73 36.39
N ILE D 1107 -19.95 23.81 35.74
CA ILE D 1107 -20.36 25.14 36.14
C ILE D 1107 -21.51 25.68 35.29
N LEU D 1108 -21.51 25.41 33.98
CA LEU D 1108 -22.43 26.06 33.05
C LEU D 1108 -23.45 25.09 32.47
N GLY D 1109 -23.81 24.06 33.24
CA GLY D 1109 -24.86 23.14 32.80
C GLY D 1109 -24.53 22.37 31.55
N GLN D 1110 -25.39 22.45 30.52
CA GLN D 1110 -25.29 21.60 29.34
C GLN D 1110 -25.06 22.39 28.06
N ARG D 1111 -25.82 23.48 27.89
CA ARG D 1111 -25.75 24.22 26.63
C ARG D 1111 -24.35 24.76 26.39
N ALA D 1112 -23.70 25.28 27.44
CA ALA D 1112 -22.36 25.82 27.27
C ALA D 1112 -21.39 24.75 26.80
N VAL D 1113 -21.47 23.54 27.36
CA VAL D 1113 -20.53 22.49 26.97
C VAL D 1113 -20.82 22.01 25.56
N GLN D 1114 -22.10 21.89 25.18
CA GLN D 1114 -22.40 21.51 23.80
C GLN D 1114 -21.84 22.55 22.83
N VAL D 1115 -22.05 23.83 23.13
CA VAL D 1115 -21.52 24.89 22.26
C VAL D 1115 -20.00 24.80 22.19
N HIS D 1116 -19.35 24.58 23.33
CA HIS D 1116 -17.90 24.50 23.34
C HIS D 1116 -17.40 23.37 22.47
N LEU D 1117 -17.97 22.18 22.62
CA LEU D 1117 -17.51 21.03 21.84
C LEU D 1117 -17.73 21.25 20.35
N VAL D 1118 -18.94 21.69 19.97
CA VAL D 1118 -19.22 21.89 18.55
C VAL D 1118 -18.29 22.93 17.96
N GLY D 1119 -18.12 24.07 18.66
CA GLY D 1119 -17.24 25.10 18.14
C GLY D 1119 -15.80 24.64 18.03
N GLU D 1120 -15.33 23.86 19.00
CA GLU D 1120 -13.93 23.45 18.97
C GLU D 1120 -13.64 22.46 17.85
N VAL D 1121 -14.55 21.51 17.61
CA VAL D 1121 -14.32 20.58 16.50
C VAL D 1121 -14.48 21.28 15.16
N GLN D 1122 -15.49 22.15 15.04
CA GLN D 1122 -15.66 22.89 13.80
C GLN D 1122 -14.50 23.83 13.54
N LYS D 1123 -13.83 24.29 14.59
CA LYS D 1123 -12.64 25.12 14.39
C LYS D 1123 -11.63 24.41 13.51
N VAL D 1124 -11.23 23.20 13.90
CA VAL D 1124 -10.24 22.47 13.11
C VAL D 1124 -10.81 22.12 11.74
N TYR D 1125 -12.05 21.63 11.69
CA TYR D 1125 -12.55 21.12 10.41
C TYR D 1125 -12.71 22.24 9.38
N ASN D 1126 -13.22 23.40 9.79
CA ASN D 1126 -13.47 24.51 8.88
C ASN D 1126 -12.29 25.48 8.79
N SER D 1127 -11.23 25.26 9.57
CA SER D 1127 -9.97 25.95 9.32
C SER D 1127 -9.06 25.15 8.41
N GLN D 1128 -9.21 23.83 8.36
CA GLN D 1128 -8.48 23.05 7.36
C GLN D 1128 -8.97 23.36 5.96
N GLY D 1129 -10.29 23.36 5.76
CA GLY D 1129 -10.86 23.68 4.47
C GLY D 1129 -12.09 22.86 4.13
N VAL D 1130 -12.28 21.72 4.79
CA VAL D 1130 -13.42 20.85 4.54
C VAL D 1130 -14.61 21.35 5.33
N SER D 1131 -15.81 21.16 4.78
CA SER D 1131 -17.05 21.63 5.37
C SER D 1131 -17.95 20.45 5.70
N ILE D 1132 -18.42 20.41 6.95
CA ILE D 1132 -19.34 19.38 7.41
C ILE D 1132 -20.42 20.04 8.26
N HIS D 1133 -21.67 19.66 8.03
CA HIS D 1133 -22.76 20.18 8.84
C HIS D 1133 -22.65 19.65 10.26
N ASP D 1134 -23.01 20.48 11.23
CA ASP D 1134 -22.77 20.20 12.64
C ASP D 1134 -23.74 19.17 13.23
N LYS D 1135 -24.71 18.70 12.46
CA LYS D 1135 -25.60 17.66 12.97
C LYS D 1135 -24.84 16.44 13.42
N HIS D 1136 -23.79 16.06 12.70
CA HIS D 1136 -23.04 14.85 13.03
C HIS D 1136 -22.28 15.04 14.34
N ILE D 1137 -21.62 16.19 14.48
CA ILE D 1137 -20.94 16.52 15.72
C ILE D 1137 -21.91 16.47 16.89
N GLU D 1138 -23.11 17.01 16.70
CA GLU D 1138 -24.07 17.04 17.80
C GLU D 1138 -24.62 15.65 18.10
N ILE D 1139 -24.72 14.78 17.09
CA ILE D 1139 -25.01 13.37 17.36
C ILE D 1139 -23.95 12.81 18.30
N ILE D 1140 -22.69 13.08 17.99
CA ILE D 1140 -21.59 12.56 18.80
C ILE D 1140 -21.71 13.07 20.23
N ILE D 1141 -21.96 14.37 20.40
CA ILE D 1141 -21.99 14.95 21.73
C ILE D 1141 -23.20 14.45 22.53
N ARG D 1142 -24.37 14.31 21.91
CA ARG D 1142 -25.51 13.77 22.64
C ARG D 1142 -25.26 12.32 23.06
N GLN D 1143 -24.57 11.54 22.23
CA GLN D 1143 -24.25 10.18 22.62
C GLN D 1143 -23.17 10.12 23.69
N MET D 1144 -22.31 11.14 23.77
CA MET D 1144 -21.26 11.17 24.79
C MET D 1144 -21.79 11.62 26.15
N LEU D 1145 -22.44 12.78 26.21
CA LEU D 1145 -22.91 13.36 27.47
C LEU D 1145 -24.16 12.61 27.91
N ARG D 1146 -23.96 11.47 28.57
CA ARG D 1146 -25.06 10.54 28.81
C ARG D 1146 -25.22 10.12 30.26
N ARG D 1147 -24.14 9.96 31.02
CA ARG D 1147 -24.25 9.34 32.33
C ARG D 1147 -24.21 10.37 33.46
N VAL D 1148 -24.69 9.94 34.62
CA VAL D 1148 -24.84 10.78 35.81
C VAL D 1148 -24.26 10.03 37.01
N THR D 1149 -23.35 10.69 37.73
CA THR D 1149 -22.89 10.16 39.00
C THR D 1149 -23.89 10.52 40.09
N ILE D 1150 -23.93 9.69 41.13
CA ILE D 1150 -24.97 9.76 42.16
C ILE D 1150 -24.32 10.05 43.50
N ILE D 1151 -24.89 11.04 44.21
CA ILE D 1151 -24.49 11.39 45.56
C ILE D 1151 -25.72 11.42 46.44
N GLU D 1152 -25.54 11.13 47.72
CA GLU D 1152 -26.64 10.92 48.67
C GLU D 1152 -27.54 9.79 48.17
N SER D 1153 -26.91 8.64 47.96
CA SER D 1153 -27.54 7.51 47.28
C SER D 1153 -28.17 6.50 48.23
N GLY D 1154 -28.09 6.72 49.55
CA GLY D 1154 -28.65 5.75 50.47
C GLY D 1154 -30.15 5.58 50.33
N ASP D 1155 -30.87 6.68 50.12
CA ASP D 1155 -32.33 6.60 50.05
C ASP D 1155 -32.81 5.83 48.83
N ALA D 1156 -32.09 5.91 47.72
CA ALA D 1156 -32.51 5.30 46.47
C ALA D 1156 -32.05 3.85 46.32
N GLU D 1157 -31.38 3.29 47.33
CA GLU D 1157 -31.02 1.87 47.35
C GLU D 1157 -30.08 1.52 46.19
N LEU D 1158 -28.97 2.25 46.12
CA LEU D 1158 -27.90 1.91 45.19
C LEU D 1158 -26.61 2.54 45.69
N LEU D 1159 -25.49 1.92 45.34
CA LEU D 1159 -24.20 2.37 45.84
C LEU D 1159 -23.89 3.77 45.31
N PRO D 1160 -23.30 4.64 46.12
CA PRO D 1160 -22.84 5.93 45.58
C PRO D 1160 -21.76 5.73 44.52
N GLY D 1161 -21.74 6.64 43.55
CA GLY D 1161 -20.84 6.51 42.43
C GLY D 1161 -21.43 5.64 41.33
N GLU D 1162 -20.56 4.84 40.69
CA GLU D 1162 -20.97 3.85 39.68
C GLU D 1162 -21.30 4.49 38.34
N LEU D 1163 -21.36 5.82 38.28
CA LEU D 1163 -21.60 6.54 37.02
C LEU D 1163 -22.75 5.95 36.23
N VAL D 1164 -23.97 6.04 36.77
CA VAL D 1164 -25.15 5.45 36.16
C VAL D 1164 -25.71 6.41 35.12
N GLU D 1165 -26.58 5.87 34.27
CA GLU D 1165 -27.16 6.63 33.18
C GLU D 1165 -28.28 7.56 33.68
N ARG D 1166 -28.67 8.50 32.81
CA ARG D 1166 -29.76 9.41 33.14
C ARG D 1166 -31.09 8.67 33.24
N THR D 1167 -31.39 7.80 32.28
CA THR D 1167 -32.71 7.22 32.16
C THR D 1167 -33.09 6.42 33.40
N LYS D 1168 -32.33 5.35 33.68
CA LYS D 1168 -32.63 4.50 34.82
C LYS D 1168 -32.55 5.28 36.13
N PHE D 1169 -31.63 6.23 36.22
CA PHE D 1169 -31.52 7.05 37.43
C PHE D 1169 -32.81 7.80 37.69
N GLU D 1170 -33.31 8.53 36.68
CA GLU D 1170 -34.54 9.29 36.86
C GLU D 1170 -35.71 8.35 37.15
N THR D 1171 -35.82 7.26 36.39
CA THR D 1171 -36.96 6.36 36.59
C THR D 1171 -36.97 5.74 37.98
N GLU D 1172 -35.81 5.31 38.48
CA GLU D 1172 -35.75 4.70 39.79
C GLU D 1172 -35.92 5.71 40.92
N ASN D 1173 -35.42 6.93 40.76
CA ASN D 1173 -35.73 7.96 41.76
C ASN D 1173 -37.22 8.24 41.79
N ARG D 1174 -37.86 8.30 40.62
CA ARG D 1174 -39.31 8.46 40.56
C ARG D 1174 -40.02 7.32 41.25
N ARG D 1175 -39.56 6.08 41.01
CA ARG D 1175 -40.19 4.93 41.64
C ARG D 1175 -40.04 4.98 43.16
N VAL D 1176 -38.87 5.36 43.65
CA VAL D 1176 -38.65 5.43 45.09
C VAL D 1176 -39.49 6.55 45.71
N VAL D 1177 -39.62 7.67 45.01
CA VAL D 1177 -40.49 8.74 45.49
C VAL D 1177 -41.93 8.28 45.54
N GLN D 1178 -42.35 7.50 44.53
CA GLN D 1178 -43.68 6.91 44.57
C GLN D 1178 -43.85 6.00 45.78
N GLU D 1179 -42.82 5.20 46.07
CA GLU D 1179 -42.84 4.39 47.28
C GLU D 1179 -42.73 5.24 48.55
N GLY D 1180 -42.20 6.45 48.43
CA GLY D 1180 -42.13 7.37 49.56
C GLY D 1180 -40.74 7.93 49.80
N GLY D 1181 -39.71 7.12 49.57
CA GLY D 1181 -38.35 7.58 49.85
C GLY D 1181 -37.98 8.76 48.97
N HIS D 1182 -37.30 9.73 49.57
CA HIS D 1182 -36.84 10.89 48.83
C HIS D 1182 -35.76 10.45 47.83
N PRO D 1183 -35.57 11.21 46.75
CA PRO D 1183 -34.65 10.77 45.70
C PRO D 1183 -33.19 11.08 46.03
N ALA D 1184 -32.31 10.44 45.26
CA ALA D 1184 -30.88 10.60 45.43
C ALA D 1184 -30.35 11.62 44.44
N SER D 1185 -29.46 12.50 44.90
CA SER D 1185 -28.99 13.60 44.07
C SER D 1185 -28.07 13.08 42.97
N GLY D 1186 -28.09 13.77 41.82
CA GLY D 1186 -27.29 13.37 40.68
C GLY D 1186 -26.50 14.53 40.12
N ARG D 1187 -25.49 14.19 39.33
CA ARG D 1187 -24.61 15.16 38.70
C ARG D 1187 -24.10 14.60 37.36
N PRO D 1188 -24.41 15.22 36.22
CA PRO D 1188 -23.99 14.64 34.95
C PRO D 1188 -22.47 14.65 34.80
N GLN D 1189 -21.97 13.70 34.01
CA GLN D 1189 -20.53 13.63 33.74
C GLN D 1189 -20.32 13.08 32.34
N LEU D 1190 -19.27 13.57 31.67
CA LEU D 1190 -18.97 13.17 30.29
C LEU D 1190 -17.64 12.43 30.25
N MET D 1191 -17.62 11.28 29.61
CA MET D 1191 -16.41 10.50 29.39
C MET D 1191 -16.03 10.54 27.90
N GLY D 1192 -15.01 9.77 27.54
CA GLY D 1192 -14.58 9.66 26.16
C GLY D 1192 -15.38 8.63 25.38
N ILE D 1193 -15.15 8.63 24.06
CA ILE D 1193 -15.84 7.70 23.19
C ILE D 1193 -15.47 6.26 23.54
N THR D 1194 -14.19 5.99 23.79
CA THR D 1194 -13.77 4.62 24.10
C THR D 1194 -14.42 4.13 25.39
N LYS D 1195 -14.36 4.94 26.45
CA LYS D 1195 -14.92 4.52 27.72
C LYS D 1195 -16.42 4.27 27.61
N ALA D 1196 -17.13 5.17 26.95
CA ALA D 1196 -18.57 5.00 26.78
C ALA D 1196 -18.87 3.74 25.98
N SER D 1197 -18.09 3.49 24.93
CA SER D 1197 -18.30 2.28 24.13
C SER D 1197 -18.13 1.03 24.97
N LEU D 1198 -17.01 0.94 25.71
CA LEU D 1198 -16.80 -0.22 26.58
C LEU D 1198 -17.66 -0.17 27.83
N ALA D 1199 -18.35 0.94 28.08
CA ALA D 1199 -19.33 1.02 29.17
C ALA D 1199 -20.71 0.61 28.71
N THR D 1200 -20.79 -0.20 27.66
CA THR D 1200 -22.05 -0.58 27.06
C THR D 1200 -22.92 -1.35 28.05
N GLU D 1201 -24.15 -1.62 27.62
CA GLU D 1201 -25.04 -2.56 28.28
C GLU D 1201 -25.09 -3.90 27.59
N SER D 1202 -24.47 -4.04 26.41
CA SER D 1202 -24.37 -5.29 25.69
C SER D 1202 -22.89 -5.65 25.55
N TRP D 1203 -22.43 -6.62 26.34
CA TRP D 1203 -21.00 -6.91 26.41
C TRP D 1203 -20.42 -7.38 25.08
N LEU D 1204 -21.25 -7.91 24.16
CA LEU D 1204 -20.70 -8.41 22.91
C LEU D 1204 -20.07 -7.30 22.07
N SER D 1205 -20.72 -6.13 21.99
CA SER D 1205 -20.17 -5.04 21.21
C SER D 1205 -18.85 -4.56 21.81
N ALA D 1206 -18.81 -4.39 23.13
CA ALA D 1206 -17.56 -3.99 23.78
C ALA D 1206 -16.47 -5.04 23.61
N ALA D 1207 -16.85 -6.31 23.61
CA ALA D 1207 -15.87 -7.37 23.36
C ALA D 1207 -15.31 -7.26 21.95
N SER D 1208 -16.17 -7.02 20.97
CA SER D 1208 -15.70 -6.89 19.60
C SER D 1208 -14.79 -5.68 19.45
N PHE D 1209 -15.13 -4.57 20.10
CA PHE D 1209 -14.36 -3.34 19.95
C PHE D 1209 -12.92 -3.50 20.41
N GLN D 1210 -12.72 -3.71 21.71
CA GLN D 1210 -11.38 -3.77 22.29
C GLN D 1210 -11.44 -4.56 23.59
N GLU D 1211 -10.28 -4.76 24.19
CA GLU D 1211 -10.17 -5.26 25.56
C GLU D 1211 -10.91 -6.58 25.72
N THR D 1212 -10.70 -7.49 24.77
CA THR D 1212 -11.54 -8.69 24.68
C THR D 1212 -11.46 -9.51 25.97
N THR D 1213 -10.25 -9.79 26.44
CA THR D 1213 -10.11 -10.62 27.64
C THR D 1213 -10.70 -9.91 28.87
N ARG D 1214 -10.43 -8.62 29.02
CA ARG D 1214 -10.93 -7.90 30.18
C ARG D 1214 -12.45 -7.87 30.19
N VAL D 1215 -13.07 -7.32 29.15
CA VAL D 1215 -14.52 -7.28 29.08
C VAL D 1215 -15.11 -8.69 29.18
N LEU D 1216 -14.41 -9.70 28.67
CA LEU D 1216 -14.88 -11.07 28.81
C LEU D 1216 -14.95 -11.48 30.27
N THR D 1217 -13.93 -11.14 31.08
CA THR D 1217 -14.00 -11.54 32.48
C THR D 1217 -15.01 -10.70 33.26
N ASP D 1218 -15.20 -9.43 32.89
CA ASP D 1218 -16.31 -8.67 33.47
C ASP D 1218 -17.63 -9.38 33.23
N ALA D 1219 -17.90 -9.74 31.96
CA ALA D 1219 -19.13 -10.44 31.66
C ALA D 1219 -19.21 -11.81 32.32
N ALA D 1220 -18.07 -12.46 32.55
CA ALA D 1220 -18.07 -13.77 33.17
C ALA D 1220 -18.42 -13.68 34.65
N ILE D 1221 -17.83 -12.71 35.36
CA ILE D 1221 -18.16 -12.53 36.77
C ILE D 1221 -19.60 -12.04 36.91
N ASN D 1222 -19.92 -10.91 36.31
CA ASN D 1222 -21.22 -10.28 36.52
C ASN D 1222 -22.37 -11.08 35.93
N ALA D 1223 -22.09 -12.05 35.06
CA ALA D 1223 -23.12 -12.93 34.51
C ALA D 1223 -24.22 -12.14 33.82
N LYS D 1224 -23.83 -11.14 33.02
CA LYS D 1224 -24.79 -10.32 32.30
C LYS D 1224 -25.17 -10.96 30.98
N SER D 1225 -26.28 -10.49 30.40
CA SER D 1225 -26.80 -11.01 29.15
C SER D 1225 -27.10 -9.87 28.19
N ASP D 1226 -26.97 -10.16 26.90
CA ASP D 1226 -27.18 -9.19 25.83
C ASP D 1226 -28.34 -9.67 24.96
N SER D 1227 -29.34 -8.82 24.77
CA SER D 1227 -30.37 -9.08 23.78
C SER D 1227 -29.82 -8.74 22.40
N LEU D 1228 -30.65 -8.85 21.36
CA LEU D 1228 -30.21 -8.60 20.00
C LEU D 1228 -30.15 -7.12 19.64
N ILE D 1229 -30.28 -6.23 20.62
CA ILE D 1229 -30.05 -4.80 20.37
C ILE D 1229 -28.63 -4.61 19.87
N GLY D 1230 -28.48 -3.81 18.81
CA GLY D 1230 -27.17 -3.45 18.31
C GLY D 1230 -26.91 -3.87 16.88
N LEU D 1231 -26.45 -2.93 16.05
CA LEU D 1231 -26.08 -3.27 14.68
C LEU D 1231 -24.91 -4.23 14.65
N LYS D 1232 -23.82 -3.88 15.34
CA LYS D 1232 -22.63 -4.71 15.33
C LYS D 1232 -22.93 -6.10 15.91
N GLU D 1233 -23.70 -6.14 16.99
CA GLU D 1233 -24.12 -7.43 17.53
C GLU D 1233 -24.91 -8.22 16.51
N ASN D 1234 -25.59 -7.54 15.58
CA ASN D 1234 -26.40 -8.21 14.59
C ASN D 1234 -25.62 -8.57 13.32
N VAL D 1235 -24.55 -7.84 13.02
CA VAL D 1235 -23.71 -8.24 11.89
C VAL D 1235 -22.78 -9.36 12.29
N ILE D 1236 -22.38 -9.42 13.56
CA ILE D 1236 -21.58 -10.55 14.03
C ILE D 1236 -22.37 -11.85 13.87
N ILE D 1237 -23.62 -11.86 14.37
CA ILE D 1237 -24.43 -13.07 14.27
C ILE D 1237 -24.88 -13.32 12.84
N GLY D 1238 -24.96 -12.29 12.02
CA GLY D 1238 -25.34 -12.46 10.62
C GLY D 1238 -26.84 -12.59 10.42
N LYS D 1239 -27.59 -11.60 10.89
CA LYS D 1239 -29.03 -11.52 10.72
C LYS D 1239 -29.40 -10.09 10.32
N LEU D 1240 -30.55 -9.95 9.66
CA LEU D 1240 -30.98 -8.68 9.09
C LEU D 1240 -30.90 -7.56 10.12
N ILE D 1241 -30.06 -6.57 9.86
CA ILE D 1241 -29.86 -5.45 10.78
C ILE D 1241 -31.09 -4.55 10.71
N PRO D 1242 -31.63 -4.07 11.84
CA PRO D 1242 -32.79 -3.17 11.78
C PRO D 1242 -32.40 -1.72 11.53
N ALA D 1243 -32.18 -1.35 10.27
CA ALA D 1243 -31.86 0.04 9.92
C ALA D 1243 -31.91 0.18 8.41
N GLY D 1244 -32.23 1.39 7.96
CA GLY D 1244 -32.22 1.68 6.54
C GLY D 1244 -33.40 1.08 5.82
N THR D 1245 -33.42 -0.25 5.75
CA THR D 1245 -34.53 -1.01 5.18
C THR D 1245 -34.95 -2.18 6.05
N GLY D 1246 -34.06 -2.72 6.88
CA GLY D 1246 -34.37 -3.89 7.67
C GLY D 1246 -35.29 -3.64 8.85
N LEU D 1247 -35.69 -2.39 9.09
CA LEU D 1247 -36.62 -2.11 10.18
C LEU D 1247 -37.90 -2.91 9.99
N SER D 1248 -38.40 -3.48 11.09
CA SER D 1248 -39.56 -4.36 11.02
C SER D 1248 -40.81 -3.67 10.50
N ARG D 1249 -40.87 -2.33 10.57
CA ARG D 1249 -42.04 -1.61 10.08
C ARG D 1249 -42.22 -1.85 8.59
N TYR D 1250 -41.12 -1.80 7.82
CA TYR D 1250 -41.21 -2.10 6.40
C TYR D 1250 -41.30 -3.60 6.15
N ARG D 1251 -40.72 -4.42 7.03
CA ARG D 1251 -40.73 -5.87 6.84
C ARG D 1251 -42.16 -6.40 6.83
N ASN D 1252 -43.00 -5.93 7.75
CA ASN D 1252 -44.37 -6.41 7.86
C ASN D 1252 -45.33 -5.50 7.12
N THR E 12 27.64 -36.27 55.55
CA THR E 12 27.74 -35.78 54.14
C THR E 12 26.66 -36.41 53.27
N VAL E 13 26.79 -36.24 51.95
CA VAL E 13 25.79 -36.77 51.03
C VAL E 13 25.84 -38.30 51.00
N GLY E 14 27.03 -38.88 51.18
CA GLY E 14 27.13 -40.33 51.15
C GLY E 14 26.31 -40.99 52.25
N GLY E 15 26.47 -40.51 53.48
CA GLY E 15 25.66 -41.03 54.57
C GLY E 15 24.18 -40.75 54.37
N LEU E 16 23.87 -39.59 53.80
CA LEU E 16 22.48 -39.23 53.53
C LEU E 16 21.84 -40.24 52.59
N VAL E 17 22.50 -40.54 51.47
CA VAL E 17 21.96 -41.53 50.55
C VAL E 17 21.96 -42.91 51.18
N HIS E 18 22.93 -43.21 52.05
CA HIS E 18 22.94 -44.49 52.74
C HIS E 18 21.66 -44.69 53.56
N ARG E 19 21.33 -43.71 54.40
CA ARG E 19 20.10 -43.84 55.19
C ARG E 19 18.84 -43.61 54.36
N ALA E 20 18.97 -43.01 53.16
CA ALA E 20 17.83 -42.95 52.26
C ALA E 20 17.49 -44.32 51.72
N VAL E 21 18.51 -45.06 51.24
CA VAL E 21 18.29 -46.44 50.83
C VAL E 21 17.96 -47.36 51.99
N ASP E 22 18.34 -46.98 53.22
CA ASP E 22 17.94 -47.76 54.38
C ASP E 22 16.43 -47.87 54.47
N GLY E 23 15.71 -46.80 54.11
CA GLY E 23 14.27 -46.79 54.13
C GLY E 23 13.68 -45.55 54.78
N ASP E 24 14.53 -44.69 55.31
CA ASP E 24 14.05 -43.49 55.98
C ASP E 24 13.41 -42.53 54.99
N GLU E 25 12.25 -41.99 55.37
CA GLU E 25 11.54 -41.06 54.50
C GLU E 25 12.23 -39.72 54.42
N GLN E 26 12.66 -39.18 55.57
CA GLN E 26 13.31 -37.87 55.59
C GLN E 26 14.64 -37.90 54.87
N ALA E 27 15.36 -39.03 54.96
CA ALA E 27 16.64 -39.14 54.27
C ALA E 27 16.46 -39.02 52.77
N THR E 28 15.54 -39.80 52.20
CA THR E 28 15.25 -39.70 50.77
C THR E 28 14.70 -38.33 50.42
N HIS E 29 13.91 -37.74 51.31
CA HIS E 29 13.39 -36.39 51.10
C HIS E 29 14.55 -35.40 50.88
N ASP E 30 15.51 -35.39 51.81
CA ASP E 30 16.64 -34.48 51.69
C ASP E 30 17.51 -34.83 50.49
N LEU E 31 17.68 -36.12 50.20
CA LEU E 31 18.50 -36.52 49.06
C LEU E 31 17.91 -36.00 47.75
N LEU E 32 16.61 -36.19 47.56
CA LEU E 32 15.99 -35.70 46.34
C LEU E 32 15.95 -34.17 46.31
N ALA E 33 15.79 -33.53 47.48
CA ALA E 33 15.86 -32.07 47.51
C ALA E 33 17.22 -31.58 47.04
N HIS E 34 18.29 -32.23 47.48
CA HIS E 34 19.62 -31.84 47.03
C HIS E 34 19.85 -32.16 45.56
N VAL E 35 19.28 -33.27 45.08
CA VAL E 35 19.46 -33.66 43.68
C VAL E 35 18.74 -32.69 42.75
N HIS E 36 17.57 -32.21 43.16
CA HIS E 36 16.65 -31.41 42.34
C HIS E 36 17.36 -30.27 41.62
N PRO E 37 17.88 -29.26 42.33
CA PRO E 37 18.46 -28.11 41.62
C PRO E 37 19.64 -28.46 40.73
N LEU E 38 20.47 -29.42 41.15
CA LEU E 38 21.59 -29.83 40.31
C LEU E 38 21.10 -30.50 39.04
N ALA E 39 20.03 -31.30 39.14
CA ALA E 39 19.45 -31.90 37.94
C ALA E 39 18.94 -30.83 36.99
N LEU E 40 18.20 -29.83 37.52
CA LEU E 40 17.73 -28.77 36.65
C LEU E 40 18.88 -28.04 35.97
N ARG E 41 19.93 -27.73 36.74
CA ARG E 41 21.05 -26.98 36.18
C ARG E 41 21.82 -27.77 35.12
N TYR E 42 22.04 -29.06 35.37
CA TYR E 42 22.72 -29.88 34.36
C TYR E 42 21.90 -29.99 33.09
N CYS E 43 20.59 -30.23 33.22
CA CYS E 43 19.76 -30.28 32.02
C CYS E 43 19.67 -28.93 31.35
N ARG E 44 19.76 -27.84 32.12
CA ARG E 44 19.78 -26.51 31.54
C ARG E 44 21.02 -26.33 30.67
N THR E 45 22.18 -26.77 31.14
CA THR E 45 23.38 -26.62 30.32
C THR E 45 23.43 -27.59 29.15
N ARG E 46 22.84 -28.78 29.28
CA ARG E 46 22.92 -29.80 28.23
C ARG E 46 21.86 -29.63 27.16
N LEU E 47 20.58 -29.57 27.54
CA LEU E 47 19.48 -29.60 26.59
C LEU E 47 19.19 -28.25 25.95
N SER E 48 19.76 -27.16 26.46
CA SER E 48 19.43 -25.83 25.95
C SER E 48 19.80 -25.66 24.48
N ARG E 49 20.80 -26.42 24.00
CA ARG E 49 21.29 -26.28 22.62
C ARG E 49 20.87 -27.43 21.71
N LEU E 50 20.20 -28.46 22.23
CA LEU E 50 19.89 -29.63 21.43
C LEU E 50 18.87 -29.28 20.35
N PRO E 51 18.95 -29.87 19.16
CA PRO E 51 17.89 -29.66 18.17
C PRO E 51 16.53 -30.10 18.71
N GLY E 52 15.51 -29.34 18.35
CA GLY E 52 14.16 -29.59 18.81
C GLY E 52 13.73 -28.57 19.84
N ASP E 53 12.42 -28.37 19.96
CA ASP E 53 11.84 -27.41 20.89
C ASP E 53 11.84 -27.97 22.32
N ALA E 54 13.05 -28.05 22.88
CA ALA E 54 13.27 -28.65 24.19
C ALA E 54 13.91 -27.68 25.18
N ARG E 55 14.14 -26.42 24.79
CA ARG E 55 14.89 -25.49 25.63
C ARG E 55 14.23 -25.30 27.00
N HIS E 56 12.92 -25.48 27.09
CA HIS E 56 12.19 -25.37 28.35
C HIS E 56 11.59 -26.70 28.79
N PHE E 57 11.85 -27.79 28.06
CA PHE E 57 11.47 -29.12 28.52
C PHE E 57 12.58 -29.72 29.38
N VAL E 58 13.68 -29.00 29.60
CA VAL E 58 14.78 -29.52 30.41
C VAL E 58 14.32 -29.77 31.84
N GLU E 59 13.27 -29.07 32.29
CA GLU E 59 12.70 -29.38 33.59
C GLU E 59 12.03 -30.74 33.58
N ASP E 60 11.26 -31.03 32.53
CA ASP E 60 10.49 -32.27 32.47
C ASP E 60 11.36 -33.52 32.47
N LEU E 61 12.61 -33.46 32.00
CA LEU E 61 13.52 -34.59 32.15
C LEU E 61 14.51 -34.40 33.29
N ALA E 62 14.52 -33.25 33.96
CA ALA E 62 15.42 -33.05 35.08
C ALA E 62 14.92 -33.78 36.32
N GLN E 63 13.76 -33.38 36.84
CA GLN E 63 13.19 -34.10 37.97
C GLN E 63 12.76 -35.51 37.58
N GLU E 64 12.55 -35.78 36.30
CA GLU E 64 12.37 -37.15 35.86
C GLU E 64 13.58 -38.02 36.17
N VAL E 65 14.79 -37.45 36.14
CA VAL E 65 15.94 -38.22 36.59
C VAL E 65 15.75 -38.64 38.05
N CYS E 66 15.17 -37.74 38.87
CA CYS E 66 14.84 -38.12 40.23
C CYS E 66 13.86 -39.29 40.23
N VAL E 67 12.88 -39.27 39.32
CA VAL E 67 11.99 -40.43 39.18
C VAL E 67 12.84 -41.67 38.90
N ALA E 68 13.81 -41.56 37.99
CA ALA E 68 14.72 -42.67 37.75
C ALA E 68 15.48 -43.02 39.03
N VAL E 69 15.93 -42.00 39.77
CA VAL E 69 16.56 -42.26 41.05
C VAL E 69 15.61 -43.05 41.94
N LEU E 70 14.33 -42.70 41.91
CA LEU E 70 13.34 -43.41 42.71
C LEU E 70 13.25 -44.88 42.31
N LEU E 71 13.40 -45.19 41.02
CA LEU E 71 13.37 -46.58 40.58
C LEU E 71 14.74 -47.24 40.66
N ALA E 72 15.76 -46.51 41.13
CA ALA E 72 17.08 -47.08 41.37
C ALA E 72 17.46 -47.13 42.84
N LEU E 73 16.86 -46.29 43.69
CA LEU E 73 17.24 -46.28 45.10
C LEU E 73 16.98 -47.60 45.82
N PRO E 74 15.82 -48.25 45.69
CA PRO E 74 15.58 -49.47 46.48
C PRO E 74 16.61 -50.56 46.24
N ARG E 75 17.22 -50.61 45.05
CA ARG E 75 18.28 -51.54 44.73
C ARG E 75 19.60 -50.83 44.44
N TYR E 76 19.83 -49.70 45.12
CA TYR E 76 21.04 -48.91 44.92
C TYR E 76 22.16 -49.50 45.77
N LYS E 77 22.73 -50.59 45.26
CA LYS E 77 23.87 -51.26 45.90
C LYS E 77 25.11 -50.41 45.64
N ASP E 78 25.26 -49.36 46.45
CA ASP E 78 26.34 -48.40 46.25
C ASP E 78 27.69 -49.06 46.46
N THR E 79 28.65 -48.69 45.60
CA THR E 79 30.02 -49.15 45.70
C THR E 79 30.98 -48.01 46.04
N GLY E 80 30.47 -47.00 46.74
CA GLY E 80 31.26 -45.84 47.07
C GLY E 80 31.31 -44.78 45.99
N ARG E 81 30.69 -45.01 44.83
CA ARG E 81 30.72 -44.04 43.76
C ARG E 81 29.83 -42.83 44.10
N PRO E 82 30.24 -41.61 43.74
CA PRO E 82 29.35 -40.47 43.95
C PRO E 82 28.10 -40.56 43.09
N PHE E 83 27.01 -39.98 43.59
CA PHE E 83 25.75 -39.94 42.85
C PHE E 83 25.78 -38.95 41.69
N GLU E 84 26.80 -38.09 41.60
CA GLU E 84 26.83 -37.08 40.57
C GLU E 84 27.07 -37.68 39.19
N ALA E 85 28.03 -38.61 39.09
CA ALA E 85 28.22 -39.34 37.84
C ALA E 85 26.96 -40.09 37.46
N PHE E 86 26.30 -40.70 38.44
CA PHE E 86 25.03 -41.37 38.16
C PHE E 86 24.04 -40.40 37.54
N VAL E 87 23.79 -39.27 38.21
CA VAL E 87 22.80 -38.30 37.73
C VAL E 87 23.14 -37.83 36.33
N PHE E 88 24.42 -37.56 36.06
CA PHE E 88 24.83 -37.17 34.72
C PHE E 88 24.51 -38.29 33.73
N ALA E 89 24.71 -39.54 34.14
CA ALA E 89 24.43 -40.66 33.25
C ALA E 89 22.97 -40.72 32.87
N ILE E 90 22.05 -40.68 33.84
CA ILE E 90 20.63 -40.74 33.48
C ILE E 90 20.23 -39.51 32.71
N ALA E 91 20.81 -38.35 33.01
CA ALA E 91 20.47 -37.15 32.26
C ALA E 91 20.84 -37.30 30.80
N ALA E 92 22.05 -37.78 30.51
CA ALA E 92 22.46 -38.01 29.13
C ALA E 92 21.58 -39.06 28.47
N HIS E 93 21.23 -40.11 29.21
CA HIS E 93 20.41 -41.17 28.64
C HIS E 93 19.02 -40.67 28.28
N LYS E 94 18.42 -39.84 29.12
CA LYS E 94 17.11 -39.29 28.80
C LYS E 94 17.20 -38.26 27.69
N VAL E 95 18.33 -37.54 27.59
CA VAL E 95 18.55 -36.68 26.44
C VAL E 95 18.56 -37.52 25.16
N ALA E 96 19.23 -38.68 25.19
CA ALA E 96 19.24 -39.56 24.04
C ALA E 96 17.83 -40.10 23.75
N ASP E 97 17.05 -40.36 24.81
CA ASP E 97 15.67 -40.79 24.61
C ASP E 97 14.86 -39.72 23.90
N LEU E 98 15.02 -38.46 24.28
CA LEU E 98 14.38 -37.37 23.54
C LEU E 98 14.88 -37.33 22.10
N GLN E 99 16.18 -37.56 21.90
CA GLN E 99 16.73 -37.53 20.55
C GLN E 99 16.07 -38.57 19.67
N ARG E 100 15.90 -39.80 20.18
CA ARG E 100 15.26 -40.84 19.37
C ARG E 100 13.75 -40.67 19.30
N ALA E 101 13.15 -39.92 20.23
CA ALA E 101 11.72 -39.64 20.13
C ALA E 101 11.44 -38.58 19.08
N ALA E 102 12.32 -37.60 18.94
CA ALA E 102 12.08 -36.47 18.04
C ALA E 102 12.72 -36.69 16.66
N MET E 103 14.04 -36.90 16.62
CA MET E 103 14.74 -36.94 15.35
C MET E 103 14.36 -38.15 14.49
N ARG E 104 13.67 -39.13 15.06
CA ARG E 104 13.16 -40.24 14.26
C ARG E 104 11.82 -39.86 13.64
N HIS E 105 11.81 -39.75 12.31
CA HIS E 105 10.68 -39.17 11.61
C HIS E 105 10.36 -37.81 12.21
N PRO E 106 11.26 -36.83 12.07
CA PRO E 106 11.03 -35.52 12.69
C PRO E 106 10.15 -34.63 11.83
N GLY E 107 9.04 -35.17 11.33
CA GLY E 107 8.13 -34.39 10.54
C GLY E 107 7.28 -33.43 11.35
N SER E 108 7.24 -33.61 12.66
CA SER E 108 6.43 -32.76 13.53
C SER E 108 7.05 -31.36 13.59
N THR E 109 6.47 -30.43 12.84
CA THR E 109 6.89 -29.04 12.83
C THR E 109 5.74 -28.16 13.24
N ALA E 110 5.97 -27.32 14.25
CA ALA E 110 4.95 -26.39 14.77
C ALA E 110 5.05 -25.08 14.00
N VAL E 111 4.62 -25.11 12.75
CA VAL E 111 4.63 -23.93 11.89
C VAL E 111 3.24 -23.32 11.86
N PRO E 112 3.03 -22.11 12.40
CA PRO E 112 1.70 -21.47 12.29
C PRO E 112 1.54 -20.66 11.02
N SER E 113 2.66 -20.17 10.47
CA SER E 113 2.60 -19.24 9.35
C SER E 113 2.32 -19.91 8.01
N ASP E 114 2.41 -21.23 7.93
CA ASP E 114 2.23 -21.96 6.68
C ASP E 114 1.35 -23.19 6.90
N GLU E 115 0.29 -23.03 7.69
CA GLU E 115 -0.66 -24.11 7.94
C GLU E 115 -2.09 -23.73 7.59
N MET E 116 -2.54 -22.53 7.92
CA MET E 116 -3.91 -22.13 7.59
C MET E 116 -4.06 -21.77 6.11
N PRO E 117 -3.06 -21.12 5.45
CA PRO E 117 -3.28 -20.79 4.03
C PRO E 117 -2.92 -21.93 3.10
N GLU E 118 -2.07 -22.84 3.55
CA GLU E 118 -1.50 -23.89 2.71
C GLU E 118 -2.32 -25.16 2.70
N ARG E 119 -3.42 -25.23 3.47
CA ARG E 119 -4.21 -26.45 3.57
C ARG E 119 -5.50 -26.28 2.76
N PRO E 120 -5.68 -26.98 1.63
CA PRO E 120 -6.96 -26.87 0.90
C PRO E 120 -8.11 -27.50 1.66
N ASP E 121 -9.34 -27.28 1.17
CA ASP E 121 -10.55 -27.81 1.78
C ASP E 121 -11.19 -28.82 0.84
N ASP E 122 -11.49 -30.01 1.36
CA ASP E 122 -12.09 -31.04 0.52
C ASP E 122 -13.52 -30.71 0.13
N SER E 123 -14.23 -29.97 0.98
CA SER E 123 -15.64 -29.69 0.77
C SER E 123 -15.79 -28.65 -0.34
N LEU E 124 -15.56 -29.08 -1.58
CA LEU E 124 -15.68 -28.24 -2.77
C LEU E 124 -15.06 -26.86 -2.60
MG MG H . -3.65 6.05 -7.80
ZN ZN I . -13.86 -49.99 14.51
ZN ZN J . -37.82 15.32 18.66
#